data_1PJZ
#
_entry.id   1PJZ
#
_entity_poly.entity_id   1
_entity_poly.type   'polypeptide(L)'
_entity_poly.pdbx_seq_one_letter_code
;GSHQSEVNKDLQQYWSSLNVVPGARVLVPLCGKSQDMSWLSGQGYHVVGAELSEAAVERYFTERGEQPHITSQGDFKVYA
APGIEIWCGDFFALTARDIGHCAAFYDRAAMIALPADMRERYVQHLEALMPQACSGLLITLEYDQALLEGPPFSVPQTWL
HRVMSGNWEVTKVGGQDTLHSSARGLKAGLERMDEHVYVLERV
;
_entity_poly.pdbx_strand_id   A
#
# COMPACT_ATOMS: atom_id res chain seq x y z
N HIS A 3 14.11 13.19 6.76
CA HIS A 3 13.34 13.41 5.55
C HIS A 3 13.61 12.30 4.55
N GLN A 4 12.63 11.43 4.39
CA GLN A 4 12.75 10.31 3.46
C GLN A 4 13.93 9.42 3.86
N SER A 5 13.89 8.96 5.10
CA SER A 5 14.94 8.11 5.62
C SER A 5 14.84 6.72 5.00
N GLU A 6 13.68 6.09 5.21
CA GLU A 6 13.45 4.77 4.67
C GLU A 6 12.01 4.64 4.17
N VAL A 7 11.82 5.08 2.93
CA VAL A 7 10.50 5.03 2.31
C VAL A 7 10.61 4.41 0.92
N ASN A 8 10.72 3.09 0.91
CA ASN A 8 10.84 2.36 -0.35
C ASN A 8 11.63 3.20 -1.35
N LYS A 9 12.93 2.93 -1.40
CA LYS A 9 13.81 3.64 -2.31
C LYS A 9 13.12 3.79 -3.67
N ASP A 10 12.46 2.73 -4.08
CA ASP A 10 11.76 2.73 -5.35
C ASP A 10 10.64 3.77 -5.31
N LEU A 11 9.86 3.71 -4.25
CA LEU A 11 8.76 4.64 -4.08
C LEU A 11 9.26 6.08 -4.27
N GLN A 12 10.14 6.48 -3.36
CA GLN A 12 10.71 7.82 -3.41
C GLN A 12 11.41 8.04 -4.75
N GLN A 13 11.87 6.94 -5.33
CA GLN A 13 12.56 7.00 -6.61
C GLN A 13 11.57 7.28 -7.74
N TYR A 14 10.80 6.26 -8.07
CA TYR A 14 9.81 6.40 -9.13
C TYR A 14 9.04 7.71 -9.01
N TRP A 15 8.53 7.95 -7.82
CA TRP A 15 7.78 9.17 -7.55
C TRP A 15 8.69 10.36 -7.86
N SER A 16 9.83 10.37 -7.21
CA SER A 16 10.79 11.44 -7.39
C SER A 16 10.92 11.78 -8.88
N SER A 17 10.81 10.75 -9.69
CA SER A 17 10.89 10.92 -11.14
C SER A 17 9.51 11.22 -11.72
N LEU A 18 8.58 10.32 -11.45
CA LEU A 18 7.22 10.47 -11.94
C LEU A 18 6.83 11.96 -11.87
N ASN A 19 6.79 12.47 -10.65
CA ASN A 19 6.43 13.86 -10.45
C ASN A 19 4.94 14.06 -10.72
N VAL A 20 4.15 13.16 -10.15
CA VAL A 20 2.70 13.21 -10.33
C VAL A 20 2.22 14.65 -10.08
N VAL A 21 0.97 14.88 -10.45
CA VAL A 21 0.37 16.20 -10.28
C VAL A 21 0.41 16.57 -8.80
N PRO A 22 0.64 17.89 -8.54
CA PRO A 22 0.69 18.38 -7.18
C PRO A 22 -0.71 18.48 -6.57
N GLY A 23 -1.08 17.45 -5.83
CA GLY A 23 -2.38 17.40 -5.20
C GLY A 23 -3.19 16.20 -5.68
N ALA A 24 -2.57 15.42 -6.56
CA ALA A 24 -3.21 14.24 -7.10
C ALA A 24 -3.72 13.37 -5.96
N ARG A 25 -4.71 12.54 -6.27
CA ARG A 25 -5.30 11.66 -5.28
C ARG A 25 -4.43 10.41 -5.10
N VAL A 26 -3.86 10.31 -3.91
CA VAL A 26 -3.00 9.17 -3.59
C VAL A 26 -3.76 8.20 -2.69
N LEU A 27 -4.04 7.03 -3.25
CA LEU A 27 -4.77 6.00 -2.51
C LEU A 27 -3.76 5.11 -1.78
N VAL A 28 -4.21 4.57 -0.65
CA VAL A 28 -3.37 3.70 0.14
C VAL A 28 -4.16 2.44 0.53
N PRO A 29 -4.21 1.48 -0.45
CA PRO A 29 -4.93 0.24 -0.23
C PRO A 29 -4.13 -0.69 0.70
N LEU A 30 -4.73 -0.99 1.84
CA LEU A 30 -4.09 -1.85 2.82
C LEU A 30 -2.58 -1.70 2.72
N CYS A 31 -2.16 -0.46 2.51
CA CYS A 31 -0.74 -0.16 2.40
C CYS A 31 -0.34 0.74 3.57
N GLY A 32 -1.35 1.41 4.13
CA GLY A 32 -1.12 2.31 5.25
C GLY A 32 0.09 1.85 6.08
N LYS A 33 1.17 2.59 5.93
CA LYS A 33 2.39 2.28 6.66
C LYS A 33 2.75 3.45 7.57
N SER A 34 3.34 4.47 6.97
CA SER A 34 3.74 5.65 7.70
C SER A 34 4.72 6.49 6.88
N GLN A 35 5.78 5.83 6.44
CA GLN A 35 6.79 6.50 5.64
C GLN A 35 6.25 6.81 4.25
N ASP A 36 5.61 5.80 3.67
CA ASP A 36 5.04 5.95 2.34
C ASP A 36 4.11 7.16 2.31
N MET A 37 3.11 7.12 3.18
CA MET A 37 2.14 8.20 3.27
C MET A 37 2.82 9.50 3.70
N SER A 38 3.64 9.40 4.74
CA SER A 38 4.36 10.55 5.25
C SER A 38 5.16 11.22 4.13
N TRP A 39 5.55 10.40 3.15
CA TRP A 39 6.32 10.89 2.02
C TRP A 39 5.36 11.65 1.10
N LEU A 40 4.32 10.94 0.67
CA LEU A 40 3.34 11.53 -0.22
C LEU A 40 2.92 12.90 0.33
N SER A 41 2.48 12.89 1.58
CA SER A 41 2.05 14.11 2.24
C SER A 41 3.18 15.14 2.22
N GLY A 42 4.35 14.70 2.66
CA GLY A 42 5.51 15.57 2.70
C GLY A 42 5.72 16.27 1.35
N GLN A 43 5.15 15.68 0.32
CA GLN A 43 5.26 16.23 -1.03
C GLN A 43 4.09 17.17 -1.30
N GLY A 44 2.94 16.82 -0.73
CA GLY A 44 1.74 17.61 -0.92
C GLY A 44 0.75 16.90 -1.84
N TYR A 45 0.25 15.76 -1.36
CA TYR A 45 -0.69 14.98 -2.12
C TYR A 45 -1.87 14.54 -1.24
N HIS A 46 -2.95 14.12 -1.91
CA HIS A 46 -4.13 13.68 -1.20
C HIS A 46 -3.95 12.22 -0.76
N VAL A 47 -3.32 12.06 0.39
CA VAL A 47 -3.09 10.73 0.93
C VAL A 47 -4.34 10.23 1.62
N VAL A 48 -5.05 9.34 0.94
CA VAL A 48 -6.27 8.77 1.48
C VAL A 48 -6.27 7.25 1.25
N GLY A 49 -6.19 6.53 2.37
CA GLY A 49 -6.17 5.08 2.30
C GLY A 49 -6.67 4.48 3.63
N ALA A 50 -6.55 3.16 3.71
CA ALA A 50 -6.98 2.45 4.91
C ALA A 50 -5.85 1.54 5.39
N GLU A 51 -5.93 1.17 6.66
CA GLU A 51 -4.92 0.31 7.25
C GLU A 51 -5.55 -1.03 7.66
N LEU A 52 -5.41 -2.00 6.78
CA LEU A 52 -5.95 -3.32 7.02
C LEU A 52 -5.24 -3.93 8.24
N SER A 53 -5.47 -3.30 9.38
CA SER A 53 -4.88 -3.76 10.62
C SER A 53 -5.76 -3.35 11.81
N GLU A 54 -6.42 -4.34 12.38
CA GLU A 54 -7.29 -4.09 13.51
C GLU A 54 -6.46 -3.76 14.76
N ALA A 55 -5.61 -4.71 15.13
CA ALA A 55 -4.76 -4.53 16.29
C ALA A 55 -4.05 -3.18 16.19
N ALA A 56 -3.75 -2.79 14.96
CA ALA A 56 -3.07 -1.53 14.72
C ALA A 56 -3.96 -0.38 15.20
N VAL A 57 -5.16 -0.31 14.64
CA VAL A 57 -6.10 0.73 15.00
C VAL A 57 -6.18 0.84 16.52
N GLU A 58 -6.22 -0.33 17.16
CA GLU A 58 -6.30 -0.37 18.61
C GLU A 58 -5.07 0.29 19.23
N ARG A 59 -3.91 -0.01 18.67
CA ARG A 59 -2.67 0.56 19.15
C ARG A 59 -2.69 2.07 19.03
N TYR A 60 -3.37 2.54 17.98
CA TYR A 60 -3.48 3.98 17.74
C TYR A 60 -4.47 4.62 18.71
N PHE A 61 -5.50 3.86 19.06
CA PHE A 61 -6.51 4.35 19.97
C PHE A 61 -6.00 4.33 21.41
N THR A 62 -5.04 3.46 21.67
CA THR A 62 -4.46 3.33 22.98
C THR A 62 -3.31 4.33 23.16
N GLU A 63 -2.60 4.56 22.07
CA GLU A 63 -1.48 5.49 22.08
C GLU A 63 -1.98 6.93 22.10
N ARG A 64 -3.04 7.17 21.34
CA ARG A 64 -3.62 8.49 21.26
C ARG A 64 -4.72 8.65 22.31
N GLY A 65 -5.42 7.56 22.56
CA GLY A 65 -6.49 7.56 23.55
C GLY A 65 -7.76 8.19 22.97
N GLU A 66 -8.00 7.88 21.70
CA GLU A 66 -9.17 8.40 21.02
C GLU A 66 -8.97 9.87 20.65
N GLN A 67 -9.64 10.29 19.59
CA GLN A 67 -9.54 11.66 19.13
C GLN A 67 -10.02 11.78 17.68
N PRO A 68 -9.48 10.86 16.83
CA PRO A 68 -9.84 10.85 15.42
C PRO A 68 -11.24 10.27 15.22
N HIS A 69 -11.61 10.14 13.95
CA HIS A 69 -12.92 9.60 13.61
C HIS A 69 -12.86 8.06 13.60
N ILE A 70 -13.35 7.49 14.69
CA ILE A 70 -13.35 6.04 14.82
C ILE A 70 -14.71 5.49 14.37
N THR A 71 -14.66 4.55 13.43
CA THR A 71 -15.87 3.95 12.91
C THR A 71 -15.82 2.43 13.07
N SER A 72 -17.00 1.84 13.23
CA SER A 72 -17.10 0.40 13.39
C SER A 72 -17.65 -0.23 12.11
N GLN A 73 -16.75 -0.78 11.32
CA GLN A 73 -17.13 -1.42 10.07
C GLN A 73 -17.14 -2.94 10.23
N GLY A 74 -18.27 -3.43 10.71
CA GLY A 74 -18.42 -4.87 10.92
C GLY A 74 -17.41 -5.39 11.94
N ASP A 75 -16.48 -6.19 11.43
CA ASP A 75 -15.43 -6.76 12.27
C ASP A 75 -14.19 -5.87 12.22
N PHE A 76 -14.25 -4.89 11.32
CA PHE A 76 -13.14 -3.97 11.16
C PHE A 76 -13.49 -2.58 11.70
N LYS A 77 -12.48 -1.72 11.72
CA LYS A 77 -12.67 -0.36 12.21
C LYS A 77 -12.22 0.63 11.15
N VAL A 78 -12.51 1.90 11.39
CA VAL A 78 -12.14 2.95 10.46
C VAL A 78 -11.74 4.20 11.24
N TYR A 79 -10.44 4.34 11.44
CA TYR A 79 -9.91 5.49 12.17
C TYR A 79 -9.26 6.49 11.22
N ALA A 80 -10.00 7.55 10.93
CA ALA A 80 -9.50 8.58 10.03
C ALA A 80 -9.00 9.77 10.86
N ALA A 81 -8.02 10.46 10.31
CA ALA A 81 -7.44 11.61 10.98
C ALA A 81 -7.69 12.87 10.14
N PRO A 82 -7.62 14.04 10.83
CA PRO A 82 -7.83 15.31 10.16
C PRO A 82 -6.62 15.69 9.30
N GLY A 83 -5.48 15.15 9.67
CA GLY A 83 -4.25 15.43 8.95
C GLY A 83 -4.20 14.65 7.63
N ILE A 84 -4.38 13.33 7.75
CA ILE A 84 -4.37 12.46 6.59
C ILE A 84 -5.70 11.72 6.49
N GLU A 85 -5.93 11.14 5.32
CA GLU A 85 -7.16 10.40 5.10
C GLU A 85 -6.92 8.90 5.23
N ILE A 86 -6.28 8.53 6.33
CA ILE A 86 -5.97 7.14 6.60
C ILE A 86 -6.92 6.62 7.69
N TRP A 87 -7.71 5.63 7.31
CA TRP A 87 -8.66 5.03 8.23
C TRP A 87 -8.09 3.68 8.68
N CYS A 88 -7.60 3.66 9.90
CA CYS A 88 -7.02 2.44 10.46
C CYS A 88 -8.15 1.45 10.68
N GLY A 89 -7.92 0.22 10.21
CA GLY A 89 -8.91 -0.83 10.34
C GLY A 89 -8.97 -1.70 9.08
N ASP A 90 -10.07 -1.56 8.36
CA ASP A 90 -10.26 -2.33 7.13
C ASP A 90 -10.39 -1.36 5.95
N PHE A 91 -10.23 -1.92 4.76
CA PHE A 91 -10.33 -1.12 3.54
C PHE A 91 -11.30 -1.76 2.55
N PHE A 92 -12.47 -1.15 2.43
CA PHE A 92 -13.49 -1.65 1.52
C PHE A 92 -14.78 -0.83 1.64
N ALA A 93 -14.61 0.48 1.54
CA ALA A 93 -15.75 1.38 1.64
C ALA A 93 -15.26 2.83 1.51
N LEU A 94 -14.38 3.03 0.55
CA LEU A 94 -13.83 4.36 0.32
C LEU A 94 -13.77 4.63 -1.18
N THR A 95 -14.20 3.62 -1.96
CA THR A 95 -14.20 3.74 -3.40
C THR A 95 -12.89 4.35 -3.89
N ALA A 96 -11.88 3.50 -4.01
CA ALA A 96 -10.57 3.94 -4.46
C ALA A 96 -10.70 4.60 -5.84
N ARG A 97 -11.88 4.40 -6.44
CA ARG A 97 -12.15 4.96 -7.74
C ARG A 97 -12.53 6.45 -7.62
N ASP A 98 -13.44 6.71 -6.70
CA ASP A 98 -13.90 8.07 -6.47
C ASP A 98 -12.73 8.92 -5.97
N ILE A 99 -12.03 8.39 -4.96
CA ILE A 99 -10.89 9.08 -4.40
C ILE A 99 -9.72 9.05 -5.39
N GLY A 100 -9.54 7.89 -5.99
CA GLY A 100 -8.47 7.72 -6.96
C GLY A 100 -8.58 8.75 -8.08
N HIS A 101 -9.51 8.49 -8.99
CA HIS A 101 -9.71 9.39 -10.12
C HIS A 101 -8.42 9.52 -10.92
N CYS A 102 -7.55 10.39 -10.43
CA CYS A 102 -6.28 10.61 -11.10
C CYS A 102 -5.23 10.93 -10.03
N ALA A 103 -4.06 10.33 -10.20
CA ALA A 103 -2.97 10.54 -9.26
C ALA A 103 -2.12 9.27 -9.18
N ALA A 104 -2.31 8.54 -8.09
CA ALA A 104 -1.56 7.32 -7.88
C ALA A 104 -2.05 6.65 -6.58
N PHE A 105 -1.44 5.51 -6.28
CA PHE A 105 -1.80 4.77 -5.08
C PHE A 105 -0.71 3.75 -4.73
N TYR A 106 -0.34 3.75 -3.45
CA TYR A 106 0.69 2.84 -2.97
C TYR A 106 0.06 1.55 -2.45
N ASP A 107 0.36 0.46 -3.14
CA ASP A 107 -0.17 -0.85 -2.76
C ASP A 107 0.92 -1.63 -2.04
N ARG A 108 0.56 -2.16 -0.87
CA ARG A 108 1.49 -2.92 -0.08
C ARG A 108 1.19 -4.42 -0.21
N ALA A 109 2.25 -5.22 -0.11
CA ALA A 109 2.11 -6.66 -0.22
C ALA A 109 0.87 -7.10 0.55
N ALA A 110 -0.18 -7.42 -0.20
CA ALA A 110 -1.42 -7.86 0.40
C ALA A 110 -1.89 -9.14 -0.29
N MET A 111 -1.88 -9.09 -1.62
CA MET A 111 -2.30 -10.24 -2.41
C MET A 111 -1.34 -11.42 -2.22
N ILE A 112 -0.11 -11.09 -1.86
CA ILE A 112 0.90 -12.11 -1.64
C ILE A 112 0.56 -12.90 -0.38
N ALA A 113 -0.31 -12.31 0.43
CA ALA A 113 -0.73 -12.95 1.67
C ALA A 113 -1.85 -13.95 1.36
N LEU A 114 -2.45 -13.78 0.20
CA LEU A 114 -3.53 -14.66 -0.22
C LEU A 114 -3.03 -15.57 -1.34
N PRO A 115 -3.93 -16.52 -1.74
CA PRO A 115 -3.59 -17.47 -2.79
C PRO A 115 -3.64 -16.79 -4.16
N ALA A 116 -3.59 -17.63 -5.19
CA ALA A 116 -3.63 -17.13 -6.56
C ALA A 116 -5.04 -16.63 -6.87
N ASP A 117 -5.99 -17.56 -6.86
CA ASP A 117 -7.37 -17.21 -7.14
C ASP A 117 -7.71 -15.87 -6.48
N MET A 118 -7.58 -15.84 -5.17
CA MET A 118 -7.86 -14.64 -4.41
C MET A 118 -7.03 -13.47 -4.92
N ARG A 119 -5.79 -13.77 -5.27
CA ARG A 119 -4.88 -12.76 -5.77
C ARG A 119 -5.47 -12.10 -7.03
N GLU A 120 -5.93 -12.95 -7.94
CA GLU A 120 -6.51 -12.46 -9.18
C GLU A 120 -7.76 -11.63 -8.90
N ARG A 121 -8.54 -12.10 -7.94
CA ARG A 121 -9.77 -11.41 -7.56
C ARG A 121 -9.44 -10.11 -6.84
N TYR A 122 -8.26 -10.08 -6.22
CA TYR A 122 -7.82 -8.90 -5.50
C TYR A 122 -7.35 -7.81 -6.46
N VAL A 123 -6.39 -8.17 -7.30
CA VAL A 123 -5.86 -7.23 -8.28
C VAL A 123 -6.99 -6.72 -9.16
N GLN A 124 -7.84 -7.64 -9.60
CA GLN A 124 -8.96 -7.29 -10.44
C GLN A 124 -9.94 -6.38 -9.68
N HIS A 125 -10.22 -6.76 -8.46
CA HIS A 125 -11.13 -6.00 -7.63
C HIS A 125 -10.57 -4.59 -7.43
N LEU A 126 -9.26 -4.51 -7.29
CA LEU A 126 -8.60 -3.23 -7.09
C LEU A 126 -8.71 -2.41 -8.38
N GLU A 127 -8.09 -2.92 -9.44
CA GLU A 127 -8.12 -2.24 -10.73
C GLU A 127 -9.55 -1.91 -11.11
N ALA A 128 -10.49 -2.63 -10.53
CA ALA A 128 -11.90 -2.42 -10.80
C ALA A 128 -12.37 -1.16 -10.07
N LEU A 129 -12.08 -1.11 -8.79
CA LEU A 129 -12.46 0.03 -7.98
C LEU A 129 -11.37 1.11 -8.07
N MET A 130 -10.34 0.79 -8.83
CA MET A 130 -9.24 1.72 -9.02
C MET A 130 -9.69 2.97 -9.77
N PRO A 131 -8.76 3.96 -9.87
CA PRO A 131 -9.06 5.20 -10.55
C PRO A 131 -9.05 5.00 -12.07
N GLN A 132 -8.88 6.11 -12.79
CA GLN A 132 -8.86 6.07 -14.24
C GLN A 132 -7.44 6.34 -14.76
N ALA A 133 -6.77 7.26 -14.08
CA ALA A 133 -5.42 7.63 -14.46
C ALA A 133 -4.61 7.94 -13.20
N CYS A 134 -3.96 6.92 -12.68
CA CYS A 134 -3.15 7.08 -11.48
C CYS A 134 -1.99 6.09 -11.54
N SER A 135 -0.91 6.44 -10.85
CA SER A 135 0.27 5.60 -10.83
C SER A 135 0.29 4.76 -9.54
N GLY A 136 0.09 3.46 -9.71
CA GLY A 136 0.08 2.55 -8.58
C GLY A 136 1.43 1.85 -8.45
N LEU A 137 1.84 1.66 -7.19
CA LEU A 137 3.10 1.01 -6.91
C LEU A 137 2.87 -0.11 -5.89
N LEU A 138 3.08 -1.34 -6.35
CA LEU A 138 2.91 -2.49 -5.48
C LEU A 138 4.23 -2.83 -4.81
N ILE A 139 4.15 -3.19 -3.54
CA ILE A 139 5.33 -3.54 -2.77
C ILE A 139 5.17 -4.95 -2.22
N THR A 140 5.83 -5.90 -2.88
CA THR A 140 5.77 -7.29 -2.46
C THR A 140 7.07 -7.69 -1.77
N LEU A 141 7.09 -8.92 -1.28
CA LEU A 141 8.27 -9.45 -0.60
C LEU A 141 8.37 -10.95 -0.87
N GLU A 142 9.52 -11.50 -0.49
CA GLU A 142 9.76 -12.92 -0.69
C GLU A 142 10.21 -13.57 0.62
N TYR A 143 11.48 -13.36 0.94
CA TYR A 143 12.05 -13.91 2.16
C TYR A 143 10.97 -14.07 3.23
N ASP A 144 10.74 -12.99 3.96
CA ASP A 144 9.75 -13.00 5.03
C ASP A 144 8.69 -14.04 4.71
N GLN A 145 8.30 -14.78 5.74
CA GLN A 145 7.28 -15.81 5.58
C GLN A 145 7.12 -16.59 6.89
N ALA A 146 8.22 -16.69 7.63
CA ALA A 146 8.20 -17.40 8.90
C ALA A 146 8.72 -16.47 10.00
N LEU A 147 8.18 -15.27 10.02
CA LEU A 147 8.57 -14.28 11.01
C LEU A 147 7.77 -12.99 10.78
N LEU A 148 7.45 -12.75 9.52
CA LEU A 148 6.70 -11.55 9.16
C LEU A 148 5.20 -11.86 9.26
N GLU A 149 4.44 -10.81 9.51
CA GLU A 149 2.99 -10.94 9.63
C GLU A 149 2.39 -11.41 8.31
N GLY A 150 2.07 -12.69 8.27
CA GLY A 150 1.48 -13.28 7.06
C GLY A 150 2.57 -13.68 6.07
N PRO A 151 2.54 -14.99 5.68
CA PRO A 151 3.51 -15.52 4.74
C PRO A 151 3.20 -15.05 3.33
N PRO A 152 4.13 -14.22 2.77
CA PRO A 152 3.96 -13.71 1.42
C PRO A 152 4.26 -14.79 0.38
N PHE A 153 3.43 -14.82 -0.65
CA PHE A 153 3.58 -15.80 -1.72
C PHE A 153 4.54 -15.28 -2.80
N SER A 154 5.39 -14.34 -2.39
CA SER A 154 6.35 -13.76 -3.32
C SER A 154 5.76 -13.71 -4.73
N VAL A 155 4.53 -13.21 -4.81
CA VAL A 155 3.85 -13.11 -6.08
C VAL A 155 4.86 -12.76 -7.17
N PRO A 156 4.94 -13.65 -8.20
CA PRO A 156 5.86 -13.45 -9.29
C PRO A 156 5.35 -12.35 -10.24
N GLN A 157 6.26 -11.44 -10.58
CA GLN A 157 5.92 -10.35 -11.47
C GLN A 157 5.22 -10.88 -12.72
N THR A 158 5.71 -12.02 -13.19
CA THR A 158 5.14 -12.63 -14.38
C THR A 158 3.65 -12.89 -14.20
N TRP A 159 3.31 -13.39 -13.02
CA TRP A 159 1.93 -13.69 -12.70
C TRP A 159 1.15 -12.37 -12.70
N LEU A 160 1.74 -11.37 -12.07
CA LEU A 160 1.11 -10.06 -11.98
C LEU A 160 0.87 -9.54 -13.40
N HIS A 161 1.84 -9.77 -14.27
CA HIS A 161 1.73 -9.33 -15.65
C HIS A 161 0.81 -10.27 -16.42
N ARG A 162 0.60 -11.44 -15.83
CA ARG A 162 -0.26 -12.44 -16.46
C ARG A 162 -1.73 -12.14 -16.16
N VAL A 163 -1.97 -11.66 -14.94
CA VAL A 163 -3.32 -11.33 -14.53
C VAL A 163 -3.42 -9.82 -14.31
N MET A 164 -2.58 -9.33 -13.40
CA MET A 164 -2.57 -7.92 -13.08
C MET A 164 -2.30 -7.08 -14.34
N SER A 165 -2.26 -7.76 -15.47
CA SER A 165 -2.02 -7.09 -16.74
C SER A 165 -3.33 -6.97 -17.52
N GLY A 166 -3.88 -5.76 -17.52
CA GLY A 166 -5.12 -5.50 -18.22
C GLY A 166 -5.91 -4.37 -17.55
N ASN A 167 -5.24 -3.23 -17.41
CA ASN A 167 -5.85 -2.07 -16.79
C ASN A 167 -4.77 -1.21 -16.13
N TRP A 168 -3.65 -1.86 -15.84
CA TRP A 168 -2.54 -1.17 -15.22
C TRP A 168 -1.24 -1.77 -15.76
N GLU A 169 -0.32 -0.89 -16.12
CA GLU A 169 0.96 -1.32 -16.66
C GLU A 169 1.91 -1.70 -15.52
N VAL A 170 1.92 -2.99 -15.20
CA VAL A 170 2.77 -3.50 -14.14
C VAL A 170 4.16 -3.76 -14.70
N THR A 171 5.16 -3.34 -13.95
CA THR A 171 6.55 -3.53 -14.35
C THR A 171 7.38 -4.04 -13.18
N LYS A 172 8.31 -4.92 -13.49
CA LYS A 172 9.18 -5.49 -12.48
C LYS A 172 10.12 -4.40 -11.94
N VAL A 173 10.29 -4.41 -10.63
CA VAL A 173 11.15 -3.43 -9.97
C VAL A 173 11.44 -3.89 -8.54
N GLY A 174 12.43 -3.25 -7.95
CA GLY A 174 12.82 -3.59 -6.59
C GLY A 174 13.91 -4.66 -6.57
N GLY A 175 14.04 -5.31 -5.43
CA GLY A 175 15.04 -6.35 -5.27
C GLY A 175 15.18 -6.77 -3.81
N GLN A 176 16.31 -7.40 -3.51
CA GLN A 176 16.58 -7.85 -2.16
C GLN A 176 17.75 -7.05 -1.56
N ASP A 177 18.15 -7.46 -0.37
CA ASP A 177 19.25 -6.79 0.32
C ASP A 177 18.79 -5.42 0.80
N THR A 178 17.48 -5.22 0.72
CA THR A 178 16.90 -3.96 1.16
C THR A 178 15.98 -4.17 2.36
N LEU A 179 16.62 -4.39 3.51
CA LEU A 179 15.87 -4.62 4.74
C LEU A 179 15.56 -3.26 5.39
N HIS A 180 16.54 -2.37 5.32
CA HIS A 180 16.38 -1.05 5.91
C HIS A 180 15.25 -0.30 5.18
N SER A 181 15.27 -0.41 3.86
CA SER A 181 14.26 0.25 3.05
C SER A 181 12.87 -0.17 3.50
N SER A 182 12.55 -1.42 3.27
CA SER A 182 11.25 -1.96 3.65
C SER A 182 11.05 -1.79 5.17
N ALA A 183 10.00 -1.06 5.51
CA ALA A 183 9.69 -0.83 6.91
C ALA A 183 9.21 -2.12 7.55
N ARG A 184 8.27 -2.77 6.87
CA ARG A 184 7.71 -4.02 7.35
C ARG A 184 8.84 -4.94 7.83
N GLY A 185 10.02 -4.74 7.25
CA GLY A 185 11.17 -5.55 7.60
C GLY A 185 11.63 -5.25 9.04
N LEU A 186 11.58 -3.97 9.39
CA LEU A 186 11.98 -3.54 10.72
C LEU A 186 10.80 -3.68 11.67
N LYS A 187 9.62 -3.82 11.09
CA LYS A 187 8.40 -3.96 11.87
C LYS A 187 8.31 -5.40 12.40
N ALA A 188 8.47 -6.34 11.49
CA ALA A 188 8.41 -7.75 11.85
C ALA A 188 9.76 -8.20 12.39
N GLY A 189 10.81 -7.68 11.76
CA GLY A 189 12.17 -8.02 12.16
C GLY A 189 12.77 -9.07 11.24
N LEU A 190 12.99 -8.66 10.00
CA LEU A 190 13.56 -9.56 9.00
C LEU A 190 15.09 -9.46 9.04
N GLU A 191 15.56 -8.26 9.36
CA GLU A 191 17.00 -8.02 9.44
C GLU A 191 17.68 -8.52 8.17
N ARG A 192 16.90 -8.67 7.11
CA ARG A 192 17.42 -9.14 5.84
C ARG A 192 16.36 -9.95 5.10
N MET A 193 15.72 -9.28 4.13
CA MET A 193 14.68 -9.92 3.34
C MET A 193 14.60 -9.29 1.95
N ASP A 194 14.19 -10.11 0.99
CA ASP A 194 14.06 -9.65 -0.38
C ASP A 194 12.72 -8.93 -0.54
N GLU A 195 12.80 -7.68 -0.99
CA GLU A 195 11.61 -6.88 -1.19
C GLU A 195 11.37 -6.65 -2.68
N HIS A 196 10.28 -7.20 -3.17
CA HIS A 196 9.93 -7.06 -4.57
C HIS A 196 9.02 -5.85 -4.76
N VAL A 197 9.11 -5.26 -5.94
CA VAL A 197 8.31 -4.08 -6.26
C VAL A 197 7.81 -4.19 -7.70
N TYR A 198 6.65 -3.59 -7.94
CA TYR A 198 6.06 -3.61 -9.27
C TYR A 198 5.32 -2.31 -9.55
N VAL A 199 5.78 -1.61 -10.59
CA VAL A 199 5.17 -0.34 -10.97
C VAL A 199 3.96 -0.62 -11.87
N LEU A 200 2.79 -0.34 -11.32
CA LEU A 200 1.55 -0.55 -12.05
C LEU A 200 0.91 0.80 -12.37
N GLU A 201 0.94 1.17 -13.63
CA GLU A 201 0.37 2.42 -14.08
C GLU A 201 -1.11 2.25 -14.40
N ARG A 202 -1.95 2.69 -13.46
CA ARG A 202 -3.39 2.59 -13.63
C ARG A 202 -3.85 3.48 -14.79
N VAL A 203 -4.20 2.82 -15.89
CA VAL A 203 -4.65 3.53 -17.07
C VAL A 203 -6.17 3.68 -17.02
N HIS A 3 11.77 14.23 5.21
CA HIS A 3 13.07 13.61 5.07
C HIS A 3 12.90 12.17 4.58
N GLN A 4 13.20 11.97 3.30
CA GLN A 4 13.09 10.65 2.70
C GLN A 4 13.76 9.60 3.58
N SER A 5 15.09 9.70 3.64
CA SER A 5 15.87 8.76 4.44
C SER A 5 15.73 7.35 3.88
N GLU A 6 14.61 6.72 4.23
CA GLU A 6 14.34 5.36 3.77
C GLU A 6 12.86 5.21 3.41
N VAL A 7 12.54 5.59 2.18
CA VAL A 7 11.18 5.50 1.69
C VAL A 7 11.17 4.82 0.33
N ASN A 8 11.29 3.51 0.35
CA ASN A 8 11.30 2.72 -0.88
C ASN A 8 11.97 3.54 -1.98
N LYS A 9 13.27 3.33 -2.11
CA LYS A 9 14.05 4.03 -3.12
C LYS A 9 13.28 4.02 -4.45
N ASP A 10 12.67 2.87 -4.74
CA ASP A 10 11.91 2.71 -5.96
C ASP A 10 10.73 3.69 -5.95
N LEU A 11 10.06 3.75 -4.81
CA LEU A 11 8.92 4.64 -4.66
C LEU A 11 9.35 6.07 -4.96
N GLN A 12 10.22 6.59 -4.11
CA GLN A 12 10.72 7.94 -4.27
C GLN A 12 11.35 8.11 -5.65
N GLN A 13 11.77 6.99 -6.22
CA GLN A 13 12.39 7.00 -7.53
C GLN A 13 11.33 7.25 -8.61
N TYR A 14 10.65 6.18 -8.98
CA TYR A 14 9.61 6.27 -10.00
C TYR A 14 8.73 7.50 -9.78
N TRP A 15 8.48 7.78 -8.51
CA TRP A 15 7.65 8.92 -8.15
C TRP A 15 8.44 10.20 -8.47
N SER A 16 9.72 10.15 -8.14
CA SER A 16 10.60 11.29 -8.39
C SER A 16 10.59 11.66 -9.87
N SER A 17 10.50 10.62 -10.70
CA SER A 17 10.49 10.82 -12.13
C SER A 17 9.05 11.04 -12.61
N LEU A 18 8.15 10.20 -12.11
CA LEU A 18 6.76 10.29 -12.48
C LEU A 18 6.32 11.76 -12.46
N ASN A 19 6.63 12.42 -11.36
CA ASN A 19 6.28 13.82 -11.21
C ASN A 19 4.76 13.95 -11.07
N VAL A 20 4.18 12.98 -10.37
CA VAL A 20 2.74 12.98 -10.14
C VAL A 20 2.27 14.41 -9.82
N VAL A 21 1.23 14.82 -10.52
CA VAL A 21 0.68 16.15 -10.30
C VAL A 21 0.80 16.52 -8.83
N PRO A 22 1.06 17.84 -8.59
CA PRO A 22 1.20 18.33 -7.23
C PRO A 22 -0.16 18.44 -6.54
N GLY A 23 -0.49 17.41 -5.77
CA GLY A 23 -1.75 17.38 -5.05
C GLY A 23 -2.63 16.22 -5.54
N ALA A 24 -2.02 15.35 -6.34
CA ALA A 24 -2.73 14.21 -6.88
C ALA A 24 -3.20 13.32 -5.74
N ARG A 25 -4.23 12.53 -6.03
CA ARG A 25 -4.78 11.62 -5.03
C ARG A 25 -3.94 10.34 -4.95
N VAL A 26 -3.37 10.13 -3.78
CA VAL A 26 -2.55 8.96 -3.55
C VAL A 26 -3.31 7.96 -2.69
N LEU A 27 -3.68 6.84 -3.30
CA LEU A 27 -4.42 5.81 -2.60
C LEU A 27 -3.44 4.73 -2.13
N VAL A 28 -3.67 4.27 -0.91
CA VAL A 28 -2.83 3.25 -0.33
C VAL A 28 -3.70 2.21 0.39
N PRO A 29 -3.85 1.03 -0.25
CA PRO A 29 -4.65 -0.05 0.32
C PRO A 29 -3.92 -0.72 1.48
N LEU A 30 -4.70 -1.10 2.49
CA LEU A 30 -4.14 -1.75 3.65
C LEU A 30 -2.65 -1.41 3.76
N CYS A 31 -2.38 -0.11 3.74
CA CYS A 31 -1.00 0.36 3.84
C CYS A 31 -0.98 1.57 4.77
N GLY A 32 -1.87 1.54 5.75
CA GLY A 32 -1.96 2.63 6.72
C GLY A 32 -0.68 2.74 7.54
N LYS A 33 0.05 3.82 7.32
CA LYS A 33 1.29 4.06 8.04
C LYS A 33 2.45 3.40 7.28
N SER A 34 3.30 4.24 6.72
CA SER A 34 4.44 3.76 5.97
C SER A 34 5.28 4.93 5.46
N GLN A 35 6.52 4.64 5.12
CA GLN A 35 7.41 5.66 4.61
C GLN A 35 6.83 6.31 3.35
N ASP A 36 6.27 5.46 2.50
CA ASP A 36 5.67 5.93 1.26
C ASP A 36 4.68 7.06 1.58
N MET A 37 3.70 6.73 2.40
CA MET A 37 2.69 7.70 2.80
C MET A 37 3.33 8.98 3.34
N SER A 38 4.10 8.81 4.40
CA SER A 38 4.77 9.94 5.03
C SER A 38 5.51 10.76 3.96
N TRP A 39 5.99 10.05 2.96
CA TRP A 39 6.72 10.69 1.88
C TRP A 39 5.71 11.45 1.01
N LEU A 40 4.53 10.86 0.87
CA LEU A 40 3.47 11.47 0.08
C LEU A 40 2.99 12.74 0.77
N SER A 41 2.38 12.55 1.94
CA SER A 41 1.86 13.67 2.70
C SER A 41 2.96 14.70 2.91
N GLY A 42 4.17 14.20 3.13
CA GLY A 42 5.32 15.07 3.34
C GLY A 42 5.70 15.81 2.06
N GLN A 43 5.33 15.21 0.94
CA GLN A 43 5.62 15.81 -0.36
C GLN A 43 4.55 16.83 -0.73
N GLY A 44 3.30 16.49 -0.39
CA GLY A 44 2.19 17.38 -0.68
C GLY A 44 1.18 16.69 -1.61
N TYR A 45 0.59 15.62 -1.11
CA TYR A 45 -0.40 14.88 -1.87
C TYR A 45 -1.61 14.52 -1.01
N HIS A 46 -2.61 13.95 -1.66
CA HIS A 46 -3.83 13.55 -0.98
C HIS A 46 -3.72 12.09 -0.54
N VAL A 47 -3.02 11.88 0.57
CA VAL A 47 -2.84 10.54 1.09
C VAL A 47 -4.17 10.04 1.66
N VAL A 48 -4.73 9.04 0.98
CA VAL A 48 -5.99 8.48 1.40
C VAL A 48 -5.96 6.96 1.17
N GLY A 49 -5.79 6.23 2.27
CA GLY A 49 -5.74 4.78 2.21
C GLY A 49 -6.45 4.16 3.40
N ALA A 50 -6.32 2.84 3.51
CA ALA A 50 -6.94 2.11 4.60
C ALA A 50 -5.91 1.16 5.24
N GLU A 51 -6.23 0.70 6.43
CA GLU A 51 -5.35 -0.21 7.14
C GLU A 51 -6.10 -1.49 7.53
N LEU A 52 -5.49 -2.61 7.18
CA LEU A 52 -6.08 -3.90 7.48
C LEU A 52 -5.49 -4.45 8.78
N SER A 53 -5.89 -3.83 9.88
CA SER A 53 -5.41 -4.24 11.19
C SER A 53 -6.45 -3.91 12.26
N GLU A 54 -6.73 -4.91 13.10
CA GLU A 54 -7.70 -4.74 14.16
C GLU A 54 -6.99 -4.43 15.48
N ALA A 55 -5.93 -5.18 15.74
CA ALA A 55 -5.15 -5.00 16.96
C ALA A 55 -4.49 -3.62 16.93
N ALA A 56 -3.95 -3.28 15.76
CA ALA A 56 -3.29 -2.00 15.59
C ALA A 56 -4.32 -0.87 15.69
N VAL A 57 -5.53 -1.19 15.28
CA VAL A 57 -6.61 -0.21 15.31
C VAL A 57 -6.90 0.16 16.77
N GLU A 58 -7.19 -0.86 17.56
CA GLU A 58 -7.49 -0.65 18.97
C GLU A 58 -6.30 -0.01 19.68
N ARG A 59 -5.11 -0.49 19.32
CA ARG A 59 -3.89 0.03 19.91
C ARG A 59 -3.71 1.50 19.54
N TYR A 60 -4.08 1.82 18.32
CA TYR A 60 -3.97 3.19 17.83
C TYR A 60 -4.86 4.14 18.64
N PHE A 61 -6.09 3.71 18.84
CA PHE A 61 -7.05 4.50 19.58
C PHE A 61 -6.66 4.60 21.06
N THR A 62 -6.01 3.54 21.54
CA THR A 62 -5.57 3.49 22.92
C THR A 62 -4.33 4.37 23.11
N GLU A 63 -3.48 4.37 22.11
CA GLU A 63 -2.26 5.16 22.15
C GLU A 63 -2.57 6.64 21.98
N ARG A 64 -3.46 6.91 21.03
CA ARG A 64 -3.86 8.29 20.75
C ARG A 64 -4.82 8.79 21.83
N GLY A 65 -5.65 7.88 22.31
CA GLY A 65 -6.62 8.21 23.34
C GLY A 65 -7.85 8.89 22.74
N GLU A 66 -8.24 8.41 21.58
CA GLU A 66 -9.40 8.96 20.88
C GLU A 66 -9.08 10.36 20.37
N GLN A 67 -9.76 10.72 19.28
CA GLN A 67 -9.56 12.02 18.67
C GLN A 67 -10.03 12.01 17.22
N PRO A 68 -9.56 10.98 16.47
CA PRO A 68 -9.93 10.84 15.07
C PRO A 68 -11.36 10.34 14.93
N HIS A 69 -11.79 10.19 13.68
CA HIS A 69 -13.13 9.72 13.40
C HIS A 69 -13.12 8.19 13.28
N ILE A 70 -13.67 7.54 14.30
CA ILE A 70 -13.73 6.09 14.31
C ILE A 70 -15.10 5.63 13.84
N THR A 71 -15.09 4.73 12.87
CA THR A 71 -16.32 4.21 12.31
C THR A 71 -16.28 2.68 12.27
N SER A 72 -17.47 2.09 12.22
CA SER A 72 -17.59 0.64 12.17
C SER A 72 -18.38 0.21 10.94
N GLN A 73 -17.66 -0.38 9.99
CA GLN A 73 -18.28 -0.82 8.76
C GLN A 73 -18.47 -2.34 8.79
N GLY A 74 -19.72 -2.75 8.98
CA GLY A 74 -20.04 -4.17 9.04
C GLY A 74 -19.28 -4.87 10.17
N ASP A 75 -18.27 -5.63 9.77
CA ASP A 75 -17.47 -6.36 10.73
C ASP A 75 -16.04 -5.80 10.71
N PHE A 76 -15.96 -4.51 10.46
CA PHE A 76 -14.66 -3.84 10.41
C PHE A 76 -14.75 -2.42 10.98
N LYS A 77 -13.59 -1.80 11.12
CA LYS A 77 -13.53 -0.44 11.64
C LYS A 77 -12.76 0.45 10.67
N VAL A 78 -12.96 1.74 10.81
CA VAL A 78 -12.30 2.70 9.96
C VAL A 78 -11.93 3.94 10.77
N TYR A 79 -10.63 4.07 11.03
CA TYR A 79 -10.13 5.21 11.80
C TYR A 79 -9.46 6.24 10.88
N ALA A 80 -10.20 7.30 10.61
CA ALA A 80 -9.70 8.36 9.75
C ALA A 80 -9.25 9.53 10.63
N ALA A 81 -8.24 10.25 10.13
CA ALA A 81 -7.70 11.39 10.85
C ALA A 81 -7.85 12.65 9.98
N PRO A 82 -7.82 13.82 10.66
CA PRO A 82 -7.93 15.09 9.96
C PRO A 82 -6.65 15.44 9.22
N GLY A 83 -5.55 14.82 9.66
CA GLY A 83 -4.26 15.04 9.05
C GLY A 83 -4.13 14.28 7.73
N ILE A 84 -4.41 12.99 7.80
CA ILE A 84 -4.33 12.14 6.63
C ILE A 84 -5.67 11.42 6.42
N GLU A 85 -5.81 10.81 5.25
CA GLU A 85 -7.02 10.09 4.93
C GLU A 85 -6.80 8.59 5.05
N ILE A 86 -6.32 8.18 6.21
CA ILE A 86 -6.05 6.78 6.46
C ILE A 86 -7.08 6.24 7.47
N TRP A 87 -7.85 5.26 7.01
CA TRP A 87 -8.87 4.66 7.85
C TRP A 87 -8.34 3.31 8.33
N CYS A 88 -7.86 3.30 9.56
CA CYS A 88 -7.33 2.09 10.16
C CYS A 88 -8.49 1.14 10.44
N GLY A 89 -8.22 -0.15 10.22
CA GLY A 89 -9.24 -1.17 10.43
C GLY A 89 -9.29 -2.14 9.26
N ASP A 90 -10.26 -1.93 8.39
CA ASP A 90 -10.43 -2.77 7.22
C ASP A 90 -10.53 -1.91 5.96
N PHE A 91 -10.35 -2.56 4.83
CA PHE A 91 -10.41 -1.85 3.55
C PHE A 91 -11.52 -2.42 2.67
N PHE A 92 -12.63 -1.69 2.62
CA PHE A 92 -13.77 -2.10 1.82
C PHE A 92 -15.02 -1.30 2.20
N ALA A 93 -14.88 0.01 2.19
CA ALA A 93 -15.97 0.89 2.53
C ALA A 93 -15.89 2.17 1.68
N LEU A 94 -14.67 2.65 1.53
CA LEU A 94 -14.43 3.86 0.74
C LEU A 94 -14.36 3.49 -0.74
N THR A 95 -14.19 4.51 -1.56
CA THR A 95 -14.11 4.31 -3.00
C THR A 95 -12.78 4.87 -3.53
N ALA A 96 -11.75 4.04 -3.46
CA ALA A 96 -10.44 4.44 -3.94
C ALA A 96 -10.56 4.97 -5.38
N ARG A 97 -11.70 4.68 -5.98
CA ARG A 97 -11.95 5.13 -7.34
C ARG A 97 -12.23 6.64 -7.37
N ASP A 98 -13.12 7.06 -6.48
CA ASP A 98 -13.48 8.47 -6.38
C ASP A 98 -12.30 9.25 -5.80
N ILE A 99 -11.73 8.70 -4.73
CA ILE A 99 -10.61 9.34 -4.07
C ILE A 99 -9.42 9.38 -5.04
N GLY A 100 -9.16 8.24 -5.66
CA GLY A 100 -8.06 8.13 -6.60
C GLY A 100 -8.23 9.11 -7.76
N HIS A 101 -9.18 8.80 -8.63
CA HIS A 101 -9.46 9.65 -9.78
C HIS A 101 -8.19 9.78 -10.62
N CYS A 102 -7.32 10.69 -10.20
CA CYS A 102 -6.08 10.93 -10.91
C CYS A 102 -4.97 11.15 -9.87
N ALA A 103 -3.83 10.52 -10.13
CA ALA A 103 -2.70 10.64 -9.23
C ALA A 103 -1.91 9.33 -9.23
N ALA A 104 -2.01 8.61 -8.13
CA ALA A 104 -1.33 7.33 -7.98
C ALA A 104 -1.82 6.62 -6.73
N PHE A 105 -1.21 5.48 -6.46
CA PHE A 105 -1.59 4.69 -5.29
C PHE A 105 -0.50 3.68 -4.95
N TYR A 106 -0.10 3.70 -3.68
CA TYR A 106 0.94 2.80 -3.20
C TYR A 106 0.31 1.55 -2.57
N ASP A 107 0.67 0.40 -3.13
CA ASP A 107 0.15 -0.87 -2.63
C ASP A 107 1.23 -1.55 -1.78
N ARG A 108 0.79 -2.13 -0.67
CA ARG A 108 1.71 -2.82 0.23
C ARG A 108 1.49 -4.33 0.14
N ALA A 109 2.52 -5.06 0.56
CA ALA A 109 2.46 -6.51 0.54
C ALA A 109 1.20 -6.97 1.27
N ALA A 110 0.18 -7.30 0.49
CA ALA A 110 -1.08 -7.76 1.06
C ALA A 110 -1.53 -9.02 0.32
N MET A 111 -1.58 -8.90 -1.00
CA MET A 111 -2.01 -10.01 -1.84
C MET A 111 -1.03 -11.18 -1.73
N ILE A 112 0.23 -10.84 -1.53
CA ILE A 112 1.28 -11.84 -1.40
C ILE A 112 0.94 -12.78 -0.23
N ALA A 113 0.02 -12.32 0.60
CA ALA A 113 -0.40 -13.09 1.75
C ALA A 113 -1.50 -14.07 1.35
N LEU A 114 -2.59 -13.49 0.83
CA LEU A 114 -3.73 -14.29 0.40
C LEU A 114 -3.26 -15.26 -0.71
N PRO A 115 -4.17 -16.22 -1.04
CA PRO A 115 -3.87 -17.19 -2.08
C PRO A 115 -3.96 -16.57 -3.47
N ALA A 116 -3.52 -17.33 -4.46
CA ALA A 116 -3.53 -16.86 -5.84
C ALA A 116 -4.95 -16.36 -6.17
N ASP A 117 -5.88 -17.30 -6.20
CA ASP A 117 -7.26 -16.97 -6.50
C ASP A 117 -7.62 -15.62 -5.86
N MET A 118 -7.35 -15.53 -4.57
CA MET A 118 -7.63 -14.32 -3.82
C MET A 118 -6.82 -13.15 -4.37
N ARG A 119 -5.57 -13.42 -4.67
CA ARG A 119 -4.67 -12.40 -5.20
C ARG A 119 -5.26 -11.79 -6.46
N GLU A 120 -5.82 -12.65 -7.30
CA GLU A 120 -6.42 -12.20 -8.55
C GLU A 120 -7.65 -11.34 -8.27
N ARG A 121 -8.47 -11.84 -7.35
CA ARG A 121 -9.68 -11.13 -6.97
C ARG A 121 -9.34 -9.83 -6.26
N TYR A 122 -8.14 -9.80 -5.70
CA TYR A 122 -7.69 -8.62 -4.98
C TYR A 122 -7.26 -7.51 -5.94
N VAL A 123 -6.43 -7.89 -6.90
CA VAL A 123 -5.95 -6.95 -7.89
C VAL A 123 -7.13 -6.41 -8.70
N GLN A 124 -7.99 -7.33 -9.11
CA GLN A 124 -9.17 -6.96 -9.88
C GLN A 124 -10.06 -6.02 -9.07
N HIS A 125 -10.33 -6.44 -7.83
CA HIS A 125 -11.18 -5.65 -6.95
C HIS A 125 -10.58 -4.25 -6.79
N LEU A 126 -9.26 -4.21 -6.71
CA LEU A 126 -8.56 -2.94 -6.56
C LEU A 126 -8.75 -2.11 -7.83
N GLU A 127 -8.20 -2.62 -8.92
CA GLU A 127 -8.29 -1.92 -10.19
C GLU A 127 -9.76 -1.58 -10.50
N ALA A 128 -10.65 -2.29 -9.82
CA ALA A 128 -12.08 -2.07 -10.02
C ALA A 128 -12.48 -0.76 -9.34
N LEU A 129 -12.25 -0.72 -8.03
CA LEU A 129 -12.59 0.46 -7.25
C LEU A 129 -11.44 1.47 -7.34
N MET A 130 -10.49 1.17 -8.22
CA MET A 130 -9.35 2.04 -8.41
C MET A 130 -9.73 3.29 -9.20
N PRO A 131 -8.73 4.22 -9.34
CA PRO A 131 -8.96 5.45 -10.06
C PRO A 131 -8.98 5.20 -11.58
N GLN A 132 -8.92 6.30 -12.33
CA GLN A 132 -8.93 6.21 -13.77
C GLN A 132 -7.51 6.35 -14.33
N ALA A 133 -6.81 7.34 -13.82
CA ALA A 133 -5.44 7.59 -14.25
C ALA A 133 -4.57 7.88 -13.04
N CYS A 134 -3.81 6.87 -12.62
CA CYS A 134 -2.93 7.01 -11.47
C CYS A 134 -1.79 6.01 -11.63
N SER A 135 -0.71 6.28 -10.90
CA SER A 135 0.45 5.41 -10.95
C SER A 135 0.48 4.51 -9.71
N GLY A 136 0.21 3.23 -9.95
CA GLY A 136 0.20 2.26 -8.87
C GLY A 136 1.59 1.69 -8.63
N LEU A 137 1.89 1.42 -7.37
CA LEU A 137 3.18 0.88 -7.00
C LEU A 137 2.99 -0.15 -5.89
N LEU A 138 2.98 -1.42 -6.29
CA LEU A 138 2.81 -2.51 -5.34
C LEU A 138 4.17 -2.87 -4.74
N ILE A 139 4.16 -3.14 -3.44
CA ILE A 139 5.38 -3.51 -2.74
C ILE A 139 5.22 -4.92 -2.16
N THR A 140 6.05 -5.82 -2.68
CA THR A 140 6.01 -7.20 -2.23
C THR A 140 7.35 -7.59 -1.58
N LEU A 141 7.36 -8.75 -0.96
CA LEU A 141 8.57 -9.25 -0.32
C LEU A 141 8.80 -10.70 -0.72
N GLU A 142 10.00 -11.19 -0.40
CA GLU A 142 10.36 -12.55 -0.73
C GLU A 142 10.76 -13.31 0.54
N TYR A 143 12.06 -13.32 0.79
CA TYR A 143 12.59 -14.00 1.97
C TYR A 143 11.51 -14.17 3.03
N ASP A 144 11.30 -13.10 3.79
CA ASP A 144 10.30 -13.11 4.85
C ASP A 144 9.24 -14.17 4.52
N GLN A 145 8.92 -14.96 5.53
CA GLN A 145 7.93 -16.02 5.37
C GLN A 145 7.78 -16.82 6.66
N ALA A 146 8.89 -16.88 7.40
CA ALA A 146 8.90 -17.61 8.66
C ALA A 146 9.43 -16.70 9.77
N LEU A 147 8.86 -15.51 9.84
CA LEU A 147 9.28 -14.54 10.84
C LEU A 147 8.46 -13.25 10.66
N LEU A 148 8.08 -13.00 9.42
CA LEU A 148 7.30 -11.81 9.10
C LEU A 148 5.81 -12.16 9.14
N GLU A 149 5.07 -11.38 9.93
CA GLU A 149 3.64 -11.59 10.05
C GLU A 149 3.02 -11.90 8.69
N GLY A 150 2.66 -13.16 8.51
CA GLY A 150 2.06 -13.59 7.26
C GLY A 150 3.13 -13.90 6.22
N PRO A 151 3.15 -15.19 5.77
CA PRO A 151 4.11 -15.62 4.78
C PRO A 151 3.72 -15.13 3.39
N PRO A 152 4.60 -14.24 2.83
CA PRO A 152 4.37 -13.68 1.51
C PRO A 152 4.66 -14.70 0.42
N PHE A 153 3.81 -14.70 -0.60
CA PHE A 153 3.96 -15.62 -1.72
C PHE A 153 4.89 -15.04 -2.78
N SER A 154 5.77 -14.14 -2.34
CA SER A 154 6.71 -13.51 -3.26
C SER A 154 6.08 -13.37 -4.64
N VAL A 155 4.82 -12.94 -4.66
CA VAL A 155 4.11 -12.77 -5.91
C VAL A 155 5.07 -12.25 -6.98
N PRO A 156 5.16 -13.03 -8.09
CA PRO A 156 6.05 -12.66 -9.19
C PRO A 156 5.45 -11.52 -10.01
N GLN A 157 6.30 -10.91 -10.82
CA GLN A 157 5.88 -9.80 -11.66
C GLN A 157 5.11 -10.33 -12.88
N THR A 158 5.50 -11.50 -13.33
CA THR A 158 4.86 -12.11 -14.48
C THR A 158 3.40 -12.42 -14.17
N TRP A 159 3.17 -12.87 -12.94
CA TRP A 159 1.82 -13.19 -12.51
C TRP A 159 0.98 -11.91 -12.55
N LEU A 160 1.50 -10.89 -11.89
CA LEU A 160 0.81 -9.61 -11.83
C LEU A 160 0.52 -9.13 -13.26
N HIS A 161 1.45 -9.43 -14.15
CA HIS A 161 1.32 -9.04 -15.55
C HIS A 161 0.34 -10.00 -16.25
N ARG A 162 0.19 -11.17 -15.66
CA ARG A 162 -0.70 -12.18 -16.21
C ARG A 162 -2.15 -11.91 -15.79
N VAL A 163 -2.28 -11.40 -14.57
CA VAL A 163 -3.60 -11.10 -14.03
C VAL A 163 -3.71 -9.58 -13.84
N MET A 164 -2.83 -9.05 -13.01
CA MET A 164 -2.84 -7.62 -12.73
C MET A 164 -2.68 -6.80 -14.02
N SER A 165 -2.70 -7.52 -15.14
CA SER A 165 -2.57 -6.88 -16.44
C SER A 165 -3.93 -6.80 -17.12
N GLY A 166 -4.53 -5.62 -17.06
CA GLY A 166 -5.83 -5.40 -17.67
C GLY A 166 -6.45 -4.09 -17.17
N ASN A 167 -5.62 -3.05 -17.15
CA ASN A 167 -6.09 -1.75 -16.71
C ASN A 167 -4.92 -1.00 -16.07
N TRP A 168 -3.87 -1.75 -15.75
CA TRP A 168 -2.69 -1.17 -15.12
C TRP A 168 -1.47 -1.93 -15.63
N GLU A 169 -0.50 -1.17 -16.13
CA GLU A 169 0.72 -1.77 -16.65
C GLU A 169 1.71 -2.03 -15.51
N VAL A 170 1.66 -3.25 -14.99
CA VAL A 170 2.54 -3.64 -13.90
C VAL A 170 3.97 -3.76 -14.44
N THR A 171 4.89 -3.12 -13.72
CA THR A 171 6.30 -3.16 -14.09
C THR A 171 7.14 -3.76 -12.97
N LYS A 172 8.22 -4.42 -13.38
CA LYS A 172 9.12 -5.04 -12.42
C LYS A 172 10.01 -3.96 -11.78
N VAL A 173 10.13 -4.07 -10.46
CA VAL A 173 10.95 -3.11 -9.71
C VAL A 173 11.22 -3.68 -8.32
N GLY A 174 12.09 -2.98 -7.61
CA GLY A 174 12.45 -3.40 -6.26
C GLY A 174 13.90 -3.91 -6.21
N GLY A 175 14.26 -4.44 -5.05
CA GLY A 175 15.60 -4.97 -4.87
C GLY A 175 15.63 -6.00 -3.72
N GLN A 176 16.62 -6.87 -3.79
CA GLN A 176 16.78 -7.90 -2.78
C GLN A 176 17.90 -7.54 -1.81
N ASP A 177 17.95 -8.26 -0.70
CA ASP A 177 18.96 -8.02 0.31
C ASP A 177 18.90 -6.56 0.76
N THR A 178 17.74 -5.95 0.53
CA THR A 178 17.55 -4.55 0.90
C THR A 178 16.61 -4.46 2.11
N LEU A 179 17.17 -4.80 3.27
CA LEU A 179 16.40 -4.76 4.50
C LEU A 179 16.04 -3.31 4.81
N HIS A 180 17.03 -2.43 4.68
CA HIS A 180 16.83 -1.03 4.94
C HIS A 180 16.08 -0.38 3.77
N SER A 181 14.86 -0.86 3.54
CA SER A 181 14.04 -0.35 2.47
C SER A 181 12.57 -0.71 2.71
N SER A 182 12.37 -1.95 3.12
CA SER A 182 11.02 -2.45 3.38
C SER A 182 10.66 -2.20 4.85
N ALA A 183 9.53 -1.53 5.05
CA ALA A 183 9.07 -1.23 6.38
C ALA A 183 8.73 -2.53 7.11
N ARG A 184 8.01 -3.40 6.40
CA ARG A 184 7.62 -4.67 6.97
C ARG A 184 8.85 -5.42 7.50
N GLY A 185 10.01 -5.00 7.03
CA GLY A 185 11.25 -5.62 7.45
C GLY A 185 11.61 -5.21 8.88
N LEU A 186 11.41 -3.93 9.16
CA LEU A 186 11.70 -3.40 10.48
C LEU A 186 10.49 -3.62 11.40
N LYS A 187 9.36 -3.94 10.77
CA LYS A 187 8.14 -4.17 11.51
C LYS A 187 8.16 -5.58 12.10
N ALA A 188 8.44 -6.54 11.24
CA ALA A 188 8.50 -7.93 11.66
C ALA A 188 9.89 -8.23 12.23
N GLY A 189 10.88 -7.59 11.64
CA GLY A 189 12.25 -7.78 12.08
C GLY A 189 12.97 -8.84 11.23
N LEU A 190 13.12 -8.53 9.95
CA LEU A 190 13.76 -9.44 9.03
C LEU A 190 15.29 -9.29 9.16
N GLU A 191 15.71 -8.05 9.36
CA GLU A 191 17.13 -7.76 9.50
C GLU A 191 17.90 -8.32 8.31
N ARG A 192 17.16 -8.64 7.26
CA ARG A 192 17.76 -9.17 6.05
C ARG A 192 16.73 -9.95 5.24
N MET A 193 16.24 -9.31 4.19
CA MET A 193 15.24 -9.92 3.32
C MET A 193 15.15 -9.18 1.98
N ASP A 194 14.70 -9.90 0.98
CA ASP A 194 14.55 -9.32 -0.35
C ASP A 194 13.19 -8.64 -0.45
N GLU A 195 13.22 -7.40 -0.92
CA GLU A 195 11.99 -6.63 -1.07
C GLU A 195 11.72 -6.36 -2.55
N HIS A 196 10.63 -6.94 -3.03
CA HIS A 196 10.24 -6.77 -4.42
C HIS A 196 9.21 -5.66 -4.54
N VAL A 197 9.16 -5.07 -5.72
CA VAL A 197 8.22 -3.99 -5.97
C VAL A 197 7.78 -4.03 -7.44
N TYR A 198 6.62 -3.43 -7.70
CA TYR A 198 6.08 -3.39 -9.04
C TYR A 198 5.35 -2.07 -9.31
N VAL A 199 5.71 -1.45 -10.43
CA VAL A 199 5.09 -0.20 -10.81
C VAL A 199 3.99 -0.46 -11.85
N LEU A 200 2.77 -0.47 -11.36
CA LEU A 200 1.62 -0.70 -12.22
C LEU A 200 0.94 0.63 -12.55
N GLU A 201 1.15 1.07 -13.78
CA GLU A 201 0.57 2.32 -14.24
C GLU A 201 -0.92 2.16 -14.51
N ARG A 202 -1.73 2.65 -13.59
CA ARG A 202 -3.17 2.57 -13.73
C ARG A 202 -3.66 3.48 -14.86
N VAL A 203 -3.94 2.85 -15.99
CA VAL A 203 -4.41 3.58 -17.15
C VAL A 203 -5.90 3.89 -16.99
N HIS A 3 13.14 14.53 3.49
CA HIS A 3 13.99 13.75 4.37
C HIS A 3 14.15 12.34 3.81
N GLN A 4 13.03 11.76 3.42
CA GLN A 4 13.03 10.41 2.87
C GLN A 4 13.43 9.40 3.94
N SER A 5 14.68 9.51 4.37
CA SER A 5 15.20 8.61 5.39
C SER A 5 15.23 7.17 4.86
N GLU A 6 14.05 6.55 4.87
CA GLU A 6 13.93 5.18 4.40
C GLU A 6 12.63 5.01 3.61
N VAL A 7 12.70 5.36 2.33
CA VAL A 7 11.54 5.25 1.46
C VAL A 7 11.96 4.53 0.17
N ASN A 8 11.13 3.56 -0.23
CA ASN A 8 11.39 2.81 -1.43
C ASN A 8 12.06 3.71 -2.47
N LYS A 9 13.35 3.46 -2.68
CA LYS A 9 14.11 4.24 -3.63
C LYS A 9 13.32 4.38 -4.94
N ASP A 10 12.56 3.33 -5.23
CA ASP A 10 11.76 3.32 -6.44
C ASP A 10 10.64 4.35 -6.31
N LEU A 11 9.89 4.23 -5.21
CA LEU A 11 8.79 5.15 -4.96
C LEU A 11 9.28 6.58 -5.12
N GLN A 12 10.22 6.96 -4.27
CA GLN A 12 10.77 8.30 -4.31
C GLN A 12 11.36 8.60 -5.70
N GLN A 13 11.86 7.53 -6.33
CA GLN A 13 12.45 7.66 -7.65
C GLN A 13 11.35 7.82 -8.71
N TYR A 14 10.69 6.71 -9.00
CA TYR A 14 9.63 6.72 -9.99
C TYR A 14 8.72 7.93 -9.81
N TRP A 15 8.43 8.24 -8.54
CA TRP A 15 7.58 9.36 -8.22
C TRP A 15 8.34 10.65 -8.54
N SER A 16 9.62 10.64 -8.15
CA SER A 16 10.47 11.80 -8.39
C SER A 16 10.46 12.16 -9.87
N SER A 17 10.28 11.14 -10.70
CA SER A 17 10.24 11.34 -12.14
C SER A 17 8.80 11.51 -12.61
N LEU A 18 7.97 10.56 -12.21
CA LEU A 18 6.56 10.59 -12.59
C LEU A 18 6.06 12.04 -12.55
N ASN A 19 6.31 12.68 -11.42
CA ASN A 19 5.89 14.06 -11.24
C ASN A 19 4.36 14.14 -11.25
N VAL A 20 3.76 13.32 -10.40
CA VAL A 20 2.31 13.28 -10.30
C VAL A 20 1.78 14.66 -9.91
N VAL A 21 0.65 15.02 -10.48
CA VAL A 21 0.03 16.30 -10.21
C VAL A 21 0.22 16.64 -8.73
N PRO A 22 0.28 17.97 -8.45
CA PRO A 22 0.45 18.45 -7.08
C PRO A 22 -0.85 18.30 -6.29
N GLY A 23 -0.84 17.34 -5.37
CA GLY A 23 -2.00 17.08 -4.55
C GLY A 23 -2.75 15.83 -5.01
N ALA A 24 -2.26 15.26 -6.11
CA ALA A 24 -2.86 14.07 -6.67
C ALA A 24 -3.33 13.15 -5.53
N ARG A 25 -4.33 12.34 -5.84
CA ARG A 25 -4.87 11.41 -4.86
C ARG A 25 -4.00 10.16 -4.78
N VAL A 26 -3.48 9.91 -3.59
CA VAL A 26 -2.63 8.75 -3.36
C VAL A 26 -3.40 7.71 -2.54
N LEU A 27 -3.68 6.59 -3.19
CA LEU A 27 -4.41 5.51 -2.52
C LEU A 27 -3.41 4.48 -1.98
N VAL A 28 -3.73 3.98 -0.80
CA VAL A 28 -2.87 2.99 -0.16
C VAL A 28 -3.74 1.87 0.43
N PRO A 29 -3.80 0.74 -0.32
CA PRO A 29 -4.59 -0.40 0.13
C PRO A 29 -3.88 -1.14 1.26
N LEU A 30 -4.60 -1.30 2.35
CA LEU A 30 -4.07 -1.99 3.51
C LEU A 30 -2.54 -1.91 3.49
N CYS A 31 -2.02 -0.87 4.11
CA CYS A 31 -0.59 -0.66 4.17
C CYS A 31 -0.23 -0.12 5.55
N GLY A 32 -1.12 0.69 6.08
CA GLY A 32 -0.92 1.28 7.39
C GLY A 32 -0.30 2.68 7.28
N LYS A 33 1.02 2.72 7.49
CA LYS A 33 1.74 3.97 7.42
C LYS A 33 3.24 3.68 7.35
N SER A 34 3.95 4.53 6.61
CA SER A 34 5.38 4.38 6.46
C SER A 34 5.98 5.61 5.77
N GLN A 35 7.28 5.57 5.56
CA GLN A 35 7.98 6.67 4.92
C GLN A 35 7.34 6.98 3.56
N ASP A 36 6.67 5.97 3.01
CA ASP A 36 6.02 6.13 1.72
C ASP A 36 4.96 7.24 1.82
N MET A 37 4.04 7.05 2.74
CA MET A 37 2.98 8.02 2.95
C MET A 37 3.54 9.36 3.43
N SER A 38 4.45 9.26 4.39
CA SER A 38 5.08 10.44 4.95
C SER A 38 5.82 11.22 3.86
N TRP A 39 6.22 10.47 2.84
CA TRP A 39 6.96 11.06 1.72
C TRP A 39 5.94 11.81 0.85
N LEU A 40 4.85 11.13 0.55
CA LEU A 40 3.80 11.72 -0.27
C LEU A 40 3.40 13.07 0.32
N SER A 41 3.00 13.04 1.57
CA SER A 41 2.58 14.24 2.26
C SER A 41 3.73 15.26 2.28
N GLY A 42 4.90 14.77 2.62
CA GLY A 42 6.08 15.63 2.67
C GLY A 42 6.23 16.43 1.39
N GLN A 43 5.58 15.95 0.34
CA GLN A 43 5.63 16.61 -0.96
C GLN A 43 4.38 17.46 -1.16
N GLY A 44 3.32 17.07 -0.46
CA GLY A 44 2.06 17.79 -0.56
C GLY A 44 1.08 17.05 -1.46
N TYR A 45 0.78 15.82 -1.06
CA TYR A 45 -0.14 14.99 -1.82
C TYR A 45 -1.22 14.39 -0.91
N HIS A 46 -2.26 13.85 -1.54
CA HIS A 46 -3.34 13.24 -0.80
C HIS A 46 -2.94 11.85 -0.34
N VAL A 47 -2.44 11.79 0.88
CA VAL A 47 -2.01 10.52 1.46
C VAL A 47 -3.23 9.76 1.97
N VAL A 48 -3.71 8.84 1.14
CA VAL A 48 -4.87 8.05 1.49
C VAL A 48 -4.45 6.58 1.62
N GLY A 49 -4.90 5.96 2.71
CA GLY A 49 -4.57 4.57 2.95
C GLY A 49 -5.55 3.95 3.96
N ALA A 50 -5.55 2.62 4.00
CA ALA A 50 -6.43 1.90 4.90
C ALA A 50 -5.61 0.89 5.70
N GLU A 51 -6.10 0.57 6.88
CA GLU A 51 -5.42 -0.38 7.74
C GLU A 51 -6.33 -1.59 8.00
N LEU A 52 -5.85 -2.74 7.54
CA LEU A 52 -6.60 -3.98 7.71
C LEU A 52 -6.18 -4.65 9.02
N SER A 53 -6.56 -4.01 10.12
CA SER A 53 -6.23 -4.53 11.44
C SER A 53 -7.29 -4.08 12.45
N GLU A 54 -7.70 -5.03 13.28
CA GLU A 54 -8.70 -4.74 14.30
C GLU A 54 -8.03 -4.47 15.64
N ALA A 55 -7.08 -5.32 15.99
CA ALA A 55 -6.36 -5.18 17.24
C ALA A 55 -5.56 -3.87 17.21
N ALA A 56 -4.95 -3.61 16.07
CA ALA A 56 -4.16 -2.40 15.90
C ALA A 56 -5.07 -1.18 15.99
N VAL A 57 -6.30 -1.36 15.53
CA VAL A 57 -7.28 -0.29 15.55
C VAL A 57 -7.57 0.09 17.00
N GLU A 58 -7.93 -0.92 17.79
CA GLU A 58 -8.24 -0.70 19.19
C GLU A 58 -7.02 -0.14 19.93
N ARG A 59 -5.87 -0.70 19.60
CA ARG A 59 -4.63 -0.27 20.22
C ARG A 59 -4.32 1.18 19.83
N TYR A 60 -4.67 1.52 18.61
CA TYR A 60 -4.44 2.86 18.10
C TYR A 60 -5.29 3.88 18.86
N PHE A 61 -6.55 3.53 19.05
CA PHE A 61 -7.47 4.41 19.76
C PHE A 61 -7.11 4.50 21.24
N THR A 62 -6.57 3.40 21.76
CA THR A 62 -6.18 3.35 23.15
C THR A 62 -4.88 4.13 23.37
N GLU A 63 -3.99 4.03 22.40
CA GLU A 63 -2.72 4.71 22.48
C GLU A 63 -2.91 6.22 22.30
N ARG A 64 -3.76 6.58 21.34
CA ARG A 64 -4.04 7.97 21.06
C ARG A 64 -4.97 8.54 22.13
N GLY A 65 -5.90 7.70 22.57
CA GLY A 65 -6.86 8.12 23.59
C GLY A 65 -8.04 8.86 22.96
N GLU A 66 -8.34 8.48 21.73
CA GLU A 66 -9.44 9.11 21.01
C GLU A 66 -9.04 10.50 20.52
N GLN A 67 -9.66 10.90 19.42
CA GLN A 67 -9.38 12.22 18.84
C GLN A 67 -9.82 12.26 17.38
N PRO A 68 -9.40 11.22 16.61
CA PRO A 68 -9.74 11.13 15.20
C PRO A 68 -11.21 10.70 15.03
N HIS A 69 -11.58 10.50 13.78
CA HIS A 69 -12.94 10.09 13.46
C HIS A 69 -12.99 8.58 13.27
N ILE A 70 -13.65 7.91 14.22
CA ILE A 70 -13.77 6.46 14.16
C ILE A 70 -15.20 6.10 13.75
N THR A 71 -15.29 5.17 12.80
CA THR A 71 -16.58 4.72 12.32
C THR A 71 -16.66 3.19 12.33
N SER A 72 -17.87 2.68 12.44
CA SER A 72 -18.09 1.25 12.46
C SER A 72 -18.75 0.81 11.15
N GLN A 73 -17.92 0.29 10.25
CA GLN A 73 -18.41 -0.18 8.97
C GLN A 73 -18.84 -1.64 9.06
N GLY A 74 -20.08 -1.85 9.49
CA GLY A 74 -20.61 -3.19 9.63
C GLY A 74 -19.76 -4.03 10.56
N ASP A 75 -18.90 -4.84 9.97
CA ASP A 75 -18.02 -5.70 10.75
C ASP A 75 -16.58 -5.19 10.63
N PHE A 76 -16.46 -3.87 10.47
CA PHE A 76 -15.15 -3.25 10.34
C PHE A 76 -15.14 -1.87 10.99
N LYS A 77 -13.95 -1.28 11.05
CA LYS A 77 -13.79 0.02 11.64
C LYS A 77 -12.99 0.92 10.69
N VAL A 78 -13.14 2.22 10.88
CA VAL A 78 -12.43 3.18 10.05
C VAL A 78 -12.01 4.37 10.91
N TYR A 79 -10.70 4.46 11.12
CA TYR A 79 -10.14 5.55 11.92
C TYR A 79 -9.34 6.51 11.05
N ALA A 80 -9.96 7.64 10.74
CA ALA A 80 -9.32 8.65 9.92
C ALA A 80 -8.83 9.79 10.82
N ALA A 81 -7.71 10.38 10.41
CA ALA A 81 -7.12 11.46 11.17
C ALA A 81 -7.15 12.74 10.32
N PRO A 82 -7.13 13.90 11.03
CA PRO A 82 -7.15 15.19 10.36
C PRO A 82 -5.79 15.51 9.72
N GLY A 83 -4.80 14.69 10.08
CA GLY A 83 -3.46 14.87 9.57
C GLY A 83 -3.29 14.14 8.23
N ILE A 84 -3.64 12.86 8.23
CA ILE A 84 -3.52 12.05 7.03
C ILE A 84 -4.89 11.46 6.70
N GLU A 85 -4.96 10.83 5.53
CA GLU A 85 -6.20 10.22 5.08
C GLU A 85 -6.12 8.70 5.23
N ILE A 86 -5.75 8.27 6.43
CA ILE A 86 -5.64 6.85 6.71
C ILE A 86 -6.76 6.43 7.66
N TRP A 87 -7.46 5.38 7.26
CA TRP A 87 -8.57 4.88 8.06
C TRP A 87 -8.17 3.49 8.57
N CYS A 88 -7.87 3.43 9.86
CA CYS A 88 -7.49 2.17 10.47
C CYS A 88 -8.74 1.30 10.64
N GLY A 89 -8.54 0.00 10.49
CA GLY A 89 -9.65 -0.94 10.61
C GLY A 89 -9.71 -1.88 9.41
N ASP A 90 -10.58 -1.53 8.48
CA ASP A 90 -10.75 -2.34 7.27
C ASP A 90 -10.71 -1.43 6.04
N PHE A 91 -10.51 -2.05 4.89
CA PHE A 91 -10.45 -1.32 3.65
C PHE A 91 -11.58 -1.74 2.70
N PHE A 92 -12.70 -1.04 2.81
CA PHE A 92 -13.85 -1.33 1.97
C PHE A 92 -15.02 -0.40 2.29
N ALA A 93 -14.74 0.90 2.19
CA ALA A 93 -15.76 1.90 2.46
C ALA A 93 -15.15 3.29 2.28
N LEU A 94 -14.32 3.42 1.25
CA LEU A 94 -13.67 4.68 0.95
C LEU A 94 -13.73 4.94 -0.55
N THR A 95 -13.72 3.85 -1.31
CA THR A 95 -13.77 3.94 -2.76
C THR A 95 -12.44 4.47 -3.30
N ALA A 96 -11.46 3.58 -3.36
CA ALA A 96 -10.14 3.94 -3.86
C ALA A 96 -10.28 4.56 -5.24
N ARG A 97 -11.43 4.30 -5.87
CA ARG A 97 -11.70 4.82 -7.19
C ARG A 97 -12.08 6.31 -7.12
N ASP A 98 -12.99 6.60 -6.20
CA ASP A 98 -13.46 7.96 -6.01
C ASP A 98 -12.27 8.85 -5.63
N ILE A 99 -11.54 8.40 -4.61
CA ILE A 99 -10.39 9.14 -4.14
C ILE A 99 -9.28 9.09 -5.20
N GLY A 100 -9.01 7.89 -5.67
CA GLY A 100 -7.99 7.70 -6.68
C GLY A 100 -8.11 8.74 -7.80
N HIS A 101 -9.12 8.56 -8.63
CA HIS A 101 -9.36 9.48 -9.73
C HIS A 101 -8.08 9.64 -10.55
N CYS A 102 -7.25 10.57 -10.10
CA CYS A 102 -6.00 10.85 -10.78
C CYS A 102 -4.92 11.06 -9.71
N ALA A 103 -3.77 10.44 -9.96
CA ALA A 103 -2.65 10.55 -9.04
C ALA A 103 -1.85 9.26 -9.06
N ALA A 104 -1.94 8.52 -7.95
CA ALA A 104 -1.22 7.26 -7.84
C ALA A 104 -1.66 6.54 -6.55
N PHE A 105 -0.96 5.46 -6.26
CA PHE A 105 -1.26 4.69 -5.06
C PHE A 105 -0.14 3.71 -4.74
N TYR A 106 0.10 3.53 -3.45
CA TYR A 106 1.14 2.62 -3.00
C TYR A 106 0.55 1.35 -2.40
N ASP A 107 0.89 0.23 -3.03
CA ASP A 107 0.40 -1.06 -2.59
C ASP A 107 1.53 -1.82 -1.88
N ARG A 108 1.16 -2.50 -0.80
CA ARG A 108 2.14 -3.26 -0.03
C ARG A 108 1.88 -4.76 -0.20
N ALA A 109 2.82 -5.55 0.29
CA ALA A 109 2.71 -7.00 0.20
C ALA A 109 1.47 -7.45 0.95
N ALA A 110 0.43 -7.74 0.18
CA ALA A 110 -0.83 -8.20 0.76
C ALA A 110 -1.31 -9.44 0.00
N MET A 111 -1.29 -9.34 -1.32
CA MET A 111 -1.72 -10.45 -2.16
C MET A 111 -0.77 -11.64 -2.03
N ILE A 112 0.45 -11.34 -1.59
CA ILE A 112 1.46 -12.37 -1.41
C ILE A 112 1.09 -13.24 -0.21
N ALA A 113 0.20 -12.70 0.62
CA ALA A 113 -0.24 -13.41 1.81
C ALA A 113 -1.51 -14.18 1.49
N LEU A 114 -2.02 -13.95 0.28
CA LEU A 114 -3.24 -14.61 -0.15
C LEU A 114 -2.89 -15.59 -1.27
N PRO A 115 -3.88 -16.49 -1.57
CA PRO A 115 -3.69 -17.49 -2.61
C PRO A 115 -3.80 -16.86 -4.00
N ALA A 116 -3.68 -17.71 -5.01
CA ALA A 116 -3.76 -17.24 -6.38
C ALA A 116 -5.15 -16.68 -6.65
N ASP A 117 -6.14 -17.56 -6.60
CA ASP A 117 -7.52 -17.17 -6.83
C ASP A 117 -7.77 -15.83 -6.15
N MET A 118 -7.59 -15.82 -4.84
CA MET A 118 -7.80 -14.60 -4.07
C MET A 118 -6.90 -13.47 -4.57
N ARG A 119 -5.65 -13.81 -4.82
CA ARG A 119 -4.68 -12.84 -5.30
C ARG A 119 -5.24 -12.13 -6.54
N GLU A 120 -5.87 -12.90 -7.41
CA GLU A 120 -6.43 -12.36 -8.63
C GLU A 120 -7.67 -11.51 -8.31
N ARG A 121 -8.43 -11.98 -7.32
CA ARG A 121 -9.63 -11.29 -6.91
C ARG A 121 -9.28 -9.98 -6.21
N TYR A 122 -8.07 -9.93 -5.68
CA TYR A 122 -7.59 -8.75 -4.99
C TYR A 122 -7.10 -7.69 -5.98
N VAL A 123 -6.20 -8.12 -6.84
CA VAL A 123 -5.63 -7.22 -7.84
C VAL A 123 -6.76 -6.74 -8.77
N GLN A 124 -7.72 -7.62 -8.98
CA GLN A 124 -8.85 -7.29 -9.84
C GLN A 124 -9.82 -6.36 -9.12
N HIS A 125 -10.15 -6.74 -7.88
CA HIS A 125 -11.06 -5.95 -7.07
C HIS A 125 -10.51 -4.54 -6.90
N LEU A 126 -9.19 -4.46 -6.80
CA LEU A 126 -8.52 -3.18 -6.63
C LEU A 126 -8.63 -2.38 -7.93
N GLU A 127 -8.01 -2.93 -8.97
CA GLU A 127 -8.03 -2.27 -10.27
C GLU A 127 -9.47 -1.89 -10.66
N ALA A 128 -10.41 -2.58 -10.04
CA ALA A 128 -11.82 -2.33 -10.31
C ALA A 128 -12.24 -1.06 -9.59
N LEU A 129 -12.03 -1.06 -8.28
CA LEU A 129 -12.40 0.09 -7.46
C LEU A 129 -11.30 1.14 -7.56
N MET A 130 -10.31 0.84 -8.39
CA MET A 130 -9.19 1.75 -8.58
C MET A 130 -9.63 3.00 -9.37
N PRO A 131 -8.67 3.96 -9.49
CA PRO A 131 -8.94 5.19 -10.22
C PRO A 131 -8.95 4.94 -11.74
N GLN A 132 -8.69 6.01 -12.47
CA GLN A 132 -8.67 5.93 -13.92
C GLN A 132 -7.28 6.29 -14.45
N ALA A 133 -6.66 7.25 -13.78
CA ALA A 133 -5.32 7.70 -14.17
C ALA A 133 -4.48 7.94 -12.91
N CYS A 134 -3.85 6.86 -12.44
CA CYS A 134 -3.02 6.94 -11.26
C CYS A 134 -1.93 5.86 -11.37
N SER A 135 -0.77 6.21 -10.86
CA SER A 135 0.36 5.29 -10.89
C SER A 135 0.39 4.46 -9.60
N GLY A 136 0.37 3.15 -9.78
CA GLY A 136 0.40 2.23 -8.65
C GLY A 136 1.80 1.65 -8.46
N LEU A 137 2.15 1.48 -7.19
CA LEU A 137 3.46 0.94 -6.85
C LEU A 137 3.29 -0.20 -5.84
N LEU A 138 3.34 -1.42 -6.36
CA LEU A 138 3.19 -2.59 -5.52
C LEU A 138 4.55 -2.98 -4.94
N ILE A 139 4.55 -3.30 -3.66
CA ILE A 139 5.76 -3.69 -2.97
C ILE A 139 5.58 -5.07 -2.34
N THR A 140 6.27 -6.05 -2.91
CA THR A 140 6.19 -7.41 -2.41
C THR A 140 7.51 -7.82 -1.75
N LEU A 141 7.53 -9.04 -1.23
CA LEU A 141 8.71 -9.56 -0.58
C LEU A 141 8.90 -11.02 -0.97
N GLU A 142 10.08 -11.54 -0.63
CA GLU A 142 10.40 -12.92 -0.93
C GLU A 142 10.97 -13.62 0.30
N TYR A 143 12.27 -13.47 0.47
CA TYR A 143 12.95 -14.08 1.60
C TYR A 143 12.00 -14.23 2.80
N ASP A 144 11.71 -13.10 3.42
CA ASP A 144 10.83 -13.09 4.58
C ASP A 144 9.73 -14.15 4.38
N GLN A 145 9.38 -14.80 5.48
CA GLN A 145 8.36 -15.83 5.44
C GLN A 145 8.42 -16.67 6.72
N ALA A 146 9.60 -16.71 7.32
CA ALA A 146 9.79 -17.47 8.54
C ALA A 146 10.03 -16.52 9.70
N LEU A 147 9.33 -15.39 9.66
CA LEU A 147 9.45 -14.39 10.71
C LEU A 147 8.52 -13.21 10.39
N LEU A 148 8.32 -12.99 9.10
CA LEU A 148 7.47 -11.91 8.65
C LEU A 148 6.00 -12.30 8.85
N GLU A 149 5.32 -11.50 9.68
CA GLU A 149 3.92 -11.76 9.96
C GLU A 149 3.19 -12.21 8.69
N GLY A 150 2.86 -13.49 8.67
CA GLY A 150 2.16 -14.06 7.53
C GLY A 150 3.16 -14.56 6.47
N PRO A 151 2.96 -15.84 6.05
CA PRO A 151 3.82 -16.45 5.06
C PRO A 151 3.50 -15.91 3.66
N PRO A 152 4.46 -15.11 3.12
CA PRO A 152 4.30 -14.52 1.80
C PRO A 152 4.52 -15.57 0.71
N PHE A 153 3.83 -15.37 -0.40
CA PHE A 153 3.94 -16.28 -1.52
C PHE A 153 4.84 -15.71 -2.62
N SER A 154 5.71 -14.79 -2.20
CA SER A 154 6.63 -14.16 -3.13
C SER A 154 6.01 -14.09 -4.52
N VAL A 155 4.79 -13.57 -4.57
CA VAL A 155 4.08 -13.44 -5.82
C VAL A 155 5.08 -13.12 -6.94
N PRO A 156 5.07 -14.01 -7.99
CA PRO A 156 5.96 -13.83 -9.11
C PRO A 156 5.48 -12.70 -10.02
N GLN A 157 6.34 -11.68 -10.16
CA GLN A 157 6.01 -10.54 -10.99
C GLN A 157 5.23 -10.99 -12.23
N THR A 158 5.76 -12.01 -12.89
CA THR A 158 5.13 -12.54 -14.08
C THR A 158 3.64 -12.75 -13.85
N TRP A 159 3.32 -13.27 -12.67
CA TRP A 159 1.93 -13.52 -12.31
C TRP A 159 1.19 -12.18 -12.35
N LEU A 160 1.80 -11.18 -11.76
CA LEU A 160 1.21 -9.85 -11.73
C LEU A 160 0.90 -9.40 -13.15
N HIS A 161 1.86 -9.62 -14.03
CA HIS A 161 1.69 -9.24 -15.43
C HIS A 161 0.72 -10.20 -16.12
N ARG A 162 0.52 -11.35 -15.47
CA ARG A 162 -0.38 -12.35 -16.00
C ARG A 162 -1.83 -12.01 -15.65
N VAL A 163 -2.01 -11.50 -14.44
CA VAL A 163 -3.34 -11.13 -13.97
C VAL A 163 -3.39 -9.61 -13.79
N MET A 164 -2.49 -9.11 -12.96
CA MET A 164 -2.43 -7.69 -12.69
C MET A 164 -2.23 -6.89 -13.97
N SER A 165 -2.28 -7.61 -15.09
CA SER A 165 -2.11 -6.98 -16.39
C SER A 165 -3.45 -6.94 -17.13
N GLY A 166 -4.07 -5.77 -17.08
CA GLY A 166 -5.35 -5.59 -17.74
C GLY A 166 -6.11 -4.39 -17.17
N ASN A 167 -5.38 -3.29 -17.04
CA ASN A 167 -5.96 -2.06 -16.50
C ASN A 167 -4.85 -1.20 -15.89
N TRP A 168 -3.73 -1.85 -15.62
CA TRP A 168 -2.59 -1.16 -15.04
C TRP A 168 -1.32 -1.79 -15.61
N GLU A 169 -0.48 -0.93 -16.18
CA GLU A 169 0.77 -1.38 -16.77
C GLU A 169 1.79 -1.68 -15.67
N VAL A 170 1.80 -2.94 -15.25
CA VAL A 170 2.71 -3.37 -14.21
C VAL A 170 4.13 -3.41 -14.78
N THR A 171 5.04 -2.75 -14.06
CA THR A 171 6.43 -2.70 -14.48
C THR A 171 7.33 -3.28 -13.39
N LYS A 172 8.06 -4.32 -13.76
CA LYS A 172 8.97 -4.98 -12.83
C LYS A 172 9.96 -3.94 -12.28
N VAL A 173 10.30 -4.11 -11.02
CA VAL A 173 11.23 -3.21 -10.37
C VAL A 173 11.54 -3.72 -8.95
N GLY A 174 12.58 -3.16 -8.37
CA GLY A 174 12.98 -3.54 -7.02
C GLY A 174 14.10 -4.59 -7.07
N GLY A 175 14.21 -5.34 -5.98
CA GLY A 175 15.23 -6.37 -5.89
C GLY A 175 15.38 -6.86 -4.45
N GLN A 176 16.64 -6.93 -4.01
CA GLN A 176 16.93 -7.39 -2.66
C GLN A 176 17.91 -6.42 -1.98
N ASP A 177 18.18 -6.69 -0.72
CA ASP A 177 19.08 -5.86 0.05
C ASP A 177 18.36 -4.59 0.49
N THR A 178 17.09 -4.50 0.11
CA THR A 178 16.28 -3.34 0.44
C THR A 178 15.12 -3.76 1.35
N LEU A 179 15.45 -4.03 2.60
CA LEU A 179 14.45 -4.43 3.58
C LEU A 179 13.88 -3.19 4.27
N HIS A 180 14.76 -2.24 4.52
CA HIS A 180 14.37 -1.00 5.17
C HIS A 180 13.28 -0.32 4.35
N SER A 181 13.26 -0.65 3.06
CA SER A 181 12.27 -0.07 2.16
C SER A 181 10.87 -0.32 2.69
N SER A 182 10.53 -1.60 2.80
CA SER A 182 9.21 -1.99 3.29
C SER A 182 9.15 -1.80 4.81
N ALA A 183 7.96 -1.50 5.29
CA ALA A 183 7.74 -1.30 6.72
C ALA A 183 7.48 -2.65 7.38
N ARG A 184 6.56 -3.40 6.79
CA ARG A 184 6.22 -4.71 7.32
C ARG A 184 7.47 -5.44 7.80
N GLY A 185 8.58 -5.12 7.16
CA GLY A 185 9.85 -5.74 7.51
C GLY A 185 10.32 -5.28 8.90
N LEU A 186 10.58 -3.99 9.01
CA LEU A 186 11.04 -3.42 10.26
C LEU A 186 10.01 -3.74 11.35
N LYS A 187 8.82 -4.10 10.92
CA LYS A 187 7.75 -4.43 11.85
C LYS A 187 7.91 -5.88 12.30
N ALA A 188 8.29 -6.73 11.36
CA ALA A 188 8.49 -8.14 11.64
C ALA A 188 9.88 -8.35 12.23
N GLY A 189 10.84 -7.62 11.67
CA GLY A 189 12.22 -7.72 12.13
C GLY A 189 13.06 -8.55 11.16
N LEU A 190 13.10 -8.11 9.92
CA LEU A 190 13.86 -8.81 8.90
C LEU A 190 15.32 -8.35 8.95
N GLU A 191 15.49 -7.04 8.90
CA GLU A 191 16.83 -6.46 8.94
C GLU A 191 17.59 -6.80 7.66
N ARG A 192 16.88 -7.44 6.74
CA ARG A 192 17.49 -7.83 5.48
C ARG A 192 16.64 -8.91 4.80
N MET A 193 16.09 -8.55 3.65
CA MET A 193 15.25 -9.46 2.89
C MET A 193 15.02 -8.94 1.47
N ASP A 194 14.75 -9.87 0.57
CA ASP A 194 14.48 -9.53 -0.81
C ASP A 194 13.10 -8.90 -0.93
N GLU A 195 13.08 -7.69 -1.48
CA GLU A 195 11.82 -6.97 -1.65
C GLU A 195 11.58 -6.70 -3.14
N HIS A 196 10.44 -7.20 -3.62
CA HIS A 196 10.07 -7.01 -5.01
C HIS A 196 9.21 -5.75 -5.16
N VAL A 197 9.30 -5.14 -6.33
CA VAL A 197 8.54 -3.93 -6.60
C VAL A 197 7.99 -4.00 -8.03
N TYR A 198 6.84 -3.38 -8.21
CA TYR A 198 6.19 -3.35 -9.51
C TYR A 198 5.39 -2.07 -9.71
N VAL A 199 5.84 -1.26 -10.66
CA VAL A 199 5.18 0.00 -10.96
C VAL A 199 4.07 -0.25 -11.98
N LEU A 200 2.85 -0.39 -11.47
CA LEU A 200 1.70 -0.63 -12.31
C LEU A 200 0.97 0.70 -12.55
N GLU A 201 1.09 1.21 -13.76
CA GLU A 201 0.45 2.45 -14.12
C GLU A 201 -1.05 2.23 -14.37
N ARG A 202 -1.85 2.60 -13.38
CA ARG A 202 -3.28 2.44 -13.48
C ARG A 202 -3.84 3.35 -14.58
N VAL A 203 -4.17 2.74 -15.70
CA VAL A 203 -4.71 3.46 -16.83
C VAL A 203 -6.23 3.57 -16.69
N HIS A 3 9.53 9.41 6.90
CA HIS A 3 9.64 10.59 6.05
C HIS A 3 10.62 10.32 4.91
N GLN A 4 11.87 10.67 5.16
CA GLN A 4 12.91 10.47 4.17
C GLN A 4 13.96 9.47 4.68
N SER A 5 15.18 9.65 4.20
CA SER A 5 16.28 8.78 4.61
C SER A 5 16.06 7.38 4.02
N GLU A 6 14.93 6.79 4.37
CA GLU A 6 14.60 5.46 3.89
C GLU A 6 13.11 5.37 3.54
N VAL A 7 12.81 5.79 2.32
CA VAL A 7 11.43 5.77 1.85
C VAL A 7 11.38 5.11 0.47
N ASN A 8 11.45 3.79 0.48
CA ASN A 8 11.41 3.03 -0.78
C ASN A 8 12.15 3.82 -1.85
N LYS A 9 13.44 3.52 -1.98
CA LYS A 9 14.26 4.19 -2.97
C LYS A 9 13.50 4.26 -4.31
N ASP A 10 12.77 3.19 -4.59
CA ASP A 10 12.01 3.11 -5.82
C ASP A 10 10.89 4.16 -5.77
N LEU A 11 10.10 4.09 -4.71
CA LEU A 11 8.99 5.03 -4.54
C LEU A 11 9.49 6.45 -4.82
N GLN A 12 10.38 6.91 -3.95
CA GLN A 12 10.94 8.24 -4.09
C GLN A 12 11.57 8.41 -5.46
N GLN A 13 12.17 7.33 -5.95
CA GLN A 13 12.81 7.35 -7.25
C GLN A 13 11.77 7.51 -8.36
N TYR A 14 11.15 6.39 -8.72
CA TYR A 14 10.14 6.39 -9.76
C TYR A 14 9.18 7.58 -9.59
N TRP A 15 8.61 7.67 -8.40
CA TRP A 15 7.68 8.74 -8.10
C TRP A 15 8.35 10.07 -8.51
N SER A 16 9.49 10.33 -7.91
CA SER A 16 10.23 11.54 -8.20
C SER A 16 10.26 11.80 -9.71
N SER A 17 10.38 10.71 -10.45
CA SER A 17 10.43 10.79 -11.90
C SER A 17 9.01 10.95 -12.46
N LEU A 18 8.12 10.11 -11.96
CA LEU A 18 6.73 10.14 -12.39
C LEU A 18 6.28 11.60 -12.53
N ASN A 19 6.54 12.36 -11.48
CA ASN A 19 6.17 13.77 -11.46
C ASN A 19 4.67 13.89 -11.73
N VAL A 20 3.88 13.29 -10.84
CA VAL A 20 2.44 13.33 -10.98
C VAL A 20 1.92 14.67 -10.46
N VAL A 21 0.78 15.07 -10.99
CA VAL A 21 0.16 16.33 -10.59
C VAL A 21 0.45 16.59 -9.11
N PRO A 22 0.69 17.89 -8.79
CA PRO A 22 0.98 18.28 -7.42
C PRO A 22 -0.29 18.24 -6.56
N GLY A 23 -0.34 17.26 -5.67
CA GLY A 23 -1.48 17.11 -4.78
C GLY A 23 -2.32 15.88 -5.17
N ALA A 24 -1.92 15.26 -6.27
CA ALA A 24 -2.62 14.08 -6.75
C ALA A 24 -3.03 13.21 -5.57
N ARG A 25 -4.05 12.40 -5.79
CA ARG A 25 -4.55 11.52 -4.75
C ARG A 25 -3.71 10.24 -4.70
N VAL A 26 -3.12 9.99 -3.53
CA VAL A 26 -2.29 8.81 -3.34
C VAL A 26 -3.04 7.81 -2.47
N LEU A 27 -3.45 6.71 -3.08
CA LEU A 27 -4.17 5.67 -2.38
C LEU A 27 -3.18 4.60 -1.90
N VAL A 28 -3.43 4.10 -0.71
CA VAL A 28 -2.58 3.07 -0.14
C VAL A 28 -3.45 2.04 0.58
N PRO A 29 -3.61 0.86 -0.08
CA PRO A 29 -4.40 -0.21 0.49
C PRO A 29 -3.66 -0.91 1.63
N LEU A 30 -4.40 -1.24 2.68
CA LEU A 30 -3.83 -1.91 3.84
C LEU A 30 -2.34 -1.56 3.92
N CYS A 31 -2.07 -0.27 3.83
CA CYS A 31 -0.69 0.21 3.91
C CYS A 31 -0.52 0.96 5.23
N GLY A 32 -1.60 1.57 5.68
CA GLY A 32 -1.57 2.32 6.92
C GLY A 32 -0.64 3.52 6.82
N LYS A 33 0.43 3.48 7.59
CA LYS A 33 1.40 4.57 7.59
C LYS A 33 2.81 3.99 7.40
N SER A 34 3.67 4.79 6.80
CA SER A 34 5.03 4.38 6.55
C SER A 34 5.84 5.54 5.97
N GLN A 35 7.09 5.25 5.63
CA GLN A 35 7.97 6.25 5.07
C GLN A 35 7.38 6.80 3.76
N ASP A 36 6.91 5.88 2.93
CA ASP A 36 6.32 6.25 1.65
C ASP A 36 5.28 7.34 1.88
N MET A 37 4.29 7.01 2.71
CA MET A 37 3.23 7.94 3.01
C MET A 37 3.78 9.29 3.46
N SER A 38 4.67 9.22 4.45
CA SER A 38 5.28 10.42 4.98
C SER A 38 6.02 11.18 3.87
N TRP A 39 6.40 10.43 2.85
CA TRP A 39 7.11 11.00 1.72
C TRP A 39 6.09 11.69 0.82
N LEU A 40 4.89 11.12 0.79
CA LEU A 40 3.82 11.66 -0.02
C LEU A 40 3.33 12.97 0.59
N SER A 41 2.92 12.88 1.85
CA SER A 41 2.43 14.05 2.56
C SER A 41 3.53 15.11 2.66
N GLY A 42 4.74 14.63 2.95
CA GLY A 42 5.89 15.52 3.07
C GLY A 42 6.12 16.29 1.77
N GLN A 43 5.70 15.69 0.67
CA GLN A 43 5.85 16.30 -0.63
C GLN A 43 4.70 17.28 -0.90
N GLY A 44 3.51 16.88 -0.46
CA GLY A 44 2.33 17.71 -0.65
C GLY A 44 1.30 16.99 -1.53
N TYR A 45 0.96 15.78 -1.12
CA TYR A 45 -0.02 14.99 -1.86
C TYR A 45 -1.17 14.54 -0.95
N HIS A 46 -2.22 14.06 -1.59
CA HIS A 46 -3.38 13.60 -0.85
C HIS A 46 -3.17 12.15 -0.41
N VAL A 47 -2.54 12.00 0.74
CA VAL A 47 -2.27 10.68 1.28
C VAL A 47 -3.57 10.07 1.81
N VAL A 48 -3.97 8.98 1.18
CA VAL A 48 -5.19 8.29 1.57
C VAL A 48 -5.00 6.78 1.42
N GLY A 49 -5.56 6.05 2.36
CA GLY A 49 -5.45 4.60 2.35
C GLY A 49 -6.22 3.98 3.51
N ALA A 50 -6.09 2.67 3.64
CA ALA A 50 -6.77 1.94 4.71
C ALA A 50 -5.77 1.02 5.41
N GLU A 51 -6.15 0.59 6.61
CA GLU A 51 -5.30 -0.29 7.39
C GLU A 51 -6.05 -1.57 7.76
N LEU A 52 -5.42 -2.69 7.44
CA LEU A 52 -6.03 -3.98 7.73
C LEU A 52 -5.49 -4.50 9.07
N SER A 53 -5.91 -3.84 10.13
CA SER A 53 -5.48 -4.23 11.47
C SER A 53 -6.54 -3.83 12.50
N GLU A 54 -6.86 -4.78 13.37
CA GLU A 54 -7.84 -4.55 14.41
C GLU A 54 -7.17 -4.19 15.72
N ALA A 55 -6.12 -4.93 16.04
CA ALA A 55 -5.37 -4.70 17.26
C ALA A 55 -4.72 -3.32 17.20
N ALA A 56 -4.13 -3.03 16.07
CA ALA A 56 -3.46 -1.75 15.87
C ALA A 56 -4.49 -0.62 16.02
N VAL A 57 -5.70 -0.90 15.58
CA VAL A 57 -6.78 0.07 15.66
C VAL A 57 -7.06 0.39 17.13
N GLU A 58 -7.30 -0.66 17.89
CA GLU A 58 -7.59 -0.51 19.31
C GLU A 58 -6.42 0.18 20.02
N ARG A 59 -5.23 -0.21 19.62
CA ARG A 59 -4.02 0.36 20.19
C ARG A 59 -3.91 1.84 19.85
N TYR A 60 -4.39 2.18 18.66
CA TYR A 60 -4.36 3.55 18.19
C TYR A 60 -5.33 4.43 18.98
N PHE A 61 -6.49 3.85 19.27
CA PHE A 61 -7.50 4.56 20.02
C PHE A 61 -7.10 4.71 21.49
N THR A 62 -6.39 3.71 21.99
CA THR A 62 -5.94 3.71 23.36
C THR A 62 -4.73 4.63 23.52
N GLU A 63 -3.82 4.53 22.56
CA GLU A 63 -2.61 5.34 22.58
C GLU A 63 -2.97 6.82 22.48
N ARG A 64 -3.83 7.13 21.52
CA ARG A 64 -4.25 8.49 21.30
C ARG A 64 -5.27 8.91 22.37
N GLY A 65 -6.12 7.96 22.73
CA GLY A 65 -7.14 8.21 23.73
C GLY A 65 -8.35 8.91 23.11
N GLU A 66 -8.60 8.60 21.85
CA GLU A 66 -9.72 9.19 21.14
C GLU A 66 -9.34 10.57 20.60
N GLN A 67 -9.98 10.93 19.49
CA GLN A 67 -9.72 12.21 18.86
C GLN A 67 -10.18 12.20 17.41
N PRO A 68 -9.74 11.13 16.68
CA PRO A 68 -10.11 10.98 15.28
C PRO A 68 -11.57 10.54 15.13
N HIS A 69 -11.92 10.17 13.91
CA HIS A 69 -13.27 9.72 13.63
C HIS A 69 -13.27 8.20 13.39
N ILE A 70 -13.86 7.49 14.34
CA ILE A 70 -13.94 6.03 14.25
C ILE A 70 -15.27 5.64 13.62
N THR A 71 -15.19 4.77 12.63
CA THR A 71 -16.37 4.29 11.93
C THR A 71 -16.42 2.77 11.92
N SER A 72 -17.62 2.24 12.03
CA SER A 72 -17.82 0.80 12.02
C SER A 72 -18.65 0.38 10.82
N GLN A 73 -17.95 0.07 9.73
CA GLN A 73 -18.62 -0.35 8.51
C GLN A 73 -18.72 -1.88 8.46
N GLY A 74 -19.86 -2.38 8.86
CA GLY A 74 -20.11 -3.82 8.86
C GLY A 74 -19.20 -4.52 9.87
N ASP A 75 -18.25 -5.28 9.34
CA ASP A 75 -17.32 -6.00 10.18
C ASP A 75 -15.93 -5.37 10.06
N PHE A 76 -15.91 -4.19 9.47
CA PHE A 76 -14.65 -3.47 9.28
C PHE A 76 -14.70 -2.11 9.98
N LYS A 77 -13.54 -1.68 10.44
CA LYS A 77 -13.43 -0.40 11.14
C LYS A 77 -12.79 0.61 10.20
N VAL A 78 -13.06 1.89 10.48
CA VAL A 78 -12.52 2.96 9.67
C VAL A 78 -12.07 4.11 10.60
N TYR A 79 -10.77 4.13 10.87
CA TYR A 79 -10.21 5.16 11.73
C TYR A 79 -9.54 6.25 10.90
N ALA A 80 -10.25 7.36 10.76
CA ALA A 80 -9.75 8.49 9.99
C ALA A 80 -9.16 9.53 10.96
N ALA A 81 -7.99 10.01 10.60
CA ALA A 81 -7.31 11.01 11.42
C ALA A 81 -7.35 12.36 10.71
N PRO A 82 -7.24 13.45 11.53
CA PRO A 82 -7.26 14.79 10.99
C PRO A 82 -5.94 15.13 10.30
N GLY A 83 -5.99 15.18 8.98
CA GLY A 83 -4.80 15.49 8.19
C GLY A 83 -4.65 14.51 7.03
N ILE A 84 -4.60 13.23 7.37
CA ILE A 84 -4.46 12.19 6.37
C ILE A 84 -5.78 11.44 6.22
N GLU A 85 -5.92 10.78 5.08
CA GLU A 85 -7.14 10.01 4.81
C GLU A 85 -6.88 8.52 5.03
N ILE A 86 -6.31 8.22 6.17
CA ILE A 86 -6.01 6.84 6.52
C ILE A 86 -7.07 6.31 7.48
N TRP A 87 -7.76 5.26 7.05
CA TRP A 87 -8.80 4.66 7.85
C TRP A 87 -8.28 3.32 8.38
N CYS A 88 -7.90 3.32 9.65
CA CYS A 88 -7.39 2.12 10.27
C CYS A 88 -8.56 1.16 10.52
N GLY A 89 -8.30 -0.12 10.30
CA GLY A 89 -9.31 -1.14 10.49
C GLY A 89 -9.30 -2.14 9.34
N ASP A 90 -10.21 -1.94 8.40
CA ASP A 90 -10.32 -2.82 7.25
C ASP A 90 -10.46 -1.97 5.98
N PHE A 91 -10.23 -2.62 4.85
CA PHE A 91 -10.33 -1.95 3.57
C PHE A 91 -11.50 -2.50 2.75
N PHE A 92 -12.54 -1.70 2.63
CA PHE A 92 -13.72 -2.09 1.89
C PHE A 92 -14.91 -1.20 2.22
N ALA A 93 -14.64 0.09 2.31
CA ALA A 93 -15.67 1.06 2.61
C ALA A 93 -15.53 2.27 1.69
N LEU A 94 -14.29 2.69 1.51
CA LEU A 94 -14.00 3.84 0.66
C LEU A 94 -14.00 3.38 -0.80
N THR A 95 -13.59 4.30 -1.67
CA THR A 95 -13.53 4.01 -3.10
C THR A 95 -12.32 4.69 -3.73
N ALA A 96 -11.23 3.93 -3.80
CA ALA A 96 -10.00 4.44 -4.38
C ALA A 96 -10.31 5.10 -5.73
N ARG A 97 -11.49 4.80 -6.23
CA ARG A 97 -11.92 5.35 -7.51
C ARG A 97 -12.15 6.86 -7.39
N ASP A 98 -13.00 7.22 -6.45
CA ASP A 98 -13.32 8.62 -6.22
C ASP A 98 -12.10 9.33 -5.63
N ILE A 99 -11.62 8.78 -4.51
CA ILE A 99 -10.46 9.34 -3.84
C ILE A 99 -9.29 9.41 -4.82
N GLY A 100 -8.95 8.25 -5.37
CA GLY A 100 -7.86 8.17 -6.32
C GLY A 100 -8.07 9.12 -7.50
N HIS A 101 -9.01 8.75 -8.36
CA HIS A 101 -9.33 9.55 -9.52
C HIS A 101 -8.08 9.72 -10.39
N CYS A 102 -7.20 10.59 -9.93
CA CYS A 102 -5.96 10.85 -10.65
C CYS A 102 -4.84 11.08 -9.63
N ALA A 103 -3.71 10.44 -9.89
CA ALA A 103 -2.56 10.56 -9.00
C ALA A 103 -1.77 9.25 -9.04
N ALA A 104 -1.78 8.56 -7.91
CA ALA A 104 -1.06 7.30 -7.79
C ALA A 104 -1.60 6.52 -6.59
N PHE A 105 -1.02 5.35 -6.38
CA PHE A 105 -1.42 4.50 -5.28
C PHE A 105 -0.31 3.52 -4.89
N TYR A 106 0.11 3.62 -3.64
CA TYR A 106 1.17 2.75 -3.14
C TYR A 106 0.58 1.47 -2.54
N ASP A 107 0.90 0.36 -3.18
CA ASP A 107 0.42 -0.93 -2.73
C ASP A 107 1.55 -1.66 -1.99
N ARG A 108 1.23 -2.10 -0.78
CA ARG A 108 2.19 -2.80 0.05
C ARG A 108 1.94 -4.31 0.00
N ALA A 109 2.96 -5.06 0.33
CA ALA A 109 2.86 -6.52 0.33
C ALA A 109 1.61 -6.93 1.10
N ALA A 110 0.62 -7.39 0.33
CA ALA A 110 -0.64 -7.83 0.93
C ALA A 110 -1.13 -9.08 0.21
N MET A 111 -1.28 -8.94 -1.11
CA MET A 111 -1.74 -10.04 -1.92
C MET A 111 -0.71 -11.18 -1.95
N ILE A 112 0.51 -10.83 -1.58
CA ILE A 112 1.60 -11.79 -1.56
C ILE A 112 1.35 -12.81 -0.44
N ALA A 113 0.47 -12.42 0.48
CA ALA A 113 0.15 -13.28 1.60
C ALA A 113 -0.92 -14.29 1.17
N LEU A 114 -2.02 -13.76 0.65
CA LEU A 114 -3.10 -14.60 0.20
C LEU A 114 -2.63 -15.49 -0.95
N PRO A 115 -3.49 -16.47 -1.33
CA PRO A 115 -3.16 -17.38 -2.41
C PRO A 115 -3.29 -16.69 -3.77
N ALA A 116 -3.39 -17.52 -4.81
CA ALA A 116 -3.53 -17.01 -6.16
C ALA A 116 -4.96 -16.50 -6.37
N ASP A 117 -5.90 -17.44 -6.32
CA ASP A 117 -7.30 -17.11 -6.50
C ASP A 117 -7.60 -15.78 -5.80
N MET A 118 -7.42 -15.80 -4.49
CA MET A 118 -7.66 -14.61 -3.69
C MET A 118 -6.91 -13.40 -4.25
N ARG A 119 -5.65 -13.63 -4.56
CA ARG A 119 -4.81 -12.58 -5.11
C ARG A 119 -5.49 -11.90 -6.29
N GLU A 120 -5.76 -12.71 -7.31
CA GLU A 120 -6.41 -12.21 -8.51
C GLU A 120 -7.66 -11.40 -8.14
N ARG A 121 -8.42 -11.94 -7.21
CA ARG A 121 -9.63 -11.28 -6.75
C ARG A 121 -9.29 -9.99 -6.02
N TYR A 122 -8.08 -9.95 -5.47
CA TYR A 122 -7.61 -8.80 -4.74
C TYR A 122 -7.16 -7.69 -5.69
N VAL A 123 -6.32 -8.09 -6.65
CA VAL A 123 -5.80 -7.15 -7.63
C VAL A 123 -6.95 -6.65 -8.51
N GLN A 124 -7.85 -7.56 -8.82
CA GLN A 124 -9.01 -7.21 -9.65
C GLN A 124 -9.94 -6.27 -8.89
N HIS A 125 -10.27 -6.67 -7.67
CA HIS A 125 -11.15 -5.86 -6.84
C HIS A 125 -10.50 -4.51 -6.57
N LEU A 126 -9.20 -4.54 -6.35
CA LEU A 126 -8.46 -3.32 -6.08
C LEU A 126 -8.51 -2.41 -7.31
N GLU A 127 -7.90 -2.89 -8.39
CA GLU A 127 -7.87 -2.14 -9.63
C GLU A 127 -9.29 -1.74 -10.05
N ALA A 128 -10.26 -2.49 -9.53
CA ALA A 128 -11.65 -2.23 -9.83
C ALA A 128 -12.08 -0.91 -9.18
N LEU A 129 -11.98 -0.89 -7.86
CA LEU A 129 -12.35 0.30 -7.10
C LEU A 129 -11.27 1.37 -7.28
N MET A 130 -10.16 0.95 -7.86
CA MET A 130 -9.06 1.86 -8.11
C MET A 130 -9.52 3.11 -8.86
N PRO A 131 -8.56 4.05 -9.06
CA PRO A 131 -8.86 5.28 -9.77
C PRO A 131 -8.99 5.05 -11.26
N GLN A 132 -8.73 6.10 -12.03
CA GLN A 132 -8.82 6.01 -13.47
C GLN A 132 -7.45 6.29 -14.11
N ALA A 133 -6.74 7.24 -13.51
CA ALA A 133 -5.43 7.60 -14.01
C ALA A 133 -4.52 7.91 -12.81
N CYS A 134 -3.86 6.87 -12.33
CA CYS A 134 -2.96 7.02 -11.19
C CYS A 134 -1.85 5.97 -11.33
N SER A 135 -0.67 6.34 -10.85
CA SER A 135 0.47 5.44 -10.91
C SER A 135 0.55 4.61 -9.63
N GLY A 136 0.44 3.30 -9.81
CA GLY A 136 0.50 2.39 -8.68
C GLY A 136 1.91 1.80 -8.51
N LEU A 137 2.25 1.50 -7.27
CA LEU A 137 3.56 0.94 -6.97
C LEU A 137 3.40 -0.14 -5.90
N LEU A 138 3.38 -1.38 -6.35
CA LEU A 138 3.24 -2.51 -5.45
C LEU A 138 4.62 -2.92 -4.93
N ILE A 139 4.65 -3.31 -3.67
CA ILE A 139 5.90 -3.73 -3.04
C ILE A 139 5.72 -5.12 -2.45
N THR A 140 6.30 -6.10 -3.11
CA THR A 140 6.22 -7.48 -2.67
C THR A 140 7.54 -7.92 -2.03
N LEU A 141 7.54 -9.14 -1.52
CA LEU A 141 8.73 -9.68 -0.88
C LEU A 141 8.73 -11.21 -1.04
N GLU A 142 9.85 -11.81 -0.66
CA GLU A 142 9.99 -13.25 -0.76
C GLU A 142 10.53 -13.81 0.55
N TYR A 143 11.82 -13.59 0.77
CA TYR A 143 12.48 -14.07 1.98
C TYR A 143 11.47 -14.24 3.11
N ASP A 144 11.15 -13.13 3.75
CA ASP A 144 10.19 -13.15 4.86
C ASP A 144 9.26 -14.35 4.69
N GLN A 145 9.04 -15.04 5.80
CA GLN A 145 8.17 -16.20 5.80
C GLN A 145 8.19 -16.89 7.16
N ALA A 146 9.34 -16.79 7.82
CA ALA A 146 9.50 -17.39 9.14
C ALA A 146 9.91 -16.31 10.14
N LEU A 147 9.19 -15.20 10.10
CA LEU A 147 9.49 -14.09 10.99
C LEU A 147 8.51 -12.95 10.70
N LEU A 148 8.10 -12.87 9.45
CA LEU A 148 7.17 -11.83 9.03
C LEU A 148 5.73 -12.34 9.18
N GLU A 149 4.83 -11.42 9.49
CA GLU A 149 3.44 -11.77 9.66
C GLU A 149 2.82 -12.22 8.33
N GLY A 150 2.69 -13.53 8.18
CA GLY A 150 2.13 -14.09 6.97
C GLY A 150 3.23 -14.41 5.95
N PRO A 151 3.19 -15.67 5.45
CA PRO A 151 4.19 -16.11 4.47
C PRO A 151 3.90 -15.51 3.10
N PRO A 152 4.90 -14.72 2.59
CA PRO A 152 4.77 -14.08 1.30
C PRO A 152 4.96 -15.10 0.17
N PHE A 153 4.05 -15.03 -0.80
CA PHE A 153 4.11 -15.94 -1.94
C PHE A 153 4.99 -15.37 -3.05
N SER A 154 5.77 -14.36 -2.68
CA SER A 154 6.67 -13.72 -3.63
C SER A 154 6.00 -13.65 -5.01
N VAL A 155 4.88 -12.95 -5.06
CA VAL A 155 4.14 -12.79 -6.29
C VAL A 155 5.12 -12.49 -7.43
N PRO A 156 5.14 -13.41 -8.42
CA PRO A 156 6.03 -13.26 -9.57
C PRO A 156 5.50 -12.19 -10.53
N GLN A 157 6.32 -11.18 -10.75
CA GLN A 157 5.95 -10.08 -11.64
C GLN A 157 5.16 -10.62 -12.83
N THR A 158 5.59 -11.77 -13.32
CA THR A 158 4.94 -12.40 -14.45
C THR A 158 3.46 -12.66 -14.14
N TRP A 159 3.24 -13.23 -12.97
CA TRP A 159 1.88 -13.55 -12.53
C TRP A 159 1.05 -12.26 -12.63
N LEU A 160 1.55 -11.22 -11.98
CA LEU A 160 0.87 -9.94 -11.98
C LEU A 160 0.54 -9.54 -13.42
N HIS A 161 1.49 -9.80 -14.30
CA HIS A 161 1.31 -9.47 -15.71
C HIS A 161 0.33 -10.46 -16.34
N ARG A 162 0.15 -11.59 -15.66
CA ARG A 162 -0.76 -12.62 -16.14
C ARG A 162 -2.21 -12.28 -15.73
N VAL A 163 -2.33 -11.74 -14.53
CA VAL A 163 -3.64 -11.38 -14.02
C VAL A 163 -3.72 -9.86 -13.87
N MET A 164 -2.83 -9.32 -13.04
CA MET A 164 -2.80 -7.89 -12.81
C MET A 164 -2.60 -7.13 -14.11
N SER A 165 -2.63 -7.87 -15.21
CA SER A 165 -2.46 -7.27 -16.52
C SER A 165 -3.82 -7.04 -17.17
N GLY A 166 -4.26 -5.79 -17.13
CA GLY A 166 -5.53 -5.42 -17.70
C GLY A 166 -6.24 -4.38 -16.85
N ASN A 167 -5.61 -3.22 -16.75
CA ASN A 167 -6.16 -2.12 -15.97
C ASN A 167 -5.02 -1.28 -15.40
N TRP A 168 -3.88 -1.93 -15.21
CA TRP A 168 -2.71 -1.25 -14.67
C TRP A 168 -1.47 -1.87 -15.33
N GLU A 169 -0.64 -0.99 -15.87
CA GLU A 169 0.57 -1.43 -16.53
C GLU A 169 1.65 -1.76 -15.49
N VAL A 170 1.72 -3.04 -15.15
CA VAL A 170 2.70 -3.49 -14.17
C VAL A 170 4.08 -3.58 -14.83
N THR A 171 5.08 -3.10 -14.10
CA THR A 171 6.45 -3.13 -14.60
C THR A 171 7.38 -3.72 -13.55
N LYS A 172 8.28 -4.58 -14.02
CA LYS A 172 9.25 -5.21 -13.14
C LYS A 172 10.20 -4.15 -12.58
N VAL A 173 10.30 -4.12 -11.26
CA VAL A 173 11.17 -3.17 -10.60
C VAL A 173 11.56 -3.71 -9.22
N GLY A 174 12.58 -3.09 -8.65
CA GLY A 174 13.06 -3.50 -7.33
C GLY A 174 13.52 -4.95 -7.35
N GLY A 175 13.49 -5.56 -6.17
CA GLY A 175 13.91 -6.95 -6.03
C GLY A 175 14.84 -7.13 -4.82
N GLN A 176 16.02 -6.54 -4.93
CA GLN A 176 16.99 -6.63 -3.86
C GLN A 176 16.29 -6.60 -2.50
N ASP A 177 16.85 -7.35 -1.56
CA ASP A 177 16.29 -7.42 -0.22
C ASP A 177 16.47 -6.07 0.47
N THR A 178 15.86 -5.04 -0.13
CA THR A 178 15.94 -3.70 0.42
C THR A 178 14.95 -3.53 1.57
N LEU A 179 15.29 -4.14 2.69
CA LEU A 179 14.44 -4.07 3.87
C LEU A 179 14.20 -2.60 4.23
N HIS A 180 15.26 -1.82 4.12
CA HIS A 180 15.19 -0.40 4.43
C HIS A 180 14.04 0.24 3.63
N SER A 181 13.66 -0.45 2.56
CA SER A 181 12.59 0.04 1.71
C SER A 181 11.24 -0.14 2.42
N SER A 182 10.80 -1.38 2.48
CA SER A 182 9.53 -1.70 3.13
C SER A 182 9.68 -1.61 4.65
N ALA A 183 8.69 -0.99 5.28
CA ALA A 183 8.70 -0.84 6.72
C ALA A 183 8.44 -2.20 7.38
N ARG A 184 7.69 -3.04 6.67
CA ARG A 184 7.36 -4.35 7.17
C ARG A 184 8.61 -5.03 7.74
N GLY A 185 9.77 -4.57 7.26
CA GLY A 185 11.03 -5.13 7.71
C GLY A 185 11.30 -4.76 9.17
N LEU A 186 11.23 -3.48 9.45
CA LEU A 186 11.46 -2.99 10.80
C LEU A 186 10.26 -3.33 11.67
N LYS A 187 9.17 -3.70 11.01
CA LYS A 187 7.95 -4.06 11.71
C LYS A 187 8.05 -5.50 12.19
N ALA A 188 8.03 -6.42 11.23
CA ALA A 188 8.11 -7.83 11.53
C ALA A 188 9.50 -8.15 12.07
N GLY A 189 10.48 -7.42 11.56
CA GLY A 189 11.87 -7.61 11.97
C GLY A 189 12.57 -8.61 11.06
N LEU A 190 12.78 -8.20 9.82
CA LEU A 190 13.44 -9.05 8.86
C LEU A 190 14.96 -8.88 8.98
N GLU A 191 15.39 -7.62 8.92
CA GLU A 191 16.79 -7.30 9.03
C GLU A 191 17.50 -7.57 7.70
N ARG A 192 16.73 -8.12 6.76
CA ARG A 192 17.28 -8.43 5.45
C ARG A 192 16.41 -9.49 4.76
N MET A 193 15.61 -9.02 3.81
CA MET A 193 14.73 -9.91 3.07
C MET A 193 14.51 -9.40 1.64
N ASP A 194 14.46 -10.34 0.71
CA ASP A 194 14.26 -10.00 -0.69
C ASP A 194 12.93 -9.25 -0.84
N GLU A 195 13.01 -8.11 -1.50
CA GLU A 195 11.83 -7.29 -1.73
C GLU A 195 11.73 -6.88 -3.19
N HIS A 196 10.61 -7.26 -3.80
CA HIS A 196 10.38 -6.95 -5.20
C HIS A 196 9.38 -5.80 -5.31
N VAL A 197 9.47 -5.09 -6.43
CA VAL A 197 8.59 -3.95 -6.67
C VAL A 197 8.00 -4.07 -8.08
N TYR A 198 6.81 -3.50 -8.24
CA TYR A 198 6.14 -3.52 -9.52
C TYR A 198 5.34 -2.24 -9.75
N VAL A 199 5.72 -1.52 -10.81
CA VAL A 199 5.06 -0.27 -11.15
C VAL A 199 3.82 -0.58 -12.00
N LEU A 200 2.67 -0.43 -11.37
CA LEU A 200 1.41 -0.68 -12.05
C LEU A 200 0.73 0.65 -12.37
N GLU A 201 0.84 1.05 -13.63
CA GLU A 201 0.24 2.30 -14.08
C GLU A 201 -1.27 2.14 -14.22
N ARG A 202 -1.98 2.58 -13.19
CA ARG A 202 -3.44 2.49 -13.20
C ARG A 202 -4.02 3.35 -14.33
N VAL A 203 -4.38 2.68 -15.41
CA VAL A 203 -4.94 3.36 -16.56
C VAL A 203 -6.45 3.53 -16.37
N HIS A 3 12.62 14.25 4.67
CA HIS A 3 12.66 13.04 5.49
C HIS A 3 12.61 11.81 4.58
N GLN A 4 13.70 11.61 3.86
CA GLN A 4 13.79 10.47 2.95
C GLN A 4 14.79 9.44 3.48
N SER A 5 14.66 9.16 4.77
CA SER A 5 15.54 8.20 5.41
C SER A 5 15.31 6.80 4.83
N GLU A 6 14.12 6.28 5.08
CA GLU A 6 13.76 4.97 4.59
C GLU A 6 12.30 4.95 4.11
N VAL A 7 12.12 5.37 2.87
CA VAL A 7 10.80 5.42 2.27
C VAL A 7 10.83 4.75 0.89
N ASN A 8 10.83 3.43 0.91
CA ASN A 8 10.86 2.67 -0.33
C ASN A 8 11.69 3.44 -1.37
N LYS A 9 12.99 3.14 -1.39
CA LYS A 9 13.89 3.78 -2.32
C LYS A 9 13.20 3.92 -3.68
N ASP A 10 12.56 2.83 -4.10
CA ASP A 10 11.86 2.82 -5.36
C ASP A 10 10.73 3.84 -5.33
N LEU A 11 9.98 3.81 -4.24
CA LEU A 11 8.87 4.73 -4.07
C LEU A 11 9.34 6.16 -4.34
N GLN A 12 10.22 6.63 -3.46
CA GLN A 12 10.76 7.97 -3.58
C GLN A 12 11.43 8.15 -4.95
N GLN A 13 12.03 7.06 -5.43
CA GLN A 13 12.70 7.08 -6.71
C GLN A 13 11.69 7.26 -7.84
N TYR A 14 11.05 6.16 -8.21
CA TYR A 14 10.07 6.18 -9.27
C TYR A 14 9.13 7.38 -9.12
N TRP A 15 8.53 7.48 -7.95
CA TRP A 15 7.61 8.58 -7.68
C TRP A 15 8.31 9.88 -8.07
N SER A 16 9.48 10.10 -7.50
CA SER A 16 10.25 11.30 -7.77
C SER A 16 10.33 11.52 -9.29
N SER A 17 10.42 10.41 -10.02
CA SER A 17 10.50 10.48 -11.46
C SER A 17 9.10 10.64 -12.06
N LEU A 18 8.21 9.76 -11.63
CA LEU A 18 6.83 9.79 -12.11
C LEU A 18 6.38 11.24 -12.26
N ASN A 19 6.72 12.04 -11.27
CA ASN A 19 6.36 13.44 -11.27
C ASN A 19 4.85 13.57 -11.21
N VAL A 20 4.26 12.88 -10.25
CA VAL A 20 2.82 12.91 -10.07
C VAL A 20 2.37 14.34 -9.77
N VAL A 21 1.27 14.72 -10.39
CA VAL A 21 0.72 16.06 -10.21
C VAL A 21 0.79 16.42 -8.72
N PRO A 22 0.95 17.74 -8.46
CA PRO A 22 1.02 18.23 -7.09
C PRO A 22 -0.36 18.25 -6.44
N GLY A 23 -0.61 17.25 -5.60
CA GLY A 23 -1.87 17.14 -4.91
C GLY A 23 -2.65 15.91 -5.40
N ALA A 24 -2.14 15.31 -6.46
CA ALA A 24 -2.77 14.13 -7.03
C ALA A 24 -3.30 13.25 -5.90
N ARG A 25 -4.32 12.45 -6.24
CA ARG A 25 -4.92 11.55 -5.26
C ARG A 25 -4.04 10.32 -5.06
N VAL A 26 -3.54 10.17 -3.84
CA VAL A 26 -2.70 9.05 -3.51
C VAL A 26 -3.53 7.98 -2.79
N LEU A 27 -3.98 7.00 -3.57
CA LEU A 27 -4.78 5.92 -3.02
C LEU A 27 -3.86 4.89 -2.36
N VAL A 28 -4.41 4.18 -1.38
CA VAL A 28 -3.66 3.17 -0.66
C VAL A 28 -4.63 2.24 0.07
N PRO A 29 -4.51 0.93 -0.22
CA PRO A 29 -5.35 -0.06 0.40
C PRO A 29 -4.93 -0.31 1.85
N LEU A 30 -3.73 -0.85 2.00
CA LEU A 30 -3.20 -1.15 3.32
C LEU A 30 -1.69 -0.89 3.32
N CYS A 31 -1.34 0.37 3.14
CA CYS A 31 0.07 0.75 3.12
C CYS A 31 0.35 1.61 4.36
N GLY A 32 -0.73 1.94 5.06
CA GLY A 32 -0.62 2.75 6.26
C GLY A 32 0.72 2.50 6.97
N LYS A 33 1.69 3.35 6.65
CA LYS A 33 3.02 3.23 7.24
C LYS A 33 3.34 4.51 8.01
N SER A 34 4.16 5.34 7.40
CA SER A 34 4.55 6.60 8.01
C SER A 34 5.53 7.35 7.09
N GLN A 35 6.47 6.59 6.55
CA GLN A 35 7.47 7.17 5.66
C GLN A 35 6.86 7.45 4.30
N ASP A 36 6.21 6.43 3.75
CA ASP A 36 5.58 6.56 2.45
C ASP A 36 4.68 7.80 2.44
N MET A 37 3.73 7.80 3.36
CA MET A 37 2.80 8.91 3.47
C MET A 37 3.54 10.22 3.76
N SER A 38 4.22 10.24 4.89
CA SER A 38 4.98 11.42 5.30
C SER A 38 5.76 11.97 4.10
N TRP A 39 6.16 11.06 3.23
CA TRP A 39 6.91 11.44 2.04
C TRP A 39 5.95 12.16 1.08
N LEU A 40 4.82 11.53 0.85
CA LEU A 40 3.82 12.09 -0.05
C LEU A 40 3.33 13.42 0.53
N SER A 41 2.64 13.33 1.66
CA SER A 41 2.12 14.52 2.32
C SER A 41 3.19 15.61 2.35
N GLY A 42 4.39 15.21 2.75
CA GLY A 42 5.50 16.14 2.85
C GLY A 42 5.74 16.83 1.50
N GLN A 43 5.33 16.15 0.44
CA GLN A 43 5.49 16.69 -0.90
C GLN A 43 4.25 17.48 -1.32
N GLY A 44 3.13 17.15 -0.68
CA GLY A 44 1.88 17.83 -0.97
C GLY A 44 0.99 16.98 -1.87
N TYR A 45 0.45 15.91 -1.28
CA TYR A 45 -0.42 15.01 -2.01
C TYR A 45 -1.63 14.61 -1.18
N HIS A 46 -2.59 13.99 -1.85
CA HIS A 46 -3.81 13.55 -1.18
C HIS A 46 -3.63 12.10 -0.70
N VAL A 47 -3.00 11.96 0.45
CA VAL A 47 -2.77 10.65 1.02
C VAL A 47 -4.07 10.12 1.63
N VAL A 48 -4.66 9.16 0.93
CA VAL A 48 -5.91 8.56 1.40
C VAL A 48 -5.86 7.05 1.16
N GLY A 49 -5.79 6.32 2.26
CA GLY A 49 -5.75 4.87 2.19
C GLY A 49 -6.25 4.24 3.49
N ALA A 50 -6.25 2.91 3.50
CA ALA A 50 -6.71 2.18 4.68
C ALA A 50 -5.53 1.42 5.28
N GLU A 51 -5.75 0.89 6.47
CA GLU A 51 -4.72 0.15 7.18
C GLU A 51 -5.26 -1.23 7.59
N LEU A 52 -4.90 -2.23 6.80
CA LEU A 52 -5.34 -3.59 7.08
C LEU A 52 -4.66 -4.09 8.34
N SER A 53 -5.10 -3.55 9.47
CA SER A 53 -4.55 -3.94 10.76
C SER A 53 -5.60 -3.76 11.86
N GLU A 54 -5.78 -4.83 12.63
CA GLU A 54 -6.75 -4.80 13.71
C GLU A 54 -6.05 -4.47 15.04
N ALA A 55 -5.02 -5.26 15.33
CA ALA A 55 -4.27 -5.06 16.56
C ALA A 55 -3.69 -3.65 16.57
N ALA A 56 -3.30 -3.18 15.39
CA ALA A 56 -2.73 -1.85 15.27
C ALA A 56 -3.83 -0.81 15.49
N VAL A 57 -5.02 -1.14 15.00
CA VAL A 57 -6.15 -0.24 15.14
C VAL A 57 -6.41 0.03 16.62
N GLU A 58 -6.47 -1.06 17.37
CA GLU A 58 -6.71 -0.96 18.80
C GLU A 58 -5.56 -0.20 19.49
N ARG A 59 -4.35 -0.58 19.13
CA ARG A 59 -3.18 0.05 19.69
C ARG A 59 -3.18 1.55 19.40
N TYR A 60 -3.68 1.89 18.21
CA TYR A 60 -3.75 3.28 17.80
C TYR A 60 -4.74 4.06 18.67
N PHE A 61 -5.91 3.46 18.85
CA PHE A 61 -6.95 4.08 19.64
C PHE A 61 -6.55 4.14 21.12
N THR A 62 -5.68 3.22 21.50
CA THR A 62 -5.20 3.16 22.87
C THR A 62 -4.09 4.18 23.10
N GLU A 63 -3.26 4.35 22.08
CA GLU A 63 -2.16 5.28 22.15
C GLU A 63 -2.68 6.73 22.11
N ARG A 64 -3.68 6.94 21.26
CA ARG A 64 -4.27 8.26 21.12
C ARG A 64 -5.35 8.48 22.19
N GLY A 65 -6.05 7.39 22.51
CA GLY A 65 -7.10 7.45 23.51
C GLY A 65 -8.35 8.12 22.94
N GLU A 66 -8.64 7.78 21.69
CA GLU A 66 -9.81 8.33 21.02
C GLU A 66 -9.55 9.79 20.62
N GLN A 67 -10.17 10.17 19.51
CA GLN A 67 -10.02 11.54 19.01
C GLN A 67 -10.43 11.60 17.54
N PRO A 68 -9.89 10.65 16.74
CA PRO A 68 -10.19 10.60 15.32
C PRO A 68 -11.58 10.03 15.08
N HIS A 69 -11.90 9.85 13.81
CA HIS A 69 -13.20 9.31 13.43
C HIS A 69 -13.11 7.79 13.30
N ILE A 70 -13.81 7.10 14.19
CA ILE A 70 -13.82 5.66 14.19
C ILE A 70 -15.17 5.16 13.66
N THR A 71 -15.11 4.40 12.58
CA THR A 71 -16.31 3.86 11.97
C THR A 71 -16.23 2.34 11.89
N SER A 72 -17.40 1.71 11.95
CA SER A 72 -17.47 0.26 11.89
C SER A 72 -18.08 -0.18 10.55
N GLN A 73 -17.23 -0.74 9.71
CA GLN A 73 -17.67 -1.20 8.41
C GLN A 73 -18.01 -2.70 8.46
N GLY A 74 -19.25 -2.98 8.86
CA GLY A 74 -19.71 -4.35 8.95
C GLY A 74 -18.83 -5.16 9.90
N ASP A 75 -17.80 -5.76 9.32
CA ASP A 75 -16.86 -6.57 10.10
C ASP A 75 -15.47 -5.95 10.01
N PHE A 76 -15.44 -4.64 9.90
CA PHE A 76 -14.18 -3.91 9.81
C PHE A 76 -14.28 -2.56 10.53
N LYS A 77 -13.13 -1.89 10.62
CA LYS A 77 -13.07 -0.61 11.27
C LYS A 77 -12.29 0.37 10.39
N VAL A 78 -12.56 1.66 10.60
CA VAL A 78 -11.89 2.70 9.83
C VAL A 78 -11.60 3.89 10.73
N TYR A 79 -10.33 4.11 10.97
CA TYR A 79 -9.90 5.21 11.82
C TYR A 79 -9.22 6.31 10.99
N ALA A 80 -9.94 7.40 10.82
CA ALA A 80 -9.43 8.53 10.05
C ALA A 80 -8.91 9.60 11.02
N ALA A 81 -7.71 10.08 10.74
CA ALA A 81 -7.10 11.10 11.56
C ALA A 81 -7.26 12.47 10.89
N PRO A 82 -7.21 13.53 11.72
CA PRO A 82 -7.34 14.88 11.23
C PRO A 82 -6.07 15.34 10.51
N GLY A 83 -6.15 15.39 9.19
CA GLY A 83 -5.01 15.81 8.38
C GLY A 83 -4.84 14.88 7.19
N ILE A 84 -4.72 13.59 7.48
CA ILE A 84 -4.54 12.60 6.43
C ILE A 84 -5.83 11.77 6.29
N GLU A 85 -5.91 11.07 5.18
CA GLU A 85 -7.08 10.23 4.91
C GLU A 85 -6.72 8.75 5.09
N ILE A 86 -6.15 8.45 6.24
CA ILE A 86 -5.76 7.08 6.54
C ILE A 86 -6.76 6.48 7.53
N TRP A 87 -7.51 5.50 7.04
CA TRP A 87 -8.50 4.83 7.86
C TRP A 87 -7.92 3.49 8.31
N CYS A 88 -7.53 3.44 9.57
CA CYS A 88 -6.97 2.22 10.14
C CYS A 88 -8.10 1.22 10.35
N GLY A 89 -7.80 -0.03 10.04
CA GLY A 89 -8.77 -1.11 10.18
C GLY A 89 -8.73 -2.05 8.98
N ASP A 90 -9.80 -1.99 8.19
CA ASP A 90 -9.90 -2.83 7.01
C ASP A 90 -10.13 -1.95 5.78
N PHE A 91 -9.92 -2.55 4.61
CA PHE A 91 -10.09 -1.84 3.36
C PHE A 91 -11.39 -2.24 2.68
N PHE A 92 -12.35 -1.32 2.71
CA PHE A 92 -13.64 -1.58 2.10
C PHE A 92 -14.69 -0.58 2.60
N ALA A 93 -14.25 0.65 2.77
CA ALA A 93 -15.14 1.71 3.25
C ALA A 93 -14.88 2.97 2.44
N LEU A 94 -14.06 2.83 1.41
CA LEU A 94 -13.72 3.96 0.56
C LEU A 94 -13.72 3.50 -0.90
N THR A 95 -13.73 4.48 -1.79
CA THR A 95 -13.73 4.19 -3.22
C THR A 95 -12.42 4.65 -3.86
N ALA A 96 -11.47 3.71 -3.92
CA ALA A 96 -10.17 4.00 -4.49
C ALA A 96 -10.36 4.73 -5.82
N ARG A 97 -11.55 4.59 -6.37
CA ARG A 97 -11.87 5.23 -7.63
C ARG A 97 -12.32 6.68 -7.40
N ASP A 98 -13.28 6.83 -6.50
CA ASP A 98 -13.80 8.14 -6.19
C ASP A 98 -12.66 9.05 -5.75
N ILE A 99 -11.85 8.53 -4.83
CA ILE A 99 -10.71 9.28 -4.31
C ILE A 99 -9.55 9.17 -5.31
N GLY A 100 -9.47 8.01 -5.95
CA GLY A 100 -8.41 7.77 -6.93
C GLY A 100 -8.42 8.84 -8.01
N HIS A 101 -9.35 8.68 -8.94
CA HIS A 101 -9.47 9.63 -10.05
C HIS A 101 -8.18 9.64 -10.86
N CYS A 102 -7.24 10.47 -10.40
CA CYS A 102 -5.96 10.59 -11.07
C CYS A 102 -4.90 10.90 -10.02
N ALA A 103 -3.73 10.31 -10.21
CA ALA A 103 -2.62 10.51 -9.29
C ALA A 103 -1.78 9.23 -9.23
N ALA A 104 -1.88 8.55 -8.10
CA ALA A 104 -1.13 7.32 -7.90
C ALA A 104 -1.82 6.49 -6.81
N PHE A 105 -1.39 5.24 -6.71
CA PHE A 105 -1.95 4.33 -5.72
C PHE A 105 -0.91 3.32 -5.26
N TYR A 106 -0.52 3.43 -4.00
CA TYR A 106 0.46 2.53 -3.42
C TYR A 106 -0.21 1.31 -2.78
N ASP A 107 0.39 0.16 -3.01
CA ASP A 107 -0.14 -1.08 -2.47
C ASP A 107 0.96 -1.80 -1.69
N ARG A 108 0.55 -2.46 -0.61
CA ARG A 108 1.48 -3.19 0.22
C ARG A 108 1.34 -4.69 -0.01
N ALA A 109 2.43 -5.40 0.26
CA ALA A 109 2.44 -6.85 0.08
C ALA A 109 1.17 -7.44 0.69
N ALA A 110 0.20 -7.71 -0.19
CA ALA A 110 -1.06 -8.28 0.25
C ALA A 110 -1.33 -9.57 -0.52
N MET A 111 -1.02 -9.52 -1.82
CA MET A 111 -1.22 -10.67 -2.67
C MET A 111 -0.29 -11.83 -2.26
N ILE A 112 0.86 -11.46 -1.74
CA ILE A 112 1.83 -12.44 -1.31
C ILE A 112 1.31 -13.16 -0.06
N ALA A 113 0.23 -12.63 0.49
CA ALA A 113 -0.38 -13.21 1.68
C ALA A 113 -1.62 -14.00 1.27
N LEU A 114 -2.30 -13.50 0.26
CA LEU A 114 -3.51 -14.15 -0.24
C LEU A 114 -3.12 -15.15 -1.32
N PRO A 115 -4.07 -16.08 -1.61
CA PRO A 115 -3.85 -17.10 -2.62
C PRO A 115 -3.97 -16.51 -4.03
N ALA A 116 -4.27 -17.38 -4.97
CA ALA A 116 -4.42 -16.96 -6.36
C ALA A 116 -5.82 -16.38 -6.57
N ASP A 117 -6.80 -17.27 -6.49
CA ASP A 117 -8.19 -16.86 -6.67
C ASP A 117 -8.42 -15.52 -5.98
N MET A 118 -8.19 -15.51 -4.67
CA MET A 118 -8.37 -14.30 -3.88
C MET A 118 -7.63 -13.13 -4.52
N ARG A 119 -6.38 -13.38 -4.89
CA ARG A 119 -5.55 -12.35 -5.50
C ARG A 119 -6.28 -11.74 -6.70
N GLU A 120 -6.57 -12.58 -7.67
CA GLU A 120 -7.25 -12.13 -8.87
C GLU A 120 -8.47 -11.28 -8.50
N ARG A 121 -9.15 -11.71 -7.44
CA ARG A 121 -10.34 -11.00 -6.97
C ARG A 121 -9.93 -9.69 -6.31
N TYR A 122 -8.71 -9.66 -5.81
CA TYR A 122 -8.18 -8.48 -5.14
C TYR A 122 -7.76 -7.42 -6.16
N VAL A 123 -6.91 -7.85 -7.08
CA VAL A 123 -6.41 -6.95 -8.12
C VAL A 123 -7.58 -6.46 -8.96
N GLN A 124 -8.49 -7.38 -9.25
CA GLN A 124 -9.66 -7.04 -10.05
C GLN A 124 -10.57 -6.07 -9.28
N HIS A 125 -10.83 -6.42 -8.04
CA HIS A 125 -11.67 -5.60 -7.19
C HIS A 125 -11.04 -4.22 -7.02
N LEU A 126 -9.72 -4.21 -6.94
CA LEU A 126 -8.99 -2.97 -6.79
C LEU A 126 -9.14 -2.13 -8.05
N GLU A 127 -8.68 -2.69 -9.15
CA GLU A 127 -8.75 -2.01 -10.43
C GLU A 127 -10.21 -1.60 -10.73
N ALA A 128 -11.12 -2.31 -10.08
CA ALA A 128 -12.54 -2.03 -10.27
C ALA A 128 -12.89 -0.70 -9.59
N LEU A 129 -12.70 -0.66 -8.29
CA LEU A 129 -12.98 0.53 -7.52
C LEU A 129 -11.75 1.43 -7.51
N MET A 130 -10.94 1.29 -8.55
CA MET A 130 -9.73 2.08 -8.67
C MET A 130 -10.00 3.35 -9.49
N PRO A 131 -8.93 4.18 -9.61
CA PRO A 131 -9.03 5.43 -10.35
C PRO A 131 -9.03 5.16 -11.85
N GLN A 132 -8.75 6.22 -12.60
CA GLN A 132 -8.72 6.11 -14.06
C GLN A 132 -7.29 6.30 -14.57
N ALA A 133 -6.64 7.33 -14.05
CA ALA A 133 -5.28 7.63 -14.45
C ALA A 133 -4.44 7.90 -13.20
N CYS A 134 -3.68 6.88 -12.82
CA CYS A 134 -2.82 6.99 -11.65
C CYS A 134 -1.68 5.98 -11.78
N SER A 135 -0.62 6.22 -11.03
CA SER A 135 0.53 5.34 -11.06
C SER A 135 0.52 4.41 -9.83
N GLY A 136 0.23 3.15 -10.09
CA GLY A 136 0.18 2.17 -9.02
C GLY A 136 1.57 1.60 -8.73
N LEU A 137 1.85 1.43 -7.45
CA LEU A 137 3.14 0.90 -7.03
C LEU A 137 2.92 -0.19 -5.98
N LEU A 138 2.96 -1.44 -6.44
CA LEU A 138 2.77 -2.56 -5.55
C LEU A 138 4.11 -2.94 -4.92
N ILE A 139 4.06 -3.18 -3.61
CA ILE A 139 5.26 -3.55 -2.88
C ILE A 139 5.05 -4.91 -2.22
N THR A 140 5.99 -5.81 -2.50
CA THR A 140 5.92 -7.15 -1.94
C THR A 140 7.31 -7.62 -1.51
N LEU A 141 7.34 -8.84 -0.99
CA LEU A 141 8.60 -9.41 -0.53
C LEU A 141 8.59 -10.92 -0.77
N GLU A 142 9.72 -11.55 -0.50
CA GLU A 142 9.84 -12.98 -0.69
C GLU A 142 10.43 -13.64 0.57
N TYR A 143 11.65 -13.22 0.90
CA TYR A 143 12.33 -13.75 2.06
C TYR A 143 11.34 -13.98 3.21
N ASP A 144 10.99 -12.90 3.88
CA ASP A 144 10.07 -12.98 5.00
C ASP A 144 9.10 -14.15 4.78
N GLN A 145 8.72 -14.76 5.89
CA GLN A 145 7.80 -15.90 5.83
C GLN A 145 7.85 -16.69 7.14
N ALA A 146 8.95 -16.51 7.86
CA ALA A 146 9.12 -17.20 9.13
C ALA A 146 9.62 -16.20 10.17
N LEU A 147 8.96 -15.06 10.22
CA LEU A 147 9.32 -14.01 11.17
C LEU A 147 8.44 -12.79 10.94
N LEU A 148 8.08 -12.57 9.68
CA LEU A 148 7.24 -11.46 9.32
C LEU A 148 5.76 -11.86 9.45
N GLU A 149 4.91 -10.86 9.57
CA GLU A 149 3.49 -11.09 9.71
C GLU A 149 2.89 -11.53 8.37
N GLY A 150 2.58 -12.81 8.28
CA GLY A 150 2.01 -13.36 7.06
C GLY A 150 3.11 -13.83 6.10
N PRO A 151 3.02 -15.12 5.71
CA PRO A 151 3.99 -15.70 4.80
C PRO A 151 3.76 -15.21 3.36
N PRO A 152 4.74 -14.41 2.86
CA PRO A 152 4.65 -13.87 1.52
C PRO A 152 4.96 -14.96 0.48
N PHE A 153 4.04 -15.09 -0.47
CA PHE A 153 4.19 -16.07 -1.52
C PHE A 153 5.05 -15.52 -2.67
N SER A 154 5.80 -14.47 -2.35
CA SER A 154 6.67 -13.85 -3.33
C SER A 154 5.96 -13.78 -4.68
N VAL A 155 4.76 -13.20 -4.66
CA VAL A 155 3.97 -13.06 -5.87
C VAL A 155 4.90 -12.74 -7.05
N PRO A 156 4.89 -13.64 -8.05
CA PRO A 156 5.72 -13.47 -9.23
C PRO A 156 5.15 -12.39 -10.15
N GLN A 157 5.91 -11.33 -10.32
CA GLN A 157 5.50 -10.22 -11.17
C GLN A 157 4.73 -10.75 -12.39
N THR A 158 5.32 -11.76 -13.02
CA THR A 158 4.71 -12.36 -14.19
C THR A 158 3.21 -12.59 -13.96
N TRP A 159 2.91 -13.14 -12.78
CA TRP A 159 1.54 -13.42 -12.42
C TRP A 159 0.75 -12.11 -12.50
N LEU A 160 1.27 -11.10 -11.83
CA LEU A 160 0.63 -9.80 -11.82
C LEU A 160 0.34 -9.36 -13.25
N HIS A 161 1.32 -9.60 -14.11
CA HIS A 161 1.18 -9.24 -15.52
C HIS A 161 0.23 -10.22 -16.21
N ARG A 162 0.03 -11.35 -15.56
CA ARG A 162 -0.85 -12.37 -16.10
C ARG A 162 -2.31 -12.04 -15.78
N VAL A 163 -2.52 -11.55 -14.57
CA VAL A 163 -3.85 -11.18 -14.13
C VAL A 163 -3.93 -9.66 -13.94
N MET A 164 -3.04 -9.16 -13.09
CA MET A 164 -2.99 -7.73 -12.82
C MET A 164 -2.79 -6.94 -14.10
N SER A 165 -2.81 -7.65 -15.22
CA SER A 165 -2.62 -7.01 -16.52
C SER A 165 -3.96 -6.92 -17.25
N GLY A 166 -4.58 -5.74 -17.13
CA GLY A 166 -5.86 -5.51 -17.78
C GLY A 166 -6.48 -4.20 -17.29
N ASN A 167 -5.65 -3.16 -17.26
CA ASN A 167 -6.09 -1.86 -16.82
C ASN A 167 -4.94 -1.11 -16.17
N TRP A 168 -3.90 -1.86 -15.84
CA TRP A 168 -2.72 -1.29 -15.22
C TRP A 168 -1.50 -2.05 -15.73
N GLU A 169 -0.51 -1.29 -16.20
CA GLU A 169 0.70 -1.89 -16.72
C GLU A 169 1.67 -2.20 -15.57
N VAL A 170 1.55 -3.41 -15.05
CA VAL A 170 2.40 -3.85 -13.96
C VAL A 170 3.83 -4.05 -14.47
N THR A 171 4.77 -3.39 -13.80
CA THR A 171 6.16 -3.47 -14.18
C THR A 171 6.97 -4.10 -13.04
N LYS A 172 8.07 -4.75 -13.43
CA LYS A 172 8.94 -5.40 -12.47
C LYS A 172 9.90 -4.36 -11.88
N VAL A 173 10.03 -4.40 -10.56
CA VAL A 173 10.91 -3.46 -9.87
C VAL A 173 11.23 -4.01 -8.48
N GLY A 174 12.19 -3.37 -7.83
CA GLY A 174 12.60 -3.77 -6.50
C GLY A 174 13.97 -4.46 -6.52
N GLY A 175 14.27 -5.15 -5.43
CA GLY A 175 15.53 -5.84 -5.33
C GLY A 175 15.66 -6.55 -3.98
N GLN A 176 16.89 -6.92 -3.64
CA GLN A 176 17.15 -7.60 -2.39
C GLN A 176 18.05 -6.76 -1.50
N ASP A 177 18.40 -7.31 -0.34
CA ASP A 177 19.24 -6.61 0.61
C ASP A 177 18.58 -5.29 1.01
N THR A 178 17.30 -5.19 0.70
CA THR A 178 16.54 -4.00 1.02
C THR A 178 15.42 -4.33 2.01
N LEU A 179 15.82 -4.54 3.26
CA LEU A 179 14.87 -4.87 4.30
C LEU A 179 14.37 -3.58 4.96
N HIS A 180 15.29 -2.63 5.09
CA HIS A 180 14.95 -1.35 5.69
C HIS A 180 13.82 -0.69 4.91
N SER A 181 13.96 -0.73 3.59
CA SER A 181 12.97 -0.13 2.71
C SER A 181 11.56 -0.39 3.28
N SER A 182 11.17 -1.65 3.26
CA SER A 182 9.86 -2.03 3.76
C SER A 182 9.85 -1.96 5.29
N ALA A 183 8.96 -1.12 5.80
CA ALA A 183 8.84 -0.94 7.24
C ALA A 183 8.47 -2.27 7.89
N ARG A 184 7.42 -2.88 7.34
CA ARG A 184 6.96 -4.16 7.85
C ARG A 184 8.15 -5.04 8.25
N GLY A 185 9.14 -5.07 7.36
CA GLY A 185 10.33 -5.87 7.60
C GLY A 185 10.96 -5.51 8.95
N LEU A 186 11.39 -4.25 9.06
CA LEU A 186 12.01 -3.79 10.28
C LEU A 186 11.10 -4.10 11.47
N LYS A 187 9.81 -4.04 11.21
CA LYS A 187 8.83 -4.32 12.25
C LYS A 187 9.06 -5.73 12.79
N ALA A 188 9.16 -6.68 11.87
CA ALA A 188 9.37 -8.07 12.23
C ALA A 188 10.82 -8.24 12.69
N GLY A 189 11.72 -7.59 11.98
CA GLY A 189 13.14 -7.66 12.30
C GLY A 189 13.82 -8.74 11.47
N LEU A 190 14.09 -8.42 10.22
CA LEU A 190 14.74 -9.35 9.31
C LEU A 190 16.14 -8.84 8.98
N GLU A 191 16.33 -7.55 9.17
CA GLU A 191 17.62 -6.92 8.90
C GLU A 191 18.27 -7.58 7.68
N ARG A 192 17.43 -8.04 6.78
CA ARG A 192 17.91 -8.69 5.57
C ARG A 192 16.80 -9.53 4.94
N MET A 193 16.18 -8.97 3.91
CA MET A 193 15.11 -9.64 3.21
C MET A 193 14.95 -9.11 1.79
N ASP A 194 14.60 -10.02 0.88
CA ASP A 194 14.41 -9.64 -0.51
C ASP A 194 13.02 -9.04 -0.69
N GLU A 195 13.00 -7.85 -1.25
CA GLU A 195 11.74 -7.15 -1.48
C GLU A 195 11.52 -6.95 -2.99
N HIS A 196 10.33 -7.37 -3.42
CA HIS A 196 9.98 -7.25 -4.83
C HIS A 196 8.86 -6.22 -4.99
N VAL A 197 9.14 -5.21 -5.80
CA VAL A 197 8.17 -4.15 -6.05
C VAL A 197 7.72 -4.20 -7.51
N TYR A 198 6.63 -3.52 -7.79
CA TYR A 198 6.08 -3.47 -9.14
C TYR A 198 5.41 -2.14 -9.43
N VAL A 199 5.64 -1.64 -10.63
CA VAL A 199 5.07 -0.37 -11.03
C VAL A 199 3.93 -0.62 -12.03
N LEU A 200 2.71 -0.60 -11.51
CA LEU A 200 1.53 -0.81 -12.33
C LEU A 200 0.91 0.53 -12.69
N GLU A 201 1.09 0.90 -13.96
CA GLU A 201 0.56 2.16 -14.45
C GLU A 201 -0.95 2.04 -14.67
N ARG A 202 -1.70 2.61 -13.74
CA ARG A 202 -3.16 2.57 -13.83
C ARG A 202 -3.64 3.45 -14.99
N VAL A 203 -3.97 2.79 -16.09
CA VAL A 203 -4.44 3.50 -17.27
C VAL A 203 -5.94 3.80 -17.11
N HIS A 3 11.00 14.65 5.02
CA HIS A 3 11.75 13.75 5.88
C HIS A 3 11.60 12.31 5.37
N GLN A 4 12.38 12.00 4.34
CA GLN A 4 12.35 10.67 3.76
C GLN A 4 12.93 9.65 4.72
N SER A 5 14.24 9.69 4.88
CA SER A 5 14.93 8.78 5.77
C SER A 5 14.87 7.36 5.22
N GLU A 6 13.73 6.72 5.44
CA GLU A 6 13.53 5.36 4.96
C GLU A 6 12.12 5.20 4.39
N VAL A 7 11.97 5.56 3.13
CA VAL A 7 10.68 5.46 2.46
C VAL A 7 10.87 4.77 1.11
N ASN A 8 11.00 3.45 1.16
CA ASN A 8 11.18 2.67 -0.05
C ASN A 8 12.03 3.48 -1.05
N LYS A 9 13.33 3.24 -1.00
CA LYS A 9 14.25 3.92 -1.89
C LYS A 9 13.60 4.06 -3.27
N ASP A 10 13.02 2.96 -3.73
CA ASP A 10 12.38 2.96 -5.03
C ASP A 10 11.24 3.98 -5.04
N LEU A 11 10.33 3.83 -4.10
CA LEU A 11 9.20 4.74 -3.99
C LEU A 11 9.70 6.17 -4.14
N GLN A 12 10.50 6.59 -3.16
CA GLN A 12 11.05 7.93 -3.17
C GLN A 12 11.74 8.22 -4.50
N GLN A 13 12.38 7.19 -5.04
CA GLN A 13 13.08 7.30 -6.30
C GLN A 13 12.09 7.48 -7.46
N TYR A 14 11.45 6.37 -7.80
CA TYR A 14 10.47 6.39 -8.87
C TYR A 14 9.55 7.61 -8.76
N TRP A 15 8.93 7.74 -7.60
CA TRP A 15 8.03 8.85 -7.35
C TRP A 15 8.77 10.15 -7.69
N SER A 16 9.92 10.32 -7.05
CA SER A 16 10.72 11.50 -7.26
C SER A 16 10.84 11.79 -8.76
N SER A 17 10.88 10.71 -9.53
CA SER A 17 11.00 10.83 -10.98
C SER A 17 9.61 11.04 -11.59
N LEU A 18 8.70 10.15 -11.24
CA LEU A 18 7.34 10.22 -11.75
C LEU A 18 6.91 11.69 -11.82
N ASN A 19 6.85 12.30 -10.65
CA ASN A 19 6.44 13.70 -10.56
C ASN A 19 4.99 13.84 -11.00
N VAL A 20 4.14 13.03 -10.39
CA VAL A 20 2.72 13.05 -10.71
C VAL A 20 2.12 14.39 -10.26
N VAL A 21 1.04 14.76 -10.91
CA VAL A 21 0.35 16.00 -10.60
C VAL A 21 0.51 16.29 -9.10
N PRO A 22 0.72 17.60 -8.79
CA PRO A 22 0.89 18.02 -7.41
C PRO A 22 -0.44 18.03 -6.68
N GLY A 23 -0.58 17.09 -5.75
CA GLY A 23 -1.80 16.98 -4.97
C GLY A 23 -2.62 15.76 -5.40
N ALA A 24 -2.14 15.11 -6.45
CA ALA A 24 -2.82 13.95 -6.98
C ALA A 24 -3.30 13.07 -5.82
N ARG A 25 -4.27 12.23 -6.13
CA ARG A 25 -4.84 11.33 -5.12
C ARG A 25 -3.90 10.15 -4.90
N VAL A 26 -3.49 9.97 -3.65
CA VAL A 26 -2.61 8.88 -3.28
C VAL A 26 -3.41 7.81 -2.55
N LEU A 27 -3.71 6.74 -3.28
CA LEU A 27 -4.48 5.64 -2.71
C LEU A 27 -3.51 4.62 -2.11
N VAL A 28 -3.87 4.14 -0.93
CA VAL A 28 -3.05 3.16 -0.24
C VAL A 28 -3.94 2.06 0.33
N PRO A 29 -4.09 0.96 -0.46
CA PRO A 29 -4.91 -0.16 -0.04
C PRO A 29 -4.20 -0.99 1.03
N LEU A 30 -4.87 -1.13 2.17
CA LEU A 30 -4.32 -1.90 3.27
C LEU A 30 -2.80 -1.80 3.25
N CYS A 31 -2.31 -0.60 2.94
CA CYS A 31 -0.88 -0.37 2.87
C CYS A 31 -0.51 0.66 3.93
N GLY A 32 -1.53 1.34 4.43
CA GLY A 32 -1.33 2.36 5.45
C GLY A 32 -0.10 2.04 6.31
N LYS A 33 1.01 2.66 5.95
CA LYS A 33 2.25 2.46 6.67
C LYS A 33 2.54 3.68 7.56
N SER A 34 3.39 4.55 7.05
CA SER A 34 3.75 5.75 7.76
C SER A 34 4.72 6.59 6.94
N GLN A 35 5.71 5.91 6.37
CA GLN A 35 6.70 6.58 5.55
C GLN A 35 6.13 6.90 4.16
N ASP A 36 5.51 5.88 3.57
CA ASP A 36 4.92 6.03 2.26
C ASP A 36 3.97 7.23 2.26
N MET A 37 3.15 7.30 3.31
CA MET A 37 2.20 8.39 3.44
C MET A 37 2.90 9.67 3.90
N SER A 38 3.68 9.52 4.97
CA SER A 38 4.40 10.67 5.52
C SER A 38 5.16 11.39 4.40
N TRP A 39 5.62 10.61 3.44
CA TRP A 39 6.37 11.17 2.32
C TRP A 39 5.36 11.80 1.36
N LEU A 40 4.40 10.99 0.94
CA LEU A 40 3.38 11.46 0.02
C LEU A 40 2.84 12.81 0.50
N SER A 41 2.16 12.76 1.65
CA SER A 41 1.59 13.96 2.23
C SER A 41 2.70 14.97 2.54
N GLY A 42 3.70 14.49 3.26
CA GLY A 42 4.82 15.35 3.63
C GLY A 42 5.43 16.00 2.40
N GLN A 43 5.11 15.45 1.24
CA GLN A 43 5.62 15.97 -0.02
C GLN A 43 4.63 16.98 -0.60
N GLY A 44 3.36 16.73 -0.36
CA GLY A 44 2.32 17.61 -0.86
C GLY A 44 1.37 16.85 -1.80
N TYR A 45 0.72 15.83 -1.24
CA TYR A 45 -0.21 15.02 -2.02
C TYR A 45 -1.44 14.67 -1.19
N HIS A 46 -2.46 14.20 -1.89
CA HIS A 46 -3.71 13.83 -1.24
C HIS A 46 -3.62 12.38 -0.75
N VAL A 47 -2.98 12.20 0.38
CA VAL A 47 -2.81 10.88 0.95
C VAL A 47 -4.16 10.40 1.52
N VAL A 48 -4.68 9.35 0.91
CA VAL A 48 -5.95 8.79 1.35
C VAL A 48 -5.95 7.29 1.10
N GLY A 49 -5.85 6.53 2.18
CA GLY A 49 -5.85 5.08 2.10
C GLY A 49 -6.51 4.46 3.32
N ALA A 50 -6.43 3.14 3.40
CA ALA A 50 -7.01 2.41 4.52
C ALA A 50 -5.97 1.45 5.09
N GLU A 51 -6.28 0.94 6.27
CA GLU A 51 -5.38 0.01 6.94
C GLU A 51 -6.14 -1.26 7.36
N LEU A 52 -5.52 -2.40 7.09
CA LEU A 52 -6.12 -3.67 7.42
C LEU A 52 -5.48 -4.22 8.70
N SER A 53 -5.87 -3.62 9.81
CA SER A 53 -5.35 -4.02 11.11
C SER A 53 -6.37 -3.73 12.20
N GLU A 54 -6.58 -4.72 13.06
CA GLU A 54 -7.53 -4.57 14.15
C GLU A 54 -6.80 -4.23 15.45
N ALA A 55 -5.76 -4.99 15.74
CA ALA A 55 -4.96 -4.77 16.93
C ALA A 55 -4.25 -3.42 16.82
N ALA A 56 -3.79 -3.13 15.61
CA ALA A 56 -3.09 -1.88 15.36
C ALA A 56 -4.07 -0.71 15.47
N VAL A 57 -5.31 -0.98 15.06
CA VAL A 57 -6.34 0.04 15.11
C VAL A 57 -6.60 0.44 16.57
N GLU A 58 -6.81 -0.58 17.39
CA GLU A 58 -7.06 -0.35 18.80
C GLU A 58 -5.87 0.37 19.44
N ARG A 59 -4.68 -0.08 19.08
CA ARG A 59 -3.46 0.50 19.61
C ARG A 59 -3.36 1.97 19.20
N TYR A 60 -3.81 2.25 17.99
CA TYR A 60 -3.78 3.61 17.48
C TYR A 60 -4.72 4.52 18.26
N PHE A 61 -5.90 4.00 18.54
CA PHE A 61 -6.90 4.74 19.28
C PHE A 61 -6.51 4.88 20.76
N THR A 62 -5.71 3.92 21.21
CA THR A 62 -5.25 3.93 22.59
C THR A 62 -4.10 4.91 22.77
N GLU A 63 -3.22 4.93 21.78
CA GLU A 63 -2.07 5.82 21.81
C GLU A 63 -2.53 7.27 21.64
N ARG A 64 -3.42 7.46 20.68
CA ARG A 64 -3.95 8.79 20.41
C ARG A 64 -4.98 9.19 21.45
N GLY A 65 -5.75 8.21 21.88
CA GLY A 65 -6.79 8.44 22.87
C GLY A 65 -8.03 9.07 22.24
N GLU A 66 -8.33 8.63 21.04
CA GLU A 66 -9.48 9.14 20.31
C GLU A 66 -9.21 10.57 19.83
N GLN A 67 -9.83 10.90 18.71
CA GLN A 67 -9.68 12.23 18.12
C GLN A 67 -10.19 12.23 16.68
N PRO A 68 -9.70 11.25 15.88
CA PRO A 68 -10.10 11.14 14.49
C PRO A 68 -11.51 10.57 14.38
N HIS A 69 -11.92 10.31 13.14
CA HIS A 69 -13.24 9.77 12.88
C HIS A 69 -13.19 8.24 12.95
N ILE A 70 -13.88 7.69 13.94
CA ILE A 70 -13.92 6.26 14.13
C ILE A 70 -15.23 5.71 13.56
N THR A 71 -15.09 4.67 12.74
CA THR A 71 -16.26 4.05 12.13
C THR A 71 -16.23 2.55 12.36
N SER A 72 -17.42 1.96 12.36
CA SER A 72 -17.55 0.52 12.56
C SER A 72 -17.77 -0.18 11.21
N GLN A 73 -17.02 -1.26 11.02
CA GLN A 73 -17.12 -2.03 9.79
C GLN A 73 -16.99 -3.52 10.09
N GLY A 74 -18.14 -4.11 10.43
CA GLY A 74 -18.17 -5.53 10.73
C GLY A 74 -17.23 -5.87 11.89
N ASP A 75 -16.21 -6.64 11.57
CA ASP A 75 -15.23 -7.05 12.58
C ASP A 75 -14.00 -6.14 12.47
N PHE A 76 -14.22 -4.95 11.94
CA PHE A 76 -13.14 -3.99 11.77
C PHE A 76 -13.61 -2.57 12.10
N LYS A 77 -12.66 -1.65 12.10
CA LYS A 77 -12.96 -0.26 12.40
C LYS A 77 -12.42 0.62 11.27
N VAL A 78 -12.71 1.91 11.39
CA VAL A 78 -12.26 2.86 10.39
C VAL A 78 -11.86 4.17 11.09
N TYR A 79 -10.56 4.35 11.22
CA TYR A 79 -10.02 5.54 11.86
C TYR A 79 -9.37 6.48 10.83
N ALA A 80 -10.10 7.52 10.47
CA ALA A 80 -9.61 8.48 9.50
C ALA A 80 -9.33 9.81 10.21
N ALA A 81 -8.25 10.44 9.79
CA ALA A 81 -7.86 11.71 10.38
C ALA A 81 -8.13 12.84 9.38
N PRO A 82 -8.07 14.10 9.89
CA PRO A 82 -8.31 15.26 9.05
C PRO A 82 -7.12 15.54 8.14
N GLY A 83 -5.94 15.53 8.75
CA GLY A 83 -4.72 15.78 7.99
C GLY A 83 -4.54 14.76 6.87
N ILE A 84 -4.60 13.48 7.26
CA ILE A 84 -4.45 12.41 6.30
C ILE A 84 -5.75 11.62 6.22
N GLU A 85 -6.02 11.08 5.03
CA GLU A 85 -7.22 10.30 4.81
C GLU A 85 -6.92 8.80 4.96
N ILE A 86 -6.38 8.44 6.11
CA ILE A 86 -6.03 7.05 6.37
C ILE A 86 -7.00 6.48 7.41
N TRP A 87 -7.83 5.55 6.96
CA TRP A 87 -8.80 4.92 7.83
C TRP A 87 -8.24 3.57 8.26
N CYS A 88 -7.68 3.55 9.46
CA CYS A 88 -7.11 2.32 10.00
C CYS A 88 -8.26 1.39 10.39
N GLY A 89 -8.05 0.11 10.11
CA GLY A 89 -9.05 -0.90 10.42
C GLY A 89 -9.27 -1.84 9.23
N ASP A 90 -10.33 -1.59 8.50
CA ASP A 90 -10.67 -2.41 7.34
C ASP A 90 -10.65 -1.53 6.09
N PHE A 91 -10.61 -2.19 4.94
CA PHE A 91 -10.60 -1.49 3.67
C PHE A 91 -11.69 -2.01 2.74
N PHE A 92 -12.81 -1.30 2.75
CA PHE A 92 -13.95 -1.68 1.92
C PHE A 92 -15.19 -0.86 2.30
N ALA A 93 -15.05 0.44 2.19
CA ALA A 93 -16.16 1.34 2.51
C ALA A 93 -16.05 2.60 1.65
N LEU A 94 -14.83 3.09 1.52
CA LEU A 94 -14.59 4.29 0.73
C LEU A 94 -14.56 3.92 -0.75
N THR A 95 -14.26 4.91 -1.58
CA THR A 95 -14.19 4.70 -3.01
C THR A 95 -12.84 5.14 -3.55
N ALA A 96 -11.88 4.22 -3.51
CA ALA A 96 -10.54 4.51 -3.99
C ALA A 96 -10.62 5.05 -5.42
N ARG A 97 -11.80 4.88 -6.02
CA ARG A 97 -12.02 5.35 -7.38
C ARG A 97 -12.33 6.85 -7.38
N ASP A 98 -13.36 7.22 -6.63
CA ASP A 98 -13.76 8.60 -6.54
C ASP A 98 -12.67 9.41 -5.83
N ILE A 99 -12.02 8.75 -4.89
CA ILE A 99 -10.95 9.37 -4.14
C ILE A 99 -9.65 9.35 -4.96
N GLY A 100 -9.50 8.27 -5.72
CA GLY A 100 -8.33 8.11 -6.55
C GLY A 100 -8.39 9.03 -7.78
N HIS A 101 -9.20 8.63 -8.74
CA HIS A 101 -9.36 9.40 -9.96
C HIS A 101 -8.06 9.39 -10.75
N CYS A 102 -7.13 10.22 -10.31
CA CYS A 102 -5.83 10.31 -10.96
C CYS A 102 -4.78 10.65 -9.90
N ALA A 103 -3.60 10.09 -10.09
CA ALA A 103 -2.51 10.33 -9.16
C ALA A 103 -1.61 9.08 -9.10
N ALA A 104 -1.65 8.41 -7.96
CA ALA A 104 -0.86 7.21 -7.76
C ALA A 104 -1.32 6.49 -6.50
N PHE A 105 -0.78 5.31 -6.30
CA PHE A 105 -1.14 4.51 -5.13
C PHE A 105 0.02 3.59 -4.73
N TYR A 106 0.05 3.27 -3.44
CA TYR A 106 1.10 2.40 -2.92
C TYR A 106 0.50 1.10 -2.39
N ASP A 107 0.91 0.00 -3.00
CA ASP A 107 0.44 -1.31 -2.61
C ASP A 107 1.51 -2.00 -1.76
N ARG A 108 1.04 -2.70 -0.74
CA ARG A 108 1.95 -3.42 0.15
C ARG A 108 1.77 -4.92 -0.02
N ALA A 109 2.66 -5.67 0.64
CA ALA A 109 2.62 -7.12 0.57
C ALA A 109 1.30 -7.61 1.14
N ALA A 110 0.30 -7.70 0.27
CA ALA A 110 -1.02 -8.16 0.67
C ALA A 110 -1.40 -9.39 -0.13
N MET A 111 -1.25 -9.27 -1.45
CA MET A 111 -1.58 -10.36 -2.34
C MET A 111 -0.65 -11.56 -2.11
N ILE A 112 0.58 -11.24 -1.71
CA ILE A 112 1.57 -12.28 -1.45
C ILE A 112 1.10 -13.14 -0.28
N ALA A 113 0.07 -12.66 0.40
CA ALA A 113 -0.48 -13.37 1.53
C ALA A 113 -1.56 -14.35 1.05
N LEU A 114 -2.61 -13.78 0.47
CA LEU A 114 -3.71 -14.58 -0.04
C LEU A 114 -3.20 -15.49 -1.16
N PRO A 115 -4.05 -16.47 -1.55
CA PRO A 115 -3.70 -17.40 -2.61
C PRO A 115 -3.78 -16.74 -3.98
N ALA A 116 -3.83 -17.56 -5.01
CA ALA A 116 -3.91 -17.07 -6.37
C ALA A 116 -5.33 -16.52 -6.63
N ASP A 117 -6.29 -17.44 -6.60
CA ASP A 117 -7.68 -17.07 -6.83
C ASP A 117 -7.96 -15.74 -6.13
N MET A 118 -7.84 -15.76 -4.81
CA MET A 118 -8.08 -14.57 -4.02
C MET A 118 -7.27 -13.38 -4.54
N ARG A 119 -6.00 -13.65 -4.81
CA ARG A 119 -5.11 -12.62 -5.31
C ARG A 119 -5.69 -11.99 -6.58
N GLU A 120 -6.31 -12.83 -7.39
CA GLU A 120 -6.91 -12.39 -8.63
C GLU A 120 -8.08 -11.46 -8.35
N ARG A 121 -8.96 -11.92 -7.45
CA ARG A 121 -10.12 -11.14 -7.08
C ARG A 121 -9.71 -9.88 -6.32
N TYR A 122 -8.50 -9.93 -5.78
CA TYR A 122 -7.97 -8.80 -5.02
C TYR A 122 -7.53 -7.67 -5.95
N VAL A 123 -6.71 -8.03 -6.92
CA VAL A 123 -6.21 -7.06 -7.88
C VAL A 123 -7.38 -6.49 -8.68
N GLN A 124 -8.26 -7.39 -9.09
CA GLN A 124 -9.44 -6.99 -9.86
C GLN A 124 -10.30 -6.02 -9.05
N HIS A 125 -10.58 -6.43 -7.83
CA HIS A 125 -11.40 -5.61 -6.94
C HIS A 125 -10.77 -4.23 -6.80
N LEU A 126 -9.46 -4.21 -6.72
CA LEU A 126 -8.73 -2.96 -6.59
C LEU A 126 -8.98 -2.09 -7.83
N GLU A 127 -8.51 -2.59 -8.97
CA GLU A 127 -8.68 -1.89 -10.22
C GLU A 127 -10.15 -1.53 -10.45
N ALA A 128 -11.00 -2.25 -9.74
CA ALA A 128 -12.44 -2.04 -9.85
C ALA A 128 -12.81 -0.72 -9.15
N LEU A 129 -12.47 -0.64 -7.88
CA LEU A 129 -12.75 0.55 -7.10
C LEU A 129 -11.59 1.54 -7.24
N MET A 130 -10.63 1.15 -8.07
CA MET A 130 -9.47 2.00 -8.31
C MET A 130 -9.87 3.29 -9.01
N PRO A 131 -8.85 4.16 -9.22
CA PRO A 131 -9.08 5.44 -9.89
C PRO A 131 -9.25 5.24 -11.40
N GLN A 132 -8.16 5.40 -12.13
CA GLN A 132 -8.19 5.25 -13.57
C GLN A 132 -6.86 5.71 -14.17
N ALA A 133 -6.42 6.88 -13.75
CA ALA A 133 -5.17 7.44 -14.24
C ALA A 133 -4.26 7.77 -13.05
N CYS A 134 -3.57 6.74 -12.58
CA CYS A 134 -2.67 6.92 -11.45
C CYS A 134 -1.51 5.93 -11.61
N SER A 135 -0.47 6.17 -10.84
CA SER A 135 0.71 5.31 -10.88
C SER A 135 0.83 4.52 -9.57
N GLY A 136 0.57 3.22 -9.68
CA GLY A 136 0.64 2.35 -8.52
C GLY A 136 2.06 1.79 -8.35
N LEU A 137 2.38 1.47 -7.10
CA LEU A 137 3.69 0.93 -6.78
C LEU A 137 3.53 -0.20 -5.76
N LEU A 138 3.56 -1.42 -6.27
CA LEU A 138 3.43 -2.59 -5.41
C LEU A 138 4.79 -2.92 -4.80
N ILE A 139 4.77 -3.20 -3.51
CA ILE A 139 5.99 -3.54 -2.79
C ILE A 139 5.81 -4.87 -2.08
N THR A 140 6.23 -5.94 -2.75
CA THR A 140 6.12 -7.28 -2.19
C THR A 140 7.48 -7.76 -1.68
N LEU A 141 7.45 -8.91 -1.01
CA LEU A 141 8.67 -9.48 -0.46
C LEU A 141 8.76 -10.95 -0.89
N GLU A 142 9.89 -11.55 -0.55
CA GLU A 142 10.11 -12.95 -0.89
C GLU A 142 10.64 -13.72 0.34
N TYR A 143 11.90 -13.46 0.66
CA TYR A 143 12.54 -14.11 1.80
C TYR A 143 11.53 -14.32 2.93
N ASP A 144 11.16 -13.21 3.57
CA ASP A 144 10.21 -13.27 4.67
C ASP A 144 9.25 -14.44 4.45
N GLN A 145 8.98 -15.15 5.54
CA GLN A 145 8.07 -16.28 5.48
C GLN A 145 8.06 -17.00 6.83
N ALA A 146 9.19 -16.95 7.52
CA ALA A 146 9.32 -17.59 8.82
C ALA A 146 9.78 -16.56 9.85
N LEU A 147 9.10 -15.42 9.84
CA LEU A 147 9.42 -14.35 10.77
C LEU A 147 8.49 -13.16 10.52
N LEU A 148 8.09 -13.02 9.26
CA LEU A 148 7.20 -11.94 8.88
C LEU A 148 5.74 -12.39 9.05
N GLU A 149 4.89 -11.42 9.33
CA GLU A 149 3.47 -11.70 9.51
C GLU A 149 2.89 -12.34 8.25
N GLY A 150 2.72 -13.66 8.32
CA GLY A 150 2.17 -14.40 7.19
C GLY A 150 3.25 -14.66 6.13
N PRO A 151 3.24 -15.91 5.60
CA PRO A 151 4.19 -16.30 4.58
C PRO A 151 3.85 -15.68 3.23
N PRO A 152 4.73 -14.75 2.77
CA PRO A 152 4.52 -14.09 1.50
C PRO A 152 4.83 -15.03 0.32
N PHE A 153 3.90 -15.06 -0.62
CA PHE A 153 4.07 -15.91 -1.78
C PHE A 153 4.90 -15.21 -2.86
N SER A 154 5.60 -14.16 -2.43
CA SER A 154 6.43 -13.40 -3.34
C SER A 154 5.78 -13.33 -4.73
N VAL A 155 4.52 -12.93 -4.73
CA VAL A 155 3.77 -12.82 -5.97
C VAL A 155 4.71 -12.34 -7.08
N PRO A 156 4.86 -13.21 -8.12
CA PRO A 156 5.73 -12.88 -9.24
C PRO A 156 5.06 -11.85 -10.16
N GLN A 157 5.84 -10.85 -10.53
CA GLN A 157 5.35 -9.79 -11.40
C GLN A 157 4.58 -10.40 -12.58
N THR A 158 5.21 -11.39 -13.20
CA THR A 158 4.61 -12.06 -14.34
C THR A 158 3.13 -12.35 -14.07
N TRP A 159 2.86 -12.84 -12.87
CA TRP A 159 1.50 -13.15 -12.48
C TRP A 159 0.67 -11.88 -12.58
N LEU A 160 1.16 -10.83 -11.96
CA LEU A 160 0.47 -9.55 -11.98
C LEU A 160 0.18 -9.16 -13.43
N HIS A 161 1.12 -9.50 -14.31
CA HIS A 161 0.97 -9.20 -15.71
C HIS A 161 0.04 -10.22 -16.37
N ARG A 162 -0.13 -11.34 -15.68
CA ARG A 162 -0.99 -12.39 -16.19
C ARG A 162 -2.45 -12.11 -15.85
N VAL A 163 -2.65 -11.57 -14.66
CA VAL A 163 -3.99 -11.24 -14.20
C VAL A 163 -4.11 -9.73 -14.04
N MET A 164 -3.23 -9.16 -13.23
CA MET A 164 -3.23 -7.73 -12.99
C MET A 164 -3.01 -6.97 -14.29
N SER A 165 -2.99 -7.71 -15.39
CA SER A 165 -2.78 -7.10 -16.70
C SER A 165 -4.13 -6.81 -17.35
N GLY A 166 -4.46 -5.53 -17.39
CA GLY A 166 -5.71 -5.09 -17.99
C GLY A 166 -6.32 -3.93 -17.19
N ASN A 167 -5.55 -2.85 -17.12
CA ASN A 167 -6.00 -1.67 -16.40
C ASN A 167 -4.80 -0.96 -15.78
N TRP A 168 -3.77 -1.75 -15.52
CA TRP A 168 -2.54 -1.21 -14.93
C TRP A 168 -1.37 -1.99 -15.50
N GLU A 169 -0.35 -1.25 -15.91
CA GLU A 169 0.84 -1.86 -16.48
C GLU A 169 1.90 -2.06 -15.39
N VAL A 170 1.99 -3.29 -14.92
CA VAL A 170 2.95 -3.63 -13.88
C VAL A 170 4.35 -3.70 -14.50
N THR A 171 5.28 -3.01 -13.85
CA THR A 171 6.65 -2.98 -14.32
C THR A 171 7.59 -3.54 -13.24
N LYS A 172 8.58 -4.29 -13.70
CA LYS A 172 9.56 -4.88 -12.79
C LYS A 172 10.26 -3.76 -12.01
N VAL A 173 10.33 -3.96 -10.70
CA VAL A 173 10.97 -2.99 -9.83
C VAL A 173 11.44 -3.69 -8.55
N GLY A 174 12.22 -2.96 -7.77
CA GLY A 174 12.75 -3.50 -6.52
C GLY A 174 13.70 -4.67 -6.79
N GLY A 175 14.09 -5.31 -5.71
CA GLY A 175 15.00 -6.45 -5.80
C GLY A 175 15.20 -7.12 -4.44
N GLN A 176 16.43 -7.51 -4.18
CA GLN A 176 16.77 -8.16 -2.93
C GLN A 176 17.91 -7.41 -2.24
N ASP A 177 18.23 -7.86 -1.04
CA ASP A 177 19.30 -7.25 -0.27
C ASP A 177 18.90 -5.84 0.13
N THR A 178 17.60 -5.58 0.06
CA THR A 178 17.07 -4.28 0.41
C THR A 178 16.14 -4.39 1.61
N LEU A 179 16.76 -4.57 2.78
CA LEU A 179 16.00 -4.69 4.01
C LEU A 179 15.56 -3.30 4.47
N HIS A 180 16.44 -2.33 4.26
CA HIS A 180 16.16 -0.97 4.65
C HIS A 180 15.36 -0.27 3.55
N SER A 181 14.34 -0.97 3.08
CA SER A 181 13.49 -0.43 2.02
C SER A 181 12.02 -0.73 2.32
N SER A 182 11.77 -1.96 2.74
CA SER A 182 10.42 -2.39 3.08
C SER A 182 10.17 -2.21 4.58
N ALA A 183 9.20 -1.37 4.88
CA ALA A 183 8.84 -1.11 6.27
C ALA A 183 8.50 -2.42 6.96
N ARG A 184 7.87 -3.31 6.20
CA ARG A 184 7.48 -4.61 6.72
C ARG A 184 8.69 -5.36 7.25
N GLY A 185 9.87 -4.91 6.83
CA GLY A 185 11.10 -5.52 7.26
C GLY A 185 11.45 -5.13 8.69
N LEU A 186 11.24 -3.86 8.99
CA LEU A 186 11.52 -3.34 10.32
C LEU A 186 10.31 -3.58 11.22
N LYS A 187 9.19 -3.89 10.58
CA LYS A 187 7.96 -4.13 11.31
C LYS A 187 7.97 -5.56 11.86
N ALA A 188 8.33 -6.49 10.98
CA ALA A 188 8.38 -7.90 11.37
C ALA A 188 9.79 -8.23 11.88
N GLY A 189 10.76 -7.50 11.34
CA GLY A 189 12.15 -7.70 11.73
C GLY A 189 12.82 -8.76 10.84
N LEU A 190 12.99 -8.40 9.58
CA LEU A 190 13.62 -9.29 8.62
C LEU A 190 15.14 -9.14 8.70
N GLU A 191 15.57 -7.91 8.93
CA GLU A 191 16.99 -7.61 9.02
C GLU A 191 17.74 -8.22 7.84
N ARG A 192 16.98 -8.52 6.79
CA ARG A 192 17.56 -9.11 5.59
C ARG A 192 16.52 -9.94 4.85
N MET A 193 15.90 -9.31 3.86
CA MET A 193 14.88 -9.98 3.07
C MET A 193 14.81 -9.37 1.66
N ASP A 194 14.32 -10.19 0.73
CA ASP A 194 14.19 -9.75 -0.65
C ASP A 194 12.86 -9.01 -0.82
N GLU A 195 12.96 -7.81 -1.37
CA GLU A 195 11.78 -6.99 -1.59
C GLU A 195 11.60 -6.71 -3.09
N HIS A 196 10.54 -7.30 -3.63
CA HIS A 196 10.25 -7.13 -5.05
C HIS A 196 9.18 -6.05 -5.22
N VAL A 197 9.53 -5.04 -5.99
CA VAL A 197 8.62 -3.93 -6.25
C VAL A 197 8.20 -3.95 -7.73
N TYR A 198 7.11 -3.24 -8.01
CA TYR A 198 6.60 -3.17 -9.36
C TYR A 198 5.78 -1.90 -9.56
N VAL A 199 6.05 -1.22 -10.67
CA VAL A 199 5.35 0.00 -11.00
C VAL A 199 4.16 -0.32 -11.91
N LEU A 200 2.97 -0.26 -11.32
CA LEU A 200 1.76 -0.55 -12.05
C LEU A 200 1.14 0.77 -12.53
N GLU A 201 1.30 1.03 -13.82
CA GLU A 201 0.76 2.25 -14.41
C GLU A 201 -0.75 2.11 -14.61
N ARG A 202 -1.50 2.64 -13.64
CA ARG A 202 -2.94 2.59 -13.71
C ARG A 202 -3.46 3.45 -14.86
N VAL A 203 -3.74 2.77 -15.97
CA VAL A 203 -4.24 3.46 -17.15
C VAL A 203 -5.75 3.65 -17.02
N HIS A 3 9.94 8.35 4.84
CA HIS A 3 11.01 9.26 5.23
C HIS A 3 12.06 9.32 4.12
N GLN A 4 12.28 10.51 3.61
CA GLN A 4 13.26 10.72 2.56
C GLN A 4 14.50 9.85 2.80
N SER A 5 14.84 9.72 4.07
CA SER A 5 16.00 8.93 4.46
C SER A 5 15.89 7.52 3.87
N GLU A 6 14.81 6.85 4.23
CA GLU A 6 14.57 5.50 3.74
C GLU A 6 13.10 5.30 3.41
N VAL A 7 12.74 5.70 2.19
CA VAL A 7 11.36 5.57 1.73
C VAL A 7 11.35 4.93 0.34
N ASN A 8 11.52 3.62 0.33
CA ASN A 8 11.53 2.87 -0.91
C ASN A 8 12.23 3.70 -1.99
N LYS A 9 13.52 3.43 -2.14
CA LYS A 9 14.31 4.15 -3.13
C LYS A 9 13.55 4.20 -4.46
N ASP A 10 12.86 3.10 -4.74
CA ASP A 10 12.09 3.01 -5.97
C ASP A 10 10.92 4.00 -5.90
N LEU A 11 10.22 3.97 -4.78
CA LEU A 11 9.08 4.85 -4.59
C LEU A 11 9.51 6.29 -4.88
N GLN A 12 10.40 6.79 -4.04
CA GLN A 12 10.90 8.15 -4.20
C GLN A 12 11.48 8.34 -5.59
N GLN A 13 12.08 7.27 -6.11
CA GLN A 13 12.68 7.32 -7.43
C GLN A 13 11.59 7.43 -8.50
N TYR A 14 10.97 6.30 -8.80
CA TYR A 14 9.92 6.27 -9.80
C TYR A 14 8.96 7.44 -9.62
N TRP A 15 8.44 7.58 -8.41
CA TRP A 15 7.51 8.64 -8.11
C TRP A 15 8.14 9.96 -8.56
N SER A 16 9.32 10.23 -8.04
CA SER A 16 10.04 11.45 -8.38
C SER A 16 10.04 11.64 -9.89
N SER A 17 10.10 10.52 -10.61
CA SER A 17 10.11 10.56 -12.06
C SER A 17 8.68 10.69 -12.59
N LEU A 18 7.78 9.90 -11.99
CA LEU A 18 6.39 9.92 -12.40
C LEU A 18 5.91 11.36 -12.50
N ASN A 19 6.34 12.17 -11.54
CA ASN A 19 5.97 13.57 -11.52
C ASN A 19 4.45 13.70 -11.31
N VAL A 20 3.95 12.87 -10.39
CA VAL A 20 2.53 12.88 -10.10
C VAL A 20 2.06 14.32 -9.88
N VAL A 21 0.83 14.58 -10.31
CA VAL A 21 0.25 15.90 -10.15
C VAL A 21 0.36 16.34 -8.70
N PRO A 22 0.46 17.69 -8.51
CA PRO A 22 0.57 18.25 -7.18
C PRO A 22 -0.78 18.22 -6.46
N GLY A 23 -0.88 17.29 -5.51
CA GLY A 23 -2.11 17.13 -4.74
C GLY A 23 -2.80 15.82 -5.08
N ALA A 24 -2.29 15.16 -6.10
CA ALA A 24 -2.85 13.89 -6.54
C ALA A 24 -3.20 13.05 -5.31
N ARG A 25 -4.18 12.17 -5.50
CA ARG A 25 -4.63 11.30 -4.42
C ARG A 25 -3.83 9.99 -4.42
N VAL A 26 -3.35 9.62 -3.24
CA VAL A 26 -2.58 8.41 -3.10
C VAL A 26 -3.42 7.36 -2.36
N LEU A 27 -3.82 6.33 -3.10
CA LEU A 27 -4.63 5.27 -2.53
C LEU A 27 -3.71 4.31 -1.76
N VAL A 28 -4.09 4.06 -0.51
CA VAL A 28 -3.32 3.16 0.33
C VAL A 28 -4.19 1.96 0.73
N PRO A 29 -4.14 0.90 -0.11
CA PRO A 29 -4.90 -0.30 0.15
C PRO A 29 -4.29 -1.12 1.28
N LEU A 30 -5.01 -1.18 2.38
CA LEU A 30 -4.55 -1.91 3.55
C LEU A 30 -3.05 -1.66 3.76
N CYS A 31 -2.62 -0.49 3.29
CA CYS A 31 -1.23 -0.11 3.42
C CYS A 31 -1.07 0.74 4.68
N GLY A 32 -2.13 1.45 5.01
CA GLY A 32 -2.13 2.30 6.19
C GLY A 32 -1.02 3.36 6.10
N LYS A 33 -0.09 3.27 7.03
CA LYS A 33 1.02 4.20 7.07
C LYS A 33 2.28 3.51 6.53
N SER A 34 3.29 4.33 6.27
CA SER A 34 4.55 3.82 5.76
C SER A 34 5.44 4.97 5.28
N GLN A 35 6.71 4.66 5.11
CA GLN A 35 7.67 5.66 4.65
C GLN A 35 7.12 6.41 3.44
N ASP A 36 6.51 5.65 2.54
CA ASP A 36 5.95 6.23 1.34
C ASP A 36 4.95 7.32 1.72
N MET A 37 3.95 6.92 2.50
CA MET A 37 2.92 7.85 2.93
C MET A 37 3.55 9.13 3.48
N SER A 38 4.48 8.96 4.40
CA SER A 38 5.17 10.08 5.01
C SER A 38 5.89 10.90 3.93
N TRP A 39 6.46 10.17 2.98
CA TRP A 39 7.20 10.80 1.89
C TRP A 39 6.20 11.68 1.11
N LEU A 40 5.01 11.14 0.94
CA LEU A 40 3.98 11.86 0.21
C LEU A 40 3.55 13.09 1.01
N SER A 41 2.96 12.83 2.17
CA SER A 41 2.51 13.91 3.03
C SER A 41 3.59 15.00 3.12
N GLY A 42 4.83 14.56 3.05
CA GLY A 42 5.96 15.48 3.13
C GLY A 42 6.12 16.24 1.80
N GLN A 43 5.90 15.52 0.71
CA GLN A 43 6.03 16.11 -0.61
C GLN A 43 4.87 17.09 -0.87
N GLY A 44 3.73 16.75 -0.29
CA GLY A 44 2.54 17.59 -0.46
C GLY A 44 1.52 16.92 -1.37
N TYR A 45 0.98 15.81 -0.88
CA TYR A 45 -0.01 15.06 -1.65
C TYR A 45 -1.22 14.71 -0.78
N HIS A 46 -2.25 14.17 -1.43
CA HIS A 46 -3.46 13.80 -0.74
C HIS A 46 -3.45 12.29 -0.47
N VAL A 47 -2.94 11.93 0.70
CA VAL A 47 -2.87 10.53 1.07
C VAL A 47 -4.20 10.10 1.70
N VAL A 48 -4.83 9.11 1.09
CA VAL A 48 -6.09 8.61 1.58
C VAL A 48 -6.16 7.09 1.34
N GLY A 49 -6.20 6.36 2.45
CA GLY A 49 -6.27 4.91 2.38
C GLY A 49 -6.74 4.32 3.71
N ALA A 50 -6.70 3.00 3.78
CA ALA A 50 -7.11 2.30 4.99
C ALA A 50 -6.13 1.17 5.28
N GLU A 51 -6.14 0.71 6.53
CA GLU A 51 -5.27 -0.37 6.95
C GLU A 51 -6.09 -1.52 7.54
N LEU A 52 -5.99 -2.67 6.88
CA LEU A 52 -6.71 -3.85 7.32
C LEU A 52 -6.02 -4.42 8.57
N SER A 53 -6.34 -3.84 9.71
CA SER A 53 -5.76 -4.29 10.97
C SER A 53 -6.72 -3.99 12.12
N GLU A 54 -6.91 -5.00 12.96
CA GLU A 54 -7.80 -4.87 14.09
C GLU A 54 -6.99 -4.56 15.37
N ALA A 55 -5.96 -5.37 15.58
CA ALA A 55 -5.10 -5.19 16.74
C ALA A 55 -4.46 -3.80 16.69
N ALA A 56 -4.08 -3.41 15.48
CA ALA A 56 -3.45 -2.11 15.28
C ALA A 56 -4.46 -1.01 15.59
N VAL A 57 -5.72 -1.29 15.27
CA VAL A 57 -6.78 -0.34 15.51
C VAL A 57 -6.90 -0.07 17.01
N GLU A 58 -7.03 -1.14 17.77
CA GLU A 58 -7.15 -1.03 19.21
C GLU A 58 -5.91 -0.35 19.80
N ARG A 59 -4.76 -0.74 19.30
CA ARG A 59 -3.50 -0.17 19.75
C ARG A 59 -3.47 1.33 19.47
N TYR A 60 -3.98 1.69 18.30
CA TYR A 60 -4.01 3.09 17.89
C TYR A 60 -4.86 3.91 18.85
N PHE A 61 -6.00 3.36 19.20
CA PHE A 61 -6.91 4.03 20.11
C PHE A 61 -6.39 4.00 21.55
N THR A 62 -5.54 3.01 21.81
CA THR A 62 -4.96 2.85 23.14
C THR A 62 -3.83 3.86 23.34
N GLU A 63 -3.03 4.02 22.29
CA GLU A 63 -1.91 4.96 22.36
C GLU A 63 -2.42 6.40 22.31
N ARG A 64 -3.32 6.64 21.37
CA ARG A 64 -3.89 7.97 21.20
C ARG A 64 -4.87 8.27 22.35
N GLY A 65 -5.55 7.23 22.78
CA GLY A 65 -6.52 7.38 23.87
C GLY A 65 -7.76 8.13 23.40
N GLU A 66 -8.10 7.93 22.13
CA GLU A 66 -9.26 8.58 21.56
C GLU A 66 -8.89 9.99 21.09
N GLN A 67 -9.48 10.38 19.96
CA GLN A 67 -9.23 11.70 19.40
C GLN A 67 -9.70 11.75 17.94
N PRO A 68 -9.25 10.74 17.15
CA PRO A 68 -9.63 10.66 15.75
C PRO A 68 -11.07 10.19 15.60
N HIS A 69 -11.47 10.04 14.34
CA HIS A 69 -12.82 9.59 14.04
C HIS A 69 -12.85 8.06 13.93
N ILE A 70 -13.54 7.45 14.87
CA ILE A 70 -13.65 6.00 14.90
C ILE A 70 -15.09 5.60 14.56
N THR A 71 -15.21 4.72 13.57
CA THR A 71 -16.52 4.25 13.15
C THR A 71 -16.50 2.74 12.95
N SER A 72 -17.64 2.12 13.25
CA SER A 72 -17.76 0.67 13.11
C SER A 72 -18.70 0.34 11.95
N GLN A 73 -18.13 -0.27 10.93
CA GLN A 73 -18.91 -0.64 9.75
C GLN A 73 -19.05 -2.17 9.67
N GLY A 74 -20.18 -2.65 10.14
CA GLY A 74 -20.45 -4.08 10.13
C GLY A 74 -19.51 -4.82 11.08
N ASP A 75 -18.54 -5.51 10.48
CA ASP A 75 -17.57 -6.27 11.26
C ASP A 75 -16.19 -5.63 11.09
N PHE A 76 -16.19 -4.36 10.71
CA PHE A 76 -14.95 -3.63 10.51
C PHE A 76 -14.99 -2.29 11.25
N LYS A 77 -13.84 -1.63 11.24
CA LYS A 77 -13.72 -0.34 11.90
C LYS A 77 -12.97 0.63 10.98
N VAL A 78 -13.08 1.91 11.32
CA VAL A 78 -12.42 2.94 10.53
C VAL A 78 -11.88 4.02 11.47
N TYR A 79 -10.56 4.18 11.44
CA TYR A 79 -9.91 5.18 12.28
C TYR A 79 -9.20 6.24 11.43
N ALA A 80 -9.86 7.38 11.29
CA ALA A 80 -9.30 8.47 10.51
C ALA A 80 -8.65 9.48 11.45
N ALA A 81 -7.44 9.89 11.08
CA ALA A 81 -6.70 10.85 11.88
C ALA A 81 -6.83 12.25 11.25
N PRO A 82 -6.71 13.28 12.12
CA PRO A 82 -6.82 14.66 11.67
C PRO A 82 -5.54 15.08 10.92
N GLY A 83 -5.65 15.12 9.60
CA GLY A 83 -4.53 15.51 8.77
C GLY A 83 -4.46 14.66 7.51
N ILE A 84 -4.45 13.35 7.72
CA ILE A 84 -4.38 12.42 6.60
C ILE A 84 -5.72 11.67 6.49
N GLU A 85 -5.92 11.05 5.34
CA GLU A 85 -7.14 10.30 5.10
C GLU A 85 -6.89 8.80 5.26
N ILE A 86 -6.25 8.47 6.38
CA ILE A 86 -5.94 7.08 6.68
C ILE A 86 -6.90 6.57 7.76
N TRP A 87 -7.68 5.56 7.40
CA TRP A 87 -8.63 4.98 8.33
C TRP A 87 -8.16 3.56 8.65
N CYS A 88 -7.91 3.33 9.93
CA CYS A 88 -7.46 2.02 10.38
C CYS A 88 -8.69 1.14 10.59
N GLY A 89 -8.49 -0.15 10.36
CA GLY A 89 -9.58 -1.12 10.52
C GLY A 89 -9.71 -1.99 9.27
N ASP A 90 -10.68 -1.64 8.43
CA ASP A 90 -10.92 -2.38 7.21
C ASP A 90 -11.00 -1.40 6.03
N PHE A 91 -10.87 -1.95 4.84
CA PHE A 91 -10.92 -1.15 3.62
C PHE A 91 -11.70 -1.87 2.52
N PHE A 92 -12.69 -1.17 1.99
CA PHE A 92 -13.51 -1.72 0.93
C PHE A 92 -14.87 -1.02 0.86
N ALA A 93 -14.83 0.30 1.02
CA ALA A 93 -16.05 1.09 0.98
C ALA A 93 -15.68 2.58 0.99
N LEU A 94 -14.58 2.88 0.32
CA LEU A 94 -14.11 4.26 0.24
C LEU A 94 -13.91 4.65 -1.22
N THR A 95 -14.17 3.69 -2.10
CA THR A 95 -14.04 3.91 -3.52
C THR A 95 -12.66 4.52 -3.83
N ALA A 96 -11.68 3.63 -3.95
CA ALA A 96 -10.33 4.06 -4.24
C ALA A 96 -10.30 4.78 -5.60
N ARG A 97 -11.40 4.66 -6.32
CA ARG A 97 -11.53 5.29 -7.62
C ARG A 97 -11.94 6.75 -7.46
N ASP A 98 -12.89 6.97 -6.56
CA ASP A 98 -13.39 8.32 -6.31
C ASP A 98 -12.33 9.10 -5.52
N ILE A 99 -11.53 8.36 -4.78
CA ILE A 99 -10.48 8.97 -3.98
C ILE A 99 -9.19 9.02 -4.80
N GLY A 100 -9.05 8.07 -5.71
CA GLY A 100 -7.88 8.00 -6.55
C GLY A 100 -8.01 8.94 -7.75
N HIS A 101 -8.90 8.55 -8.67
CA HIS A 101 -9.13 9.35 -9.86
C HIS A 101 -7.80 9.58 -10.59
N CYS A 102 -6.98 10.45 -10.00
CA CYS A 102 -5.69 10.77 -10.58
C CYS A 102 -4.68 10.92 -9.44
N ALA A 103 -3.51 10.35 -9.65
CA ALA A 103 -2.46 10.42 -8.66
C ALA A 103 -1.62 9.13 -8.71
N ALA A 104 -1.77 8.33 -7.66
CA ALA A 104 -1.06 7.07 -7.57
C ALA A 104 -1.57 6.28 -6.37
N PHE A 105 -0.93 5.15 -6.14
CA PHE A 105 -1.31 4.29 -5.02
C PHE A 105 -0.16 3.35 -4.63
N TYR A 106 -0.08 3.06 -3.34
CA TYR A 106 0.95 2.19 -2.83
C TYR A 106 0.35 0.92 -2.21
N ASP A 107 0.74 -0.22 -2.76
CA ASP A 107 0.25 -1.49 -2.28
C ASP A 107 1.36 -2.19 -1.50
N ARG A 108 0.97 -2.79 -0.38
CA ARG A 108 1.93 -3.50 0.46
C ARG A 108 1.62 -5.00 0.45
N ALA A 109 2.53 -5.75 1.05
CA ALA A 109 2.38 -7.19 1.12
C ALA A 109 0.98 -7.53 1.65
N ALA A 110 0.18 -8.10 0.78
CA ALA A 110 -1.18 -8.48 1.14
C ALA A 110 -1.68 -9.59 0.22
N MET A 111 -1.69 -9.28 -1.07
CA MET A 111 -2.13 -10.24 -2.07
C MET A 111 -1.13 -11.37 -2.22
N ILE A 112 0.03 -11.19 -1.59
CA ILE A 112 1.08 -12.19 -1.65
C ILE A 112 0.82 -13.26 -0.57
N ALA A 113 -0.10 -12.94 0.32
CA ALA A 113 -0.45 -13.87 1.39
C ALA A 113 -1.73 -14.60 1.02
N LEU A 114 -2.37 -14.13 -0.06
CA LEU A 114 -3.60 -14.74 -0.52
C LEU A 114 -3.29 -15.70 -1.66
N PRO A 115 -4.31 -16.54 -1.99
CA PRO A 115 -4.16 -17.51 -3.07
C PRO A 115 -4.23 -16.84 -4.43
N ALA A 116 -3.92 -17.61 -5.46
CA ALA A 116 -3.94 -17.10 -6.82
C ALA A 116 -5.34 -16.56 -7.12
N ASP A 117 -6.31 -17.47 -7.12
CA ASP A 117 -7.68 -17.10 -7.39
C ASP A 117 -7.99 -15.76 -6.72
N MET A 118 -7.76 -15.72 -5.41
CA MET A 118 -8.02 -14.51 -4.65
C MET A 118 -7.17 -13.35 -5.17
N ARG A 119 -5.90 -13.64 -5.41
CA ARG A 119 -4.98 -12.64 -5.91
C ARG A 119 -5.53 -12.00 -7.19
N GLU A 120 -6.14 -12.83 -8.01
CA GLU A 120 -6.71 -12.37 -9.27
C GLU A 120 -7.90 -11.45 -8.99
N ARG A 121 -8.81 -11.95 -8.17
CA ARG A 121 -10.00 -11.18 -7.81
C ARG A 121 -9.62 -9.91 -7.05
N TYR A 122 -8.41 -9.95 -6.49
CA TYR A 122 -7.91 -8.81 -5.73
C TYR A 122 -7.41 -7.70 -6.67
N VAL A 123 -6.48 -8.09 -7.53
CA VAL A 123 -5.91 -7.15 -8.48
C VAL A 123 -7.03 -6.55 -9.33
N GLN A 124 -7.96 -7.39 -9.72
CA GLN A 124 -9.09 -6.97 -10.53
C GLN A 124 -10.00 -6.04 -9.72
N HIS A 125 -10.29 -6.47 -8.50
CA HIS A 125 -11.15 -5.70 -7.62
C HIS A 125 -10.54 -4.32 -7.40
N LEU A 126 -9.22 -4.30 -7.25
CA LEU A 126 -8.50 -3.05 -7.03
C LEU A 126 -8.62 -2.18 -8.28
N GLU A 127 -8.02 -2.68 -9.36
CA GLU A 127 -8.05 -1.96 -10.62
C GLU A 127 -9.48 -1.60 -11.01
N ALA A 128 -10.42 -2.31 -10.39
CA ALA A 128 -11.83 -2.07 -10.65
C ALA A 128 -12.26 -0.77 -9.97
N LEU A 129 -12.18 -0.76 -8.65
CA LEU A 129 -12.55 0.42 -7.88
C LEU A 129 -11.37 1.37 -7.83
N MET A 130 -10.40 1.14 -8.70
CA MET A 130 -9.22 1.98 -8.76
C MET A 130 -9.49 3.25 -9.55
N PRO A 131 -8.44 4.13 -9.61
CA PRO A 131 -8.56 5.38 -10.32
C PRO A 131 -8.50 5.16 -11.83
N GLN A 132 -8.25 6.25 -12.55
CA GLN A 132 -8.15 6.18 -14.00
C GLN A 132 -6.71 6.46 -14.45
N ALA A 133 -6.08 7.39 -13.76
CA ALA A 133 -4.71 7.75 -14.08
C ALA A 133 -3.93 7.96 -12.78
N CYS A 134 -3.33 6.88 -12.30
CA CYS A 134 -2.56 6.94 -11.07
C CYS A 134 -1.40 5.95 -11.19
N SER A 135 -0.30 6.28 -10.52
CA SER A 135 0.88 5.44 -10.55
C SER A 135 0.90 4.52 -9.33
N GLY A 136 0.64 3.25 -9.57
CA GLY A 136 0.62 2.27 -8.50
C GLY A 136 2.01 1.63 -8.32
N LEU A 137 2.30 1.29 -7.07
CA LEU A 137 3.57 0.68 -6.75
C LEU A 137 3.36 -0.45 -5.73
N LEU A 138 3.43 -1.68 -6.23
CA LEU A 138 3.25 -2.83 -5.38
C LEU A 138 4.58 -3.22 -4.72
N ILE A 139 4.50 -3.54 -3.44
CA ILE A 139 5.69 -3.92 -2.70
C ILE A 139 5.49 -5.31 -2.10
N THR A 140 5.92 -6.32 -2.84
CA THR A 140 5.80 -7.70 -2.39
C THR A 140 7.10 -8.17 -1.76
N LEU A 141 7.03 -9.32 -1.10
CA LEU A 141 8.19 -9.89 -0.45
C LEU A 141 8.07 -11.42 -0.47
N GLU A 142 9.19 -12.07 -0.19
CA GLU A 142 9.24 -13.52 -0.16
C GLU A 142 9.91 -14.01 1.12
N TYR A 143 11.16 -13.60 1.29
CA TYR A 143 11.93 -13.99 2.46
C TYR A 143 11.04 -14.01 3.71
N ASP A 144 10.72 -12.81 4.18
CA ASP A 144 9.88 -12.68 5.36
C ASP A 144 8.83 -13.79 5.38
N GLN A 145 8.39 -14.14 6.58
CA GLN A 145 7.40 -15.18 6.74
C GLN A 145 7.51 -15.82 8.12
N ALA A 146 8.65 -15.58 8.76
CA ALA A 146 8.90 -16.13 10.08
C ALA A 146 9.36 -15.00 11.01
N LEU A 147 8.68 -13.87 10.90
CA LEU A 147 9.00 -12.71 11.71
C LEU A 147 8.12 -11.54 11.29
N LEU A 148 7.82 -11.50 10.01
CA LEU A 148 6.99 -10.42 9.46
C LEU A 148 5.51 -10.81 9.61
N GLU A 149 4.68 -9.79 9.72
CA GLU A 149 3.25 -10.00 9.86
C GLU A 149 2.68 -10.62 8.58
N GLY A 150 2.31 -11.89 8.70
CA GLY A 150 1.75 -12.61 7.56
C GLY A 150 2.85 -13.13 6.64
N PRO A 151 2.88 -14.48 6.48
CA PRO A 151 3.87 -15.11 5.64
C PRO A 151 3.55 -14.90 4.15
N PRO A 152 4.40 -14.08 3.48
CA PRO A 152 4.20 -13.79 2.07
C PRO A 152 4.62 -14.98 1.21
N PHE A 153 3.82 -15.25 0.19
CA PHE A 153 4.09 -16.35 -0.72
C PHE A 153 4.82 -15.86 -1.98
N SER A 154 5.19 -14.58 -1.95
CA SER A 154 5.88 -13.99 -3.08
C SER A 154 5.03 -14.10 -4.34
N VAL A 155 5.03 -13.03 -5.12
CA VAL A 155 4.26 -12.99 -6.35
C VAL A 155 5.20 -12.65 -7.51
N PRO A 156 5.23 -13.59 -8.51
CA PRO A 156 6.07 -13.40 -9.67
C PRO A 156 5.47 -12.37 -10.63
N GLN A 157 6.25 -11.33 -10.89
CA GLN A 157 5.81 -10.27 -11.78
C GLN A 157 5.05 -10.86 -12.97
N THR A 158 5.64 -11.89 -13.56
CA THR A 158 5.03 -12.55 -14.70
C THR A 158 3.54 -12.78 -14.46
N TRP A 159 3.24 -13.20 -13.23
CA TRP A 159 1.86 -13.47 -12.86
C TRP A 159 1.09 -12.15 -12.93
N LEU A 160 1.68 -11.12 -12.34
CA LEU A 160 1.05 -9.80 -12.34
C LEU A 160 0.78 -9.36 -13.78
N HIS A 161 1.70 -9.75 -14.66
CA HIS A 161 1.57 -9.40 -16.07
C HIS A 161 0.64 -10.39 -16.75
N ARG A 162 0.43 -11.52 -16.09
CA ARG A 162 -0.44 -12.56 -16.63
C ARG A 162 -1.90 -12.23 -16.32
N VAL A 163 -2.12 -11.71 -15.12
CA VAL A 163 -3.47 -11.35 -14.70
C VAL A 163 -3.55 -9.84 -14.52
N MET A 164 -2.71 -9.33 -13.63
CA MET A 164 -2.68 -7.91 -13.35
C MET A 164 -2.40 -7.11 -14.62
N SER A 165 -2.37 -7.83 -15.75
CA SER A 165 -2.11 -7.19 -17.03
C SER A 165 -3.44 -6.89 -17.73
N GLY A 166 -3.75 -5.60 -17.78
CA GLY A 166 -4.99 -5.17 -18.43
C GLY A 166 -5.72 -4.15 -17.55
N ASN A 167 -5.07 -3.01 -17.34
CA ASN A 167 -5.66 -1.96 -16.54
C ASN A 167 -4.54 -1.14 -15.89
N TRP A 168 -3.40 -1.79 -15.71
CA TRP A 168 -2.25 -1.15 -15.10
C TRP A 168 -0.98 -1.72 -15.75
N GLU A 169 0.02 -0.87 -15.84
CA GLU A 169 1.29 -1.27 -16.45
C GLU A 169 2.27 -1.71 -15.36
N VAL A 170 2.19 -2.98 -14.99
CA VAL A 170 3.06 -3.53 -13.97
C VAL A 170 4.48 -3.64 -14.52
N THR A 171 5.42 -3.08 -13.77
CA THR A 171 6.82 -3.10 -14.18
C THR A 171 7.68 -3.74 -13.08
N LYS A 172 8.57 -4.62 -13.51
CA LYS A 172 9.45 -5.30 -12.58
C LYS A 172 10.42 -4.28 -11.97
N VAL A 173 10.50 -4.31 -10.65
CA VAL A 173 11.38 -3.40 -9.94
C VAL A 173 11.67 -3.97 -8.54
N GLY A 174 12.66 -3.38 -7.89
CA GLY A 174 13.06 -3.82 -6.56
C GLY A 174 13.94 -5.06 -6.63
N GLY A 175 13.84 -5.88 -5.61
CA GLY A 175 14.63 -7.11 -5.54
C GLY A 175 14.76 -7.59 -4.10
N GLN A 176 16.00 -7.80 -3.68
CA GLN A 176 16.28 -8.26 -2.34
C GLN A 176 17.39 -7.42 -1.70
N ASP A 177 17.60 -7.66 -0.41
CA ASP A 177 18.62 -6.92 0.33
C ASP A 177 18.23 -5.44 0.39
N THR A 178 17.01 -5.16 -0.03
CA THR A 178 16.52 -3.80 -0.03
C THR A 178 15.32 -3.67 0.93
N LEU A 179 15.64 -3.67 2.22
CA LEU A 179 14.62 -3.55 3.25
C LEU A 179 14.42 -2.08 3.59
N HIS A 180 15.53 -1.39 3.81
CA HIS A 180 15.48 0.02 4.14
C HIS A 180 14.42 0.71 3.30
N SER A 181 14.19 0.15 2.12
CA SER A 181 13.21 0.71 1.21
C SER A 181 11.82 0.69 1.85
N SER A 182 11.46 -0.49 2.35
CA SER A 182 10.16 -0.65 2.99
C SER A 182 10.30 -0.47 4.51
N ALA A 183 9.20 -0.13 5.15
CA ALA A 183 9.19 0.07 6.59
C ALA A 183 8.84 -1.26 7.27
N ARG A 184 7.99 -2.02 6.61
CA ARG A 184 7.56 -3.30 7.15
C ARG A 184 8.77 -4.07 7.71
N GLY A 185 9.90 -3.88 7.06
CA GLY A 185 11.12 -4.54 7.48
C GLY A 185 11.56 -4.05 8.86
N LEU A 186 11.39 -2.76 9.08
CA LEU A 186 11.76 -2.17 10.36
C LEU A 186 10.68 -2.47 11.39
N LYS A 187 9.50 -2.79 10.89
CA LYS A 187 8.38 -3.10 11.76
C LYS A 187 8.59 -4.48 12.39
N ALA A 188 8.99 -5.43 11.55
CA ALA A 188 9.24 -6.78 12.02
C ALA A 188 10.70 -6.92 12.41
N GLY A 189 11.56 -6.31 11.61
CA GLY A 189 12.99 -6.35 11.86
C GLY A 189 13.64 -7.52 11.11
N LEU A 190 13.86 -7.32 9.83
CA LEU A 190 14.48 -8.35 9.00
C LEU A 190 15.86 -7.88 8.56
N GLU A 191 16.08 -6.58 8.69
CA GLU A 191 17.36 -5.99 8.31
C GLU A 191 17.95 -6.75 7.11
N ARG A 192 17.06 -7.24 6.26
CA ARG A 192 17.47 -7.97 5.08
C ARG A 192 16.40 -8.96 4.66
N MET A 193 15.49 -8.49 3.81
CA MET A 193 14.41 -9.32 3.34
C MET A 193 14.16 -9.09 1.84
N ASP A 194 13.93 -10.19 1.13
CA ASP A 194 13.68 -10.12 -0.30
C ASP A 194 12.33 -9.43 -0.54
N GLU A 195 12.40 -8.25 -1.14
CA GLU A 195 11.20 -7.48 -1.42
C GLU A 195 11.15 -7.13 -2.91
N HIS A 196 10.16 -7.69 -3.59
CA HIS A 196 9.98 -7.45 -5.01
C HIS A 196 8.96 -6.31 -5.21
N VAL A 197 9.40 -5.28 -5.91
CA VAL A 197 8.55 -4.14 -6.18
C VAL A 197 8.05 -4.20 -7.62
N TYR A 198 6.88 -3.61 -7.84
CA TYR A 198 6.28 -3.61 -9.16
C TYR A 198 5.54 -2.30 -9.42
N VAL A 199 6.05 -1.55 -10.39
CA VAL A 199 5.44 -0.27 -10.75
C VAL A 199 4.28 -0.51 -11.71
N LEU A 200 3.08 -0.45 -11.16
CA LEU A 200 1.89 -0.67 -11.97
C LEU A 200 1.26 0.69 -12.30
N GLU A 201 1.36 1.06 -13.56
CA GLU A 201 0.81 2.32 -14.03
C GLU A 201 -0.70 2.19 -14.24
N ARG A 202 -1.44 2.63 -13.23
CA ARG A 202 -2.89 2.57 -13.29
C ARG A 202 -3.42 3.46 -14.42
N VAL A 203 -3.80 2.81 -15.52
CA VAL A 203 -4.31 3.52 -16.67
C VAL A 203 -5.85 3.56 -16.60
N HIS A 3 11.99 13.18 5.59
CA HIS A 3 13.34 12.90 5.11
C HIS A 3 13.31 11.64 4.23
N GLN A 4 13.83 11.80 3.03
CA GLN A 4 13.88 10.69 2.09
C GLN A 4 15.10 9.82 2.36
N SER A 5 15.22 9.40 3.62
CA SER A 5 16.34 8.56 4.02
C SER A 5 16.18 7.15 3.45
N GLU A 6 15.07 6.52 3.81
CA GLU A 6 14.78 5.18 3.34
C GLU A 6 13.30 5.03 3.02
N VAL A 7 12.94 5.44 1.80
CA VAL A 7 11.57 5.36 1.36
C VAL A 7 11.51 4.72 -0.03
N ASN A 8 11.63 3.40 -0.04
CA ASN A 8 11.61 2.66 -1.29
C ASN A 8 12.26 3.50 -2.39
N LYS A 9 13.55 3.26 -2.58
CA LYS A 9 14.30 3.98 -3.59
C LYS A 9 13.48 4.06 -4.88
N ASP A 10 12.79 2.96 -5.17
CA ASP A 10 11.96 2.90 -6.37
C ASP A 10 10.82 3.92 -6.24
N LEU A 11 10.11 3.83 -5.14
CA LEU A 11 9.00 4.73 -4.88
C LEU A 11 9.45 6.16 -5.14
N GLN A 12 10.37 6.63 -4.31
CA GLN A 12 10.89 7.98 -4.43
C GLN A 12 11.44 8.20 -5.84
N GLN A 13 11.93 7.12 -6.43
CA GLN A 13 12.49 7.18 -7.77
C GLN A 13 11.38 7.36 -8.80
N TYR A 14 10.73 6.25 -9.13
CA TYR A 14 9.64 6.26 -10.10
C TYR A 14 8.72 7.46 -9.86
N TRP A 15 8.43 7.70 -8.59
CA TRP A 15 7.55 8.80 -8.21
C TRP A 15 8.26 10.10 -8.58
N SER A 16 9.54 10.17 -8.24
CA SER A 16 10.33 11.35 -8.53
C SER A 16 10.29 11.66 -10.03
N SER A 17 10.13 10.60 -10.81
CA SER A 17 10.08 10.74 -12.26
C SER A 17 8.63 10.93 -12.71
N LEU A 18 7.74 10.19 -12.07
CA LEU A 18 6.32 10.28 -12.39
C LEU A 18 5.85 11.73 -12.25
N ASN A 19 6.34 12.36 -11.20
CA ASN A 19 5.99 13.75 -10.93
C ASN A 19 4.49 13.95 -11.20
N VAL A 20 3.71 12.97 -10.78
CA VAL A 20 2.27 13.02 -10.98
C VAL A 20 1.75 14.37 -10.50
N VAL A 21 0.61 14.75 -11.05
CA VAL A 21 0.00 16.02 -10.69
C VAL A 21 0.28 16.33 -9.22
N PRO A 22 0.52 17.64 -8.93
CA PRO A 22 0.81 18.06 -7.58
C PRO A 22 -0.46 18.07 -6.72
N GLY A 23 -0.51 17.14 -5.78
CA GLY A 23 -1.65 17.03 -4.90
C GLY A 23 -2.54 15.84 -5.28
N ALA A 24 -2.15 15.19 -6.38
CA ALA A 24 -2.90 14.04 -6.86
C ALA A 24 -3.34 13.18 -5.67
N ARG A 25 -4.36 12.37 -5.91
CA ARG A 25 -4.88 11.51 -4.86
C ARG A 25 -4.06 10.21 -4.79
N VAL A 26 -3.47 9.98 -3.63
CA VAL A 26 -2.66 8.80 -3.42
C VAL A 26 -3.43 7.81 -2.55
N LEU A 27 -3.68 6.65 -3.11
CA LEU A 27 -4.40 5.61 -2.40
C LEU A 27 -3.41 4.56 -1.88
N VAL A 28 -3.65 4.14 -0.65
CA VAL A 28 -2.78 3.15 -0.02
C VAL A 28 -3.64 2.16 0.77
N PRO A 29 -3.79 0.93 0.18
CA PRO A 29 -4.58 -0.10 0.81
C PRO A 29 -3.82 -0.72 1.99
N LEU A 30 -4.55 -0.94 3.07
CA LEU A 30 -3.95 -1.51 4.27
C LEU A 30 -2.46 -1.21 4.29
N CYS A 31 -2.14 0.06 4.08
CA CYS A 31 -0.76 0.50 4.07
C CYS A 31 -0.44 1.09 5.45
N GLY A 32 -1.44 1.73 6.03
CA GLY A 32 -1.29 2.35 7.33
C GLY A 32 -0.10 3.32 7.33
N LYS A 33 0.89 2.99 8.15
CA LYS A 33 2.08 3.82 8.26
C LYS A 33 3.21 3.20 7.44
N SER A 34 3.86 4.04 6.64
CA SER A 34 4.95 3.58 5.80
C SER A 34 5.73 4.78 5.27
N GLN A 35 7.00 4.53 4.94
CA GLN A 35 7.86 5.57 4.43
C GLN A 35 7.23 6.21 3.18
N ASP A 36 6.56 5.37 2.40
CA ASP A 36 5.92 5.83 1.19
C ASP A 36 4.94 6.96 1.53
N MET A 37 3.99 6.63 2.40
CA MET A 37 2.99 7.60 2.82
C MET A 37 3.66 8.87 3.35
N SER A 38 4.49 8.68 4.36
CA SER A 38 5.19 9.80 4.97
C SER A 38 5.90 10.62 3.90
N TRP A 39 6.35 9.92 2.87
CA TRP A 39 7.05 10.57 1.77
C TRP A 39 6.02 11.36 0.96
N LEU A 40 4.84 10.78 0.82
CA LEU A 40 3.76 11.42 0.08
C LEU A 40 3.35 12.70 0.81
N SER A 41 2.91 12.52 2.05
CA SER A 41 2.48 13.64 2.85
C SER A 41 3.55 14.74 2.85
N GLY A 42 4.79 14.30 3.00
CA GLY A 42 5.91 15.22 3.02
C GLY A 42 6.11 15.88 1.65
N GLN A 43 5.56 15.23 0.64
CA GLN A 43 5.68 15.73 -0.72
C GLN A 43 4.58 16.77 -0.99
N GLY A 44 3.40 16.50 -0.43
CA GLY A 44 2.28 17.41 -0.60
C GLY A 44 1.22 16.78 -1.51
N TYR A 45 0.79 15.59 -1.13
CA TYR A 45 -0.22 14.88 -1.90
C TYR A 45 -1.43 14.53 -1.02
N HIS A 46 -2.45 13.97 -1.67
CA HIS A 46 -3.67 13.60 -0.97
C HIS A 46 -3.53 12.16 -0.44
N VAL A 47 -2.76 12.02 0.62
CA VAL A 47 -2.53 10.72 1.22
C VAL A 47 -3.86 10.21 1.81
N VAL A 48 -4.39 9.18 1.17
CA VAL A 48 -5.65 8.59 1.61
C VAL A 48 -5.57 7.08 1.44
N GLY A 49 -5.61 6.38 2.57
CA GLY A 49 -5.55 4.93 2.55
C GLY A 49 -6.36 4.34 3.71
N ALA A 50 -6.31 3.01 3.82
CA ALA A 50 -7.02 2.32 4.88
C ALA A 50 -6.07 1.34 5.56
N GLU A 51 -6.46 0.92 6.76
CA GLU A 51 -5.66 -0.01 7.53
C GLU A 51 -6.48 -1.26 7.86
N LEU A 52 -5.95 -2.40 7.45
CA LEU A 52 -6.62 -3.67 7.70
C LEU A 52 -6.02 -4.31 8.95
N SER A 53 -6.26 -3.67 10.08
CA SER A 53 -5.76 -4.17 11.35
C SER A 53 -6.65 -3.69 12.49
N GLU A 54 -7.55 -4.57 12.91
CA GLU A 54 -8.47 -4.26 13.99
C GLU A 54 -7.69 -3.94 15.27
N ALA A 55 -6.94 -4.92 15.73
CA ALA A 55 -6.15 -4.76 16.94
C ALA A 55 -5.33 -3.48 16.85
N ALA A 56 -4.88 -3.19 15.63
CA ALA A 56 -4.09 -1.99 15.38
C ALA A 56 -4.91 -0.76 15.74
N VAL A 57 -6.08 -0.67 15.11
CA VAL A 57 -6.97 0.45 15.34
C VAL A 57 -7.17 0.64 16.85
N GLU A 58 -7.23 -0.50 17.55
CA GLU A 58 -7.42 -0.48 18.99
C GLU A 58 -6.21 0.16 19.68
N ARG A 59 -5.04 -0.23 19.23
CA ARG A 59 -3.81 0.30 19.78
C ARG A 59 -3.73 1.81 19.55
N TYR A 60 -4.30 2.24 18.43
CA TYR A 60 -4.30 3.65 18.08
C TYR A 60 -5.31 4.43 18.93
N PHE A 61 -6.42 3.76 19.22
CA PHE A 61 -7.47 4.38 20.03
C PHE A 61 -7.04 4.50 21.49
N THR A 62 -6.21 3.55 21.91
CA THR A 62 -5.73 3.54 23.27
C THR A 62 -4.52 4.47 23.42
N GLU A 63 -3.73 4.53 22.36
CA GLU A 63 -2.54 5.37 22.36
C GLU A 63 -2.95 6.85 22.24
N ARG A 64 -3.96 7.09 21.42
CA ARG A 64 -4.45 8.44 21.20
C ARG A 64 -5.50 8.80 22.25
N GLY A 65 -6.26 7.78 22.64
CA GLY A 65 -7.31 7.98 23.63
C GLY A 65 -8.52 8.69 23.03
N GLU A 66 -8.84 8.30 21.81
CA GLU A 66 -9.97 8.89 21.11
C GLU A 66 -9.62 10.29 20.62
N GLN A 67 -10.19 10.65 19.48
CA GLN A 67 -9.95 11.97 18.91
C GLN A 67 -10.36 11.98 17.44
N PRO A 68 -9.87 10.96 16.69
CA PRO A 68 -10.18 10.84 15.27
C PRO A 68 -11.62 10.36 15.06
N HIS A 69 -11.99 10.20 13.80
CA HIS A 69 -13.32 9.76 13.45
C HIS A 69 -13.34 8.23 13.35
N ILE A 70 -14.04 7.62 14.30
CA ILE A 70 -14.14 6.17 14.33
C ILE A 70 -15.56 5.76 13.92
N THR A 71 -15.62 4.81 13.00
CA THR A 71 -16.90 4.32 12.52
C THR A 71 -16.88 2.79 12.42
N SER A 72 -18.02 2.20 12.74
CA SER A 72 -18.15 0.74 12.68
C SER A 72 -18.76 0.32 11.35
N GLN A 73 -17.99 -0.48 10.61
CA GLN A 73 -18.44 -0.96 9.31
C GLN A 73 -18.56 -2.49 9.33
N GLY A 74 -19.71 -2.94 9.80
CA GLY A 74 -19.98 -4.37 9.87
C GLY A 74 -18.96 -5.07 10.77
N ASP A 75 -18.12 -5.87 10.15
CA ASP A 75 -17.09 -6.60 10.89
C ASP A 75 -15.75 -5.87 10.76
N PHE A 76 -15.85 -4.60 10.38
CA PHE A 76 -14.66 -3.78 10.21
C PHE A 76 -14.84 -2.41 10.88
N LYS A 77 -13.75 -1.66 10.91
CA LYS A 77 -13.77 -0.34 11.52
C LYS A 77 -13.10 0.66 10.57
N VAL A 78 -13.34 1.94 10.85
CA VAL A 78 -12.76 2.99 10.03
C VAL A 78 -12.38 4.17 10.93
N TYR A 79 -11.09 4.34 11.12
CA TYR A 79 -10.58 5.42 11.94
C TYR A 79 -9.75 6.40 11.12
N ALA A 80 -10.38 7.52 10.76
CA ALA A 80 -9.71 8.54 9.98
C ALA A 80 -9.20 9.64 10.91
N ALA A 81 -8.17 10.32 10.45
CA ALA A 81 -7.57 11.41 11.23
C ALA A 81 -7.65 12.70 10.43
N PRO A 82 -7.62 13.84 11.17
CA PRO A 82 -7.67 15.15 10.54
C PRO A 82 -6.33 15.50 9.89
N GLY A 83 -5.38 14.60 10.05
CA GLY A 83 -4.06 14.81 9.49
C GLY A 83 -3.95 14.17 8.10
N ILE A 84 -4.29 12.88 8.05
CA ILE A 84 -4.24 12.14 6.81
C ILE A 84 -5.58 11.42 6.59
N GLU A 85 -5.70 10.83 5.41
CA GLU A 85 -6.91 10.09 5.07
C GLU A 85 -6.72 8.60 5.31
N ILE A 86 -6.12 8.29 6.45
CA ILE A 86 -5.87 6.90 6.82
C ILE A 86 -6.94 6.45 7.80
N TRP A 87 -7.82 5.58 7.32
CA TRP A 87 -8.89 5.06 8.16
C TRP A 87 -8.49 3.66 8.61
N CYS A 88 -8.09 3.58 9.87
CA CYS A 88 -7.69 2.30 10.45
C CYS A 88 -8.92 1.41 10.55
N GLY A 89 -8.68 0.11 10.44
CA GLY A 89 -9.76 -0.87 10.51
C GLY A 89 -9.67 -1.87 9.37
N ASP A 90 -10.56 -1.70 8.39
CA ASP A 90 -10.59 -2.59 7.25
C ASP A 90 -10.88 -1.77 5.99
N PHE A 91 -10.60 -2.38 4.85
CA PHE A 91 -10.81 -1.72 3.56
C PHE A 91 -11.91 -2.43 2.77
N PHE A 92 -12.81 -1.62 2.23
CA PHE A 92 -13.92 -2.16 1.45
C PHE A 92 -15.12 -1.22 1.49
N ALA A 93 -14.82 0.07 1.41
CA ALA A 93 -15.87 1.08 1.43
C ALA A 93 -15.24 2.47 1.44
N LEU A 94 -14.33 2.69 0.50
CA LEU A 94 -13.65 3.96 0.39
C LEU A 94 -13.53 4.36 -1.09
N THR A 95 -13.96 3.44 -1.94
CA THR A 95 -13.90 3.66 -3.37
C THR A 95 -12.62 4.41 -3.75
N ALA A 96 -11.53 3.65 -3.82
CA ALA A 96 -10.24 4.22 -4.17
C ALA A 96 -10.34 4.90 -5.54
N ARG A 97 -11.44 4.62 -6.22
CA ARG A 97 -11.67 5.19 -7.53
C ARG A 97 -12.18 6.63 -7.42
N ASP A 98 -13.13 6.80 -6.52
CA ASP A 98 -13.72 8.12 -6.29
C ASP A 98 -12.67 9.04 -5.67
N ILE A 99 -11.99 8.51 -4.67
CA ILE A 99 -10.96 9.27 -3.99
C ILE A 99 -9.71 9.35 -4.88
N GLY A 100 -9.41 8.25 -5.53
CA GLY A 100 -8.26 8.18 -6.41
C GLY A 100 -8.45 9.09 -7.63
N HIS A 101 -9.28 8.61 -8.55
CA HIS A 101 -9.55 9.36 -9.77
C HIS A 101 -8.26 9.51 -10.58
N CYS A 102 -7.39 10.38 -10.10
CA CYS A 102 -6.13 10.63 -10.77
C CYS A 102 -5.06 10.90 -9.71
N ALA A 103 -3.89 10.31 -9.94
CA ALA A 103 -2.78 10.47 -9.00
C ALA A 103 -1.93 9.20 -9.00
N ALA A 104 -2.01 8.49 -7.88
CA ALA A 104 -1.25 7.25 -7.72
C ALA A 104 -1.74 6.52 -6.47
N PHE A 105 -1.04 5.44 -6.15
CA PHE A 105 -1.39 4.64 -4.99
C PHE A 105 -0.29 3.63 -4.67
N TYR A 106 -0.01 3.49 -3.38
CA TYR A 106 1.01 2.56 -2.94
C TYR A 106 0.38 1.29 -2.36
N ASP A 107 0.67 0.18 -3.02
CA ASP A 107 0.14 -1.10 -2.58
C ASP A 107 1.19 -1.83 -1.74
N ARG A 108 0.77 -2.26 -0.56
CA ARG A 108 1.65 -2.96 0.35
C ARG A 108 1.47 -4.47 0.21
N ALA A 109 2.43 -5.20 0.76
CA ALA A 109 2.38 -6.65 0.71
C ALA A 109 1.11 -7.14 1.37
N ALA A 110 0.13 -7.49 0.54
CA ALA A 110 -1.14 -7.98 1.04
C ALA A 110 -1.55 -9.22 0.25
N MET A 111 -1.56 -9.07 -1.07
CA MET A 111 -1.93 -10.17 -1.94
C MET A 111 -0.91 -11.31 -1.85
N ILE A 112 0.32 -10.94 -1.53
CA ILE A 112 1.39 -11.91 -1.41
C ILE A 112 1.05 -12.90 -0.29
N ALA A 113 0.08 -12.50 0.52
CA ALA A 113 -0.36 -13.34 1.63
C ALA A 113 -1.41 -14.34 1.14
N LEU A 114 -2.53 -13.79 0.69
CA LEU A 114 -3.61 -14.61 0.19
C LEU A 114 -3.10 -15.52 -0.93
N PRO A 115 -3.95 -16.49 -1.33
CA PRO A 115 -3.59 -17.42 -2.38
C PRO A 115 -3.65 -16.75 -3.76
N ALA A 116 -3.48 -17.56 -4.79
CA ALA A 116 -3.51 -17.06 -6.16
C ALA A 116 -4.93 -16.56 -6.47
N ASP A 117 -5.86 -17.50 -6.49
CA ASP A 117 -7.24 -17.17 -6.78
C ASP A 117 -7.59 -15.85 -6.12
N MET A 118 -7.39 -15.80 -4.81
CA MET A 118 -7.69 -14.60 -4.05
C MET A 118 -6.83 -13.42 -4.52
N ARG A 119 -5.55 -13.71 -4.74
CA ARG A 119 -4.62 -12.70 -5.19
C ARG A 119 -5.17 -11.98 -6.42
N GLU A 120 -5.68 -12.78 -7.35
CA GLU A 120 -6.24 -12.23 -8.58
C GLU A 120 -7.49 -11.41 -8.27
N ARG A 121 -8.35 -11.99 -7.44
CA ARG A 121 -9.58 -11.33 -7.07
C ARG A 121 -9.29 -10.04 -6.31
N TYR A 122 -8.10 -9.99 -5.73
CA TYR A 122 -7.67 -8.82 -4.98
C TYR A 122 -7.21 -7.70 -5.92
N VAL A 123 -6.32 -8.07 -6.82
CA VAL A 123 -5.79 -7.11 -7.78
C VAL A 123 -6.94 -6.57 -8.64
N GLN A 124 -7.82 -7.49 -9.03
CA GLN A 124 -8.96 -7.12 -9.86
C GLN A 124 -9.92 -6.22 -9.07
N HIS A 125 -10.23 -6.66 -7.86
CA HIS A 125 -11.13 -5.92 -7.00
C HIS A 125 -10.61 -4.49 -6.81
N LEU A 126 -9.29 -4.39 -6.64
CA LEU A 126 -8.66 -3.10 -6.45
C LEU A 126 -8.75 -2.31 -7.75
N GLU A 127 -8.16 -2.87 -8.80
CA GLU A 127 -8.17 -2.22 -10.10
C GLU A 127 -9.60 -1.84 -10.49
N ALA A 128 -10.55 -2.50 -9.86
CA ALA A 128 -11.96 -2.24 -10.12
C ALA A 128 -12.37 -0.94 -9.42
N LEU A 129 -12.21 -0.95 -8.11
CA LEU A 129 -12.56 0.22 -7.31
C LEU A 129 -11.42 1.24 -7.38
N MET A 130 -10.43 0.92 -8.18
CA MET A 130 -9.27 1.79 -8.34
C MET A 130 -9.65 3.04 -9.15
N PRO A 131 -8.66 3.97 -9.27
CA PRO A 131 -8.87 5.20 -10.01
C PRO A 131 -8.87 4.93 -11.52
N GLN A 132 -8.75 6.02 -12.28
CA GLN A 132 -8.73 5.93 -13.73
C GLN A 132 -7.31 6.15 -14.26
N ALA A 133 -6.70 7.21 -13.76
CA ALA A 133 -5.34 7.54 -14.17
C ALA A 133 -4.50 7.86 -12.94
N CYS A 134 -3.77 6.86 -12.49
CA CYS A 134 -2.91 7.01 -11.32
C CYS A 134 -1.73 6.06 -11.46
N SER A 135 -0.68 6.36 -10.70
CA SER A 135 0.51 5.54 -10.72
C SER A 135 0.57 4.65 -9.48
N GLY A 136 0.33 3.37 -9.70
CA GLY A 136 0.35 2.41 -8.61
C GLY A 136 1.75 1.82 -8.41
N LEU A 137 2.04 1.48 -7.17
CA LEU A 137 3.34 0.91 -6.84
C LEU A 137 3.16 -0.14 -5.75
N LEU A 138 3.35 -1.40 -6.14
CA LEU A 138 3.22 -2.51 -5.22
C LEU A 138 4.58 -2.82 -4.60
N ILE A 139 4.55 -3.22 -3.33
CA ILE A 139 5.77 -3.54 -2.62
C ILE A 139 5.63 -4.93 -1.99
N THR A 140 6.18 -5.92 -2.69
CA THR A 140 6.13 -7.29 -2.21
C THR A 140 7.49 -7.73 -1.69
N LEU A 141 7.49 -8.87 -1.02
CA LEU A 141 8.73 -9.41 -0.47
C LEU A 141 8.80 -10.90 -0.77
N GLU A 142 10.00 -11.45 -0.62
CA GLU A 142 10.22 -12.86 -0.86
C GLU A 142 10.68 -13.56 0.41
N TYR A 143 11.98 -13.47 0.67
CA TYR A 143 12.55 -14.08 1.85
C TYR A 143 11.52 -14.19 2.97
N ASP A 144 11.27 -13.07 3.63
CA ASP A 144 10.31 -13.02 4.72
C ASP A 144 9.24 -14.09 4.49
N GLN A 145 8.86 -14.74 5.58
CA GLN A 145 7.85 -15.78 5.51
C GLN A 145 7.79 -16.56 6.83
N ALA A 146 8.94 -16.60 7.49
CA ALA A 146 9.04 -17.31 8.76
C ALA A 146 9.49 -16.32 9.86
N LEU A 147 8.89 -15.15 9.83
CA LEU A 147 9.21 -14.12 10.80
C LEU A 147 8.37 -12.87 10.53
N LEU A 148 8.05 -12.68 9.26
CA LEU A 148 7.25 -11.54 8.86
C LEU A 148 5.77 -11.91 8.95
N GLU A 149 4.97 -10.92 9.35
CA GLU A 149 3.54 -11.12 9.49
C GLU A 149 2.96 -11.68 8.19
N GLY A 150 2.62 -12.97 8.23
CA GLY A 150 2.06 -13.62 7.06
C GLY A 150 3.15 -13.97 6.05
N PRO A 151 3.11 -15.25 5.58
CA PRO A 151 4.09 -15.72 4.60
C PRO A 151 3.79 -15.16 3.21
N PRO A 152 4.72 -14.29 2.72
CA PRO A 152 4.55 -13.69 1.41
C PRO A 152 4.86 -14.70 0.30
N PHE A 153 3.94 -14.77 -0.65
CA PHE A 153 4.10 -15.69 -1.77
C PHE A 153 5.04 -15.10 -2.82
N SER A 154 5.69 -14.02 -2.45
CA SER A 154 6.63 -13.36 -3.35
C SER A 154 6.00 -13.19 -4.73
N VAL A 155 4.75 -12.72 -4.72
CA VAL A 155 4.03 -12.50 -5.96
C VAL A 155 5.00 -12.00 -7.03
N PRO A 156 5.17 -12.83 -8.08
CA PRO A 156 6.07 -12.49 -9.18
C PRO A 156 5.43 -11.42 -10.09
N GLN A 157 6.26 -10.52 -10.57
CA GLN A 157 5.80 -9.45 -11.44
C GLN A 157 5.08 -10.04 -12.65
N THR A 158 5.68 -11.08 -13.22
CA THR A 158 5.10 -11.74 -14.38
C THR A 158 3.65 -12.14 -14.10
N TRP A 159 3.43 -12.60 -12.89
CA TRP A 159 2.09 -13.02 -12.48
C TRP A 159 1.18 -11.80 -12.56
N LEU A 160 1.61 -10.72 -11.90
CA LEU A 160 0.85 -9.50 -11.89
C LEU A 160 0.49 -9.10 -13.33
N HIS A 161 1.50 -9.16 -14.19
CA HIS A 161 1.31 -8.81 -15.59
C HIS A 161 0.45 -9.88 -16.27
N ARG A 162 0.41 -11.05 -15.65
CA ARG A 162 -0.37 -12.16 -16.18
C ARG A 162 -1.84 -12.00 -15.79
N VAL A 163 -2.06 -11.43 -14.61
CA VAL A 163 -3.41 -11.23 -14.12
C VAL A 163 -3.69 -9.73 -14.02
N MET A 164 -3.03 -9.09 -13.07
CA MET A 164 -3.20 -7.66 -12.87
C MET A 164 -3.29 -6.93 -14.21
N SER A 165 -2.62 -7.49 -15.20
CA SER A 165 -2.62 -6.90 -16.53
C SER A 165 -4.06 -6.62 -16.98
N GLY A 166 -4.38 -5.33 -17.04
CA GLY A 166 -5.71 -4.92 -17.45
C GLY A 166 -5.76 -3.41 -17.70
N ASN A 167 -5.16 -2.66 -16.79
CA ASN A 167 -5.13 -1.21 -16.90
C ASN A 167 -3.84 -0.69 -16.25
N TRP A 168 -3.61 -1.15 -15.03
CA TRP A 168 -2.43 -0.74 -14.29
C TRP A 168 -1.24 -1.55 -14.80
N GLU A 169 -0.50 -0.93 -15.71
CA GLU A 169 0.66 -1.57 -16.29
C GLU A 169 1.73 -1.80 -15.22
N VAL A 170 1.73 -3.01 -14.67
CA VAL A 170 2.69 -3.36 -13.64
C VAL A 170 4.07 -3.57 -14.28
N THR A 171 5.09 -3.06 -13.59
CA THR A 171 6.45 -3.18 -14.09
C THR A 171 7.36 -3.73 -12.98
N LYS A 172 8.30 -4.57 -13.40
CA LYS A 172 9.24 -5.16 -12.46
C LYS A 172 10.16 -4.07 -11.91
N VAL A 173 10.40 -4.16 -10.60
CA VAL A 173 11.26 -3.19 -9.94
C VAL A 173 11.60 -3.69 -8.54
N GLY A 174 12.53 -3.01 -7.90
CA GLY A 174 12.94 -3.37 -6.56
C GLY A 174 14.31 -4.07 -6.57
N GLY A 175 14.52 -4.91 -5.57
CA GLY A 175 15.78 -5.64 -5.46
C GLY A 175 15.79 -6.51 -4.21
N GLN A 176 16.83 -7.33 -4.10
CA GLN A 176 16.98 -8.22 -2.97
C GLN A 176 17.92 -7.60 -1.94
N ASP A 177 17.99 -8.25 -0.78
CA ASP A 177 18.84 -7.77 0.29
C ASP A 177 18.50 -6.32 0.61
N THR A 178 17.31 -5.92 0.22
CA THR A 178 16.85 -4.56 0.45
C THR A 178 15.65 -4.56 1.40
N LEU A 179 15.93 -4.79 2.67
CA LEU A 179 14.88 -4.81 3.67
C LEU A 179 14.45 -3.38 3.98
N HIS A 180 15.43 -2.50 4.07
CA HIS A 180 15.16 -1.10 4.35
C HIS A 180 14.14 -0.56 3.37
N SER A 181 14.16 -1.13 2.16
CA SER A 181 13.24 -0.71 1.13
C SER A 181 11.84 -0.51 1.71
N SER A 182 11.48 -1.40 2.62
CA SER A 182 10.18 -1.33 3.26
C SER A 182 10.36 -1.23 4.78
N ALA A 183 9.27 -0.86 5.44
CA ALA A 183 9.29 -0.71 6.89
C ALA A 183 8.86 -2.04 7.52
N ARG A 184 7.99 -2.75 6.83
CA ARG A 184 7.50 -4.03 7.31
C ARG A 184 8.66 -4.88 7.83
N GLY A 185 9.84 -4.60 7.29
CA GLY A 185 11.03 -5.33 7.69
C GLY A 185 11.37 -5.09 9.16
N LEU A 186 11.49 -3.81 9.51
CA LEU A 186 11.80 -3.43 10.87
C LEU A 186 10.56 -3.62 11.75
N LYS A 187 9.42 -3.76 11.08
CA LYS A 187 8.16 -3.96 11.77
C LYS A 187 8.03 -5.43 12.19
N ALA A 188 8.50 -6.30 11.31
CA ALA A 188 8.44 -7.73 11.57
C ALA A 188 9.76 -8.19 12.17
N GLY A 189 10.84 -7.61 11.66
CA GLY A 189 12.17 -7.96 12.14
C GLY A 189 12.85 -8.96 11.20
N LEU A 190 13.14 -8.51 9.99
CA LEU A 190 13.78 -9.35 9.00
C LEU A 190 15.30 -9.26 9.17
N GLU A 191 15.79 -8.02 9.18
CA GLU A 191 17.21 -7.78 9.32
C GLU A 191 17.95 -8.10 8.02
N ARG A 192 17.17 -8.55 7.04
CA ARG A 192 17.73 -8.89 5.75
C ARG A 192 16.78 -9.81 4.98
N MET A 193 16.29 -9.30 3.86
CA MET A 193 15.37 -10.06 3.02
C MET A 193 15.20 -9.40 1.65
N ASP A 194 14.87 -10.23 0.68
CA ASP A 194 14.67 -9.75 -0.68
C ASP A 194 13.31 -9.06 -0.78
N GLU A 195 13.31 -7.90 -1.43
CA GLU A 195 12.09 -7.14 -1.61
C GLU A 195 11.82 -6.90 -3.09
N HIS A 196 10.67 -7.38 -3.53
CA HIS A 196 10.28 -7.22 -4.92
C HIS A 196 9.23 -6.12 -5.05
N VAL A 197 9.56 -5.12 -5.86
CA VAL A 197 8.67 -4.00 -6.08
C VAL A 197 8.12 -4.05 -7.50
N TYR A 198 6.92 -3.51 -7.68
CA TYR A 198 6.28 -3.48 -8.97
C TYR A 198 5.58 -2.15 -9.21
N VAL A 199 6.10 -1.40 -10.19
CA VAL A 199 5.53 -0.11 -10.53
C VAL A 199 4.46 -0.30 -11.61
N LEU A 200 3.21 -0.15 -11.19
CA LEU A 200 2.09 -0.31 -12.09
C LEU A 200 1.55 1.07 -12.45
N GLU A 201 1.11 1.20 -13.71
CA GLU A 201 0.56 2.45 -14.18
C GLU A 201 -0.94 2.32 -14.45
N ARG A 202 -1.73 2.74 -13.48
CA ARG A 202 -3.17 2.67 -13.60
C ARG A 202 -3.65 3.54 -14.76
N VAL A 203 -3.78 2.92 -15.92
CA VAL A 203 -4.23 3.63 -17.10
C VAL A 203 -5.71 3.99 -16.95
N HIS A 3 12.45 13.92 6.46
CA HIS A 3 13.39 13.66 5.39
C HIS A 3 13.24 12.22 4.90
N GLN A 4 13.32 12.06 3.59
CA GLN A 4 13.19 10.74 2.98
C GLN A 4 13.88 9.69 3.84
N SER A 5 15.21 9.70 3.79
CA SER A 5 15.99 8.76 4.56
C SER A 5 15.75 7.33 4.05
N GLU A 6 14.59 6.80 4.41
CA GLU A 6 14.23 5.46 3.99
C GLU A 6 12.74 5.39 3.63
N VAL A 7 12.45 5.75 2.40
CA VAL A 7 11.07 5.74 1.92
C VAL A 7 11.02 5.02 0.58
N ASN A 8 11.04 3.69 0.65
CA ASN A 8 10.98 2.88 -0.56
C ASN A 8 11.72 3.60 -1.69
N LYS A 9 13.00 3.28 -1.82
CA LYS A 9 13.81 3.90 -2.86
C LYS A 9 13.02 3.95 -4.16
N ASP A 10 12.21 2.91 -4.37
CA ASP A 10 11.40 2.83 -5.58
C ASP A 10 10.35 3.94 -5.55
N LEU A 11 9.61 3.99 -4.45
CA LEU A 11 8.58 5.00 -4.28
C LEU A 11 9.17 6.38 -4.55
N GLN A 12 10.09 6.78 -3.67
CA GLN A 12 10.74 8.07 -3.79
C GLN A 12 11.35 8.23 -5.18
N GLN A 13 11.78 7.10 -5.73
CA GLN A 13 12.38 7.09 -7.05
C GLN A 13 11.34 7.41 -8.12
N TYR A 14 10.55 6.40 -8.45
CA TYR A 14 9.51 6.57 -9.45
C TYR A 14 8.75 7.88 -9.25
N TRP A 15 8.24 8.05 -8.04
CA TRP A 15 7.50 9.26 -7.71
C TRP A 15 8.35 10.47 -8.10
N SER A 16 9.57 10.48 -7.58
CA SER A 16 10.49 11.57 -7.86
C SER A 16 10.54 11.83 -9.36
N SER A 17 10.41 10.76 -10.12
CA SER A 17 10.42 10.86 -11.58
C SER A 17 9.01 11.11 -12.10
N LEU A 18 8.14 10.16 -11.84
CA LEU A 18 6.76 10.27 -12.28
C LEU A 18 6.31 11.73 -12.22
N ASN A 19 6.69 12.38 -11.12
CA ASN A 19 6.34 13.77 -10.93
C ASN A 19 4.82 13.92 -10.93
N VAL A 20 4.16 12.97 -10.28
CA VAL A 20 2.71 12.98 -10.20
C VAL A 20 2.22 14.41 -9.94
N VAL A 21 1.10 14.74 -10.56
CA VAL A 21 0.53 16.07 -10.40
C VAL A 21 0.72 16.53 -8.96
N PRO A 22 0.78 17.87 -8.78
CA PRO A 22 0.95 18.46 -7.46
C PRO A 22 -0.33 18.38 -6.65
N GLY A 23 -0.34 17.47 -5.69
CA GLY A 23 -1.50 17.29 -4.84
C GLY A 23 -2.27 16.02 -5.23
N ALA A 24 -1.77 15.35 -6.26
CA ALA A 24 -2.40 14.13 -6.73
C ALA A 24 -2.90 13.32 -5.54
N ARG A 25 -3.91 12.50 -5.81
CA ARG A 25 -4.49 11.67 -4.77
C ARG A 25 -3.79 10.31 -4.72
N VAL A 26 -3.36 9.94 -3.52
CA VAL A 26 -2.67 8.68 -3.33
C VAL A 26 -3.62 7.68 -2.66
N LEU A 27 -3.99 6.67 -3.42
CA LEU A 27 -4.89 5.65 -2.92
C LEU A 27 -4.09 4.54 -2.23
N VAL A 28 -4.59 4.12 -1.09
CA VAL A 28 -3.92 3.07 -0.32
C VAL A 28 -4.94 1.99 0.05
N PRO A 29 -4.64 0.75 -0.40
CA PRO A 29 -5.51 -0.39 -0.12
C PRO A 29 -5.37 -0.84 1.32
N LEU A 30 -4.14 -0.92 1.78
CA LEU A 30 -3.85 -1.34 3.14
C LEU A 30 -2.38 -1.08 3.46
N CYS A 31 -1.82 -0.12 2.74
CA CYS A 31 -0.42 0.24 2.93
C CYS A 31 -0.31 1.11 4.18
N GLY A 32 -1.46 1.61 4.61
CA GLY A 32 -1.51 2.46 5.79
C GLY A 32 -0.77 3.78 5.55
N LYS A 33 0.32 3.95 6.28
CA LYS A 33 1.12 5.15 6.16
C LYS A 33 2.58 4.77 5.86
N SER A 34 3.38 4.75 6.91
CA SER A 34 4.78 4.41 6.77
C SER A 34 5.55 5.57 6.15
N GLN A 35 6.74 5.25 5.64
CA GLN A 35 7.57 6.25 5.02
C GLN A 35 6.97 6.70 3.67
N ASP A 36 6.40 5.73 2.97
CA ASP A 36 5.79 6.01 1.69
C ASP A 36 4.77 7.14 1.84
N MET A 37 3.82 6.92 2.73
CA MET A 37 2.79 7.92 2.99
C MET A 37 3.39 9.21 3.53
N SER A 38 4.07 9.06 4.66
CA SER A 38 4.72 10.20 5.30
C SER A 38 5.43 11.06 4.26
N TRP A 39 6.01 10.39 3.28
CA TRP A 39 6.73 11.07 2.22
C TRP A 39 5.70 11.78 1.33
N LEU A 40 4.63 11.06 1.03
CA LEU A 40 3.57 11.62 0.20
C LEU A 40 3.02 12.88 0.87
N SER A 41 2.45 12.69 2.05
CA SER A 41 1.88 13.80 2.78
C SER A 41 2.88 14.95 2.87
N GLY A 42 4.14 14.57 3.11
CA GLY A 42 5.20 15.56 3.21
C GLY A 42 5.37 16.32 1.90
N GLN A 43 5.08 15.63 0.81
CA GLN A 43 5.19 16.22 -0.51
C GLN A 43 4.07 17.23 -0.74
N GLY A 44 2.89 16.88 -0.25
CA GLY A 44 1.73 17.74 -0.39
C GLY A 44 0.67 17.08 -1.27
N TYR A 45 0.40 15.81 -1.00
CA TYR A 45 -0.58 15.07 -1.76
C TYR A 45 -1.75 14.65 -0.87
N HIS A 46 -2.77 14.10 -1.52
CA HIS A 46 -3.95 13.65 -0.80
C HIS A 46 -3.82 12.16 -0.46
N VAL A 47 -3.31 11.90 0.72
CA VAL A 47 -3.12 10.53 1.18
C VAL A 47 -4.48 9.94 1.59
N VAL A 48 -4.92 8.97 0.80
CA VAL A 48 -6.19 8.32 1.07
C VAL A 48 -6.03 6.80 0.93
N GLY A 49 -6.46 6.09 1.97
CA GLY A 49 -6.36 4.64 1.97
C GLY A 49 -6.79 4.08 3.33
N ALA A 50 -6.80 2.76 3.41
CA ALA A 50 -7.18 2.08 4.63
C ALA A 50 -5.95 1.38 5.23
N GLU A 51 -6.11 0.94 6.47
CA GLU A 51 -5.03 0.26 7.16
C GLU A 51 -5.49 -1.11 7.65
N LEU A 52 -5.24 -2.13 6.83
CA LEU A 52 -5.62 -3.48 7.18
C LEU A 52 -4.87 -3.92 8.43
N SER A 53 -5.31 -3.40 9.57
CA SER A 53 -4.69 -3.73 10.83
C SER A 53 -5.71 -3.60 11.97
N GLU A 54 -5.77 -4.63 12.79
CA GLU A 54 -6.69 -4.64 13.91
C GLU A 54 -5.96 -4.24 15.20
N ALA A 55 -4.89 -4.96 15.48
CA ALA A 55 -4.10 -4.69 16.67
C ALA A 55 -3.55 -3.26 16.61
N ALA A 56 -3.25 -2.85 15.39
CA ALA A 56 -2.71 -1.51 15.17
C ALA A 56 -3.81 -0.47 15.43
N VAL A 57 -5.01 -0.80 14.95
CA VAL A 57 -6.14 0.09 15.12
C VAL A 57 -6.34 0.38 16.61
N GLU A 58 -6.43 -0.70 17.38
CA GLU A 58 -6.61 -0.58 18.82
C GLU A 58 -5.45 0.20 19.44
N ARG A 59 -4.24 -0.19 19.04
CA ARG A 59 -3.05 0.45 19.55
C ARG A 59 -3.09 1.96 19.27
N TYR A 60 -3.62 2.28 18.09
CA TYR A 60 -3.71 3.68 17.68
C TYR A 60 -4.69 4.44 18.57
N PHE A 61 -5.81 3.79 18.86
CA PHE A 61 -6.84 4.40 19.68
C PHE A 61 -6.36 4.53 21.13
N THR A 62 -5.45 3.65 21.51
CA THR A 62 -4.90 3.67 22.85
C THR A 62 -3.77 4.68 22.96
N GLU A 63 -2.96 4.74 21.91
CA GLU A 63 -1.85 5.67 21.86
C GLU A 63 -2.36 7.11 21.92
N ARG A 64 -3.37 7.37 21.11
CA ARG A 64 -3.96 8.70 21.04
C ARG A 64 -5.00 8.88 22.15
N GLY A 65 -5.69 7.79 22.44
CA GLY A 65 -6.71 7.81 23.48
C GLY A 65 -7.99 8.48 22.97
N GLU A 66 -8.33 8.18 21.72
CA GLU A 66 -9.51 8.74 21.11
C GLU A 66 -9.26 10.19 20.68
N GLN A 67 -9.96 10.59 19.63
CA GLN A 67 -9.81 11.93 19.10
C GLN A 67 -10.34 12.01 17.66
N PRO A 68 -9.86 11.03 16.83
CA PRO A 68 -10.28 10.98 15.44
C PRO A 68 -11.71 10.44 15.32
N HIS A 69 -12.04 10.03 14.10
CA HIS A 69 -13.36 9.50 13.83
C HIS A 69 -13.26 8.00 13.52
N ILE A 70 -13.81 7.21 14.44
CA ILE A 70 -13.79 5.77 14.28
C ILE A 70 -15.13 5.31 13.72
N THR A 71 -15.05 4.36 12.78
CA THR A 71 -16.25 3.82 12.16
C THR A 71 -16.20 2.29 12.15
N SER A 72 -17.38 1.70 12.21
CA SER A 72 -17.50 0.25 12.21
C SER A 72 -18.17 -0.22 10.93
N GLN A 73 -17.35 -0.60 9.96
CA GLN A 73 -17.86 -1.08 8.69
C GLN A 73 -18.18 -2.57 8.76
N GLY A 74 -19.38 -2.85 9.24
CA GLY A 74 -19.82 -4.24 9.37
C GLY A 74 -18.88 -5.03 10.27
N ASP A 75 -17.88 -5.65 9.65
CA ASP A 75 -16.91 -6.43 10.39
C ASP A 75 -15.52 -5.80 10.23
N PHE A 76 -15.52 -4.50 9.99
CA PHE A 76 -14.28 -3.77 9.82
C PHE A 76 -14.32 -2.44 10.59
N LYS A 77 -13.15 -1.81 10.68
CA LYS A 77 -13.03 -0.55 11.37
C LYS A 77 -12.51 0.52 10.40
N VAL A 78 -12.78 1.77 10.74
CA VAL A 78 -12.35 2.88 9.92
C VAL A 78 -11.90 4.04 10.82
N TYR A 79 -10.59 4.15 10.98
CA TYR A 79 -10.03 5.21 11.81
C TYR A 79 -9.45 6.34 10.95
N ALA A 80 -10.21 7.41 10.85
CA ALA A 80 -9.78 8.56 10.07
C ALA A 80 -9.28 9.65 11.01
N ALA A 81 -8.12 10.17 10.67
CA ALA A 81 -7.52 11.23 11.47
C ALA A 81 -7.58 12.56 10.71
N PRO A 82 -7.50 13.67 11.49
CA PRO A 82 -7.55 15.00 10.90
C PRO A 82 -6.23 15.34 10.19
N GLY A 83 -6.30 15.39 8.87
CA GLY A 83 -5.12 15.70 8.07
C GLY A 83 -4.89 14.63 7.00
N ILE A 84 -4.79 13.40 7.45
CA ILE A 84 -4.57 12.29 6.54
C ILE A 84 -5.88 11.52 6.35
N GLU A 85 -6.09 11.08 5.12
CA GLU A 85 -7.29 10.34 4.79
C GLU A 85 -7.04 8.83 4.91
N ILE A 86 -6.46 8.44 6.04
CA ILE A 86 -6.17 7.05 6.29
C ILE A 86 -7.15 6.50 7.33
N TRP A 87 -7.84 5.45 6.93
CA TRP A 87 -8.82 4.81 7.81
C TRP A 87 -8.22 3.50 8.32
N CYS A 88 -7.73 3.55 9.55
CA CYS A 88 -7.12 2.38 10.16
C CYS A 88 -8.24 1.37 10.46
N GLY A 89 -8.02 0.15 9.98
CA GLY A 89 -9.00 -0.92 10.18
C GLY A 89 -8.98 -1.90 9.01
N ASP A 90 -10.02 -1.83 8.21
CA ASP A 90 -10.13 -2.71 7.05
C ASP A 90 -10.41 -1.88 5.80
N PHE A 91 -10.20 -2.50 4.66
CA PHE A 91 -10.43 -1.83 3.38
C PHE A 91 -11.67 -2.38 2.68
N PHE A 92 -12.71 -1.56 2.67
CA PHE A 92 -13.96 -1.94 2.05
C PHE A 92 -15.09 -1.00 2.45
N ALA A 93 -14.76 0.29 2.50
CA ALA A 93 -15.73 1.30 2.87
C ALA A 93 -15.34 2.63 2.23
N LEU A 94 -14.59 2.53 1.15
CA LEU A 94 -14.14 3.71 0.43
C LEU A 94 -14.00 3.38 -1.05
N THR A 95 -14.00 4.42 -1.87
CA THR A 95 -13.88 4.25 -3.31
C THR A 95 -12.48 4.66 -3.77
N ALA A 96 -11.65 3.66 -4.00
CA ALA A 96 -10.28 3.89 -4.44
C ALA A 96 -10.31 4.74 -5.72
N ARG A 97 -11.47 4.74 -6.36
CA ARG A 97 -11.63 5.50 -7.59
C ARG A 97 -11.99 6.95 -7.28
N ASP A 98 -12.81 7.11 -6.26
CA ASP A 98 -13.25 8.44 -5.85
C ASP A 98 -12.04 9.23 -5.35
N ILE A 99 -11.20 8.54 -4.59
CA ILE A 99 -10.00 9.17 -4.05
C ILE A 99 -8.88 9.12 -5.09
N GLY A 100 -8.72 7.94 -5.69
CA GLY A 100 -7.71 7.75 -6.70
C GLY A 100 -7.79 8.82 -7.78
N HIS A 101 -8.87 8.74 -8.56
CA HIS A 101 -9.09 9.70 -9.64
C HIS A 101 -7.81 9.85 -10.46
N CYS A 102 -6.98 10.79 -10.04
CA CYS A 102 -5.73 11.04 -10.73
C CYS A 102 -4.62 11.20 -9.67
N ALA A 103 -3.52 10.50 -9.92
CA ALA A 103 -2.40 10.56 -9.00
C ALA A 103 -1.67 9.21 -9.02
N ALA A 104 -1.85 8.46 -7.95
CA ALA A 104 -1.22 7.16 -7.82
C ALA A 104 -1.74 6.45 -6.56
N PHE A 105 -1.13 5.32 -6.27
CA PHE A 105 -1.52 4.55 -5.11
C PHE A 105 -0.38 3.63 -4.65
N TYR A 106 -0.39 3.34 -3.35
CA TYR A 106 0.63 2.48 -2.78
C TYR A 106 0.00 1.27 -2.08
N ASP A 107 0.41 0.09 -2.51
CA ASP A 107 -0.11 -1.14 -1.94
C ASP A 107 1.03 -1.86 -1.20
N ARG A 108 0.63 -2.65 -0.21
CA ARG A 108 1.58 -3.40 0.58
C ARG A 108 1.48 -4.89 0.27
N ALA A 109 2.43 -5.65 0.81
CA ALA A 109 2.46 -7.08 0.60
C ALA A 109 1.13 -7.69 1.08
N ALA A 110 0.26 -7.98 0.12
CA ALA A 110 -1.04 -8.55 0.43
C ALA A 110 -1.25 -9.79 -0.44
N MET A 111 -0.89 -9.65 -1.71
CA MET A 111 -1.05 -10.75 -2.65
C MET A 111 -0.04 -11.87 -2.35
N ILE A 112 0.86 -11.59 -1.43
CA ILE A 112 1.87 -12.55 -1.04
C ILE A 112 1.32 -13.45 0.07
N ALA A 113 0.18 -13.04 0.61
CA ALA A 113 -0.45 -13.79 1.67
C ALA A 113 -1.63 -14.57 1.10
N LEU A 114 -2.44 -13.88 0.31
CA LEU A 114 -3.61 -14.50 -0.30
C LEU A 114 -3.16 -15.39 -1.46
N PRO A 115 -4.09 -16.28 -1.90
CA PRO A 115 -3.80 -17.19 -2.98
C PRO A 115 -3.81 -16.46 -4.33
N ALA A 116 -3.95 -17.24 -5.39
CA ALA A 116 -3.98 -16.69 -6.73
C ALA A 116 -5.40 -16.26 -7.07
N ASP A 117 -6.34 -17.18 -6.84
CA ASP A 117 -7.73 -16.91 -7.12
C ASP A 117 -8.17 -15.66 -6.38
N MET A 118 -8.06 -15.72 -5.06
CA MET A 118 -8.44 -14.59 -4.21
C MET A 118 -7.76 -13.31 -4.69
N ARG A 119 -6.45 -13.35 -4.76
CA ARG A 119 -5.67 -12.21 -5.20
C ARG A 119 -6.18 -11.71 -6.55
N GLU A 120 -6.54 -12.66 -7.40
CA GLU A 120 -7.05 -12.33 -8.72
C GLU A 120 -8.32 -11.49 -8.62
N ARG A 121 -9.19 -11.90 -7.70
CA ARG A 121 -10.44 -11.18 -7.48
C ARG A 121 -10.18 -9.86 -6.77
N TYR A 122 -9.07 -9.81 -6.06
CA TYR A 122 -8.69 -8.61 -5.32
C TYR A 122 -8.11 -7.56 -6.28
N VAL A 123 -7.22 -8.02 -7.15
CA VAL A 123 -6.59 -7.13 -8.11
C VAL A 123 -7.64 -6.61 -9.10
N GLN A 124 -8.50 -7.51 -9.52
CA GLN A 124 -9.56 -7.16 -10.46
C GLN A 124 -10.55 -6.20 -9.80
N HIS A 125 -10.96 -6.56 -8.59
CA HIS A 125 -11.90 -5.74 -7.85
C HIS A 125 -11.27 -4.37 -7.56
N LEU A 126 -9.97 -4.39 -7.34
CA LEU A 126 -9.23 -3.18 -7.04
C LEU A 126 -9.20 -2.29 -8.29
N GLU A 127 -8.60 -2.83 -9.34
CA GLU A 127 -8.50 -2.10 -10.59
C GLU A 127 -9.87 -1.61 -11.04
N ALA A 128 -10.90 -2.34 -10.60
CA ALA A 128 -12.27 -1.99 -10.95
C ALA A 128 -12.69 -0.74 -10.17
N LEU A 129 -12.44 -0.79 -8.87
CA LEU A 129 -12.78 0.33 -8.00
C LEU A 129 -11.65 1.35 -8.03
N MET A 130 -10.59 1.00 -8.75
CA MET A 130 -9.43 1.88 -8.86
C MET A 130 -9.79 3.17 -9.58
N PRO A 131 -8.80 4.10 -9.64
CA PRO A 131 -8.99 5.37 -10.31
C PRO A 131 -8.97 5.20 -11.83
N GLN A 132 -8.72 6.31 -12.51
CA GLN A 132 -8.66 6.30 -13.96
C GLN A 132 -7.22 6.52 -14.44
N ALA A 133 -6.53 7.41 -13.75
CA ALA A 133 -5.15 7.71 -14.09
C ALA A 133 -4.34 7.91 -12.80
N CYS A 134 -3.72 6.84 -12.35
CA CYS A 134 -2.92 6.88 -11.14
C CYS A 134 -1.83 5.81 -11.25
N SER A 135 -0.66 6.15 -10.71
CA SER A 135 0.47 5.23 -10.75
C SER A 135 0.52 4.41 -9.46
N GLY A 136 0.16 3.14 -9.59
CA GLY A 136 0.16 2.24 -8.45
C GLY A 136 1.55 1.66 -8.21
N LEU A 137 1.89 1.50 -6.93
CA LEU A 137 3.17 0.96 -6.55
C LEU A 137 2.96 -0.17 -5.55
N LEU A 138 3.05 -1.39 -6.05
CA LEU A 138 2.87 -2.56 -5.21
C LEU A 138 4.19 -2.89 -4.50
N ILE A 139 4.10 -3.07 -3.20
CA ILE A 139 5.29 -3.39 -2.41
C ILE A 139 5.14 -4.77 -1.81
N THR A 140 5.90 -5.71 -2.36
CA THR A 140 5.86 -7.08 -1.89
C THR A 140 7.25 -7.53 -1.41
N LEU A 141 7.29 -8.70 -0.81
CA LEU A 141 8.53 -9.24 -0.30
C LEU A 141 8.61 -10.74 -0.61
N GLU A 142 9.73 -11.34 -0.27
CA GLU A 142 9.94 -12.76 -0.51
C GLU A 142 10.46 -13.44 0.76
N TYR A 143 11.76 -13.30 0.98
CA TYR A 143 12.39 -13.89 2.14
C TYR A 143 11.38 -14.11 3.27
N ASP A 144 11.12 -13.03 3.99
CA ASP A 144 10.17 -13.08 5.09
C ASP A 144 9.17 -14.22 4.86
N GLN A 145 8.86 -14.93 5.92
CA GLN A 145 7.92 -16.04 5.83
C GLN A 145 7.82 -16.75 7.18
N ALA A 146 8.93 -16.74 7.92
CA ALA A 146 8.97 -17.38 9.21
C ALA A 146 9.46 -16.37 10.26
N LEU A 147 8.83 -15.20 10.26
CA LEU A 147 9.19 -14.15 11.19
C LEU A 147 8.31 -12.93 10.94
N LEU A 148 7.91 -12.77 9.68
CA LEU A 148 7.07 -11.65 9.29
C LEU A 148 5.60 -12.07 9.40
N GLU A 149 4.75 -11.08 9.68
CA GLU A 149 3.33 -11.33 9.81
C GLU A 149 2.75 -11.78 8.47
N GLY A 150 2.52 -13.08 8.37
CA GLY A 150 1.97 -13.66 7.16
C GLY A 150 3.08 -14.06 6.18
N PRO A 151 3.04 -15.36 5.77
CA PRO A 151 4.03 -15.87 4.84
C PRO A 151 3.77 -15.38 3.42
N PRO A 152 4.72 -14.53 2.92
CA PRO A 152 4.60 -13.99 1.58
C PRO A 152 4.93 -15.04 0.52
N PHE A 153 4.10 -15.07 -0.50
CA PHE A 153 4.28 -16.03 -1.58
C PHE A 153 5.17 -15.44 -2.68
N SER A 154 5.89 -14.39 -2.32
CA SER A 154 6.77 -13.72 -3.27
C SER A 154 6.09 -13.61 -4.62
N VAL A 155 4.86 -13.10 -4.60
CA VAL A 155 4.10 -12.93 -5.82
C VAL A 155 5.03 -12.45 -6.94
N PRO A 156 5.19 -13.34 -7.96
CA PRO A 156 6.05 -13.02 -9.09
C PRO A 156 5.36 -12.02 -10.02
N GLN A 157 6.10 -10.95 -10.32
CA GLN A 157 5.57 -9.91 -11.19
C GLN A 157 4.86 -10.54 -12.40
N THR A 158 5.36 -11.71 -12.80
CA THR A 158 4.78 -12.41 -13.93
C THR A 158 3.30 -12.69 -13.68
N TRP A 159 2.98 -13.00 -12.43
CA TRP A 159 1.61 -13.28 -12.07
C TRP A 159 0.79 -12.00 -12.26
N LEU A 160 1.20 -10.96 -11.56
CA LEU A 160 0.52 -9.68 -11.64
C LEU A 160 0.39 -9.28 -13.11
N HIS A 161 1.34 -9.76 -13.91
CA HIS A 161 1.34 -9.45 -15.33
C HIS A 161 0.44 -10.44 -16.07
N ARG A 162 0.21 -11.57 -15.43
CA ARG A 162 -0.64 -12.61 -16.01
C ARG A 162 -2.11 -12.31 -15.72
N VAL A 163 -2.35 -11.75 -14.55
CA VAL A 163 -3.70 -11.41 -14.14
C VAL A 163 -3.84 -9.88 -14.05
N MET A 164 -3.08 -9.31 -13.15
CA MET A 164 -3.10 -7.86 -12.95
C MET A 164 -2.78 -7.13 -14.25
N SER A 165 -2.67 -7.91 -15.32
CA SER A 165 -2.37 -7.33 -16.63
C SER A 165 -3.66 -7.09 -17.40
N GLY A 166 -4.11 -5.85 -17.36
CA GLY A 166 -5.34 -5.48 -18.06
C GLY A 166 -6.08 -4.36 -17.30
N ASN A 167 -5.40 -3.24 -17.15
CA ASN A 167 -5.98 -2.10 -16.46
C ASN A 167 -4.87 -1.28 -15.82
N TRP A 168 -3.74 -1.95 -15.58
CA TRP A 168 -2.60 -1.29 -14.98
C TRP A 168 -1.33 -1.91 -15.57
N GLU A 169 -0.32 -1.07 -15.73
CA GLU A 169 0.95 -1.52 -16.27
C GLU A 169 1.95 -1.78 -15.15
N VAL A 170 2.01 -3.04 -14.73
CA VAL A 170 2.92 -3.43 -13.67
C VAL A 170 4.31 -3.65 -14.26
N THR A 171 5.30 -3.05 -13.60
CA THR A 171 6.67 -3.16 -14.04
C THR A 171 7.56 -3.64 -12.89
N LYS A 172 8.59 -4.39 -13.26
CA LYS A 172 9.53 -4.90 -12.27
C LYS A 172 10.28 -3.75 -11.62
N VAL A 173 10.35 -3.80 -10.29
CA VAL A 173 11.03 -2.76 -9.54
C VAL A 173 11.31 -3.27 -8.11
N GLY A 174 12.14 -2.53 -7.42
CA GLY A 174 12.50 -2.89 -6.04
C GLY A 174 13.94 -3.41 -5.97
N GLY A 175 14.10 -4.46 -5.18
CA GLY A 175 15.41 -5.06 -5.01
C GLY A 175 15.41 -6.10 -3.88
N GLN A 176 16.37 -7.01 -3.94
CA GLN A 176 16.47 -8.06 -2.95
C GLN A 176 17.65 -7.77 -2.00
N ASP A 177 17.69 -8.53 -0.92
CA ASP A 177 18.74 -8.37 0.07
C ASP A 177 18.82 -6.90 0.49
N THR A 178 17.71 -6.20 0.28
CA THR A 178 17.64 -4.80 0.64
C THR A 178 16.72 -4.60 1.84
N LEU A 179 17.23 -4.98 3.01
CA LEU A 179 16.47 -4.84 4.24
C LEU A 179 16.14 -3.38 4.47
N HIS A 180 17.16 -2.54 4.34
CA HIS A 180 16.99 -1.11 4.53
C HIS A 180 16.22 -0.52 3.35
N SER A 181 14.99 -0.98 3.19
CA SER A 181 14.14 -0.51 2.11
C SER A 181 12.67 -0.79 2.44
N SER A 182 12.42 -1.98 2.95
CA SER A 182 11.07 -2.37 3.31
C SER A 182 10.80 -2.02 4.78
N ALA A 183 9.62 -1.46 5.00
CA ALA A 183 9.22 -1.06 6.35
C ALA A 183 8.91 -2.32 7.17
N ARG A 184 8.09 -3.18 6.58
CA ARG A 184 7.70 -4.41 7.24
C ARG A 184 8.95 -5.17 7.72
N GLY A 185 10.08 -4.82 7.12
CA GLY A 185 11.34 -5.46 7.46
C GLY A 185 11.75 -5.10 8.89
N LEU A 186 11.67 -3.82 9.20
CA LEU A 186 12.03 -3.33 10.51
C LEU A 186 10.83 -3.46 11.45
N LYS A 187 9.67 -3.66 10.84
CA LYS A 187 8.44 -3.80 11.61
C LYS A 187 8.39 -5.20 12.23
N ALA A 188 8.57 -6.20 11.37
CA ALA A 188 8.54 -7.58 11.81
C ALA A 188 9.92 -7.97 12.33
N GLY A 189 10.93 -7.33 11.76
CA GLY A 189 12.30 -7.61 12.15
C GLY A 189 12.92 -8.69 11.27
N LEU A 190 13.11 -8.36 10.01
CA LEU A 190 13.69 -9.30 9.06
C LEU A 190 15.21 -9.22 9.13
N GLU A 191 15.71 -8.00 9.20
CA GLU A 191 17.15 -7.77 9.29
C GLU A 191 17.85 -8.37 8.06
N ARG A 192 17.04 -8.70 7.06
CA ARG A 192 17.56 -9.27 5.83
C ARG A 192 16.46 -10.02 5.08
N MET A 193 15.98 -9.39 4.03
CA MET A 193 14.92 -9.99 3.23
C MET A 193 14.82 -9.30 1.86
N ASP A 194 14.42 -10.09 0.87
CA ASP A 194 14.28 -9.58 -0.48
C ASP A 194 12.93 -8.89 -0.62
N GLU A 195 12.96 -7.70 -1.23
CA GLU A 195 11.74 -6.94 -1.43
C GLU A 195 11.46 -6.77 -2.93
N HIS A 196 10.29 -7.24 -3.32
CA HIS A 196 9.89 -7.16 -4.72
C HIS A 196 8.82 -6.08 -4.89
N VAL A 197 9.11 -5.13 -5.76
CA VAL A 197 8.19 -4.03 -6.01
C VAL A 197 7.75 -4.08 -7.47
N TYR A 198 6.53 -3.62 -7.71
CA TYR A 198 5.98 -3.60 -9.04
C TYR A 198 5.17 -2.32 -9.29
N VAL A 199 5.65 -1.54 -10.24
CA VAL A 199 5.00 -0.29 -10.59
C VAL A 199 3.85 -0.57 -11.56
N LEU A 200 2.64 -0.54 -11.03
CA LEU A 200 1.45 -0.78 -11.84
C LEU A 200 0.80 0.55 -12.19
N GLU A 201 0.99 0.97 -13.43
CA GLU A 201 0.42 2.21 -13.90
C GLU A 201 -1.07 2.05 -14.18
N ARG A 202 -1.87 2.50 -13.22
CA ARG A 202 -3.31 2.40 -13.34
C ARG A 202 -3.81 3.30 -14.47
N VAL A 203 -4.14 2.68 -15.60
CA VAL A 203 -4.62 3.41 -16.74
C VAL A 203 -6.12 3.68 -16.58
N HIS A 3 12.76 13.24 6.79
CA HIS A 3 13.82 13.03 5.83
C HIS A 3 13.57 11.75 5.04
N GLN A 4 14.00 11.77 3.79
CA GLN A 4 13.82 10.62 2.92
C GLN A 4 14.93 9.60 3.15
N SER A 5 15.12 9.27 4.42
CA SER A 5 16.15 8.30 4.79
C SER A 5 15.77 6.91 4.29
N GLU A 6 14.59 6.47 4.72
CA GLU A 6 14.10 5.16 4.32
C GLU A 6 12.59 5.23 4.05
N VAL A 7 12.26 5.62 2.82
CA VAL A 7 10.87 5.73 2.42
C VAL A 7 10.68 5.04 1.07
N ASN A 8 10.61 3.71 1.12
CA ASN A 8 10.43 2.93 -0.08
C ASN A 8 11.23 3.55 -1.23
N LYS A 9 12.44 3.04 -1.41
CA LYS A 9 13.31 3.54 -2.46
C LYS A 9 12.54 3.59 -3.77
N ASP A 10 11.69 2.60 -3.97
CA ASP A 10 10.89 2.52 -5.18
C ASP A 10 9.81 3.61 -5.14
N LEU A 11 9.44 3.99 -3.94
CA LEU A 11 8.43 5.02 -3.75
C LEU A 11 9.01 6.38 -4.17
N GLN A 12 9.99 6.82 -3.40
CA GLN A 12 10.64 8.10 -3.67
C GLN A 12 11.27 8.09 -5.07
N GLN A 13 11.67 6.90 -5.49
CA GLN A 13 12.28 6.73 -6.79
C GLN A 13 11.28 7.03 -7.91
N TYR A 14 10.52 6.01 -8.26
CA TYR A 14 9.51 6.15 -9.30
C TYR A 14 8.70 7.44 -9.11
N TRP A 15 8.14 7.58 -7.92
CA TRP A 15 7.35 8.76 -7.60
C TRP A 15 8.15 9.99 -8.04
N SER A 16 9.36 10.08 -7.52
CA SER A 16 10.23 11.21 -7.84
C SER A 16 10.23 11.46 -9.34
N SER A 17 10.35 10.37 -10.10
CA SER A 17 10.36 10.45 -11.54
C SER A 17 8.94 10.70 -12.07
N LEU A 18 8.02 9.87 -11.57
CA LEU A 18 6.63 9.98 -11.98
C LEU A 18 6.25 11.45 -12.10
N ASN A 19 6.45 12.18 -11.00
CA ASN A 19 6.13 13.59 -10.97
C ASN A 19 4.61 13.77 -11.06
N VAL A 20 3.90 12.86 -10.42
CA VAL A 20 2.44 12.91 -10.43
C VAL A 20 1.98 14.31 -10.03
N VAL A 21 0.90 14.75 -10.66
CA VAL A 21 0.36 16.06 -10.38
C VAL A 21 0.52 16.37 -8.90
N PRO A 22 0.79 17.67 -8.60
CA PRO A 22 0.98 18.10 -7.22
C PRO A 22 -0.36 18.19 -6.49
N GLY A 23 -0.73 17.08 -5.87
CA GLY A 23 -1.98 17.02 -5.14
C GLY A 23 -2.81 15.80 -5.57
N ALA A 24 -2.29 15.09 -6.56
CA ALA A 24 -2.97 13.92 -7.07
C ALA A 24 -3.43 13.04 -5.90
N ARG A 25 -4.43 12.22 -6.19
CA ARG A 25 -4.97 11.33 -5.17
C ARG A 25 -4.09 10.08 -5.03
N VAL A 26 -3.47 9.95 -3.87
CA VAL A 26 -2.61 8.81 -3.61
C VAL A 26 -3.33 7.83 -2.68
N LEU A 27 -3.85 6.77 -3.29
CA LEU A 27 -4.56 5.76 -2.53
C LEU A 27 -3.60 4.63 -2.15
N VAL A 28 -3.93 3.95 -1.06
CA VAL A 28 -3.10 2.86 -0.58
C VAL A 28 -3.96 1.91 0.27
N PRO A 29 -4.23 0.71 -0.32
CA PRO A 29 -5.03 -0.28 0.37
C PRO A 29 -4.22 -0.96 1.49
N LEU A 30 -4.86 -1.09 2.64
CA LEU A 30 -4.22 -1.71 3.78
C LEU A 30 -2.70 -1.60 3.64
N CYS A 31 -2.25 -0.39 3.35
CA CYS A 31 -0.83 -0.14 3.18
C CYS A 31 -0.21 0.09 4.56
N GLY A 32 -0.99 0.72 5.42
CA GLY A 32 -0.54 1.01 6.77
C GLY A 32 0.97 1.31 6.79
N LYS A 33 1.31 2.45 6.20
CA LYS A 33 2.70 2.86 6.15
C LYS A 33 2.87 4.18 6.91
N SER A 34 4.10 4.64 6.97
CA SER A 34 4.41 5.88 7.67
C SER A 34 5.35 6.74 6.81
N GLN A 35 6.35 6.09 6.25
CA GLN A 35 7.32 6.79 5.41
C GLN A 35 6.69 7.13 4.06
N ASP A 36 6.16 6.11 3.41
CA ASP A 36 5.53 6.29 2.12
C ASP A 36 4.60 7.50 2.17
N MET A 37 3.64 7.43 3.09
CA MET A 37 2.68 8.50 3.25
C MET A 37 3.38 9.83 3.56
N SER A 38 4.08 9.83 4.69
CA SER A 38 4.80 11.02 5.11
C SER A 38 5.55 11.63 3.91
N TRP A 39 5.94 10.76 3.00
CA TRP A 39 6.67 11.19 1.82
C TRP A 39 5.66 11.89 0.89
N LEU A 40 4.52 11.24 0.71
CA LEU A 40 3.48 11.78 -0.14
C LEU A 40 3.06 13.16 0.37
N SER A 41 2.47 13.16 1.55
CA SER A 41 2.02 14.40 2.16
C SER A 41 3.15 15.44 2.12
N GLY A 42 4.32 15.02 2.54
CA GLY A 42 5.48 15.90 2.55
C GLY A 42 5.63 16.62 1.21
N GLN A 43 5.04 16.03 0.19
CA GLN A 43 5.11 16.61 -1.15
C GLN A 43 3.85 17.44 -1.42
N GLY A 44 2.74 16.95 -0.90
CA GLY A 44 1.46 17.63 -1.08
C GLY A 44 0.52 16.81 -1.95
N TYR A 45 0.08 15.69 -1.40
CA TYR A 45 -0.83 14.80 -2.12
C TYR A 45 -1.97 14.34 -1.21
N HIS A 46 -2.95 13.69 -1.83
CA HIS A 46 -4.09 13.19 -1.09
C HIS A 46 -3.87 11.72 -0.74
N VAL A 47 -3.22 11.51 0.39
CA VAL A 47 -2.93 10.15 0.85
C VAL A 47 -4.20 9.55 1.46
N VAL A 48 -4.90 8.78 0.64
CA VAL A 48 -6.13 8.14 1.08
C VAL A 48 -5.94 6.62 1.07
N GLY A 49 -5.58 6.08 2.23
CA GLY A 49 -5.37 4.66 2.36
C GLY A 49 -6.11 4.11 3.58
N ALA A 50 -6.09 2.78 3.70
CA ALA A 50 -6.75 2.12 4.81
C ALA A 50 -5.81 1.09 5.41
N GLU A 51 -6.21 0.56 6.56
CA GLU A 51 -5.41 -0.44 7.25
C GLU A 51 -6.27 -1.66 7.59
N LEU A 52 -5.74 -2.83 7.23
CA LEU A 52 -6.45 -4.07 7.48
C LEU A 52 -5.94 -4.69 8.78
N SER A 53 -6.27 -4.04 9.88
CA SER A 53 -5.84 -4.51 11.19
C SER A 53 -6.84 -4.06 12.26
N GLU A 54 -7.19 -5.00 13.13
CA GLU A 54 -8.12 -4.71 14.20
C GLU A 54 -7.38 -4.40 15.50
N ALA A 55 -6.39 -5.25 15.80
CA ALA A 55 -5.59 -5.08 17.00
C ALA A 55 -4.82 -3.77 16.91
N ALA A 56 -4.28 -3.52 15.73
CA ALA A 56 -3.50 -2.31 15.49
C ALA A 56 -4.40 -1.10 15.71
N VAL A 57 -5.66 -1.25 15.33
CA VAL A 57 -6.63 -0.19 15.47
C VAL A 57 -6.83 0.14 16.95
N GLU A 58 -7.13 -0.91 17.72
CA GLU A 58 -7.33 -0.74 19.15
C GLU A 58 -6.08 -0.16 19.80
N ARG A 59 -4.94 -0.66 19.38
CA ARG A 59 -3.66 -0.20 19.92
C ARG A 59 -3.48 1.29 19.61
N TYR A 60 -3.90 1.67 18.42
CA TYR A 60 -3.79 3.07 18.00
C TYR A 60 -4.67 3.98 18.86
N PHE A 61 -5.86 3.49 19.16
CA PHE A 61 -6.80 4.24 19.97
C PHE A 61 -6.30 4.35 21.41
N THR A 62 -5.62 3.30 21.86
CA THR A 62 -5.10 3.28 23.21
C THR A 62 -3.86 4.16 23.33
N GLU A 63 -3.01 4.06 22.31
CA GLU A 63 -1.78 4.84 22.29
C GLU A 63 -2.11 6.33 22.15
N ARG A 64 -2.98 6.63 21.20
CA ARG A 64 -3.38 8.00 20.96
C ARG A 64 -4.30 8.49 22.08
N GLY A 65 -5.12 7.57 22.57
CA GLY A 65 -6.05 7.90 23.64
C GLY A 65 -7.25 8.69 23.11
N GLU A 66 -7.66 8.32 21.90
CA GLU A 66 -8.79 9.00 21.27
C GLU A 66 -8.36 10.36 20.73
N GLN A 67 -9.00 10.76 19.64
CA GLN A 67 -8.70 12.04 19.02
C GLN A 67 -9.20 12.05 17.58
N PRO A 68 -8.82 10.98 16.83
CA PRO A 68 -9.23 10.87 15.43
C PRO A 68 -10.70 10.48 15.32
N HIS A 69 -11.13 10.28 14.08
CA HIS A 69 -12.51 9.91 13.82
C HIS A 69 -12.60 8.40 13.59
N ILE A 70 -13.28 7.74 14.52
CA ILE A 70 -13.45 6.29 14.44
C ILE A 70 -14.85 5.98 13.94
N THR A 71 -14.90 5.10 12.94
CA THR A 71 -16.18 4.71 12.36
C THR A 71 -16.31 3.18 12.35
N SER A 72 -17.55 2.73 12.33
CA SER A 72 -17.83 1.30 12.32
C SER A 72 -18.51 0.91 11.01
N GLN A 73 -17.73 0.31 10.12
CA GLN A 73 -18.24 -0.12 8.84
C GLN A 73 -18.75 -1.56 8.92
N GLY A 74 -20.00 -1.69 9.34
CA GLY A 74 -20.62 -3.00 9.47
C GLY A 74 -19.81 -3.89 10.41
N ASP A 75 -18.79 -4.53 9.84
CA ASP A 75 -17.94 -5.42 10.60
C ASP A 75 -16.48 -4.97 10.47
N PHE A 76 -16.31 -3.67 10.27
CA PHE A 76 -14.98 -3.11 10.12
C PHE A 76 -14.86 -1.78 10.89
N LYS A 77 -13.64 -1.28 10.93
CA LYS A 77 -13.37 -0.03 11.63
C LYS A 77 -12.67 0.94 10.68
N VAL A 78 -12.87 2.23 10.95
CA VAL A 78 -12.27 3.27 10.13
C VAL A 78 -11.67 4.35 11.04
N TYR A 79 -10.36 4.30 11.18
CA TYR A 79 -9.67 5.27 12.01
C TYR A 79 -8.94 6.30 11.16
N ALA A 80 -9.56 7.47 11.05
CA ALA A 80 -8.98 8.56 10.26
C ALA A 80 -8.36 9.58 11.20
N ALA A 81 -7.19 10.06 10.82
CA ALA A 81 -6.48 11.06 11.61
C ALA A 81 -6.46 12.38 10.86
N PRO A 82 -6.28 13.48 11.65
CA PRO A 82 -6.25 14.81 11.08
C PRO A 82 -4.92 15.07 10.36
N GLY A 83 -5.02 15.16 9.04
CA GLY A 83 -3.84 15.40 8.22
C GLY A 83 -3.77 14.41 7.05
N ILE A 84 -3.77 13.13 7.40
CA ILE A 84 -3.70 12.08 6.40
C ILE A 84 -5.06 11.38 6.32
N GLU A 85 -5.30 10.76 5.18
CA GLU A 85 -6.56 10.05 4.97
C GLU A 85 -6.34 8.55 5.15
N ILE A 86 -5.86 8.19 6.32
CA ILE A 86 -5.60 6.79 6.64
C ILE A 86 -6.65 6.30 7.63
N TRP A 87 -7.45 5.35 7.19
CA TRP A 87 -8.49 4.78 8.03
C TRP A 87 -8.04 3.39 8.47
N CYS A 88 -7.60 3.31 9.71
CA CYS A 88 -7.15 2.04 10.26
C CYS A 88 -8.37 1.17 10.55
N GLY A 89 -8.23 -0.11 10.25
CA GLY A 89 -9.31 -1.05 10.47
C GLY A 89 -9.47 -1.99 9.28
N ASP A 90 -10.41 -1.63 8.41
CA ASP A 90 -10.67 -2.41 7.22
C ASP A 90 -10.67 -1.51 5.99
N PHE A 91 -10.57 -2.13 4.83
CA PHE A 91 -10.56 -1.39 3.57
C PHE A 91 -11.73 -1.81 2.68
N PHE A 92 -12.78 -0.99 2.70
CA PHE A 92 -13.96 -1.26 1.90
C PHE A 92 -15.08 -0.28 2.23
N ALA A 93 -14.76 1.00 2.10
CA ALA A 93 -15.73 2.04 2.38
C ALA A 93 -15.08 3.41 2.18
N LEU A 94 -14.28 3.49 1.13
CA LEU A 94 -13.59 4.74 0.82
C LEU A 94 -13.59 4.95 -0.69
N THR A 95 -14.14 3.98 -1.40
CA THR A 95 -14.23 4.04 -2.84
C THR A 95 -12.90 4.55 -3.43
N ALA A 96 -11.97 3.61 -3.60
CA ALA A 96 -10.67 3.95 -4.15
C ALA A 96 -10.84 4.59 -5.52
N ARG A 97 -12.06 4.47 -6.05
CA ARG A 97 -12.37 5.02 -7.35
C ARG A 97 -12.60 6.53 -7.24
N ASP A 98 -13.45 6.90 -6.30
CA ASP A 98 -13.77 8.30 -6.08
C ASP A 98 -12.49 9.05 -5.69
N ILE A 99 -11.83 8.53 -4.67
CA ILE A 99 -10.60 9.13 -4.20
C ILE A 99 -9.50 8.98 -5.25
N GLY A 100 -9.42 7.78 -5.79
CA GLY A 100 -8.42 7.48 -6.81
C GLY A 100 -8.46 8.52 -7.93
N HIS A 101 -9.46 8.38 -8.80
CA HIS A 101 -9.62 9.29 -9.92
C HIS A 101 -8.33 9.34 -10.73
N CYS A 102 -7.43 10.22 -10.32
CA CYS A 102 -6.16 10.37 -11.01
C CYS A 102 -5.08 10.68 -9.96
N ALA A 103 -3.92 10.10 -10.18
CA ALA A 103 -2.80 10.31 -9.27
C ALA A 103 -1.94 9.04 -9.22
N ALA A 104 -2.05 8.33 -8.10
CA ALA A 104 -1.29 7.11 -7.92
C ALA A 104 -1.91 6.29 -6.79
N PHE A 105 -1.52 5.02 -6.72
CA PHE A 105 -2.03 4.14 -5.69
C PHE A 105 -0.98 3.08 -5.32
N TYR A 106 -0.44 3.23 -4.12
CA TYR A 106 0.57 2.30 -3.62
C TYR A 106 -0.05 1.28 -2.67
N ASP A 107 0.68 0.21 -2.45
CA ASP A 107 0.22 -0.86 -1.57
C ASP A 107 1.42 -1.64 -1.05
N ARG A 108 1.18 -2.40 0.02
CA ARG A 108 2.23 -3.20 0.62
C ARG A 108 1.87 -4.69 0.56
N ALA A 109 2.83 -5.51 0.94
CA ALA A 109 2.63 -6.94 0.94
C ALA A 109 1.23 -7.26 1.47
N ALA A 110 0.37 -7.70 0.56
CA ALA A 110 -0.99 -8.04 0.92
C ALA A 110 -1.44 -9.26 0.11
N MET A 111 -1.42 -9.10 -1.20
CA MET A 111 -1.83 -10.18 -2.09
C MET A 111 -0.86 -11.36 -1.99
N ILE A 112 0.36 -11.06 -1.58
CA ILE A 112 1.38 -12.08 -1.43
C ILE A 112 0.91 -13.11 -0.40
N ALA A 113 -0.04 -12.69 0.43
CA ALA A 113 -0.57 -13.56 1.46
C ALA A 113 -1.63 -14.49 0.85
N LEU A 114 -2.69 -13.88 0.35
CA LEU A 114 -3.77 -14.64 -0.26
C LEU A 114 -3.20 -15.49 -1.40
N PRO A 115 -4.03 -16.48 -1.85
CA PRO A 115 -3.61 -17.36 -2.92
C PRO A 115 -3.68 -16.65 -4.27
N ALA A 116 -3.34 -17.38 -5.32
CA ALA A 116 -3.35 -16.84 -6.66
C ALA A 116 -4.76 -16.39 -7.01
N ASP A 117 -5.66 -17.37 -7.09
CA ASP A 117 -7.04 -17.09 -7.42
C ASP A 117 -7.49 -15.82 -6.70
N MET A 118 -7.29 -15.81 -5.39
CA MET A 118 -7.66 -14.66 -4.58
C MET A 118 -6.90 -13.41 -5.02
N ARG A 119 -5.59 -13.59 -5.16
CA ARG A 119 -4.73 -12.49 -5.57
C ARG A 119 -5.31 -11.79 -6.80
N GLU A 120 -5.67 -12.60 -7.79
CA GLU A 120 -6.25 -12.08 -9.02
C GLU A 120 -7.58 -11.39 -8.73
N ARG A 121 -8.36 -12.01 -7.86
CA ARG A 121 -9.65 -11.47 -7.49
C ARG A 121 -9.49 -10.13 -6.78
N TYR A 122 -8.35 -9.98 -6.11
CA TYR A 122 -8.06 -8.76 -5.37
C TYR A 122 -7.60 -7.65 -6.33
N VAL A 123 -6.79 -8.05 -7.29
CA VAL A 123 -6.27 -7.11 -8.27
C VAL A 123 -7.42 -6.60 -9.14
N GLN A 124 -8.29 -7.53 -9.52
CA GLN A 124 -9.43 -7.19 -10.35
C GLN A 124 -10.40 -6.30 -9.58
N HIS A 125 -10.73 -6.73 -8.37
CA HIS A 125 -11.64 -5.98 -7.52
C HIS A 125 -11.08 -4.58 -7.30
N LEU A 126 -9.79 -4.52 -7.03
CA LEU A 126 -9.13 -3.25 -6.79
C LEU A 126 -9.20 -2.39 -8.05
N GLU A 127 -8.72 -2.97 -9.14
CA GLU A 127 -8.72 -2.28 -10.42
C GLU A 127 -10.14 -1.84 -10.78
N ALA A 128 -11.11 -2.55 -10.21
CA ALA A 128 -12.50 -2.24 -10.46
C ALA A 128 -12.87 -0.94 -9.74
N LEU A 129 -12.60 -0.91 -8.45
CA LEU A 129 -12.90 0.25 -7.64
C LEU A 129 -11.75 1.25 -7.76
N MET A 130 -10.72 0.85 -8.48
CA MET A 130 -9.55 1.69 -8.67
C MET A 130 -9.92 2.96 -9.46
N PRO A 131 -8.91 3.86 -9.60
CA PRO A 131 -9.12 5.10 -10.32
C PRO A 131 -9.16 4.87 -11.83
N GLN A 132 -8.90 5.93 -12.57
CA GLN A 132 -8.91 5.85 -14.02
C GLN A 132 -7.50 6.09 -14.57
N ALA A 133 -6.81 7.04 -13.95
CA ALA A 133 -5.46 7.37 -14.37
C ALA A 133 -4.61 7.68 -13.14
N CYS A 134 -3.94 6.65 -12.65
CA CYS A 134 -3.09 6.80 -11.48
C CYS A 134 -1.98 5.74 -11.56
N SER A 135 -0.83 6.10 -11.02
CA SER A 135 0.32 5.21 -11.01
C SER A 135 0.38 4.45 -9.69
N GLY A 136 0.15 3.14 -9.79
CA GLY A 136 0.18 2.28 -8.62
C GLY A 136 1.58 1.69 -8.40
N LEU A 137 1.88 1.42 -7.15
CA LEU A 137 3.17 0.85 -6.79
C LEU A 137 2.98 -0.15 -5.65
N LEU A 138 3.06 -1.43 -6.00
CA LEU A 138 2.90 -2.49 -5.02
C LEU A 138 4.26 -2.80 -4.40
N ILE A 139 4.23 -3.06 -3.10
CA ILE A 139 5.45 -3.38 -2.37
C ILE A 139 5.33 -4.77 -1.75
N THR A 140 6.02 -5.72 -2.34
CA THR A 140 5.99 -7.10 -1.85
C THR A 140 7.39 -7.53 -1.40
N LEU A 141 7.46 -8.72 -0.85
CA LEU A 141 8.71 -9.27 -0.37
C LEU A 141 8.75 -10.77 -0.65
N GLU A 142 9.92 -11.36 -0.40
CA GLU A 142 10.10 -12.79 -0.62
C GLU A 142 10.63 -13.45 0.65
N TYR A 143 11.93 -13.30 0.85
CA TYR A 143 12.57 -13.88 2.02
C TYR A 143 11.58 -14.07 3.16
N ASP A 144 11.36 -12.99 3.91
CA ASP A 144 10.42 -13.03 5.02
C ASP A 144 9.37 -14.11 4.77
N GLN A 145 8.99 -14.77 5.85
CA GLN A 145 8.00 -15.83 5.76
C GLN A 145 7.91 -16.60 7.08
N ALA A 146 9.01 -16.57 7.81
CA ALA A 146 9.09 -17.25 9.09
C ALA A 146 9.46 -16.25 10.18
N LEU A 147 8.79 -15.11 10.15
CA LEU A 147 9.03 -14.07 11.12
C LEU A 147 8.14 -12.86 10.82
N LEU A 148 7.84 -12.69 9.55
CA LEU A 148 6.99 -11.58 9.11
C LEU A 148 5.54 -12.04 9.12
N GLU A 149 4.65 -11.07 9.26
CA GLU A 149 3.23 -11.35 9.29
C GLU A 149 2.82 -12.17 8.06
N GLY A 150 2.56 -13.45 8.30
CA GLY A 150 2.17 -14.35 7.23
C GLY A 150 3.30 -14.51 6.20
N PRO A 151 3.32 -15.70 5.56
CA PRO A 151 4.34 -15.99 4.56
C PRO A 151 4.05 -15.26 3.25
N PRO A 152 4.95 -14.28 2.93
CA PRO A 152 4.81 -13.49 1.72
C PRO A 152 5.20 -14.31 0.49
N PHE A 153 4.19 -14.72 -0.27
CA PHE A 153 4.41 -15.50 -1.47
C PHE A 153 4.95 -14.61 -2.61
N SER A 154 6.25 -14.40 -2.58
CA SER A 154 6.89 -13.58 -3.60
C SER A 154 6.10 -13.66 -4.91
N VAL A 155 5.37 -12.59 -5.19
CA VAL A 155 4.56 -12.54 -6.40
C VAL A 155 5.48 -12.23 -7.59
N PRO A 156 5.43 -13.12 -8.61
CA PRO A 156 6.24 -12.95 -9.80
C PRO A 156 5.66 -11.86 -10.71
N GLN A 157 6.47 -10.85 -10.95
CA GLN A 157 6.05 -9.74 -11.80
C GLN A 157 5.34 -10.26 -13.03
N THR A 158 5.76 -11.44 -13.47
CA THR A 158 5.16 -12.06 -14.64
C THR A 158 3.69 -12.37 -14.39
N TRP A 159 3.41 -12.81 -13.17
CA TRP A 159 2.05 -13.15 -12.79
C TRP A 159 1.19 -11.89 -12.91
N LEU A 160 1.62 -10.85 -12.21
CA LEU A 160 0.91 -9.58 -12.24
C LEU A 160 0.61 -9.20 -13.69
N HIS A 161 1.63 -9.31 -14.53
CA HIS A 161 1.49 -8.98 -15.94
C HIS A 161 0.59 -10.01 -16.61
N ARG A 162 0.50 -11.18 -15.98
CA ARG A 162 -0.31 -12.26 -16.52
C ARG A 162 -1.78 -12.04 -16.16
N VAL A 163 -1.99 -11.30 -15.08
CA VAL A 163 -3.34 -11.01 -14.62
C VAL A 163 -3.61 -9.51 -14.77
N MET A 164 -2.81 -8.72 -14.08
CA MET A 164 -2.95 -7.27 -14.12
C MET A 164 -2.52 -6.73 -15.50
N SER A 165 -2.22 -7.65 -16.39
CA SER A 165 -1.80 -7.28 -17.73
C SER A 165 -2.62 -6.08 -18.22
N GLY A 166 -3.84 -6.35 -18.62
CA GLY A 166 -4.74 -5.31 -19.10
C GLY A 166 -5.50 -4.66 -17.95
N ASN A 167 -5.14 -3.41 -17.67
CA ASN A 167 -5.78 -2.67 -16.59
C ASN A 167 -4.76 -1.73 -15.94
N TRP A 168 -3.59 -2.30 -15.67
CA TRP A 168 -2.52 -1.52 -15.05
C TRP A 168 -1.19 -2.04 -15.59
N GLU A 169 -0.35 -1.10 -16.03
CA GLU A 169 0.94 -1.44 -16.57
C GLU A 169 1.89 -1.85 -15.44
N VAL A 170 1.80 -3.12 -15.08
CA VAL A 170 2.64 -3.65 -14.01
C VAL A 170 4.08 -3.77 -14.52
N THR A 171 5.00 -3.26 -13.71
CA THR A 171 6.41 -3.31 -14.06
C THR A 171 7.24 -3.84 -12.89
N LYS A 172 8.33 -4.50 -13.23
CA LYS A 172 9.21 -5.06 -12.23
C LYS A 172 10.06 -3.94 -11.62
N VAL A 173 10.19 -4.00 -10.30
CA VAL A 173 10.96 -3.00 -9.59
C VAL A 173 11.30 -3.53 -8.18
N GLY A 174 12.17 -2.80 -7.51
CA GLY A 174 12.59 -3.18 -6.17
C GLY A 174 14.03 -3.68 -6.16
N GLY A 175 14.34 -4.46 -5.13
CA GLY A 175 15.68 -5.02 -5.01
C GLY A 175 15.73 -6.06 -3.89
N GLN A 176 16.77 -6.88 -3.93
CA GLN A 176 16.94 -7.93 -2.94
C GLN A 176 18.01 -7.51 -1.92
N ASP A 177 17.96 -8.18 -0.77
CA ASP A 177 18.91 -7.89 0.29
C ASP A 177 18.72 -6.44 0.75
N THR A 178 17.60 -5.87 0.35
CA THR A 178 17.29 -4.49 0.70
C THR A 178 16.11 -4.45 1.68
N LEU A 179 16.40 -4.82 2.92
CA LEU A 179 15.37 -4.84 3.96
C LEU A 179 15.25 -3.43 4.56
N HIS A 180 16.39 -2.75 4.62
CA HIS A 180 16.41 -1.40 5.17
C HIS A 180 15.80 -0.42 4.16
N SER A 181 14.66 -0.81 3.62
CA SER A 181 13.97 0.02 2.65
C SER A 181 12.46 -0.02 2.91
N SER A 182 11.97 -1.21 3.19
CA SER A 182 10.55 -1.38 3.47
C SER A 182 10.26 -1.12 4.94
N ALA A 183 8.99 -0.92 5.23
CA ALA A 183 8.56 -0.66 6.60
C ALA A 183 8.20 -1.97 7.28
N ARG A 184 7.23 -2.67 6.68
CA ARG A 184 6.78 -3.93 7.22
C ARG A 184 7.97 -4.75 7.73
N GLY A 185 9.11 -4.54 7.09
CA GLY A 185 10.33 -5.24 7.46
C GLY A 185 10.80 -4.82 8.85
N LEU A 186 11.14 -3.54 8.96
CA LEU A 186 11.61 -2.98 10.22
C LEU A 186 10.53 -3.18 11.28
N LYS A 187 9.33 -3.47 10.82
CA LYS A 187 8.21 -3.69 11.72
C LYS A 187 8.27 -5.10 12.29
N ALA A 188 8.20 -6.07 11.39
CA ALA A 188 8.25 -7.46 11.79
C ALA A 188 9.62 -7.77 12.39
N GLY A 189 10.63 -7.11 11.84
CA GLY A 189 11.99 -7.31 12.31
C GLY A 189 12.72 -8.36 11.46
N LEU A 190 12.93 -8.00 10.20
CA LEU A 190 13.61 -8.89 9.27
C LEU A 190 15.13 -8.68 9.39
N GLU A 191 15.53 -7.43 9.25
CA GLU A 191 16.93 -7.09 9.35
C GLU A 191 17.67 -7.48 8.06
N ARG A 192 16.94 -8.19 7.20
CA ARG A 192 17.51 -8.64 5.94
C ARG A 192 16.49 -9.52 5.20
N MET A 193 16.18 -9.10 3.99
CA MET A 193 15.23 -9.85 3.17
C MET A 193 15.10 -9.22 1.76
N ASP A 194 14.71 -10.06 0.82
CA ASP A 194 14.55 -9.59 -0.56
C ASP A 194 13.21 -8.87 -0.69
N GLU A 195 13.28 -7.65 -1.20
CA GLU A 195 12.08 -6.85 -1.38
C GLU A 195 11.77 -6.70 -2.87
N HIS A 196 10.58 -7.15 -3.24
CA HIS A 196 10.14 -7.08 -4.62
C HIS A 196 9.03 -6.04 -4.76
N VAL A 197 9.27 -5.07 -5.63
CA VAL A 197 8.30 -4.02 -5.86
C VAL A 197 7.82 -4.07 -7.31
N TYR A 198 6.66 -3.49 -7.55
CA TYR A 198 6.08 -3.47 -8.88
C TYR A 198 5.30 -2.18 -9.11
N VAL A 199 5.54 -1.56 -10.26
CA VAL A 199 4.86 -0.34 -10.62
C VAL A 199 3.78 -0.64 -11.66
N LEU A 200 2.54 -0.54 -11.22
CA LEU A 200 1.41 -0.80 -12.10
C LEU A 200 0.73 0.52 -12.46
N GLU A 201 0.82 0.88 -13.74
CA GLU A 201 0.21 2.10 -14.23
C GLU A 201 -1.29 1.92 -14.41
N ARG A 202 -2.04 2.34 -13.39
CA ARG A 202 -3.48 2.23 -13.44
C ARG A 202 -4.05 3.06 -14.59
N VAL A 203 -4.44 2.36 -15.64
CA VAL A 203 -5.00 3.01 -16.81
C VAL A 203 -6.51 3.15 -16.64
N HIS A 3 9.03 9.43 4.15
CA HIS A 3 9.63 10.72 4.43
C HIS A 3 10.74 10.99 3.41
N GLN A 4 11.84 10.26 3.58
CA GLN A 4 12.98 10.42 2.69
C GLN A 4 14.08 9.44 3.07
N SER A 5 14.39 9.41 4.35
CA SER A 5 15.43 8.53 4.87
C SER A 5 15.30 7.15 4.22
N GLU A 6 14.20 6.49 4.52
CA GLU A 6 13.95 5.16 3.98
C GLU A 6 12.48 5.01 3.60
N VAL A 7 12.15 5.46 2.40
CA VAL A 7 10.78 5.39 1.90
C VAL A 7 10.79 4.79 0.50
N ASN A 8 10.92 3.48 0.44
CA ASN A 8 10.95 2.78 -0.84
C ASN A 8 11.73 3.61 -1.85
N LYS A 9 13.04 3.40 -1.85
CA LYS A 9 13.91 4.12 -2.76
C LYS A 9 13.24 4.23 -4.13
N ASP A 10 12.67 3.11 -4.56
CA ASP A 10 11.99 3.08 -5.85
C ASP A 10 10.80 4.05 -5.81
N LEU A 11 10.01 3.93 -4.76
CA LEU A 11 8.84 4.79 -4.60
C LEU A 11 9.26 6.24 -4.81
N GLN A 12 10.09 6.73 -3.90
CA GLN A 12 10.56 8.10 -3.97
C GLN A 12 11.22 8.36 -5.33
N GLN A 13 11.86 7.33 -5.85
CA GLN A 13 12.53 7.44 -7.14
C GLN A 13 11.51 7.62 -8.26
N TYR A 14 10.94 6.51 -8.69
CA TYR A 14 9.95 6.52 -9.74
C TYR A 14 8.94 7.66 -9.53
N TRP A 15 8.35 7.66 -8.35
CA TRP A 15 7.36 8.68 -8.01
C TRP A 15 7.97 10.05 -8.36
N SER A 16 9.07 10.36 -7.70
CA SER A 16 9.75 11.63 -7.93
C SER A 16 9.86 11.89 -9.43
N SER A 17 10.27 10.87 -10.15
CA SER A 17 10.42 10.99 -11.59
C SER A 17 9.06 11.07 -12.26
N LEU A 18 8.07 10.50 -11.58
CA LEU A 18 6.70 10.49 -12.09
C LEU A 18 6.18 11.93 -12.15
N ASN A 19 6.42 12.66 -11.06
CA ASN A 19 5.98 14.04 -10.98
C ASN A 19 4.46 14.09 -11.04
N VAL A 20 3.83 13.26 -10.21
CA VAL A 20 2.38 13.20 -10.17
C VAL A 20 1.83 14.58 -9.79
N VAL A 21 0.68 14.91 -10.37
CA VAL A 21 0.04 16.18 -10.10
C VAL A 21 0.23 16.54 -8.63
N PRO A 22 0.30 17.88 -8.37
CA PRO A 22 0.48 18.38 -7.01
C PRO A 22 -0.81 18.24 -6.20
N GLY A 23 -0.83 17.23 -5.35
CA GLY A 23 -1.99 16.98 -4.52
C GLY A 23 -2.75 15.74 -4.98
N ALA A 24 -2.25 15.15 -6.06
CA ALA A 24 -2.86 13.96 -6.61
C ALA A 24 -3.34 13.06 -5.46
N ARG A 25 -4.35 12.25 -5.77
CA ARG A 25 -4.90 11.34 -4.78
C ARG A 25 -4.05 10.07 -4.69
N VAL A 26 -3.56 9.81 -3.49
CA VAL A 26 -2.74 8.63 -3.26
C VAL A 26 -3.54 7.60 -2.45
N LEU A 27 -3.83 6.50 -3.10
CA LEU A 27 -4.59 5.43 -2.48
C LEU A 27 -3.61 4.42 -1.86
N VAL A 28 -3.91 4.03 -0.62
CA VAL A 28 -3.08 3.08 0.08
C VAL A 28 -3.96 1.98 0.67
N PRO A 29 -4.03 0.84 -0.06
CA PRO A 29 -4.83 -0.29 0.38
C PRO A 29 -4.15 -1.04 1.53
N LEU A 30 -4.74 -0.93 2.70
CA LEU A 30 -4.21 -1.58 3.88
C LEU A 30 -2.68 -1.50 3.85
N CYS A 31 -2.19 -0.43 3.24
CA CYS A 31 -0.75 -0.22 3.14
C CYS A 31 -0.19 -0.08 4.55
N GLY A 32 -0.97 0.55 5.41
CA GLY A 32 -0.56 0.75 6.78
C GLY A 32 0.95 0.98 6.88
N LYS A 33 1.40 2.04 6.23
CA LYS A 33 2.81 2.38 6.23
C LYS A 33 3.03 3.61 7.10
N SER A 34 4.14 4.30 6.84
CA SER A 34 4.49 5.49 7.58
C SER A 34 5.44 6.36 6.77
N GLN A 35 6.43 5.71 6.19
CA GLN A 35 7.42 6.41 5.38
C GLN A 35 6.80 6.84 4.04
N ASP A 36 5.98 5.95 3.50
CA ASP A 36 5.32 6.23 2.24
C ASP A 36 4.42 7.45 2.39
N MET A 37 3.49 7.35 3.32
CA MET A 37 2.57 8.44 3.57
C MET A 37 3.31 9.71 4.01
N SER A 38 4.32 9.50 4.84
CA SER A 38 5.11 10.61 5.33
C SER A 38 5.85 11.30 4.16
N TRP A 39 6.26 10.48 3.21
CA TRP A 39 6.96 10.98 2.04
C TRP A 39 5.97 11.82 1.22
N LEU A 40 4.83 11.21 0.93
CA LEU A 40 3.79 11.89 0.15
C LEU A 40 3.40 13.18 0.86
N SER A 41 2.78 13.01 2.03
CA SER A 41 2.34 14.14 2.81
C SER A 41 3.43 15.22 2.84
N GLY A 42 4.66 14.76 3.00
CA GLY A 42 5.79 15.67 3.05
C GLY A 42 5.99 16.35 1.70
N GLN A 43 5.73 15.60 0.63
CA GLN A 43 5.89 16.13 -0.70
C GLN A 43 4.68 16.99 -1.08
N GLY A 44 3.58 16.76 -0.37
CA GLY A 44 2.36 17.51 -0.61
C GLY A 44 1.43 16.74 -1.54
N TYR A 45 0.73 15.77 -0.96
CA TYR A 45 -0.20 14.96 -1.72
C TYR A 45 -1.42 14.59 -0.88
N HIS A 46 -2.45 14.09 -1.58
CA HIS A 46 -3.67 13.70 -0.92
C HIS A 46 -3.61 12.22 -0.54
N VAL A 47 -2.93 11.96 0.58
CA VAL A 47 -2.78 10.59 1.05
C VAL A 47 -4.10 10.13 1.68
N VAL A 48 -4.75 9.20 0.99
CA VAL A 48 -6.02 8.67 1.47
C VAL A 48 -6.02 7.14 1.29
N GLY A 49 -5.96 6.45 2.41
CA GLY A 49 -5.96 5.00 2.39
C GLY A 49 -6.62 4.44 3.66
N ALA A 50 -6.52 3.12 3.80
CA ALA A 50 -7.10 2.44 4.94
C ALA A 50 -6.12 1.39 5.46
N GLU A 51 -6.43 0.87 6.63
CA GLU A 51 -5.58 -0.14 7.25
C GLU A 51 -6.42 -1.37 7.64
N LEU A 52 -5.98 -2.52 7.14
CA LEU A 52 -6.69 -3.77 7.42
C LEU A 52 -6.12 -4.38 8.71
N SER A 53 -6.33 -3.67 9.81
CA SER A 53 -5.85 -4.13 11.10
C SER A 53 -6.74 -3.57 12.22
N GLU A 54 -7.53 -4.45 12.80
CA GLU A 54 -8.42 -4.05 13.88
C GLU A 54 -7.62 -3.76 15.15
N ALA A 55 -6.92 -4.77 15.62
CA ALA A 55 -6.11 -4.63 16.82
C ALA A 55 -5.23 -3.39 16.69
N ALA A 56 -4.84 -3.11 15.45
CA ALA A 56 -4.00 -1.95 15.19
C ALA A 56 -4.75 -0.67 15.55
N VAL A 57 -5.98 -0.60 15.04
CA VAL A 57 -6.81 0.57 15.31
C VAL A 57 -6.99 0.73 16.82
N GLU A 58 -7.12 -0.41 17.50
CA GLU A 58 -7.29 -0.40 18.94
C GLU A 58 -6.05 0.17 19.62
N ARG A 59 -4.90 -0.34 19.21
CA ARG A 59 -3.63 0.12 19.78
C ARG A 59 -3.42 1.59 19.48
N TYR A 60 -3.99 2.03 18.37
CA TYR A 60 -3.86 3.42 17.95
C TYR A 60 -4.76 4.33 18.80
N PHE A 61 -5.92 3.80 19.14
CA PHE A 61 -6.88 4.55 19.95
C PHE A 61 -6.41 4.63 21.40
N THR A 62 -5.72 3.59 21.83
CA THR A 62 -5.21 3.53 23.19
C THR A 62 -3.94 4.37 23.32
N GLU A 63 -3.13 4.33 22.28
CA GLU A 63 -1.89 5.08 22.26
C GLU A 63 -2.17 6.58 22.13
N ARG A 64 -3.13 6.89 21.28
CA ARG A 64 -3.51 8.28 21.06
C ARG A 64 -4.46 8.75 22.16
N GLY A 65 -5.31 7.84 22.59
CA GLY A 65 -6.27 8.15 23.64
C GLY A 65 -7.49 8.88 23.06
N GLU A 66 -7.89 8.45 21.88
CA GLU A 66 -9.04 9.05 21.21
C GLU A 66 -8.69 10.47 20.74
N GLN A 67 -9.38 10.89 19.70
CA GLN A 67 -9.16 12.22 19.14
C GLN A 67 -9.66 12.28 17.70
N PRO A 68 -9.26 11.24 16.91
CA PRO A 68 -9.66 11.17 15.52
C PRO A 68 -11.13 10.77 15.39
N HIS A 69 -11.53 10.48 14.15
CA HIS A 69 -12.89 10.08 13.88
C HIS A 69 -12.95 8.55 13.72
N ILE A 70 -13.64 7.91 14.67
CA ILE A 70 -13.78 6.48 14.65
C ILE A 70 -15.18 6.11 14.17
N THR A 71 -15.23 5.40 13.05
CA THR A 71 -16.50 4.99 12.48
C THR A 71 -16.57 3.46 12.41
N SER A 72 -17.80 2.95 12.54
CA SER A 72 -18.02 1.52 12.50
C SER A 72 -18.49 1.10 11.11
N GLN A 73 -18.01 -0.05 10.67
CA GLN A 73 -18.37 -0.57 9.36
C GLN A 73 -18.63 -2.07 9.44
N GLY A 74 -19.86 -2.40 9.79
CA GLY A 74 -20.26 -3.79 9.91
C GLY A 74 -19.35 -4.55 10.87
N ASP A 75 -18.41 -5.27 10.29
CA ASP A 75 -17.46 -6.04 11.09
C ASP A 75 -16.05 -5.43 10.94
N PHE A 76 -16.04 -4.12 10.83
CA PHE A 76 -14.77 -3.40 10.68
C PHE A 76 -14.86 -2.00 11.29
N LYS A 77 -13.72 -1.33 11.33
CA LYS A 77 -13.66 0.01 11.88
C LYS A 77 -12.86 0.91 10.93
N VAL A 78 -13.01 2.21 11.14
CA VAL A 78 -12.31 3.19 10.31
C VAL A 78 -11.87 4.37 11.17
N TYR A 79 -10.56 4.48 11.33
CA TYR A 79 -10.00 5.56 12.14
C TYR A 79 -9.30 6.59 11.26
N ALA A 80 -9.95 7.72 11.08
CA ALA A 80 -9.41 8.78 10.26
C ALA A 80 -8.74 9.83 11.16
N ALA A 81 -7.52 10.18 10.82
CA ALA A 81 -6.76 11.15 11.59
C ALA A 81 -6.81 12.51 10.88
N PRO A 82 -6.61 13.58 11.68
CA PRO A 82 -6.63 14.93 11.14
C PRO A 82 -5.35 15.23 10.36
N GLY A 83 -5.48 15.25 9.05
CA GLY A 83 -4.34 15.51 8.18
C GLY A 83 -4.28 14.51 7.02
N ILE A 84 -4.26 13.24 7.40
CA ILE A 84 -4.19 12.17 6.41
C ILE A 84 -5.55 11.48 6.34
N GLU A 85 -5.81 10.88 5.17
CA GLU A 85 -7.06 10.18 4.97
C GLU A 85 -6.87 8.67 5.16
N ILE A 86 -6.27 8.33 6.29
CA ILE A 86 -6.02 6.93 6.60
C ILE A 86 -7.02 6.46 7.67
N TRP A 87 -7.87 5.53 7.27
CA TRP A 87 -8.87 5.00 8.17
C TRP A 87 -8.41 3.62 8.64
N CYS A 88 -7.95 3.57 9.88
CA CYS A 88 -7.47 2.33 10.46
C CYS A 88 -8.67 1.40 10.67
N GLY A 89 -8.44 0.13 10.40
CA GLY A 89 -9.48 -0.87 10.55
C GLY A 89 -9.60 -1.75 9.30
N ASP A 90 -10.54 -1.39 8.44
CA ASP A 90 -10.76 -2.14 7.21
C ASP A 90 -10.79 -1.17 6.03
N PHE A 91 -10.65 -1.73 4.84
CA PHE A 91 -10.67 -0.93 3.63
C PHE A 91 -11.67 -1.49 2.61
N PHE A 92 -12.85 -0.88 2.61
CA PHE A 92 -13.90 -1.31 1.70
C PHE A 92 -15.17 -0.49 1.91
N ALA A 93 -15.00 0.82 1.89
CA ALA A 93 -16.14 1.72 2.09
C ALA A 93 -15.66 3.16 1.92
N LEU A 94 -14.83 3.37 0.90
CA LEU A 94 -14.30 4.69 0.62
C LEU A 94 -14.32 4.93 -0.90
N THR A 95 -14.09 3.86 -1.63
CA THR A 95 -14.07 3.94 -3.09
C THR A 95 -12.76 4.53 -3.58
N ALA A 96 -11.74 3.67 -3.60
CA ALA A 96 -10.42 4.10 -4.04
C ALA A 96 -10.52 4.66 -5.46
N ARG A 97 -11.67 4.42 -6.07
CA ARG A 97 -11.90 4.90 -7.43
C ARG A 97 -12.20 6.41 -7.41
N ASP A 98 -13.14 6.78 -6.55
CA ASP A 98 -13.53 8.18 -6.43
C ASP A 98 -12.35 8.98 -5.89
N ILE A 99 -11.76 8.47 -4.82
CA ILE A 99 -10.62 9.13 -4.20
C ILE A 99 -9.43 9.09 -5.15
N GLY A 100 -9.25 7.94 -5.77
CA GLY A 100 -8.15 7.77 -6.71
C GLY A 100 -8.22 8.81 -7.83
N HIS A 101 -9.13 8.58 -8.75
CA HIS A 101 -9.32 9.48 -9.88
C HIS A 101 -8.00 9.63 -10.64
N CYS A 102 -7.16 10.53 -10.15
CA CYS A 102 -5.87 10.77 -10.77
C CYS A 102 -4.83 10.96 -9.67
N ALA A 103 -3.68 10.34 -9.87
CA ALA A 103 -2.60 10.43 -8.90
C ALA A 103 -1.79 9.14 -8.92
N ALA A 104 -1.93 8.37 -7.84
CA ALA A 104 -1.23 7.11 -7.71
C ALA A 104 -1.75 6.35 -6.49
N PHE A 105 -1.15 5.20 -6.24
CA PHE A 105 -1.54 4.38 -5.11
C PHE A 105 -0.44 3.37 -4.76
N TYR A 106 -0.15 3.30 -3.47
CA TYR A 106 0.88 2.39 -2.99
C TYR A 106 0.26 1.10 -2.45
N ASP A 107 0.58 0.00 -3.12
CA ASP A 107 0.07 -1.30 -2.74
C ASP A 107 1.08 -1.99 -1.83
N ARG A 108 0.55 -2.77 -0.89
CA ARG A 108 1.39 -3.48 0.05
C ARG A 108 1.43 -4.97 -0.30
N ALA A 109 2.29 -5.70 0.41
CA ALA A 109 2.42 -7.13 0.18
C ALA A 109 1.25 -7.86 0.86
N ALA A 110 0.17 -7.98 0.12
CA ALA A 110 -1.01 -8.65 0.64
C ALA A 110 -1.36 -9.84 -0.26
N MET A 111 -1.20 -9.63 -1.55
CA MET A 111 -1.48 -10.67 -2.53
C MET A 111 -0.51 -11.84 -2.39
N ILE A 112 0.67 -11.53 -1.89
CA ILE A 112 1.70 -12.54 -1.69
C ILE A 112 1.31 -13.42 -0.49
N ALA A 113 0.33 -12.95 0.25
CA ALA A 113 -0.14 -13.68 1.43
C ALA A 113 -1.39 -14.48 1.05
N LEU A 114 -2.06 -14.02 0.00
CA LEU A 114 -3.26 -14.70 -0.47
C LEU A 114 -2.89 -15.67 -1.59
N PRO A 115 -3.87 -16.56 -1.91
CA PRO A 115 -3.66 -17.55 -2.96
C PRO A 115 -3.75 -16.89 -4.35
N ALA A 116 -3.72 -17.74 -5.37
CA ALA A 116 -3.79 -17.27 -6.74
C ALA A 116 -5.20 -16.71 -7.00
N ASP A 117 -6.17 -17.62 -6.99
CA ASP A 117 -7.55 -17.24 -7.23
C ASP A 117 -7.84 -15.91 -6.52
N MET A 118 -7.73 -15.94 -5.20
CA MET A 118 -7.97 -14.75 -4.40
C MET A 118 -7.14 -13.57 -4.90
N ARG A 119 -5.87 -13.85 -5.17
CA ARG A 119 -4.97 -12.83 -5.65
C ARG A 119 -5.53 -12.17 -6.91
N GLU A 120 -6.13 -13.01 -7.76
CA GLU A 120 -6.71 -12.52 -9.00
C GLU A 120 -7.90 -11.60 -8.71
N ARG A 121 -8.78 -12.07 -7.83
CA ARG A 121 -9.95 -11.30 -7.46
C ARG A 121 -9.53 -10.07 -6.66
N TYR A 122 -8.33 -10.12 -6.12
CA TYR A 122 -7.81 -9.01 -5.34
C TYR A 122 -7.32 -7.88 -6.24
N VAL A 123 -6.40 -8.22 -7.12
CA VAL A 123 -5.84 -7.25 -8.05
C VAL A 123 -6.98 -6.67 -8.91
N GLN A 124 -7.88 -7.55 -9.31
CA GLN A 124 -9.02 -7.14 -10.13
C GLN A 124 -9.94 -6.22 -9.33
N HIS A 125 -10.26 -6.65 -8.11
CA HIS A 125 -11.13 -5.87 -7.25
C HIS A 125 -10.57 -4.45 -7.10
N LEU A 126 -9.27 -4.38 -6.97
CA LEU A 126 -8.60 -3.09 -6.82
C LEU A 126 -8.76 -2.29 -8.11
N GLU A 127 -8.21 -2.82 -9.18
CA GLU A 127 -8.29 -2.17 -10.47
C GLU A 127 -9.75 -1.83 -10.82
N ALA A 128 -10.65 -2.51 -10.11
CA ALA A 128 -12.07 -2.29 -10.33
C ALA A 128 -12.50 -0.99 -9.65
N LEU A 129 -12.21 -0.92 -8.36
CA LEU A 129 -12.55 0.26 -7.58
C LEU A 129 -11.38 1.25 -7.61
N MET A 130 -10.48 1.00 -8.54
CA MET A 130 -9.32 1.86 -8.69
C MET A 130 -9.67 3.13 -9.48
N PRO A 131 -8.67 4.05 -9.57
CA PRO A 131 -8.86 5.30 -10.28
C PRO A 131 -8.84 5.08 -11.79
N GLN A 132 -8.60 6.16 -12.51
CA GLN A 132 -8.55 6.10 -13.97
C GLN A 132 -7.13 6.33 -14.46
N ALA A 133 -6.43 7.24 -13.78
CA ALA A 133 -5.06 7.55 -14.13
C ALA A 133 -4.25 7.82 -12.87
N CYS A 134 -3.60 6.78 -12.38
CA CYS A 134 -2.78 6.89 -11.18
C CYS A 134 -1.63 5.91 -11.29
N SER A 135 -0.52 6.28 -10.66
CA SER A 135 0.67 5.44 -10.69
C SER A 135 0.68 4.53 -9.45
N GLY A 136 0.47 3.24 -9.71
CA GLY A 136 0.47 2.26 -8.65
C GLY A 136 1.86 1.70 -8.39
N LEU A 137 2.11 1.34 -7.14
CA LEU A 137 3.40 0.80 -6.75
C LEU A 137 3.19 -0.35 -5.76
N LEU A 138 3.25 -1.56 -6.29
CA LEU A 138 3.06 -2.74 -5.47
C LEU A 138 4.40 -3.11 -4.80
N ILE A 139 4.35 -3.26 -3.49
CA ILE A 139 5.54 -3.60 -2.73
C ILE A 139 5.37 -5.01 -2.15
N THR A 140 6.10 -5.95 -2.73
CA THR A 140 6.05 -7.33 -2.29
C THR A 140 7.41 -7.79 -1.79
N LEU A 141 7.46 -9.03 -1.32
CA LEU A 141 8.70 -9.59 -0.82
C LEU A 141 8.71 -11.10 -1.08
N GLU A 142 9.86 -11.70 -0.82
CA GLU A 142 10.02 -13.13 -1.02
C GLU A 142 10.66 -13.78 0.21
N TYR A 143 11.98 -13.69 0.27
CA TYR A 143 12.72 -14.27 1.37
C TYR A 143 11.83 -14.41 2.61
N ASP A 144 11.55 -13.28 3.23
CA ASP A 144 10.71 -13.28 4.42
C ASP A 144 9.70 -14.41 4.33
N GLN A 145 9.38 -14.97 5.50
CA GLN A 145 8.43 -16.06 5.56
C GLN A 145 8.35 -16.61 6.99
N ALA A 146 9.47 -16.54 7.68
CA ALA A 146 9.54 -17.03 9.04
C ALA A 146 10.00 -15.90 9.97
N LEU A 147 9.30 -14.77 9.86
CA LEU A 147 9.61 -13.61 10.66
C LEU A 147 8.75 -12.42 10.21
N LEU A 148 8.28 -12.51 8.97
CA LEU A 148 7.45 -11.47 8.42
C LEU A 148 5.97 -11.86 8.57
N GLU A 149 5.22 -10.95 9.16
CA GLU A 149 3.79 -11.18 9.38
C GLU A 149 3.15 -11.74 8.10
N GLY A 150 2.94 -13.05 8.11
CA GLY A 150 2.34 -13.71 6.96
C GLY A 150 3.40 -14.17 5.97
N PRO A 151 3.30 -15.47 5.59
CA PRO A 151 4.25 -16.05 4.65
C PRO A 151 3.97 -15.57 3.22
N PRO A 152 4.93 -14.78 2.68
CA PRO A 152 4.80 -14.25 1.33
C PRO A 152 5.06 -15.34 0.29
N PHE A 153 4.14 -15.43 -0.66
CA PHE A 153 4.26 -16.43 -1.71
C PHE A 153 5.17 -15.93 -2.83
N SER A 154 5.81 -14.79 -2.56
CA SER A 154 6.72 -14.21 -3.54
C SER A 154 6.05 -14.14 -4.91
N VAL A 155 4.89 -13.51 -4.95
CA VAL A 155 4.13 -13.37 -6.18
C VAL A 155 5.10 -13.07 -7.32
N PRO A 156 5.08 -13.97 -8.34
CA PRO A 156 5.96 -13.81 -9.50
C PRO A 156 5.43 -12.70 -10.41
N GLN A 157 6.28 -11.70 -10.63
CA GLN A 157 5.92 -10.58 -11.48
C GLN A 157 5.16 -11.08 -12.71
N THR A 158 5.67 -12.16 -13.30
CA THR A 158 5.05 -12.74 -14.47
C THR A 158 3.55 -12.94 -14.24
N TRP A 159 3.23 -13.44 -13.06
CA TRP A 159 1.84 -13.69 -12.70
C TRP A 159 1.12 -12.34 -12.69
N LEU A 160 1.70 -11.39 -11.98
CA LEU A 160 1.11 -10.06 -11.88
C LEU A 160 0.88 -9.51 -13.28
N HIS A 161 1.76 -9.89 -14.19
CA HIS A 161 1.67 -9.45 -15.57
C HIS A 161 0.71 -10.35 -16.34
N ARG A 162 0.46 -11.53 -15.77
CA ARG A 162 -0.43 -12.49 -16.38
C ARG A 162 -1.89 -12.16 -16.06
N VAL A 163 -2.10 -11.68 -14.84
CA VAL A 163 -3.43 -11.30 -14.41
C VAL A 163 -3.49 -9.80 -14.18
N MET A 164 -2.66 -9.33 -13.25
CA MET A 164 -2.62 -7.92 -12.93
C MET A 164 -2.31 -7.08 -14.18
N SER A 165 -2.27 -7.77 -15.31
CA SER A 165 -2.00 -7.10 -16.57
C SER A 165 -3.30 -6.86 -17.34
N GLY A 166 -3.71 -5.61 -17.38
CA GLY A 166 -4.93 -5.23 -18.07
C GLY A 166 -5.67 -4.14 -17.30
N ASN A 167 -4.99 -3.02 -17.12
CA ASN A 167 -5.58 -1.88 -16.42
C ASN A 167 -4.46 -1.08 -15.74
N TRP A 168 -3.36 -1.76 -15.47
CA TRP A 168 -2.22 -1.12 -14.84
C TRP A 168 -0.95 -1.76 -15.40
N GLU A 169 -0.05 -0.90 -15.85
CA GLU A 169 1.21 -1.36 -16.41
C GLU A 169 2.19 -1.75 -15.30
N VAL A 170 2.17 -3.03 -14.98
CA VAL A 170 3.04 -3.54 -13.93
C VAL A 170 4.46 -3.74 -14.48
N THR A 171 5.43 -3.22 -13.74
CA THR A 171 6.82 -3.32 -14.15
C THR A 171 7.68 -3.83 -12.99
N LYS A 172 8.58 -4.73 -13.32
CA LYS A 172 9.47 -5.30 -12.32
C LYS A 172 10.32 -4.18 -11.71
N VAL A 173 10.54 -4.28 -10.41
CA VAL A 173 11.34 -3.29 -9.71
C VAL A 173 11.57 -3.75 -8.26
N GLY A 174 12.46 -3.06 -7.59
CA GLY A 174 12.77 -3.38 -6.20
C GLY A 174 14.20 -3.90 -6.08
N GLY A 175 14.48 -4.51 -4.93
CA GLY A 175 15.80 -5.05 -4.66
C GLY A 175 15.72 -6.26 -3.73
N GLN A 176 16.87 -6.87 -3.50
CA GLN A 176 16.94 -8.04 -2.65
C GLN A 176 17.76 -7.73 -1.39
N ASP A 177 17.28 -8.24 -0.27
CA ASP A 177 17.96 -8.02 1.01
C ASP A 177 17.92 -6.54 1.34
N THR A 178 17.11 -5.80 0.59
CA THR A 178 16.97 -4.38 0.81
C THR A 178 15.53 -4.03 1.23
N LEU A 179 15.22 -4.37 2.47
CA LEU A 179 13.89 -4.10 3.00
C LEU A 179 13.90 -2.74 3.71
N HIS A 180 15.10 -2.21 3.90
CA HIS A 180 15.26 -0.93 4.57
C HIS A 180 14.27 0.07 3.97
N SER A 181 13.91 -0.16 2.72
CA SER A 181 12.97 0.70 2.03
C SER A 181 11.56 0.52 2.60
N SER A 182 11.23 -0.74 2.86
CA SER A 182 9.93 -1.08 3.41
C SER A 182 9.96 -0.98 4.94
N ALA A 183 8.78 -0.79 5.52
CA ALA A 183 8.66 -0.68 6.95
C ALA A 183 8.37 -2.07 7.55
N ARG A 184 7.49 -2.79 6.87
CA ARG A 184 7.12 -4.13 7.31
C ARG A 184 8.36 -4.89 7.78
N GLY A 185 9.49 -4.54 7.18
CA GLY A 185 10.75 -5.18 7.52
C GLY A 185 11.17 -4.85 8.95
N LEU A 186 11.16 -3.56 9.25
CA LEU A 186 11.54 -3.10 10.57
C LEU A 186 10.41 -3.41 11.56
N LYS A 187 9.25 -3.75 11.01
CA LYS A 187 8.10 -4.08 11.82
C LYS A 187 8.23 -5.52 12.32
N ALA A 188 8.69 -6.39 11.42
CA ALA A 188 8.86 -7.79 11.76
C ALA A 188 10.25 -8.00 12.37
N GLY A 189 11.22 -7.30 11.78
CA GLY A 189 12.59 -7.40 12.26
C GLY A 189 13.40 -8.40 11.41
N LEU A 190 13.59 -8.03 10.15
CA LEU A 190 14.34 -8.88 9.24
C LEU A 190 15.64 -8.19 8.84
N GLU A 191 15.57 -6.86 8.80
CA GLU A 191 16.73 -6.07 8.44
C GLU A 191 17.51 -6.74 7.32
N ARG A 192 16.77 -7.30 6.38
CA ARG A 192 17.38 -7.98 5.25
C ARG A 192 16.43 -9.06 4.71
N MET A 193 15.95 -8.81 3.50
CA MET A 193 15.04 -9.75 2.85
C MET A 193 14.72 -9.30 1.43
N ASP A 194 14.55 -10.29 0.56
CA ASP A 194 14.24 -10.02 -0.84
C ASP A 194 13.00 -9.12 -0.91
N GLU A 195 13.24 -7.88 -1.29
CA GLU A 195 12.15 -6.91 -1.40
C GLU A 195 11.77 -6.72 -2.87
N HIS A 196 10.64 -7.30 -3.25
CA HIS A 196 10.16 -7.19 -4.62
C HIS A 196 9.23 -5.98 -4.73
N VAL A 197 9.22 -5.39 -5.92
CA VAL A 197 8.37 -4.23 -6.18
C VAL A 197 7.93 -4.25 -7.64
N TYR A 198 6.72 -3.77 -7.86
CA TYR A 198 6.16 -3.73 -9.20
C TYR A 198 5.35 -2.44 -9.42
N VAL A 199 5.82 -1.63 -10.36
CA VAL A 199 5.15 -0.38 -10.66
C VAL A 199 4.01 -0.65 -11.65
N LEU A 200 2.80 -0.46 -11.16
CA LEU A 200 1.62 -0.68 -11.97
C LEU A 200 1.00 0.68 -12.34
N GLU A 201 1.23 1.08 -13.58
CA GLU A 201 0.70 2.34 -14.07
C GLU A 201 -0.80 2.22 -14.35
N ARG A 202 -1.59 2.62 -13.36
CA ARG A 202 -3.04 2.56 -13.48
C ARG A 202 -3.50 3.46 -14.64
N VAL A 203 -3.77 2.82 -15.77
CA VAL A 203 -4.23 3.55 -16.95
C VAL A 203 -5.73 3.78 -16.84
N HIS A 3 11.67 13.69 6.01
CA HIS A 3 12.72 13.42 5.04
C HIS A 3 12.68 11.94 4.65
N GLN A 4 13.04 11.68 3.41
CA GLN A 4 13.05 10.31 2.90
C GLN A 4 13.61 9.36 3.96
N SER A 5 14.90 9.55 4.25
CA SER A 5 15.56 8.71 5.24
C SER A 5 15.58 7.27 4.77
N GLU A 6 14.45 6.59 4.95
CA GLU A 6 14.33 5.20 4.55
C GLU A 6 12.95 4.95 3.94
N VAL A 7 12.84 5.24 2.65
CA VAL A 7 11.59 5.04 1.94
C VAL A 7 11.86 4.30 0.63
N ASN A 8 10.93 3.43 0.29
CA ASN A 8 11.06 2.64 -0.94
C ASN A 8 11.80 3.47 -1.99
N LYS A 9 12.96 2.96 -2.37
CA LYS A 9 13.78 3.63 -3.37
C LYS A 9 12.97 3.80 -4.66
N ASP A 10 12.22 2.75 -4.98
CA ASP A 10 11.40 2.76 -6.18
C ASP A 10 10.33 3.84 -6.05
N LEU A 11 9.68 3.86 -4.89
CA LEU A 11 8.64 4.84 -4.63
C LEU A 11 9.18 6.24 -4.90
N GLN A 12 10.13 6.64 -4.08
CA GLN A 12 10.75 7.95 -4.23
C GLN A 12 11.32 8.12 -5.64
N GLN A 13 11.72 7.00 -6.22
CA GLN A 13 12.28 7.01 -7.56
C GLN A 13 11.21 7.39 -8.58
N TYR A 14 10.41 6.41 -8.95
CA TYR A 14 9.34 6.62 -9.92
C TYR A 14 8.59 7.92 -9.62
N TRP A 15 8.11 8.02 -8.39
CA TRP A 15 7.37 9.20 -7.97
C TRP A 15 8.18 10.43 -8.36
N SER A 16 9.43 10.45 -7.90
CA SER A 16 10.32 11.57 -8.18
C SER A 16 10.29 11.88 -9.69
N SER A 17 10.18 10.82 -10.47
CA SER A 17 10.13 10.97 -11.92
C SER A 17 8.70 11.19 -12.39
N LEU A 18 7.83 10.27 -11.98
CA LEU A 18 6.42 10.36 -12.34
C LEU A 18 5.98 11.82 -12.29
N ASN A 19 6.42 12.51 -11.25
CA ASN A 19 6.08 13.91 -11.07
C ASN A 19 4.57 14.08 -11.28
N VAL A 20 3.83 13.08 -10.84
CA VAL A 20 2.38 13.12 -10.97
C VAL A 20 1.86 14.48 -10.51
N VAL A 21 0.70 14.85 -11.04
CA VAL A 21 0.10 16.12 -10.70
C VAL A 21 0.38 16.43 -9.23
N PRO A 22 0.57 17.75 -8.94
CA PRO A 22 0.85 18.19 -7.59
C PRO A 22 -0.41 18.15 -6.73
N GLY A 23 -0.44 17.19 -5.81
CA GLY A 23 -1.57 17.04 -4.92
C GLY A 23 -2.40 15.81 -5.30
N ALA A 24 -1.99 15.17 -6.40
CA ALA A 24 -2.69 13.99 -6.87
C ALA A 24 -3.13 13.14 -5.68
N ARG A 25 -4.14 12.33 -5.93
CA ARG A 25 -4.67 11.46 -4.89
C ARG A 25 -3.81 10.20 -4.77
N VAL A 26 -3.31 9.96 -3.56
CA VAL A 26 -2.49 8.79 -3.31
C VAL A 26 -3.28 7.77 -2.51
N LEU A 27 -3.53 6.63 -3.13
CA LEU A 27 -4.28 5.56 -2.49
C LEU A 27 -3.32 4.46 -2.05
N VAL A 28 -3.58 3.92 -0.87
CA VAL A 28 -2.74 2.87 -0.33
C VAL A 28 -3.63 1.86 0.41
N PRO A 29 -3.81 0.68 -0.24
CA PRO A 29 -4.63 -0.38 0.35
C PRO A 29 -3.89 -1.07 1.49
N LEU A 30 -4.53 -1.09 2.65
CA LEU A 30 -3.94 -1.71 3.82
C LEU A 30 -2.42 -1.70 3.69
N CYS A 31 -1.89 -0.51 3.48
CA CYS A 31 -0.45 -0.35 3.34
C CYS A 31 0.07 0.40 4.57
N GLY A 32 -0.75 1.33 5.05
CA GLY A 32 -0.39 2.12 6.21
C GLY A 32 1.04 2.64 6.09
N LYS A 33 1.98 1.83 6.56
CA LYS A 33 3.39 2.19 6.51
C LYS A 33 3.60 3.50 7.28
N SER A 34 4.60 4.24 6.85
CA SER A 34 4.92 5.52 7.48
C SER A 34 5.83 6.34 6.57
N GLN A 35 6.78 5.65 5.95
CA GLN A 35 7.71 6.32 5.05
C GLN A 35 7.01 6.69 3.74
N ASP A 36 6.29 5.73 3.20
CA ASP A 36 5.57 5.94 1.94
C ASP A 36 4.72 7.20 2.07
N MET A 37 3.83 7.17 3.05
CA MET A 37 2.94 8.31 3.29
C MET A 37 3.73 9.56 3.62
N SER A 38 4.45 9.50 4.73
CA SER A 38 5.26 10.62 5.17
C SER A 38 6.01 11.23 3.98
N TRP A 39 6.35 10.36 3.04
CA TRP A 39 7.06 10.80 1.85
C TRP A 39 6.10 11.65 1.00
N LEU A 40 4.95 11.06 0.72
CA LEU A 40 3.94 11.76 -0.07
C LEU A 40 3.51 13.03 0.66
N SER A 41 2.85 12.83 1.79
CA SER A 41 2.38 13.95 2.58
C SER A 41 3.47 15.03 2.66
N GLY A 42 4.69 14.59 2.90
CA GLY A 42 5.80 15.51 2.98
C GLY A 42 5.96 16.32 1.70
N GLN A 43 5.59 15.69 0.59
CA GLN A 43 5.68 16.34 -0.70
C GLN A 43 4.48 17.27 -0.91
N GLY A 44 3.36 16.88 -0.31
CA GLY A 44 2.14 17.65 -0.44
C GLY A 44 1.15 16.98 -1.39
N TYR A 45 0.77 15.76 -1.03
CA TYR A 45 -0.17 15.00 -1.83
C TYR A 45 -1.34 14.52 -0.99
N HIS A 46 -2.34 13.96 -1.67
CA HIS A 46 -3.53 13.47 -1.01
C HIS A 46 -3.26 12.05 -0.48
N VAL A 47 -2.59 12.00 0.66
CA VAL A 47 -2.27 10.73 1.28
C VAL A 47 -3.54 10.10 1.85
N VAL A 48 -4.04 9.10 1.13
CA VAL A 48 -5.25 8.42 1.55
C VAL A 48 -5.05 6.91 1.39
N GLY A 49 -5.63 6.16 2.33
CA GLY A 49 -5.53 4.72 2.31
C GLY A 49 -6.28 4.09 3.48
N ALA A 50 -6.18 2.78 3.58
CA ALA A 50 -6.84 2.05 4.65
C ALA A 50 -5.85 1.10 5.30
N GLU A 51 -6.26 0.55 6.44
CA GLU A 51 -5.41 -0.38 7.17
C GLU A 51 -6.19 -1.66 7.51
N LEU A 52 -5.58 -2.78 7.18
CA LEU A 52 -6.21 -4.07 7.45
C LEU A 52 -5.65 -4.64 8.75
N SER A 53 -6.02 -3.98 9.85
CA SER A 53 -5.57 -4.41 11.16
C SER A 53 -6.59 -4.00 12.22
N GLU A 54 -6.91 -4.94 13.09
CA GLU A 54 -7.86 -4.69 14.16
C GLU A 54 -7.14 -4.37 15.46
N ALA A 55 -6.15 -5.20 15.78
CA ALA A 55 -5.37 -5.01 16.98
C ALA A 55 -4.66 -3.65 16.92
N ALA A 56 -4.13 -3.35 15.74
CA ALA A 56 -3.43 -2.10 15.54
C ALA A 56 -4.39 -0.93 15.74
N VAL A 57 -5.63 -1.15 15.33
CA VAL A 57 -6.65 -0.13 15.46
C VAL A 57 -6.86 0.20 16.94
N GLU A 58 -7.13 -0.85 17.71
CA GLU A 58 -7.34 -0.70 19.13
C GLU A 58 -6.12 -0.05 19.79
N ARG A 59 -4.95 -0.51 19.38
CA ARG A 59 -3.71 0.01 19.91
C ARG A 59 -3.55 1.49 19.55
N TYR A 60 -4.12 1.84 18.40
CA TYR A 60 -4.05 3.22 17.93
C TYR A 60 -4.94 4.13 18.77
N PHE A 61 -6.12 3.62 19.09
CA PHE A 61 -7.08 4.37 19.88
C PHE A 61 -6.59 4.54 21.32
N THR A 62 -5.90 3.51 21.80
CA THR A 62 -5.38 3.52 23.16
C THR A 62 -4.12 4.39 23.23
N GLU A 63 -3.28 4.24 22.22
CA GLU A 63 -2.04 5.00 22.16
C GLU A 63 -2.35 6.49 22.03
N ARG A 64 -3.27 6.81 21.15
CA ARG A 64 -3.66 8.19 20.93
C ARG A 64 -4.55 8.68 22.06
N GLY A 65 -5.42 7.79 22.52
CA GLY A 65 -6.33 8.11 23.60
C GLY A 65 -7.57 8.85 23.07
N GLU A 66 -7.98 8.45 21.87
CA GLU A 66 -9.15 9.06 21.25
C GLU A 66 -8.79 10.43 20.66
N GLN A 67 -9.49 10.78 19.59
CA GLN A 67 -9.25 12.06 18.94
C GLN A 67 -9.75 12.02 17.50
N PRO A 68 -9.36 10.92 16.78
CA PRO A 68 -9.76 10.75 15.40
C PRO A 68 -11.23 10.32 15.31
N HIS A 69 -11.64 9.98 14.09
CA HIS A 69 -13.01 9.56 13.85
C HIS A 69 -13.04 8.06 13.59
N ILE A 70 -13.63 7.34 14.54
CA ILE A 70 -13.74 5.89 14.42
C ILE A 70 -15.09 5.53 13.80
N THR A 71 -15.04 4.66 12.80
CA THR A 71 -16.25 4.24 12.12
C THR A 71 -16.34 2.71 12.10
N SER A 72 -17.55 2.21 12.26
CA SER A 72 -17.79 0.77 12.26
C SER A 72 -18.65 0.38 11.06
N GLN A 73 -17.98 0.02 9.98
CA GLN A 73 -18.68 -0.38 8.76
C GLN A 73 -18.80 -1.91 8.70
N GLY A 74 -19.96 -2.40 9.09
CA GLY A 74 -20.21 -3.83 9.08
C GLY A 74 -19.30 -4.55 10.08
N ASP A 75 -18.33 -5.26 9.53
CA ASP A 75 -17.39 -6.00 10.35
C ASP A 75 -16.01 -5.37 10.23
N PHE A 76 -15.97 -4.23 9.55
CA PHE A 76 -14.72 -3.52 9.36
C PHE A 76 -14.73 -2.18 10.10
N LYS A 77 -13.54 -1.75 10.49
CA LYS A 77 -13.41 -0.49 11.21
C LYS A 77 -12.77 0.55 10.29
N VAL A 78 -13.00 1.81 10.64
CA VAL A 78 -12.45 2.91 9.85
C VAL A 78 -11.95 4.00 10.79
N TYR A 79 -10.65 4.04 10.97
CA TYR A 79 -10.03 5.03 11.84
C TYR A 79 -9.36 6.14 11.02
N ALA A 80 -10.05 7.26 10.93
CA ALA A 80 -9.54 8.40 10.19
C ALA A 80 -8.99 9.44 11.16
N ALA A 81 -7.85 10.01 10.80
CA ALA A 81 -7.23 11.02 11.63
C ALA A 81 -7.24 12.37 10.90
N PRO A 82 -7.14 13.46 11.71
CA PRO A 82 -7.13 14.80 11.15
C PRO A 82 -5.80 15.12 10.47
N GLY A 83 -5.85 15.22 9.15
CA GLY A 83 -4.66 15.52 8.39
C GLY A 83 -4.50 14.55 7.21
N ILE A 84 -4.45 13.28 7.55
CA ILE A 84 -4.30 12.25 6.53
C ILE A 84 -5.63 11.50 6.38
N GLU A 85 -5.80 10.89 5.21
CA GLU A 85 -7.01 10.13 4.93
C GLU A 85 -6.75 8.64 5.08
N ILE A 86 -6.27 8.27 6.25
CA ILE A 86 -5.97 6.87 6.53
C ILE A 86 -7.00 6.33 7.52
N TRP A 87 -7.70 5.28 7.09
CA TRP A 87 -8.72 4.66 7.92
C TRP A 87 -8.19 3.30 8.36
N CYS A 88 -7.81 3.23 9.63
CA CYS A 88 -7.29 1.99 10.18
C CYS A 88 -8.47 1.05 10.46
N GLY A 89 -8.27 -0.21 10.15
CA GLY A 89 -9.30 -1.22 10.35
C GLY A 89 -9.34 -2.20 9.18
N ASP A 90 -10.27 -1.93 8.27
CA ASP A 90 -10.44 -2.78 7.09
C ASP A 90 -10.59 -1.89 5.85
N PHE A 91 -10.40 -2.52 4.70
CA PHE A 91 -10.51 -1.81 3.43
C PHE A 91 -11.64 -2.38 2.59
N PHE A 92 -12.72 -1.63 2.50
CA PHE A 92 -13.87 -2.04 1.72
C PHE A 92 -15.12 -1.26 2.12
N ALA A 93 -14.97 0.05 2.19
CA ALA A 93 -16.06 0.92 2.55
C ALA A 93 -16.00 2.20 1.72
N LEU A 94 -14.78 2.71 1.55
CA LEU A 94 -14.57 3.92 0.79
C LEU A 94 -14.52 3.58 -0.70
N THR A 95 -14.24 4.58 -1.50
CA THR A 95 -14.16 4.41 -2.94
C THR A 95 -12.80 4.87 -3.46
N ALA A 96 -11.86 3.94 -3.47
CA ALA A 96 -10.51 4.23 -3.94
C ALA A 96 -10.59 4.87 -5.33
N ARG A 97 -11.74 4.72 -5.95
CA ARG A 97 -11.96 5.26 -7.28
C ARG A 97 -12.21 6.77 -7.19
N ASP A 98 -13.12 7.14 -6.29
CA ASP A 98 -13.46 8.54 -6.10
C ASP A 98 -12.24 9.29 -5.55
N ILE A 99 -11.60 8.67 -4.56
CA ILE A 99 -10.43 9.26 -3.95
C ILE A 99 -9.27 9.24 -4.95
N GLY A 100 -9.07 8.08 -5.55
CA GLY A 100 -8.00 7.92 -6.52
C GLY A 100 -8.16 8.90 -7.68
N HIS A 101 -9.10 8.59 -8.55
CA HIS A 101 -9.36 9.43 -9.71
C HIS A 101 -8.09 9.56 -10.55
N CYS A 102 -7.20 10.43 -10.09
CA CYS A 102 -5.94 10.66 -10.79
C CYS A 102 -4.85 10.90 -9.74
N ALA A 103 -3.71 10.28 -9.98
CA ALA A 103 -2.58 10.43 -9.08
C ALA A 103 -1.76 9.14 -9.08
N ALA A 104 -1.78 8.45 -7.94
CA ALA A 104 -1.05 7.21 -7.81
C ALA A 104 -1.51 6.49 -6.54
N PHE A 105 -0.89 5.35 -6.28
CA PHE A 105 -1.22 4.57 -5.10
C PHE A 105 -0.11 3.56 -4.78
N TYR A 106 0.12 3.36 -3.50
CA TYR A 106 1.14 2.44 -3.05
C TYR A 106 0.52 1.15 -2.51
N ASP A 107 0.79 0.06 -3.21
CA ASP A 107 0.26 -1.23 -2.82
C ASP A 107 1.28 -1.95 -1.93
N ARG A 108 0.81 -2.44 -0.80
CA ARG A 108 1.66 -3.14 0.14
C ARG A 108 1.47 -4.65 0.00
N ALA A 109 2.51 -5.38 0.39
CA ALA A 109 2.47 -6.84 0.32
C ALA A 109 1.23 -7.35 1.06
N ALA A 110 0.13 -7.42 0.33
CA ALA A 110 -1.12 -7.89 0.92
C ALA A 110 -1.61 -9.11 0.13
N MET A 111 -1.77 -8.91 -1.17
CA MET A 111 -2.23 -9.97 -2.04
C MET A 111 -1.21 -11.11 -2.10
N ILE A 112 0.01 -10.80 -1.67
CA ILE A 112 1.08 -11.78 -1.68
C ILE A 112 0.81 -12.83 -0.59
N ALA A 113 0.00 -12.43 0.38
CA ALA A 113 -0.34 -13.32 1.48
C ALA A 113 -1.41 -14.32 1.01
N LEU A 114 -2.45 -13.77 0.38
CA LEU A 114 -3.54 -14.59 -0.12
C LEU A 114 -3.02 -15.48 -1.26
N PRO A 115 -3.87 -16.45 -1.66
CA PRO A 115 -3.51 -17.37 -2.73
C PRO A 115 -3.60 -16.68 -4.10
N ALA A 116 -3.64 -17.49 -5.14
CA ALA A 116 -3.72 -16.98 -6.49
C ALA A 116 -5.15 -16.49 -6.77
N ASP A 117 -6.08 -17.43 -6.72
CA ASP A 117 -7.47 -17.11 -6.95
C ASP A 117 -7.81 -15.77 -6.29
N MET A 118 -7.62 -15.73 -4.98
CA MET A 118 -7.89 -14.54 -4.21
C MET A 118 -7.13 -13.34 -4.78
N ARG A 119 -5.85 -13.57 -5.04
CA ARG A 119 -5.00 -12.51 -5.59
C ARG A 119 -5.60 -11.96 -6.87
N GLU A 120 -6.19 -12.85 -7.64
CA GLU A 120 -6.82 -12.47 -8.90
C GLU A 120 -8.01 -11.55 -8.64
N ARG A 121 -8.97 -12.07 -7.88
CA ARG A 121 -10.16 -11.32 -7.55
C ARG A 121 -9.79 -10.04 -6.79
N TYR A 122 -8.57 -10.03 -6.27
CA TYR A 122 -8.09 -8.89 -5.52
C TYR A 122 -7.63 -7.77 -6.47
N VAL A 123 -6.86 -8.16 -7.47
CA VAL A 123 -6.35 -7.21 -8.45
C VAL A 123 -7.52 -6.62 -9.22
N GLN A 124 -8.47 -7.47 -9.57
CA GLN A 124 -9.64 -7.04 -10.30
C GLN A 124 -10.51 -6.13 -9.44
N HIS A 125 -10.80 -6.60 -8.24
CA HIS A 125 -11.61 -5.84 -7.30
C HIS A 125 -10.96 -4.48 -7.03
N LEU A 126 -9.65 -4.52 -6.86
CA LEU A 126 -8.90 -3.30 -6.61
C LEU A 126 -9.01 -2.38 -7.81
N GLU A 127 -8.52 -2.86 -8.94
CA GLU A 127 -8.55 -2.09 -10.17
C GLU A 127 -9.99 -1.64 -10.47
N ALA A 128 -10.93 -2.35 -9.88
CA ALA A 128 -12.34 -2.03 -10.07
C ALA A 128 -12.68 -0.74 -9.32
N LEU A 129 -12.41 -0.76 -8.03
CA LEU A 129 -12.67 0.40 -7.19
C LEU A 129 -11.51 1.40 -7.32
N MET A 130 -10.51 0.99 -8.08
CA MET A 130 -9.34 1.83 -8.28
C MET A 130 -9.71 3.09 -9.07
N PRO A 131 -8.70 3.98 -9.23
CA PRO A 131 -8.89 5.23 -9.94
C PRO A 131 -8.96 4.98 -11.46
N GLN A 132 -8.73 6.05 -12.21
CA GLN A 132 -8.75 5.95 -13.66
C GLN A 132 -7.34 6.14 -14.22
N ALA A 133 -6.65 7.12 -13.69
CA ALA A 133 -5.29 7.41 -14.13
C ALA A 133 -4.42 7.71 -12.91
N CYS A 134 -3.75 6.67 -12.44
CA CYS A 134 -2.88 6.80 -11.28
C CYS A 134 -1.77 5.76 -11.40
N SER A 135 -0.61 6.11 -10.84
CA SER A 135 0.53 5.21 -10.87
C SER A 135 0.64 4.44 -9.56
N GLY A 136 0.39 3.15 -9.65
CA GLY A 136 0.45 2.29 -8.48
C GLY A 136 1.84 1.68 -8.33
N LEU A 137 2.14 1.28 -7.09
CA LEU A 137 3.43 0.67 -6.80
C LEU A 137 3.24 -0.48 -5.82
N LEU A 138 3.28 -1.69 -6.35
CA LEU A 138 3.11 -2.87 -5.54
C LEU A 138 4.44 -3.23 -4.87
N ILE A 139 4.37 -3.55 -3.59
CA ILE A 139 5.56 -3.90 -2.83
C ILE A 139 5.34 -5.28 -2.18
N THR A 140 6.09 -6.26 -2.69
CA THR A 140 6.00 -7.61 -2.16
C THR A 140 7.35 -8.06 -1.61
N LEU A 141 7.32 -9.18 -0.90
CA LEU A 141 8.53 -9.73 -0.32
C LEU A 141 8.61 -11.22 -0.64
N GLU A 142 9.83 -11.74 -0.58
CA GLU A 142 10.06 -13.14 -0.86
C GLU A 142 10.73 -13.82 0.34
N TYR A 143 11.58 -13.05 1.00
CA TYR A 143 12.30 -13.56 2.16
C TYR A 143 11.34 -13.78 3.34
N ASP A 144 11.09 -12.70 4.06
CA ASP A 144 10.20 -12.76 5.21
C ASP A 144 9.14 -13.83 4.97
N GLN A 145 8.76 -14.49 6.05
CA GLN A 145 7.75 -15.54 5.97
C GLN A 145 7.67 -16.30 7.30
N ALA A 146 8.79 -16.33 8.00
CA ALA A 146 8.86 -17.01 9.29
C ALA A 146 9.43 -16.05 10.33
N LEU A 147 8.81 -14.89 10.43
CA LEU A 147 9.24 -13.89 11.39
C LEU A 147 8.43 -12.61 11.18
N LEU A 148 8.02 -12.40 9.94
CA LEU A 148 7.24 -11.22 9.60
C LEU A 148 5.75 -11.58 9.58
N GLU A 149 4.97 -10.76 10.25
CA GLU A 149 3.53 -10.98 10.32
C GLU A 149 2.98 -11.25 8.92
N GLY A 150 2.50 -12.48 8.73
CA GLY A 150 1.94 -12.87 7.46
C GLY A 150 3.04 -13.31 6.49
N PRO A 151 3.06 -14.64 6.22
CA PRO A 151 4.05 -15.20 5.31
C PRO A 151 3.71 -14.88 3.85
N PRO A 152 4.57 -14.03 3.22
CA PRO A 152 4.37 -13.64 1.84
C PRO A 152 4.73 -14.78 0.89
N PHE A 153 4.18 -14.70 -0.32
CA PHE A 153 4.45 -15.70 -1.33
C PHE A 153 5.15 -15.10 -2.55
N SER A 154 5.79 -13.97 -2.31
CA SER A 154 6.51 -13.28 -3.37
C SER A 154 5.75 -13.43 -4.69
N VAL A 155 4.92 -12.43 -4.97
CA VAL A 155 4.13 -12.45 -6.20
C VAL A 155 5.04 -12.12 -7.38
N PRO A 156 5.06 -13.07 -8.36
CA PRO A 156 5.89 -12.89 -9.55
C PRO A 156 5.26 -11.87 -10.50
N GLN A 157 6.00 -10.80 -10.75
CA GLN A 157 5.53 -9.75 -11.64
C GLN A 157 4.87 -10.36 -12.87
N THR A 158 5.42 -11.47 -13.32
CA THR A 158 4.89 -12.16 -14.49
C THR A 158 3.41 -12.50 -14.28
N TRP A 159 3.10 -12.89 -13.05
CA TRP A 159 1.74 -13.25 -12.71
C TRP A 159 0.85 -12.02 -12.96
N LEU A 160 1.26 -10.91 -12.36
CA LEU A 160 0.51 -9.68 -12.51
C LEU A 160 0.32 -9.37 -13.99
N HIS A 161 1.34 -9.69 -14.78
CA HIS A 161 1.29 -9.46 -16.21
C HIS A 161 0.42 -10.53 -16.87
N ARG A 162 0.26 -11.64 -16.16
CA ARG A 162 -0.53 -12.75 -16.65
C ARG A 162 -2.02 -12.49 -16.40
N VAL A 163 -2.29 -11.88 -15.26
CA VAL A 163 -3.66 -11.57 -14.89
C VAL A 163 -3.86 -10.05 -14.88
N MET A 164 -3.27 -9.41 -13.89
CA MET A 164 -3.37 -7.97 -13.76
C MET A 164 -3.29 -7.29 -15.12
N SER A 165 -2.58 -7.95 -16.04
CA SER A 165 -2.42 -7.42 -17.38
C SER A 165 -3.78 -6.99 -17.94
N GLY A 166 -3.89 -5.69 -18.18
CA GLY A 166 -5.12 -5.14 -18.73
C GLY A 166 -5.84 -4.30 -17.68
N ASN A 167 -5.31 -3.10 -17.47
CA ASN A 167 -5.89 -2.18 -16.49
C ASN A 167 -4.77 -1.38 -15.82
N TRP A 168 -3.65 -2.04 -15.62
CA TRP A 168 -2.51 -1.41 -14.99
C TRP A 168 -1.24 -1.99 -15.62
N GLU A 169 -0.29 -1.10 -15.90
CA GLU A 169 0.97 -1.52 -16.50
C GLU A 169 2.01 -1.80 -15.40
N VAL A 170 2.09 -3.06 -15.02
CA VAL A 170 3.03 -3.47 -13.99
C VAL A 170 4.44 -3.53 -14.60
N THR A 171 5.38 -2.94 -13.88
CA THR A 171 6.76 -2.92 -14.32
C THR A 171 7.68 -3.51 -13.25
N LYS A 172 8.43 -4.53 -13.66
CA LYS A 172 9.34 -5.19 -12.75
C LYS A 172 10.26 -4.15 -12.10
N VAL A 173 10.25 -4.14 -10.77
CA VAL A 173 11.07 -3.20 -10.01
C VAL A 173 11.16 -3.68 -8.56
N GLY A 174 11.76 -2.82 -7.74
CA GLY A 174 11.92 -3.14 -6.33
C GLY A 174 13.41 -3.22 -5.96
N GLY A 175 13.67 -3.96 -4.90
CA GLY A 175 15.04 -4.13 -4.43
C GLY A 175 15.18 -5.40 -3.58
N GLN A 176 16.28 -6.10 -3.82
CA GLN A 176 16.54 -7.33 -3.08
C GLN A 176 17.57 -7.09 -1.98
N ASP A 177 17.57 -7.98 -1.00
CA ASP A 177 18.50 -7.87 0.12
C ASP A 177 18.45 -6.44 0.67
N THR A 178 17.35 -5.77 0.39
CA THR A 178 17.17 -4.40 0.85
C THR A 178 16.08 -4.32 1.91
N LEU A 179 16.42 -4.80 3.09
CA LEU A 179 15.47 -4.80 4.20
C LEU A 179 15.30 -3.37 4.72
N HIS A 180 16.40 -2.64 4.71
CA HIS A 180 16.39 -1.26 5.17
C HIS A 180 15.62 -0.39 4.18
N SER A 181 14.38 -0.79 3.92
CA SER A 181 13.54 -0.06 2.99
C SER A 181 12.07 -0.34 3.30
N SER A 182 11.77 -1.62 3.54
CA SER A 182 10.42 -2.03 3.84
C SER A 182 10.14 -1.84 5.33
N ALA A 183 9.30 -0.86 5.63
CA ALA A 183 8.95 -0.58 7.01
C ALA A 183 8.54 -1.88 7.71
N ARG A 184 7.51 -2.50 7.16
CA ARG A 184 7.02 -3.75 7.72
C ARG A 184 8.19 -4.63 8.17
N GLY A 185 9.31 -4.46 7.49
CA GLY A 185 10.50 -5.22 7.81
C GLY A 185 11.05 -4.85 9.20
N LEU A 186 11.46 -3.59 9.31
CA LEU A 186 11.99 -3.10 10.56
C LEU A 186 10.93 -3.20 11.65
N LYS A 187 9.69 -3.43 11.21
CA LYS A 187 8.58 -3.55 12.13
C LYS A 187 8.56 -4.98 12.70
N ALA A 188 8.74 -5.94 11.81
CA ALA A 188 8.75 -7.34 12.22
C ALA A 188 10.13 -7.71 12.73
N GLY A 189 11.14 -7.13 12.10
CA GLY A 189 12.52 -7.39 12.49
C GLY A 189 13.15 -8.45 11.58
N LEU A 190 13.29 -8.09 10.31
CA LEU A 190 13.87 -8.99 9.34
C LEU A 190 15.40 -8.88 9.40
N GLU A 191 15.87 -7.65 9.29
CA GLU A 191 17.30 -7.40 9.33
C GLU A 191 17.94 -7.77 8.00
N ARG A 192 17.11 -8.27 7.09
CA ARG A 192 17.59 -8.67 5.78
C ARG A 192 16.52 -9.50 5.06
N MET A 193 16.04 -8.96 3.95
CA MET A 193 15.03 -9.64 3.16
C MET A 193 14.91 -9.02 1.77
N ASP A 194 14.51 -9.86 0.82
CA ASP A 194 14.37 -9.42 -0.56
C ASP A 194 12.93 -8.94 -0.78
N GLU A 195 12.81 -7.73 -1.29
CA GLU A 195 11.51 -7.14 -1.55
C GLU A 195 11.35 -6.85 -3.05
N HIS A 196 10.34 -7.48 -3.64
CA HIS A 196 10.07 -7.30 -5.05
C HIS A 196 8.87 -6.35 -5.23
N VAL A 197 9.11 -5.28 -5.95
CA VAL A 197 8.07 -4.30 -6.20
C VAL A 197 7.82 -4.20 -7.72
N TYR A 198 6.71 -3.56 -8.06
CA TYR A 198 6.34 -3.39 -9.45
C TYR A 198 5.48 -2.15 -9.65
N VAL A 199 5.86 -1.35 -10.64
CA VAL A 199 5.13 -0.14 -10.94
C VAL A 199 3.95 -0.46 -11.85
N LEU A 200 2.76 -0.40 -11.29
CA LEU A 200 1.55 -0.69 -12.04
C LEU A 200 0.88 0.64 -12.43
N GLU A 201 1.01 0.98 -13.71
CA GLU A 201 0.43 2.20 -14.21
C GLU A 201 -1.08 2.03 -14.41
N ARG A 202 -1.83 2.44 -13.39
CA ARG A 202 -3.28 2.33 -13.44
C ARG A 202 -3.84 3.21 -14.57
N VAL A 203 -4.15 2.56 -15.68
CA VAL A 203 -4.69 3.26 -16.83
C VAL A 203 -6.20 3.44 -16.65
N HIS A 3 9.26 9.50 7.11
CA HIS A 3 9.19 10.68 6.25
C HIS A 3 10.18 10.53 5.10
N GLN A 4 11.45 10.69 5.42
CA GLN A 4 12.49 10.57 4.41
C GLN A 4 13.64 9.70 4.93
N SER A 5 14.76 9.76 4.23
CA SER A 5 15.92 8.98 4.62
C SER A 5 15.84 7.57 3.99
N GLU A 6 14.75 6.89 4.31
CA GLU A 6 14.55 5.55 3.79
C GLU A 6 13.07 5.35 3.41
N VAL A 7 12.75 5.77 2.19
CA VAL A 7 11.39 5.65 1.69
C VAL A 7 11.42 5.04 0.30
N ASN A 8 11.60 3.72 0.26
CA ASN A 8 11.64 3.00 -1.01
C ASN A 8 12.37 3.86 -2.04
N LYS A 9 13.68 3.67 -2.09
CA LYS A 9 14.51 4.41 -3.03
C LYS A 9 13.80 4.50 -4.37
N ASP A 10 13.15 3.40 -4.74
CA ASP A 10 12.42 3.33 -5.99
C ASP A 10 11.25 4.31 -5.95
N LEU A 11 10.41 4.13 -4.94
CA LEU A 11 9.24 4.97 -4.76
C LEU A 11 9.65 6.43 -4.96
N GLN A 12 10.49 6.90 -4.04
CA GLN A 12 10.95 8.28 -4.10
C GLN A 12 11.58 8.58 -5.47
N GLN A 13 12.22 7.55 -6.02
CA GLN A 13 12.87 7.68 -7.31
C GLN A 13 11.82 7.86 -8.41
N TYR A 14 11.24 6.73 -8.81
CA TYR A 14 10.22 6.75 -9.85
C TYR A 14 9.22 7.89 -9.63
N TRP A 15 8.65 7.91 -8.43
CA TRP A 15 7.68 8.93 -8.09
C TRP A 15 8.29 10.30 -8.44
N SER A 16 9.40 10.59 -7.79
CA SER A 16 10.09 11.85 -8.02
C SER A 16 10.13 12.15 -9.53
N SER A 17 10.29 11.09 -10.29
CA SER A 17 10.34 11.23 -11.75
C SER A 17 8.93 11.34 -12.32
N LEU A 18 8.09 10.40 -11.90
CA LEU A 18 6.71 10.38 -12.37
C LEU A 18 6.17 11.81 -12.43
N ASN A 19 6.47 12.57 -11.38
CA ASN A 19 6.02 13.95 -11.32
C ASN A 19 4.51 13.99 -11.18
N VAL A 20 4.00 13.13 -10.31
CA VAL A 20 2.57 13.05 -10.07
C VAL A 20 2.04 14.45 -9.73
N VAL A 21 0.92 14.78 -10.36
CA VAL A 21 0.30 16.08 -10.14
C VAL A 21 0.41 16.45 -8.67
N PRO A 22 0.54 17.78 -8.41
CA PRO A 22 0.65 18.27 -7.05
C PRO A 22 -0.70 18.22 -6.33
N GLY A 23 -0.85 17.22 -5.48
CA GLY A 23 -2.08 17.05 -4.74
C GLY A 23 -2.84 15.81 -5.19
N ALA A 24 -2.32 15.19 -6.25
CA ALA A 24 -2.93 13.98 -6.80
C ALA A 24 -3.44 13.10 -5.65
N ARG A 25 -4.42 12.28 -5.96
CA ARG A 25 -4.99 11.38 -4.98
C ARG A 25 -4.10 10.14 -4.81
N VAL A 26 -3.70 9.90 -3.57
CA VAL A 26 -2.85 8.76 -3.27
C VAL A 26 -3.69 7.70 -2.55
N LEU A 27 -3.75 6.53 -3.17
CA LEU A 27 -4.50 5.42 -2.59
C LEU A 27 -3.53 4.37 -2.05
N VAL A 28 -3.87 3.85 -0.88
CA VAL A 28 -3.04 2.84 -0.24
C VAL A 28 -3.94 1.77 0.38
N PRO A 29 -4.03 0.61 -0.32
CA PRO A 29 -4.84 -0.49 0.16
C PRO A 29 -4.16 -1.21 1.33
N LEU A 30 -4.89 -1.30 2.43
CA LEU A 30 -4.38 -1.96 3.62
C LEU A 30 -2.85 -1.90 3.60
N CYS A 31 -2.33 -0.69 3.49
CA CYS A 31 -0.89 -0.49 3.46
C CYS A 31 -0.38 -0.50 4.90
N GLY A 32 -1.19 0.04 5.80
CA GLY A 32 -0.83 0.10 7.20
C GLY A 32 0.19 1.21 7.45
N LYS A 33 0.19 2.19 6.57
CA LYS A 33 1.11 3.31 6.68
C LYS A 33 2.53 2.82 6.39
N SER A 34 3.31 3.71 5.77
CA SER A 34 4.68 3.38 5.42
C SER A 34 5.44 4.67 5.06
N GLN A 35 6.75 4.53 4.97
CA GLN A 35 7.61 5.66 4.63
C GLN A 35 7.11 6.33 3.35
N ASP A 36 6.56 5.50 2.46
CA ASP A 36 6.05 6.01 1.19
C ASP A 36 4.95 7.03 1.46
N MET A 37 3.92 6.57 2.17
CA MET A 37 2.80 7.43 2.51
C MET A 37 3.27 8.72 3.16
N SER A 38 4.17 8.56 4.13
CA SER A 38 4.71 9.71 4.84
C SER A 38 5.50 10.60 3.88
N TRP A 39 6.12 9.96 2.90
CA TRP A 39 6.90 10.67 1.91
C TRP A 39 5.95 11.57 1.10
N LEU A 40 4.78 11.02 0.83
CA LEU A 40 3.77 11.75 0.07
C LEU A 40 3.31 12.96 0.88
N SER A 41 2.74 12.69 2.03
CA SER A 41 2.24 13.75 2.91
C SER A 41 3.31 14.84 3.05
N GLY A 42 4.55 14.40 3.12
CA GLY A 42 5.68 15.32 3.27
C GLY A 42 5.90 16.10 1.97
N GLN A 43 5.57 15.45 0.85
CA GLN A 43 5.73 16.07 -0.45
C GLN A 43 4.56 17.02 -0.73
N GLY A 44 3.39 16.63 -0.28
CA GLY A 44 2.20 17.44 -0.47
C GLY A 44 1.23 16.76 -1.44
N TYR A 45 0.65 15.65 -0.97
CA TYR A 45 -0.30 14.90 -1.78
C TYR A 45 -1.54 14.54 -0.96
N HIS A 46 -2.51 13.96 -1.65
CA HIS A 46 -3.75 13.57 -1.02
C HIS A 46 -3.65 12.11 -0.55
N VAL A 47 -2.91 11.91 0.52
CA VAL A 47 -2.73 10.58 1.07
C VAL A 47 -4.06 10.07 1.64
N VAL A 48 -4.60 9.06 0.98
CA VAL A 48 -5.86 8.48 1.40
C VAL A 48 -5.82 6.96 1.20
N GLY A 49 -5.83 6.24 2.31
CA GLY A 49 -5.80 4.79 2.26
C GLY A 49 -6.49 4.18 3.49
N ALA A 50 -6.36 2.87 3.62
CA ALA A 50 -6.97 2.16 4.72
C ALA A 50 -6.02 1.04 5.18
N GLU A 51 -6.28 0.56 6.40
CA GLU A 51 -5.47 -0.50 6.96
C GLU A 51 -6.35 -1.70 7.32
N LEU A 52 -5.84 -2.88 7.01
CA LEU A 52 -6.56 -4.10 7.29
C LEU A 52 -6.09 -4.67 8.63
N SER A 53 -6.39 -3.93 9.69
CA SER A 53 -6.00 -4.34 11.03
C SER A 53 -6.98 -3.78 12.06
N GLU A 54 -7.30 -4.60 13.04
CA GLU A 54 -8.22 -4.20 14.09
C GLU A 54 -7.46 -3.74 15.33
N ALA A 55 -6.73 -4.68 15.92
CA ALA A 55 -5.94 -4.39 17.10
C ALA A 55 -5.04 -3.19 16.83
N ALA A 56 -4.73 -3.00 15.55
CA ALA A 56 -3.89 -1.88 15.15
C ALA A 56 -4.63 -0.57 15.35
N VAL A 57 -5.89 -0.57 14.92
CA VAL A 57 -6.73 0.62 15.05
C VAL A 57 -6.88 0.96 16.53
N GLU A 58 -7.21 -0.06 17.32
CA GLU A 58 -7.38 0.12 18.75
C GLU A 58 -6.09 0.62 19.39
N ARG A 59 -5.00 -0.04 19.03
CA ARG A 59 -3.69 0.32 19.57
C ARG A 59 -3.34 1.75 19.18
N TYR A 60 -3.87 2.17 18.03
CA TYR A 60 -3.62 3.51 17.53
C TYR A 60 -4.37 4.55 18.37
N PHE A 61 -5.62 4.24 18.66
CA PHE A 61 -6.46 5.13 19.44
C PHE A 61 -5.92 5.28 20.86
N THR A 62 -5.38 4.17 21.37
CA THR A 62 -4.82 4.15 22.72
C THR A 62 -3.40 4.72 22.71
N GLU A 63 -2.73 4.53 21.58
CA GLU A 63 -1.36 5.01 21.45
C GLU A 63 -1.35 6.53 21.30
N ARG A 64 -2.31 7.03 20.54
CA ARG A 64 -2.41 8.46 20.31
C ARG A 64 -3.30 9.10 21.39
N GLY A 65 -4.28 8.33 21.83
CA GLY A 65 -5.20 8.81 22.86
C GLY A 65 -5.94 10.07 22.38
N GLU A 66 -6.33 10.05 21.11
CA GLU A 66 -7.05 11.16 20.53
C GLU A 66 -8.44 10.72 20.08
N GLN A 67 -8.48 9.55 19.45
CA GLN A 67 -9.74 9.01 18.96
C GLN A 67 -10.30 9.89 17.85
N PRO A 68 -9.74 9.69 16.62
CA PRO A 68 -10.17 10.47 15.47
C PRO A 68 -11.52 9.96 14.96
N HIS A 69 -11.76 10.21 13.69
CA HIS A 69 -13.02 9.80 13.07
C HIS A 69 -13.09 8.27 13.05
N ILE A 70 -13.55 7.72 14.15
CA ILE A 70 -13.68 6.27 14.28
C ILE A 70 -15.05 5.84 13.75
N THR A 71 -15.03 4.89 12.83
CA THR A 71 -16.25 4.37 12.25
C THR A 71 -16.33 2.86 12.43
N SER A 72 -17.57 2.38 12.49
CA SER A 72 -17.80 0.94 12.65
C SER A 72 -18.34 0.35 11.34
N GLN A 73 -17.48 -0.40 10.68
CA GLN A 73 -17.86 -1.04 9.43
C GLN A 73 -18.08 -2.53 9.63
N GLY A 74 -19.30 -2.86 10.04
CA GLY A 74 -19.66 -4.25 10.27
C GLY A 74 -18.74 -4.88 11.32
N ASP A 75 -17.89 -5.79 10.84
CA ASP A 75 -16.95 -6.47 11.72
C ASP A 75 -15.57 -5.82 11.58
N PHE A 76 -15.58 -4.54 11.26
CA PHE A 76 -14.34 -3.79 11.10
C PHE A 76 -14.49 -2.36 11.61
N LYS A 77 -13.38 -1.66 11.63
CA LYS A 77 -13.37 -0.28 12.09
C LYS A 77 -12.77 0.62 11.01
N VAL A 78 -12.92 1.91 11.22
CA VAL A 78 -12.41 2.89 10.26
C VAL A 78 -11.86 4.09 11.03
N TYR A 79 -10.54 4.09 11.23
CA TYR A 79 -9.88 5.17 11.93
C TYR A 79 -9.31 6.20 10.96
N ALA A 80 -10.04 7.29 10.81
CA ALA A 80 -9.63 8.36 9.91
C ALA A 80 -9.21 9.58 10.72
N ALA A 81 -7.96 9.98 10.54
CA ALA A 81 -7.43 11.12 11.25
C ALA A 81 -7.68 12.39 10.42
N PRO A 82 -7.73 13.54 11.15
CA PRO A 82 -7.96 14.82 10.50
C PRO A 82 -6.70 15.29 9.77
N GLY A 83 -5.64 14.51 9.90
CA GLY A 83 -4.38 14.83 9.26
C GLY A 83 -4.27 14.17 7.88
N ILE A 84 -4.48 12.86 7.88
CA ILE A 84 -4.40 12.09 6.65
C ILE A 84 -5.75 11.40 6.40
N GLU A 85 -5.86 10.79 5.24
CA GLU A 85 -7.08 10.09 4.86
C GLU A 85 -6.89 8.58 5.01
N ILE A 86 -6.34 8.18 6.14
CA ILE A 86 -6.09 6.78 6.41
C ILE A 86 -7.09 6.28 7.45
N TRP A 87 -7.82 5.23 7.07
CA TRP A 87 -8.82 4.65 7.96
C TRP A 87 -8.31 3.28 8.40
N CYS A 88 -7.87 3.22 9.65
CA CYS A 88 -7.36 1.98 10.20
C CYS A 88 -8.54 1.06 10.49
N GLY A 89 -8.39 -0.19 10.09
CA GLY A 89 -9.44 -1.18 10.30
C GLY A 89 -9.61 -2.06 9.06
N ASP A 90 -10.65 -1.74 8.29
CA ASP A 90 -10.94 -2.48 7.08
C ASP A 90 -10.86 -1.55 5.88
N PHE A 91 -10.78 -2.16 4.70
CA PHE A 91 -10.69 -1.39 3.46
C PHE A 91 -11.76 -1.85 2.47
N PHE A 92 -12.87 -1.12 2.49
CA PHE A 92 -13.97 -1.43 1.59
C PHE A 92 -15.19 -0.55 1.90
N ALA A 93 -14.97 0.75 1.83
CA ALA A 93 -16.03 1.71 2.10
C ALA A 93 -15.48 3.13 1.93
N LEU A 94 -14.71 3.31 0.87
CA LEU A 94 -14.12 4.61 0.60
C LEU A 94 -14.20 4.89 -0.91
N THR A 95 -14.07 3.82 -1.68
CA THR A 95 -14.12 3.92 -3.12
C THR A 95 -12.84 4.56 -3.67
N ALA A 96 -11.78 3.76 -3.68
CA ALA A 96 -10.49 4.21 -4.15
C ALA A 96 -10.65 4.76 -5.57
N ARG A 97 -11.80 4.48 -6.16
CA ARG A 97 -12.09 4.93 -7.51
C ARG A 97 -12.42 6.43 -7.51
N ASP A 98 -13.34 6.80 -6.63
CA ASP A 98 -13.74 8.19 -6.51
C ASP A 98 -12.57 9.02 -5.99
N ILE A 99 -12.07 8.62 -4.83
CA ILE A 99 -10.95 9.31 -4.21
C ILE A 99 -9.73 9.23 -5.14
N GLY A 100 -9.61 8.08 -5.79
CA GLY A 100 -8.49 7.86 -6.69
C GLY A 100 -8.50 8.88 -7.82
N HIS A 101 -9.36 8.64 -8.80
CA HIS A 101 -9.49 9.53 -9.94
C HIS A 101 -8.16 9.54 -10.71
N CYS A 102 -7.26 10.41 -10.26
CA CYS A 102 -5.96 10.54 -10.90
C CYS A 102 -4.92 10.80 -9.81
N ALA A 103 -3.73 10.24 -10.01
CA ALA A 103 -2.65 10.41 -9.06
C ALA A 103 -1.80 9.14 -9.04
N ALA A 104 -1.88 8.44 -7.92
CA ALA A 104 -1.12 7.20 -7.75
C ALA A 104 -1.61 6.48 -6.50
N PHE A 105 -1.00 5.34 -6.24
CA PHE A 105 -1.35 4.53 -5.08
C PHE A 105 -0.23 3.55 -4.73
N TYR A 106 0.00 3.41 -3.43
CA TYR A 106 1.03 2.51 -2.95
C TYR A 106 0.43 1.17 -2.52
N ASP A 107 0.86 0.12 -3.21
CA ASP A 107 0.38 -1.22 -2.90
C ASP A 107 1.39 -1.94 -2.00
N ARG A 108 0.88 -2.44 -0.89
CA ARG A 108 1.71 -3.15 0.07
C ARG A 108 1.71 -4.65 -0.22
N ALA A 109 2.57 -5.36 0.48
CA ALA A 109 2.67 -6.80 0.31
C ALA A 109 1.45 -7.47 0.93
N ALA A 110 0.41 -7.58 0.13
CA ALA A 110 -0.83 -8.20 0.58
C ALA A 110 -1.13 -9.42 -0.28
N MET A 111 -0.84 -9.28 -1.57
CA MET A 111 -1.07 -10.36 -2.51
C MET A 111 -0.21 -11.58 -2.18
N ILE A 112 0.99 -11.30 -1.71
CA ILE A 112 1.92 -12.36 -1.35
C ILE A 112 1.41 -13.08 -0.09
N ALA A 113 0.31 -12.56 0.43
CA ALA A 113 -0.29 -13.14 1.63
C ALA A 113 -1.47 -14.01 1.22
N LEU A 114 -2.23 -13.51 0.26
CA LEU A 114 -3.39 -14.24 -0.23
C LEU A 114 -2.96 -15.22 -1.32
N PRO A 115 -3.87 -16.18 -1.63
CA PRO A 115 -3.59 -17.18 -2.65
C PRO A 115 -3.71 -16.58 -4.05
N ALA A 116 -3.91 -17.45 -5.01
CA ALA A 116 -4.05 -17.03 -6.40
C ALA A 116 -5.46 -16.51 -6.64
N ASP A 117 -6.42 -17.42 -6.54
CA ASP A 117 -7.81 -17.07 -6.75
C ASP A 117 -8.09 -15.71 -6.10
N MET A 118 -7.93 -15.67 -4.79
CA MET A 118 -8.15 -14.44 -4.04
C MET A 118 -7.38 -13.28 -4.65
N ARG A 119 -6.18 -13.58 -5.13
CA ARG A 119 -5.34 -12.58 -5.74
C ARG A 119 -6.05 -11.94 -6.93
N GLU A 120 -6.37 -12.76 -7.91
CA GLU A 120 -7.05 -12.29 -9.10
C GLU A 120 -8.27 -11.46 -8.72
N ARG A 121 -8.96 -11.91 -7.68
CA ARG A 121 -10.15 -11.22 -7.21
C ARG A 121 -9.75 -9.91 -6.50
N TYR A 122 -8.54 -9.91 -5.97
CA TYR A 122 -8.03 -8.74 -5.27
C TYR A 122 -7.58 -7.67 -6.26
N VAL A 123 -6.65 -8.05 -7.13
CA VAL A 123 -6.13 -7.13 -8.13
C VAL A 123 -7.28 -6.59 -8.97
N GLN A 124 -8.18 -7.50 -9.34
CA GLN A 124 -9.34 -7.12 -10.15
C GLN A 124 -10.25 -6.19 -9.36
N HIS A 125 -10.54 -6.59 -8.13
CA HIS A 125 -11.40 -5.81 -7.26
C HIS A 125 -10.81 -4.41 -7.09
N LEU A 126 -9.50 -4.37 -6.98
CA LEU A 126 -8.79 -3.10 -6.82
C LEU A 126 -8.92 -2.28 -8.09
N GLU A 127 -8.34 -2.80 -9.16
CA GLU A 127 -8.38 -2.12 -10.44
C GLU A 127 -9.82 -1.74 -10.79
N ALA A 128 -10.76 -2.42 -10.15
CA ALA A 128 -12.17 -2.16 -10.38
C ALA A 128 -12.57 -0.88 -9.65
N LEU A 129 -12.29 -0.85 -8.36
CA LEU A 129 -12.62 0.31 -7.55
C LEU A 129 -11.47 1.32 -7.62
N MET A 130 -10.50 1.00 -8.46
CA MET A 130 -9.35 1.87 -8.63
C MET A 130 -9.71 3.13 -9.40
N PRO A 131 -8.72 4.05 -9.51
CA PRO A 131 -8.92 5.30 -10.21
C PRO A 131 -8.91 5.07 -11.74
N GLN A 132 -8.73 6.17 -12.45
CA GLN A 132 -8.70 6.11 -13.91
C GLN A 132 -7.25 6.24 -14.42
N ALA A 133 -6.56 7.21 -13.85
CA ALA A 133 -5.18 7.47 -14.23
C ALA A 133 -4.35 7.76 -12.98
N CYS A 134 -3.68 6.73 -12.50
CA CYS A 134 -2.84 6.87 -11.31
C CYS A 134 -1.65 5.93 -11.45
N SER A 135 -0.59 6.27 -10.73
CA SER A 135 0.63 5.47 -10.77
C SER A 135 0.71 4.60 -9.52
N GLY A 136 0.49 3.31 -9.72
CA GLY A 136 0.54 2.36 -8.61
C GLY A 136 1.95 1.83 -8.41
N LEU A 137 2.26 1.49 -7.16
CA LEU A 137 3.56 0.97 -6.82
C LEU A 137 3.41 -0.16 -5.80
N LEU A 138 3.55 -1.38 -6.31
CA LEU A 138 3.43 -2.55 -5.46
C LEU A 138 4.76 -2.83 -4.78
N ILE A 139 4.68 -3.26 -3.53
CA ILE A 139 5.88 -3.56 -2.76
C ILE A 139 5.73 -4.94 -2.11
N THR A 140 6.27 -5.93 -2.79
CA THR A 140 6.20 -7.30 -2.30
C THR A 140 7.56 -7.72 -1.72
N LEU A 141 7.56 -8.88 -1.08
CA LEU A 141 8.77 -9.40 -0.48
C LEU A 141 8.84 -10.92 -0.71
N GLU A 142 9.93 -11.51 -0.25
CA GLU A 142 10.12 -12.94 -0.39
C GLU A 142 10.61 -13.55 0.92
N TYR A 143 11.91 -13.43 1.14
CA TYR A 143 12.52 -13.95 2.36
C TYR A 143 11.48 -14.10 3.47
N ASP A 144 11.24 -12.98 4.16
CA ASP A 144 10.28 -12.97 5.25
C ASP A 144 9.24 -14.07 5.01
N GLN A 145 8.88 -14.73 6.09
CA GLN A 145 7.90 -15.81 6.02
C GLN A 145 7.76 -16.50 7.39
N ALA A 146 8.88 -16.52 8.11
CA ALA A 146 8.90 -17.15 9.42
C ALA A 146 9.26 -16.10 10.47
N LEU A 147 8.60 -14.96 10.37
CA LEU A 147 8.84 -13.86 11.30
C LEU A 147 7.98 -12.66 10.92
N LEU A 148 7.74 -12.54 9.62
CA LEU A 148 6.93 -11.46 9.10
C LEU A 148 5.46 -11.87 9.09
N GLU A 149 4.62 -11.02 9.65
CA GLU A 149 3.20 -11.28 9.70
C GLU A 149 2.72 -11.90 8.39
N GLY A 150 2.36 -13.17 8.45
CA GLY A 150 1.89 -13.88 7.28
C GLY A 150 3.05 -14.18 6.31
N PRO A 151 3.11 -15.46 5.87
CA PRO A 151 4.15 -15.87 4.95
C PRO A 151 3.87 -15.36 3.54
N PRO A 152 4.83 -14.54 3.03
CA PRO A 152 4.70 -13.98 1.69
C PRO A 152 4.98 -15.02 0.62
N PHE A 153 4.17 -14.99 -0.43
CA PHE A 153 4.32 -15.93 -1.52
C PHE A 153 5.18 -15.33 -2.65
N SER A 154 5.93 -14.31 -2.28
CA SER A 154 6.79 -13.64 -3.24
C SER A 154 6.10 -13.56 -4.60
N VAL A 155 4.88 -13.03 -4.59
CA VAL A 155 4.11 -12.91 -5.81
C VAL A 155 5.04 -12.52 -6.96
N PRO A 156 5.13 -13.45 -7.96
CA PRO A 156 5.97 -13.22 -9.12
C PRO A 156 5.35 -12.20 -10.06
N GLN A 157 6.00 -11.05 -10.17
CA GLN A 157 5.51 -9.99 -11.04
C GLN A 157 4.84 -10.58 -12.28
N THR A 158 5.50 -11.59 -12.84
CA THR A 158 4.97 -12.24 -14.03
C THR A 158 3.47 -12.52 -13.86
N TRP A 159 3.11 -12.92 -12.66
CA TRP A 159 1.71 -13.22 -12.36
C TRP A 159 0.93 -11.91 -12.46
N LEU A 160 1.51 -10.85 -11.93
CA LEU A 160 0.87 -9.54 -11.96
C LEU A 160 0.56 -9.17 -13.41
N HIS A 161 1.51 -9.45 -14.28
CA HIS A 161 1.35 -9.14 -15.68
C HIS A 161 0.49 -10.21 -16.35
N ARG A 162 0.37 -11.34 -15.68
CA ARG A 162 -0.42 -12.44 -16.18
C ARG A 162 -1.90 -12.19 -15.93
N VAL A 163 -2.18 -11.62 -14.77
CA VAL A 163 -3.55 -11.31 -14.39
C VAL A 163 -3.73 -9.79 -14.29
N MET A 164 -3.11 -9.22 -13.26
CA MET A 164 -3.19 -7.78 -13.06
C MET A 164 -3.14 -7.03 -14.39
N SER A 165 -2.47 -7.64 -15.35
CA SER A 165 -2.35 -7.03 -16.66
C SER A 165 -3.72 -6.69 -17.22
N GLY A 166 -4.09 -5.42 -17.08
CA GLY A 166 -5.38 -4.96 -17.57
C GLY A 166 -5.35 -3.46 -17.85
N ASN A 167 -5.02 -2.70 -16.82
CA ASN A 167 -4.94 -1.25 -16.95
C ASN A 167 -3.66 -0.74 -16.30
N TRP A 168 -3.43 -1.21 -15.08
CA TRP A 168 -2.25 -0.82 -14.34
C TRP A 168 -1.05 -1.61 -14.89
N GLU A 169 -0.32 -0.95 -15.77
CA GLU A 169 0.84 -1.58 -16.37
C GLU A 169 1.89 -1.91 -15.31
N VAL A 170 1.86 -3.14 -14.85
CA VAL A 170 2.78 -3.60 -13.83
C VAL A 170 4.18 -3.71 -14.44
N THR A 171 5.13 -3.05 -13.78
CA THR A 171 6.51 -3.06 -14.25
C THR A 171 7.44 -3.58 -13.16
N LYS A 172 8.56 -4.13 -13.58
CA LYS A 172 9.54 -4.66 -12.65
C LYS A 172 10.24 -3.51 -11.94
N VAL A 173 10.41 -3.67 -10.64
CA VAL A 173 11.06 -2.64 -9.83
C VAL A 173 11.65 -3.30 -8.58
N GLY A 174 12.61 -2.60 -7.98
CA GLY A 174 13.27 -3.09 -6.78
C GLY A 174 13.76 -4.52 -6.97
N GLY A 175 13.79 -5.26 -5.88
CA GLY A 175 14.25 -6.64 -5.91
C GLY A 175 15.10 -6.97 -4.68
N GLN A 176 16.35 -6.53 -4.74
CA GLN A 176 17.28 -6.76 -3.65
C GLN A 176 16.55 -6.69 -2.31
N ASP A 177 17.02 -7.49 -1.37
CA ASP A 177 16.43 -7.52 -0.04
C ASP A 177 16.67 -6.19 0.66
N THR A 178 15.96 -5.18 0.19
CA THR A 178 16.09 -3.84 0.76
C THR A 178 15.10 -3.66 1.91
N LEU A 179 15.40 -4.30 3.02
CA LEU A 179 14.55 -4.22 4.19
C LEU A 179 14.35 -2.75 4.57
N HIS A 180 15.44 -2.00 4.46
CA HIS A 180 15.40 -0.58 4.78
C HIS A 180 14.26 0.10 4.00
N SER A 181 13.88 -0.55 2.91
CA SER A 181 12.81 -0.03 2.07
C SER A 181 11.47 -0.13 2.79
N SER A 182 11.03 -1.36 2.98
CA SER A 182 9.76 -1.60 3.66
C SER A 182 9.96 -1.56 5.17
N ALA A 183 9.04 -0.90 5.84
CA ALA A 183 9.10 -0.78 7.29
C ALA A 183 8.78 -2.13 7.93
N ARG A 184 7.98 -2.90 7.22
CA ARG A 184 7.59 -4.22 7.71
C ARG A 184 8.82 -4.99 8.20
N GLY A 185 9.98 -4.57 7.69
CA GLY A 185 11.23 -5.21 8.07
C GLY A 185 11.52 -4.99 9.55
N LEU A 186 11.68 -3.72 9.91
CA LEU A 186 11.97 -3.37 11.29
C LEU A 186 10.75 -3.67 12.16
N LYS A 187 9.60 -3.81 11.50
CA LYS A 187 8.37 -4.09 12.20
C LYS A 187 8.44 -5.49 12.80
N ALA A 188 8.54 -6.48 11.92
CA ALA A 188 8.63 -7.87 12.36
C ALA A 188 10.06 -8.18 12.77
N GLY A 189 11.00 -7.49 12.13
CA GLY A 189 12.40 -7.69 12.43
C GLY A 189 13.02 -8.71 11.47
N LEU A 190 13.23 -8.28 10.24
CA LEU A 190 13.81 -9.15 9.23
C LEU A 190 15.33 -9.04 9.29
N GLU A 191 15.80 -7.80 9.20
CA GLU A 191 17.23 -7.54 9.22
C GLU A 191 17.85 -7.79 7.85
N ARG A 192 17.01 -8.28 6.95
CA ARG A 192 17.46 -8.57 5.60
C ARG A 192 16.51 -9.56 4.93
N MET A 193 15.72 -9.05 3.99
CA MET A 193 14.77 -9.87 3.27
C MET A 193 14.57 -9.36 1.84
N ASP A 194 14.45 -10.30 0.92
CA ASP A 194 14.24 -9.96 -0.47
C ASP A 194 12.97 -9.12 -0.62
N GLU A 195 13.10 -8.02 -1.36
CA GLU A 195 11.98 -7.14 -1.58
C GLU A 195 11.82 -6.84 -3.07
N HIS A 196 10.68 -7.28 -3.60
CA HIS A 196 10.40 -7.08 -5.02
C HIS A 196 9.31 -6.00 -5.17
N VAL A 197 9.65 -4.96 -5.92
CA VAL A 197 8.73 -3.87 -6.14
C VAL A 197 8.32 -3.85 -7.61
N TYR A 198 7.22 -3.17 -7.89
CA TYR A 198 6.72 -3.07 -9.25
C TYR A 198 5.94 -1.76 -9.45
N VAL A 199 6.03 -1.23 -10.66
CA VAL A 199 5.34 0.00 -10.98
C VAL A 199 4.14 -0.31 -11.88
N LEU A 200 2.97 -0.25 -11.29
CA LEU A 200 1.74 -0.52 -12.01
C LEU A 200 1.08 0.80 -12.41
N GLU A 201 1.29 1.18 -13.66
CA GLU A 201 0.73 2.42 -14.17
C GLU A 201 -0.76 2.25 -14.46
N ARG A 202 -1.57 2.62 -13.48
CA ARG A 202 -3.02 2.51 -13.61
C ARG A 202 -3.51 3.40 -14.74
N VAL A 203 -3.51 2.85 -15.95
CA VAL A 203 -3.96 3.59 -17.12
C VAL A 203 -5.40 4.04 -16.91
N HIS A 3 15.13 13.62 5.04
CA HIS A 3 13.76 13.18 5.26
C HIS A 3 13.58 11.77 4.70
N GLN A 4 13.59 11.68 3.39
CA GLN A 4 13.43 10.40 2.72
C GLN A 4 14.21 9.31 3.46
N SER A 5 15.53 9.37 3.32
CA SER A 5 16.39 8.41 3.97
C SER A 5 16.14 7.01 3.40
N GLU A 6 15.04 6.42 3.82
CA GLU A 6 14.68 5.09 3.36
C GLU A 6 13.17 5.00 3.12
N VAL A 7 12.76 5.39 1.92
CA VAL A 7 11.36 5.36 1.56
C VAL A 7 11.20 4.68 0.19
N ASN A 8 11.27 3.35 0.21
CA ASN A 8 11.14 2.59 -1.01
C ASN A 8 11.81 3.34 -2.16
N LYS A 9 13.05 2.96 -2.43
CA LYS A 9 13.81 3.59 -3.50
C LYS A 9 12.93 3.68 -4.75
N ASP A 10 12.11 2.67 -4.94
CA ASP A 10 11.22 2.62 -6.09
C ASP A 10 10.21 3.76 -5.98
N LEU A 11 9.60 3.87 -4.81
CA LEU A 11 8.62 4.92 -4.57
C LEU A 11 9.23 6.28 -4.89
N GLN A 12 10.24 6.64 -4.09
CA GLN A 12 10.91 7.91 -4.28
C GLN A 12 11.45 8.02 -5.71
N GLN A 13 11.74 6.87 -6.28
CA GLN A 13 12.25 6.83 -7.65
C GLN A 13 11.18 7.28 -8.64
N TYR A 14 10.29 6.36 -8.96
CA TYR A 14 9.21 6.64 -9.89
C TYR A 14 8.57 8.00 -9.58
N TRP A 15 8.14 8.15 -8.35
CA TRP A 15 7.51 9.39 -7.92
C TRP A 15 8.41 10.55 -8.33
N SER A 16 9.68 10.45 -7.95
CA SER A 16 10.65 11.48 -8.28
C SER A 16 10.59 11.78 -9.78
N SER A 17 10.38 10.73 -10.56
CA SER A 17 10.30 10.88 -12.00
C SER A 17 8.86 11.20 -12.42
N LEU A 18 7.97 10.26 -12.14
CA LEU A 18 6.57 10.43 -12.48
C LEU A 18 6.19 11.90 -12.31
N ASN A 19 6.49 12.43 -11.15
CA ASN A 19 6.18 13.82 -10.85
C ASN A 19 4.66 14.00 -10.83
N VAL A 20 3.98 13.01 -10.26
CA VAL A 20 2.54 13.06 -10.18
C VAL A 20 2.10 14.46 -9.79
N VAL A 21 0.99 14.89 -10.38
CA VAL A 21 0.45 16.21 -10.11
C VAL A 21 0.59 16.52 -8.62
N PRO A 22 0.76 17.83 -8.31
CA PRO A 22 0.91 18.27 -6.94
C PRO A 22 -0.44 18.23 -6.20
N GLY A 23 -0.59 17.22 -5.35
CA GLY A 23 -1.82 17.07 -4.59
C GLY A 23 -2.60 15.84 -5.07
N ALA A 24 -2.16 15.29 -6.18
CA ALA A 24 -2.80 14.12 -6.74
C ALA A 24 -3.24 13.18 -5.61
N ARG A 25 -4.24 12.36 -5.91
CA ARG A 25 -4.76 11.44 -4.93
C ARG A 25 -3.87 10.19 -4.86
N VAL A 26 -3.30 9.98 -3.68
CA VAL A 26 -2.43 8.84 -3.46
C VAL A 26 -3.17 7.79 -2.63
N LEU A 27 -3.64 6.76 -3.32
CA LEU A 27 -4.37 5.69 -2.66
C LEU A 27 -3.38 4.64 -2.15
N VAL A 28 -3.58 4.21 -0.92
CA VAL A 28 -2.72 3.22 -0.32
C VAL A 28 -3.57 2.23 0.49
N PRO A 29 -3.77 1.02 -0.10
CA PRO A 29 -4.56 -0.01 0.55
C PRO A 29 -3.77 -0.66 1.69
N LEU A 30 -4.47 -0.91 2.79
CA LEU A 30 -3.85 -1.53 3.94
C LEU A 30 -2.33 -1.40 3.83
N CYS A 31 -1.88 -0.16 3.71
CA CYS A 31 -0.46 0.11 3.59
C CYS A 31 0.13 0.13 5.00
N GLY A 32 -0.65 0.62 5.94
CA GLY A 32 -0.22 0.71 7.32
C GLY A 32 0.67 1.93 7.55
N LYS A 33 0.47 2.93 6.69
CA LYS A 33 1.24 4.16 6.79
C LYS A 33 2.73 3.81 6.90
N SER A 34 3.41 3.87 5.76
CA SER A 34 4.83 3.58 5.72
C SER A 34 5.61 4.82 5.28
N GLN A 35 6.92 4.62 5.14
CA GLN A 35 7.78 5.71 4.71
C GLN A 35 7.24 6.37 3.44
N ASP A 36 6.56 5.56 2.64
CA ASP A 36 5.99 6.04 1.39
C ASP A 36 4.93 7.10 1.71
N MET A 37 3.94 6.67 2.47
CA MET A 37 2.85 7.57 2.85
C MET A 37 3.39 8.85 3.47
N SER A 38 4.43 8.69 4.28
CA SER A 38 5.04 9.82 4.95
C SER A 38 5.81 10.67 3.93
N TRP A 39 6.33 10.00 2.92
CA TRP A 39 7.09 10.67 1.88
C TRP A 39 6.10 11.46 1.01
N LEU A 40 4.91 10.89 0.84
CA LEU A 40 3.89 11.53 0.05
C LEU A 40 3.33 12.74 0.81
N SER A 41 2.84 12.46 2.01
CA SER A 41 2.28 13.50 2.85
C SER A 41 3.28 14.64 3.00
N GLY A 42 4.55 14.27 3.16
CA GLY A 42 5.61 15.25 3.31
C GLY A 42 5.77 16.09 2.04
N GLN A 43 5.56 15.44 0.91
CA GLN A 43 5.68 16.12 -0.36
C GLN A 43 4.54 17.10 -0.56
N GLY A 44 3.37 16.72 -0.04
CA GLY A 44 2.20 17.56 -0.14
C GLY A 44 1.18 16.97 -1.12
N TYR A 45 0.83 15.71 -0.87
CA TYR A 45 -0.13 15.02 -1.73
C TYR A 45 -1.38 14.63 -0.93
N HIS A 46 -2.36 14.11 -1.66
CA HIS A 46 -3.61 13.69 -1.04
C HIS A 46 -3.54 12.21 -0.69
N VAL A 47 -2.85 11.91 0.41
CA VAL A 47 -2.71 10.54 0.85
C VAL A 47 -4.04 10.05 1.44
N VAL A 48 -4.57 9.02 0.82
CA VAL A 48 -5.83 8.44 1.26
C VAL A 48 -5.79 6.92 1.10
N GLY A 49 -5.57 6.25 2.22
CA GLY A 49 -5.50 4.80 2.22
C GLY A 49 -6.26 4.21 3.40
N ALA A 50 -6.13 2.91 3.56
CA ALA A 50 -6.80 2.21 4.66
C ALA A 50 -5.81 1.27 5.34
N GLU A 51 -6.23 0.75 6.48
CA GLU A 51 -5.39 -0.17 7.23
C GLU A 51 -6.18 -1.44 7.58
N LEU A 52 -5.56 -2.57 7.28
CA LEU A 52 -6.19 -3.86 7.54
C LEU A 52 -5.64 -4.42 8.86
N SER A 53 -6.07 -3.79 9.96
CA SER A 53 -5.63 -4.22 11.27
C SER A 53 -6.70 -3.86 12.31
N GLU A 54 -6.98 -4.83 13.17
CA GLU A 54 -7.98 -4.63 14.21
C GLU A 54 -7.30 -4.25 15.53
N ALA A 55 -6.21 -4.94 15.83
CA ALA A 55 -5.47 -4.68 17.05
C ALA A 55 -4.84 -3.29 16.96
N ALA A 56 -4.22 -3.03 15.82
CA ALA A 56 -3.56 -1.73 15.59
C ALA A 56 -4.61 -0.62 15.71
N VAL A 57 -5.81 -0.93 15.28
CA VAL A 57 -6.90 0.04 15.34
C VAL A 57 -7.22 0.35 16.80
N GLU A 58 -7.40 -0.72 17.57
CA GLU A 58 -7.71 -0.58 18.99
C GLU A 58 -6.60 0.18 19.70
N ARG A 59 -5.37 -0.20 19.39
CA ARG A 59 -4.21 0.43 20.00
C ARG A 59 -4.21 1.93 19.72
N TYR A 60 -4.56 2.27 18.48
CA TYR A 60 -4.61 3.67 18.07
C TYR A 60 -5.65 4.43 18.89
N PHE A 61 -6.81 3.80 19.06
CA PHE A 61 -7.89 4.42 19.81
C PHE A 61 -7.60 4.39 21.31
N THR A 62 -6.69 3.51 21.69
CA THR A 62 -6.31 3.37 23.09
C THR A 62 -5.29 4.44 23.48
N GLU A 63 -4.39 4.73 22.54
CA GLU A 63 -3.36 5.73 22.77
C GLU A 63 -3.95 7.13 22.65
N ARG A 64 -4.80 7.30 21.65
CA ARG A 64 -5.44 8.59 21.42
C ARG A 64 -6.65 8.75 22.33
N GLY A 65 -7.29 7.62 22.61
CA GLY A 65 -8.47 7.62 23.46
C GLY A 65 -9.64 8.36 22.79
N GLU A 66 -9.83 8.05 21.51
CA GLU A 66 -10.91 8.68 20.75
C GLU A 66 -10.51 10.10 20.34
N GLN A 67 -10.94 10.48 19.15
CA GLN A 67 -10.64 11.80 18.63
C GLN A 67 -10.70 11.80 17.11
N PRO A 68 -10.10 10.74 16.50
CA PRO A 68 -10.10 10.60 15.05
C PRO A 68 -11.46 10.17 14.53
N HIS A 69 -11.60 10.19 13.21
CA HIS A 69 -12.84 9.80 12.58
C HIS A 69 -12.99 8.28 12.63
N ILE A 70 -13.72 7.83 13.65
CA ILE A 70 -13.95 6.41 13.83
C ILE A 70 -15.32 6.04 13.24
N THR A 71 -15.28 5.15 12.26
CA THR A 71 -16.50 4.71 11.61
C THR A 71 -16.60 3.18 11.63
N SER A 72 -17.82 2.70 11.80
CA SER A 72 -18.05 1.26 11.84
C SER A 72 -18.22 0.72 10.42
N GLN A 73 -17.67 -0.47 10.21
CA GLN A 73 -17.74 -1.11 8.91
C GLN A 73 -17.91 -2.62 9.08
N GLY A 74 -19.16 -3.04 9.22
CA GLY A 74 -19.47 -4.45 9.39
C GLY A 74 -18.65 -5.06 10.53
N ASP A 75 -17.73 -5.95 10.14
CA ASP A 75 -16.87 -6.60 11.11
C ASP A 75 -15.51 -5.92 11.12
N PHE A 76 -15.53 -4.61 10.97
CA PHE A 76 -14.30 -3.84 10.96
C PHE A 76 -14.58 -2.37 11.28
N LYS A 77 -13.50 -1.61 11.43
CA LYS A 77 -13.61 -0.19 11.75
C LYS A 77 -12.77 0.61 10.75
N VAL A 78 -12.96 1.92 10.80
CA VAL A 78 -12.23 2.80 9.90
C VAL A 78 -11.87 4.09 10.65
N TYR A 79 -10.58 4.25 10.93
CA TYR A 79 -10.11 5.43 11.64
C TYR A 79 -9.42 6.40 10.67
N ALA A 80 -10.15 7.44 10.30
CA ALA A 80 -9.61 8.44 9.40
C ALA A 80 -9.06 9.62 10.21
N ALA A 81 -8.22 10.41 9.56
CA ALA A 81 -7.62 11.56 10.21
C ALA A 81 -7.83 12.79 9.33
N PRO A 82 -7.77 13.98 9.99
CA PRO A 82 -7.95 15.24 9.28
C PRO A 82 -6.71 15.58 8.45
N GLY A 83 -5.57 15.10 8.92
CA GLY A 83 -4.31 15.36 8.24
C GLY A 83 -4.13 14.40 7.05
N ILE A 84 -4.36 13.13 7.31
CA ILE A 84 -4.23 12.12 6.28
C ILE A 84 -5.54 11.36 6.15
N GLU A 85 -5.72 10.74 4.98
CA GLU A 85 -6.94 9.98 4.72
C GLU A 85 -6.68 8.48 4.91
N ILE A 86 -6.17 8.16 6.08
CA ILE A 86 -5.87 6.77 6.41
C ILE A 86 -6.91 6.26 7.41
N TRP A 87 -7.74 5.35 6.93
CA TRP A 87 -8.78 4.77 7.77
C TRP A 87 -8.28 3.41 8.27
N CYS A 88 -7.81 3.41 9.51
CA CYS A 88 -7.30 2.19 10.11
C CYS A 88 -8.49 1.27 10.41
N GLY A 89 -8.26 -0.02 10.20
CA GLY A 89 -9.30 -1.01 10.43
C GLY A 89 -9.39 -2.00 9.26
N ASP A 90 -10.37 -1.74 8.40
CA ASP A 90 -10.58 -2.58 7.24
C ASP A 90 -10.64 -1.72 5.98
N PHE A 91 -10.48 -2.38 4.84
CA PHE A 91 -10.51 -1.68 3.57
C PHE A 91 -11.61 -2.24 2.66
N PHE A 92 -12.65 -1.43 2.48
CA PHE A 92 -13.77 -1.82 1.66
C PHE A 92 -15.02 -1.00 1.98
N ALA A 93 -14.81 0.31 2.07
CA ALA A 93 -15.90 1.23 2.38
C ALA A 93 -15.79 2.46 1.48
N LEU A 94 -14.57 2.97 1.37
CA LEU A 94 -14.32 4.15 0.55
C LEU A 94 -14.28 3.74 -0.92
N THR A 95 -14.03 4.73 -1.76
CA THR A 95 -13.97 4.49 -3.19
C THR A 95 -12.65 5.01 -3.76
N ALA A 96 -11.61 4.21 -3.58
CA ALA A 96 -10.28 4.58 -4.07
C ALA A 96 -10.41 5.14 -5.50
N ARG A 97 -11.52 4.78 -6.15
CA ARG A 97 -11.76 5.24 -7.50
C ARG A 97 -12.24 6.70 -7.49
N ASP A 98 -13.30 6.94 -6.73
CA ASP A 98 -13.85 8.28 -6.64
C ASP A 98 -12.80 9.21 -6.03
N ILE A 99 -12.26 8.80 -4.90
CA ILE A 99 -11.25 9.59 -4.21
C ILE A 99 -10.00 9.67 -5.08
N GLY A 100 -9.55 8.51 -5.53
CA GLY A 100 -8.36 8.43 -6.37
C GLY A 100 -8.48 9.38 -7.57
N HIS A 101 -9.25 8.94 -8.56
CA HIS A 101 -9.45 9.74 -9.75
C HIS A 101 -8.15 9.77 -10.58
N CYS A 102 -7.23 10.60 -10.14
CA CYS A 102 -5.95 10.73 -10.81
C CYS A 102 -4.87 10.98 -9.76
N ALA A 103 -3.70 10.41 -10.00
CA ALA A 103 -2.58 10.57 -9.09
C ALA A 103 -1.74 9.29 -9.10
N ALA A 104 -1.83 8.54 -8.02
CA ALA A 104 -1.07 7.31 -7.90
C ALA A 104 -1.63 6.49 -6.72
N PHE A 105 -1.06 5.30 -6.55
CA PHE A 105 -1.50 4.42 -5.48
C PHE A 105 -0.35 3.49 -5.05
N TYR A 106 0.00 3.59 -3.78
CA TYR A 106 1.06 2.78 -3.22
C TYR A 106 0.49 1.60 -2.45
N ASP A 107 1.05 0.42 -2.72
CA ASP A 107 0.61 -0.80 -2.05
C ASP A 107 1.82 -1.49 -1.42
N ARG A 108 1.53 -2.29 -0.40
CA ARG A 108 2.58 -3.02 0.29
C ARG A 108 2.28 -4.51 0.30
N ALA A 109 3.25 -5.29 0.77
CA ALA A 109 3.10 -6.72 0.83
C ALA A 109 1.78 -7.07 1.53
N ALA A 110 0.79 -7.41 0.73
CA ALA A 110 -0.52 -7.76 1.26
C ALA A 110 -1.02 -9.03 0.57
N MET A 111 -1.29 -8.90 -0.72
CA MET A 111 -1.77 -10.03 -1.50
C MET A 111 -0.81 -11.22 -1.40
N ILE A 112 0.44 -10.90 -1.11
CA ILE A 112 1.46 -11.94 -0.98
C ILE A 112 1.05 -12.91 0.14
N ALA A 113 0.31 -12.38 1.10
CA ALA A 113 -0.15 -13.18 2.22
C ALA A 113 -1.26 -14.11 1.75
N LEU A 114 -2.30 -13.51 1.19
CA LEU A 114 -3.43 -14.27 0.69
C LEU A 114 -2.97 -15.19 -0.44
N PRO A 115 -3.87 -16.16 -0.79
CA PRO A 115 -3.56 -17.10 -1.86
C PRO A 115 -3.69 -16.44 -3.23
N ALA A 116 -3.38 -17.22 -4.25
CA ALA A 116 -3.45 -16.72 -5.62
C ALA A 116 -4.87 -16.22 -5.90
N ASP A 117 -5.82 -17.15 -5.88
CA ASP A 117 -7.20 -16.82 -6.14
C ASP A 117 -7.54 -15.48 -5.46
N MET A 118 -7.23 -15.42 -4.18
CA MET A 118 -7.49 -14.21 -3.41
C MET A 118 -6.68 -13.03 -3.97
N ARG A 119 -5.43 -13.31 -4.28
CA ARG A 119 -4.54 -12.29 -4.83
C ARG A 119 -5.17 -11.65 -6.07
N GLU A 120 -5.73 -12.50 -6.91
CA GLU A 120 -6.36 -12.03 -8.13
C GLU A 120 -7.60 -11.18 -7.81
N ARG A 121 -8.39 -11.68 -6.87
CA ARG A 121 -9.59 -10.98 -6.46
C ARG A 121 -9.23 -9.66 -5.77
N TYR A 122 -8.03 -9.63 -5.21
CA TYR A 122 -7.55 -8.44 -4.52
C TYR A 122 -7.14 -7.36 -5.52
N VAL A 123 -6.27 -7.75 -6.44
CA VAL A 123 -5.79 -6.83 -7.46
C VAL A 123 -6.98 -6.32 -8.28
N GLN A 124 -7.81 -7.26 -8.70
CA GLN A 124 -8.98 -6.92 -9.49
C GLN A 124 -9.89 -5.96 -8.71
N HIS A 125 -10.14 -6.32 -7.46
CA HIS A 125 -10.98 -5.52 -6.60
C HIS A 125 -10.42 -4.10 -6.51
N LEU A 126 -9.10 -4.03 -6.48
CA LEU A 126 -8.42 -2.74 -6.39
C LEU A 126 -8.64 -1.97 -7.70
N GLU A 127 -8.10 -2.52 -8.77
CA GLU A 127 -8.22 -1.90 -10.07
C GLU A 127 -9.69 -1.61 -10.38
N ALA A 128 -10.56 -2.28 -9.65
CA ALA A 128 -11.99 -2.11 -9.84
C ALA A 128 -12.43 -0.80 -9.20
N LEU A 129 -12.20 -0.70 -7.90
CA LEU A 129 -12.57 0.50 -7.17
C LEU A 129 -11.40 1.49 -7.21
N MET A 130 -10.53 1.28 -8.17
CA MET A 130 -9.36 2.15 -8.34
C MET A 130 -9.72 3.39 -9.15
N PRO A 131 -8.72 4.30 -9.30
CA PRO A 131 -8.91 5.53 -10.04
C PRO A 131 -8.93 5.25 -11.55
N GLN A 132 -8.75 6.32 -12.32
CA GLN A 132 -8.76 6.21 -13.76
C GLN A 132 -7.33 6.41 -14.31
N ALA A 133 -6.68 7.46 -13.81
CA ALA A 133 -5.33 7.78 -14.24
C ALA A 133 -4.46 8.04 -13.01
N CYS A 134 -3.73 7.01 -12.62
CA CYS A 134 -2.85 7.12 -11.47
C CYS A 134 -1.74 6.07 -11.61
N SER A 135 -0.61 6.37 -10.98
CA SER A 135 0.54 5.47 -11.03
C SER A 135 0.64 4.68 -9.72
N GLY A 136 0.37 3.39 -9.81
CA GLY A 136 0.44 2.52 -8.65
C GLY A 136 1.84 1.92 -8.50
N LEU A 137 2.18 1.61 -7.26
CA LEU A 137 3.47 1.02 -6.96
C LEU A 137 3.31 -0.05 -5.87
N LEU A 138 3.25 -1.29 -6.33
CA LEU A 138 3.09 -2.41 -5.41
C LEU A 138 4.45 -2.77 -4.81
N ILE A 139 4.46 -2.93 -3.49
CA ILE A 139 5.68 -3.27 -2.79
C ILE A 139 5.49 -4.60 -2.05
N THR A 140 5.89 -5.68 -2.72
CA THR A 140 5.76 -7.00 -2.15
C THR A 140 7.13 -7.51 -1.68
N LEU A 141 7.08 -8.47 -0.77
CA LEU A 141 8.31 -9.05 -0.24
C LEU A 141 8.73 -10.23 -1.10
N GLU A 142 9.87 -10.81 -0.76
CA GLU A 142 10.40 -11.94 -1.49
C GLU A 142 10.94 -13.01 -0.53
N TYR A 143 12.25 -13.16 -0.55
CA TYR A 143 12.90 -14.12 0.33
C TYR A 143 12.05 -14.40 1.56
N ASP A 144 11.85 -13.36 2.35
CA ASP A 144 11.06 -13.48 3.57
C ASP A 144 10.02 -14.59 3.38
N GLN A 145 9.77 -15.31 4.47
CA GLN A 145 8.80 -16.39 4.44
C GLN A 145 8.70 -17.04 5.82
N ALA A 146 9.82 -17.06 6.52
CA ALA A 146 9.87 -17.65 7.85
C ALA A 146 10.37 -16.60 8.85
N LEU A 147 9.59 -15.52 8.96
CA LEU A 147 9.95 -14.44 9.87
C LEU A 147 9.01 -13.26 9.63
N LEU A 148 8.48 -13.19 8.42
CA LEU A 148 7.57 -12.13 8.06
C LEU A 148 6.16 -12.48 8.52
N GLU A 149 5.56 -11.54 9.25
CA GLU A 149 4.21 -11.74 9.76
C GLU A 149 3.32 -12.36 8.68
N GLY A 150 3.10 -13.66 8.81
CA GLY A 150 2.26 -14.37 7.86
C GLY A 150 3.11 -14.96 6.74
N PRO A 151 2.64 -16.13 6.21
CA PRO A 151 3.34 -16.81 5.13
C PRO A 151 3.13 -16.09 3.81
N PRO A 152 4.22 -15.47 3.30
CA PRO A 152 4.16 -14.74 2.04
C PRO A 152 4.12 -15.71 0.86
N PHE A 153 3.67 -15.19 -0.28
CA PHE A 153 3.58 -15.98 -1.48
C PHE A 153 4.53 -15.46 -2.56
N SER A 154 5.45 -14.61 -2.13
CA SER A 154 6.42 -14.02 -3.05
C SER A 154 5.76 -13.78 -4.42
N VAL A 155 4.60 -13.16 -4.38
CA VAL A 155 3.87 -12.87 -5.60
C VAL A 155 4.86 -12.50 -6.70
N PRO A 156 4.97 -13.40 -7.72
CA PRO A 156 5.86 -13.17 -8.83
C PRO A 156 5.31 -12.12 -9.78
N GLN A 157 6.17 -11.18 -10.16
CA GLN A 157 5.78 -10.12 -11.07
C GLN A 157 4.99 -10.69 -12.25
N THR A 158 5.53 -11.75 -12.82
CA THR A 158 4.89 -12.40 -13.95
C THR A 158 3.41 -12.64 -13.67
N TRP A 159 3.14 -13.11 -12.46
CA TRP A 159 1.77 -13.37 -12.04
C TRP A 159 1.00 -12.05 -12.08
N LEU A 160 1.62 -11.03 -11.52
CA LEU A 160 1.00 -9.72 -11.48
C LEU A 160 0.66 -9.26 -12.90
N HIS A 161 1.58 -9.56 -13.81
CA HIS A 161 1.39 -9.20 -15.20
C HIS A 161 0.43 -10.18 -15.86
N ARG A 162 0.24 -11.32 -15.21
CA ARG A 162 -0.65 -12.35 -15.71
C ARG A 162 -2.09 -12.02 -15.35
N VAL A 163 -2.26 -11.49 -14.15
CA VAL A 163 -3.59 -11.13 -13.67
C VAL A 163 -3.67 -9.61 -13.50
N MET A 164 -2.77 -9.09 -12.68
CA MET A 164 -2.73 -7.65 -12.43
C MET A 164 -2.54 -6.88 -13.73
N SER A 165 -2.58 -7.60 -14.83
CA SER A 165 -2.42 -7.00 -16.14
C SER A 165 -3.77 -6.88 -16.84
N GLY A 166 -4.32 -5.68 -16.81
CA GLY A 166 -5.61 -5.42 -17.43
C GLY A 166 -6.30 -4.23 -16.78
N ASN A 167 -5.58 -3.11 -16.75
CA ASN A 167 -6.12 -1.90 -16.16
C ASN A 167 -4.97 -1.08 -15.57
N TRP A 168 -3.85 -1.75 -15.33
CA TRP A 168 -2.68 -1.09 -14.77
C TRP A 168 -1.44 -1.76 -15.36
N GLU A 169 -0.54 -0.94 -15.86
CA GLU A 169 0.68 -1.43 -16.45
C GLU A 169 1.75 -1.63 -15.38
N VAL A 170 1.81 -2.85 -14.86
CA VAL A 170 2.78 -3.18 -13.83
C VAL A 170 4.14 -3.42 -14.47
N THR A 171 5.17 -2.86 -13.85
CA THR A 171 6.52 -3.01 -14.35
C THR A 171 7.45 -3.53 -13.24
N LYS A 172 8.25 -4.52 -13.61
CA LYS A 172 9.18 -5.10 -12.66
C LYS A 172 10.06 -4.01 -12.06
N VAL A 173 10.09 -3.99 -10.73
CA VAL A 173 10.88 -2.99 -10.02
C VAL A 173 11.05 -3.44 -8.57
N GLY A 174 11.65 -2.55 -7.77
CA GLY A 174 11.86 -2.83 -6.37
C GLY A 174 13.36 -2.98 -6.08
N GLY A 175 13.65 -3.80 -5.08
CA GLY A 175 15.04 -4.05 -4.69
C GLY A 175 15.15 -5.31 -3.82
N GLN A 176 16.18 -6.08 -4.10
CA GLN A 176 16.41 -7.31 -3.36
C GLN A 176 17.44 -7.08 -2.24
N ASP A 177 17.46 -8.01 -1.30
CA ASP A 177 18.39 -7.91 -0.19
C ASP A 177 18.35 -6.49 0.39
N THR A 178 17.22 -5.82 0.15
CA THR A 178 17.05 -4.46 0.63
C THR A 178 16.12 -4.45 1.85
N LEU A 179 16.66 -4.90 2.97
CA LEU A 179 15.89 -4.93 4.21
C LEU A 179 15.48 -3.51 4.59
N HIS A 180 16.42 -2.60 4.45
CA HIS A 180 16.17 -1.20 4.77
C HIS A 180 15.39 -0.54 3.64
N SER A 181 14.17 -1.03 3.44
CA SER A 181 13.31 -0.49 2.39
C SER A 181 11.86 -0.93 2.63
N SER A 182 11.71 -2.18 3.02
CA SER A 182 10.39 -2.74 3.28
C SER A 182 10.03 -2.54 4.75
N ALA A 183 9.09 -1.63 4.99
CA ALA A 183 8.65 -1.34 6.34
C ALA A 183 8.42 -2.66 7.09
N ARG A 184 7.60 -3.51 6.49
CA ARG A 184 7.29 -4.79 7.09
C ARG A 184 8.56 -5.47 7.59
N GLY A 185 9.67 -5.12 6.94
CA GLY A 185 10.96 -5.69 7.30
C GLY A 185 11.30 -5.38 8.76
N LEU A 186 11.14 -4.12 9.12
CA LEU A 186 11.42 -3.69 10.48
C LEU A 186 10.22 -4.01 11.37
N LYS A 187 9.08 -4.19 10.74
CA LYS A 187 7.86 -4.51 11.46
C LYS A 187 7.89 -5.98 11.89
N ALA A 188 8.68 -6.75 11.16
CA ALA A 188 8.81 -8.17 11.45
C ALA A 188 10.18 -8.44 12.08
N GLY A 189 11.18 -7.76 11.55
CA GLY A 189 12.54 -7.92 12.04
C GLY A 189 13.27 -9.04 11.30
N LEU A 190 13.57 -8.79 10.04
CA LEU A 190 14.27 -9.76 9.21
C LEU A 190 15.73 -9.33 9.05
N GLU A 191 15.98 -8.07 9.36
CA GLU A 191 17.33 -7.53 9.24
C GLU A 191 18.04 -8.14 8.04
N ARG A 192 17.26 -8.44 7.01
CA ARG A 192 17.80 -9.02 5.80
C ARG A 192 16.71 -9.78 5.04
N MET A 193 16.26 -9.17 3.95
CA MET A 193 15.22 -9.76 3.13
C MET A 193 15.10 -9.04 1.79
N ASP A 194 14.62 -9.77 0.79
CA ASP A 194 14.44 -9.21 -0.53
C ASP A 194 13.02 -8.69 -0.68
N GLU A 195 12.91 -7.54 -1.33
CA GLU A 195 11.61 -6.93 -1.54
C GLU A 195 11.38 -6.65 -3.03
N HIS A 196 10.35 -7.29 -3.56
CA HIS A 196 10.03 -7.14 -4.98
C HIS A 196 8.84 -6.18 -5.11
N VAL A 197 9.06 -5.12 -5.88
CA VAL A 197 8.03 -4.13 -6.12
C VAL A 197 7.76 -4.00 -7.62
N TYR A 198 6.65 -3.36 -7.94
CA TYR A 198 6.27 -3.16 -9.32
C TYR A 198 5.51 -1.86 -9.51
N VAL A 199 5.75 -1.22 -10.64
CA VAL A 199 5.09 0.04 -10.95
C VAL A 199 3.94 -0.21 -11.93
N LEU A 200 2.73 -0.12 -11.42
CA LEU A 200 1.55 -0.34 -12.24
C LEU A 200 1.03 1.01 -12.73
N GLU A 201 0.72 1.06 -14.02
CA GLU A 201 0.20 2.28 -14.62
C GLU A 201 -1.32 2.23 -14.69
N ARG A 202 -1.95 2.76 -13.65
CA ARG A 202 -3.40 2.78 -13.58
C ARG A 202 -3.97 3.60 -14.74
N VAL A 203 -4.34 2.88 -15.80
CA VAL A 203 -4.89 3.53 -16.98
C VAL A 203 -6.39 3.75 -16.76
N HIS A 3 12.36 13.35 5.36
CA HIS A 3 11.94 13.40 3.97
C HIS A 3 11.90 11.98 3.40
N GLN A 4 13.08 11.36 3.39
CA GLN A 4 13.19 10.00 2.87
C GLN A 4 13.66 9.05 3.98
N SER A 5 14.96 9.11 4.25
CA SER A 5 15.54 8.26 5.27
C SER A 5 15.59 6.81 4.79
N GLU A 6 14.47 6.13 4.91
CA GLU A 6 14.37 4.75 4.49
C GLU A 6 13.03 4.49 3.81
N VAL A 7 12.99 4.79 2.52
CA VAL A 7 11.77 4.59 1.74
C VAL A 7 12.12 3.86 0.44
N ASN A 8 11.25 2.92 0.08
CA ASN A 8 11.44 2.15 -1.13
C ASN A 8 12.12 3.03 -2.18
N LYS A 9 13.43 2.85 -2.30
CA LYS A 9 14.21 3.62 -3.25
C LYS A 9 13.43 3.72 -4.56
N ASP A 10 12.64 2.69 -4.84
CA ASP A 10 11.84 2.65 -6.04
C ASP A 10 10.73 3.71 -5.96
N LEU A 11 9.87 3.54 -4.96
CA LEU A 11 8.78 4.49 -4.76
C LEU A 11 9.31 5.92 -4.88
N GLN A 12 10.26 6.23 -4.02
CA GLN A 12 10.86 7.56 -4.02
C GLN A 12 11.45 7.87 -5.40
N GLN A 13 12.07 6.86 -5.99
CA GLN A 13 12.68 7.02 -7.30
C GLN A 13 11.60 7.17 -8.37
N TYR A 14 10.98 6.07 -8.71
CA TYR A 14 9.93 6.08 -9.72
C TYR A 14 8.99 7.26 -9.52
N TRP A 15 8.45 7.34 -8.31
CA TRP A 15 7.53 8.42 -7.97
C TRP A 15 8.21 9.75 -8.31
N SER A 16 9.43 9.89 -7.81
CA SER A 16 10.19 11.11 -8.05
C SER A 16 10.27 11.39 -9.55
N SER A 17 10.21 10.31 -10.33
CA SER A 17 10.27 10.43 -11.78
C SER A 17 8.86 10.68 -12.34
N LEU A 18 7.92 9.92 -11.82
CA LEU A 18 6.53 10.05 -12.25
C LEU A 18 6.09 11.50 -12.11
N ASN A 19 6.63 12.16 -11.10
CA ASN A 19 6.29 13.55 -10.85
C ASN A 19 4.80 13.77 -11.11
N VAL A 20 4.01 12.80 -10.71
CA VAL A 20 2.57 12.87 -10.89
C VAL A 20 2.08 14.25 -10.43
N VAL A 21 0.94 14.63 -10.98
CA VAL A 21 0.34 15.92 -10.63
C VAL A 21 0.68 16.26 -9.18
N PRO A 22 0.89 17.57 -8.93
CA PRO A 22 1.23 18.04 -7.60
C PRO A 22 0.00 18.04 -6.69
N GLY A 23 0.01 17.13 -5.72
CA GLY A 23 -1.10 17.02 -4.79
C GLY A 23 -2.04 15.87 -5.19
N ALA A 24 -1.63 15.16 -6.23
CA ALA A 24 -2.43 14.04 -6.73
C ALA A 24 -2.89 13.20 -5.54
N ARG A 25 -3.95 12.43 -5.78
CA ARG A 25 -4.49 11.57 -4.75
C ARG A 25 -3.68 10.28 -4.64
N VAL A 26 -3.08 10.09 -3.48
CA VAL A 26 -2.27 8.91 -3.23
C VAL A 26 -3.05 7.93 -2.36
N LEU A 27 -3.43 6.81 -2.96
CA LEU A 27 -4.18 5.80 -2.25
C LEU A 27 -3.21 4.90 -1.49
N VAL A 28 -3.72 4.33 -0.41
CA VAL A 28 -2.91 3.44 0.42
C VAL A 28 -3.76 2.24 0.86
N PRO A 29 -3.73 1.17 0.01
CA PRO A 29 -4.49 -0.03 0.30
C PRO A 29 -3.82 -0.84 1.41
N LEU A 30 -4.50 -0.91 2.55
CA LEU A 30 -3.99 -1.65 3.69
C LEU A 30 -2.48 -1.38 3.82
N CYS A 31 -2.07 -0.22 3.36
CA CYS A 31 -0.68 0.17 3.41
C CYS A 31 -0.49 1.13 4.60
N GLY A 32 -1.62 1.65 5.07
CA GLY A 32 -1.59 2.58 6.19
C GLY A 32 -0.72 3.79 5.88
N LYS A 33 0.37 3.90 6.63
CA LYS A 33 1.30 5.01 6.45
C LYS A 33 2.62 4.47 5.86
N SER A 34 3.55 4.20 6.76
CA SER A 34 4.85 3.68 6.34
C SER A 34 5.68 4.81 5.73
N GLN A 35 6.97 4.53 5.56
CA GLN A 35 7.88 5.50 4.98
C GLN A 35 7.29 6.08 3.70
N ASP A 36 6.61 5.23 2.96
CA ASP A 36 6.00 5.64 1.70
C ASP A 36 5.06 6.81 1.96
N MET A 37 4.09 6.56 2.84
CA MET A 37 3.11 7.59 3.19
C MET A 37 3.82 8.88 3.63
N SER A 38 4.69 8.72 4.61
CA SER A 38 5.43 9.85 5.14
C SER A 38 6.19 10.55 4.01
N TRP A 39 6.56 9.77 3.02
CA TRP A 39 7.29 10.29 1.87
C TRP A 39 6.32 11.11 1.02
N LEU A 40 5.09 10.62 0.95
CA LEU A 40 4.06 11.28 0.17
C LEU A 40 3.73 12.62 0.82
N SER A 41 3.16 12.56 2.02
CA SER A 41 2.80 13.76 2.74
C SER A 41 3.98 14.72 2.79
N GLY A 42 5.15 14.17 3.13
CA GLY A 42 6.36 14.97 3.21
C GLY A 42 6.63 15.69 1.90
N GLN A 43 5.98 15.22 0.84
CA GLN A 43 6.14 15.81 -0.47
C GLN A 43 5.02 16.82 -0.74
N GLY A 44 3.82 16.47 -0.28
CA GLY A 44 2.66 17.33 -0.47
C GLY A 44 1.64 16.68 -1.40
N TYR A 45 1.16 15.52 -0.97
CA TYR A 45 0.18 14.79 -1.75
C TYR A 45 -1.02 14.38 -0.89
N HIS A 46 -2.10 14.01 -1.55
CA HIS A 46 -3.31 13.60 -0.86
C HIS A 46 -3.16 12.14 -0.40
N VAL A 47 -2.52 11.99 0.74
CA VAL A 47 -2.31 10.66 1.31
C VAL A 47 -3.64 10.13 1.85
N VAL A 48 -4.08 9.02 1.25
CA VAL A 48 -5.33 8.41 1.66
C VAL A 48 -5.22 6.90 1.52
N GLY A 49 -5.84 6.19 2.44
CA GLY A 49 -5.82 4.73 2.43
C GLY A 49 -6.50 4.17 3.68
N ALA A 50 -6.47 2.85 3.77
CA ALA A 50 -7.07 2.16 4.90
C ALA A 50 -6.02 1.28 5.58
N GLU A 51 -6.28 0.97 6.84
CA GLU A 51 -5.37 0.13 7.60
C GLU A 51 -6.04 -1.19 7.98
N LEU A 52 -5.77 -2.20 7.19
CA LEU A 52 -6.34 -3.52 7.42
C LEU A 52 -5.73 -4.11 8.69
N SER A 53 -6.19 -3.60 9.82
CA SER A 53 -5.70 -4.08 11.11
C SER A 53 -6.78 -3.90 12.18
N GLU A 54 -6.98 -4.95 12.95
CA GLU A 54 -7.98 -4.92 14.01
C GLU A 54 -7.31 -4.61 15.36
N ALA A 55 -6.30 -5.40 15.68
CA ALA A 55 -5.58 -5.23 16.93
C ALA A 55 -4.90 -3.86 16.92
N ALA A 56 -4.45 -3.46 15.74
CA ALA A 56 -3.78 -2.17 15.59
C ALA A 56 -4.79 -1.05 15.77
N VAL A 57 -6.01 -1.30 15.29
CA VAL A 57 -7.07 -0.33 15.39
C VAL A 57 -7.37 -0.04 16.86
N GLU A 58 -7.58 -1.12 17.61
CA GLU A 58 -7.87 -1.00 19.02
C GLU A 58 -6.71 -0.31 19.76
N ARG A 59 -5.51 -0.73 19.40
CA ARG A 59 -4.31 -0.17 20.00
C ARG A 59 -4.20 1.32 19.67
N TYR A 60 -4.60 1.67 18.46
CA TYR A 60 -4.56 3.05 18.01
C TYR A 60 -5.49 3.92 18.84
N PHE A 61 -6.70 3.39 19.06
CA PHE A 61 -7.70 4.12 19.83
C PHE A 61 -7.32 4.16 21.32
N THR A 62 -6.58 3.14 21.73
CA THR A 62 -6.15 3.06 23.12
C THR A 62 -4.97 3.98 23.36
N GLU A 63 -4.10 4.06 22.37
CA GLU A 63 -2.92 4.90 22.47
C GLU A 63 -3.32 6.37 22.42
N ARG A 64 -4.20 6.69 21.49
CA ARG A 64 -4.68 8.06 21.34
C ARG A 64 -5.70 8.39 22.41
N GLY A 65 -6.48 7.37 22.79
CA GLY A 65 -7.50 7.55 23.81
C GLY A 65 -8.70 8.32 23.26
N GLU A 66 -9.02 8.02 22.01
CA GLU A 66 -10.14 8.67 21.35
C GLU A 66 -9.77 10.11 20.98
N GLN A 67 -10.33 10.56 19.87
CA GLN A 67 -10.07 11.90 19.38
C GLN A 67 -10.46 12.03 17.91
N PRO A 68 -9.99 11.04 17.10
CA PRO A 68 -10.28 11.03 15.68
C PRO A 68 -11.73 10.60 15.43
N HIS A 69 -11.99 10.22 14.18
CA HIS A 69 -13.32 9.79 13.79
C HIS A 69 -13.33 8.28 13.59
N ILE A 70 -14.01 7.60 14.50
CA ILE A 70 -14.10 6.15 14.44
C ILE A 70 -15.51 5.75 13.97
N THR A 71 -15.54 4.99 12.89
CA THR A 71 -16.81 4.54 12.34
C THR A 71 -16.83 3.01 12.21
N SER A 72 -18.03 2.45 12.32
CA SER A 72 -18.19 1.02 12.22
C SER A 72 -18.83 0.65 10.88
N GLN A 73 -18.00 0.20 9.96
CA GLN A 73 -18.47 -0.19 8.65
C GLN A 73 -18.87 -1.67 8.63
N GLY A 74 -20.10 -1.92 9.04
CA GLY A 74 -20.62 -3.29 9.08
C GLY A 74 -19.83 -4.13 10.09
N ASP A 75 -18.78 -4.77 9.59
CA ASP A 75 -17.95 -5.61 10.42
C ASP A 75 -16.55 -5.00 10.52
N PHE A 76 -16.30 -4.05 9.64
CA PHE A 76 -15.00 -3.37 9.61
C PHE A 76 -15.08 -2.03 10.35
N LYS A 77 -13.91 -1.42 10.51
CA LYS A 77 -13.82 -0.13 11.19
C LYS A 77 -13.08 0.86 10.30
N VAL A 78 -13.30 2.14 10.58
CA VAL A 78 -12.66 3.19 9.82
C VAL A 78 -12.30 4.34 10.76
N TYR A 79 -11.00 4.46 11.02
CA TYR A 79 -10.51 5.51 11.89
C TYR A 79 -9.75 6.58 11.10
N ALA A 80 -10.42 7.70 10.88
CA ALA A 80 -9.82 8.80 10.15
C ALA A 80 -9.21 9.79 11.13
N ALA A 81 -8.07 10.35 10.74
CA ALA A 81 -7.39 11.32 11.57
C ALA A 81 -7.33 12.67 10.84
N PRO A 82 -7.20 13.75 11.65
CA PRO A 82 -7.13 15.10 11.10
C PRO A 82 -5.76 15.36 10.46
N GLY A 83 -5.78 15.49 9.14
CA GLY A 83 -4.55 15.75 8.41
C GLY A 83 -4.41 14.77 7.23
N ILE A 84 -4.47 13.49 7.55
CA ILE A 84 -4.35 12.45 6.54
C ILE A 84 -5.71 11.76 6.36
N GLU A 85 -5.84 11.08 5.24
CA GLU A 85 -7.07 10.37 4.94
C GLU A 85 -6.88 8.86 5.15
N ILE A 86 -6.38 8.53 6.33
CA ILE A 86 -6.14 7.14 6.67
C ILE A 86 -7.23 6.65 7.63
N TRP A 87 -7.92 5.59 7.22
CA TRP A 87 -8.98 5.04 8.03
C TRP A 87 -8.53 3.66 8.52
N CYS A 88 -8.17 3.61 9.81
CA CYS A 88 -7.72 2.37 10.40
C CYS A 88 -8.92 1.43 10.54
N GLY A 89 -8.68 0.17 10.22
CA GLY A 89 -9.73 -0.84 10.30
C GLY A 89 -9.66 -1.79 9.11
N ASP A 90 -10.59 -1.61 8.19
CA ASP A 90 -10.65 -2.46 7.00
C ASP A 90 -10.81 -1.58 5.77
N PHE A 91 -10.55 -2.17 4.61
CA PHE A 91 -10.68 -1.46 3.35
C PHE A 91 -11.79 -2.04 2.49
N PHE A 92 -12.92 -1.34 2.48
CA PHE A 92 -14.07 -1.78 1.71
C PHE A 92 -15.31 -0.96 2.06
N ALA A 93 -15.18 0.35 1.92
CA ALA A 93 -16.28 1.24 2.21
C ALA A 93 -16.11 2.54 1.40
N LEU A 94 -14.89 3.04 1.39
CA LEU A 94 -14.59 4.26 0.66
C LEU A 94 -14.52 3.94 -0.83
N THR A 95 -14.31 5.00 -1.62
CA THR A 95 -14.21 4.85 -3.07
C THR A 95 -12.79 5.12 -3.54
N ALA A 96 -11.97 4.08 -3.50
CA ALA A 96 -10.58 4.20 -3.93
C ALA A 96 -10.53 4.86 -5.30
N ARG A 97 -11.65 4.78 -6.02
CA ARG A 97 -11.74 5.36 -7.34
C ARG A 97 -12.01 6.86 -7.25
N ASP A 98 -12.85 7.21 -6.28
CA ASP A 98 -13.20 8.61 -6.07
C ASP A 98 -12.00 9.35 -5.48
N ILE A 99 -11.27 8.65 -4.62
CA ILE A 99 -10.10 9.23 -3.99
C ILE A 99 -8.92 9.19 -4.96
N GLY A 100 -8.66 7.99 -5.47
CA GLY A 100 -7.57 7.80 -6.41
C GLY A 100 -7.69 8.76 -7.60
N HIS A 101 -8.79 8.61 -8.33
CA HIS A 101 -9.04 9.45 -9.49
C HIS A 101 -7.75 9.60 -10.30
N CYS A 102 -7.00 10.63 -9.97
CA CYS A 102 -5.75 10.90 -10.66
C CYS A 102 -4.66 11.11 -9.61
N ALA A 103 -3.57 10.38 -9.78
CA ALA A 103 -2.45 10.47 -8.86
C ALA A 103 -1.67 9.15 -8.86
N ALA A 104 -1.76 8.44 -7.75
CA ALA A 104 -1.08 7.17 -7.62
C ALA A 104 -1.49 6.50 -6.30
N PHE A 105 -0.80 5.42 -5.98
CA PHE A 105 -1.09 4.69 -4.75
C PHE A 105 0.03 3.68 -4.45
N TYR A 106 0.30 3.51 -3.16
CA TYR A 106 1.33 2.59 -2.73
C TYR A 106 0.71 1.27 -2.25
N ASP A 107 1.03 0.21 -2.99
CA ASP A 107 0.51 -1.11 -2.66
C ASP A 107 1.61 -1.91 -1.96
N ARG A 108 1.22 -2.57 -0.87
CA ARG A 108 2.14 -3.37 -0.11
C ARG A 108 1.97 -4.85 -0.44
N ALA A 109 2.88 -5.66 0.08
CA ALA A 109 2.83 -7.09 -0.15
C ALA A 109 1.66 -7.69 0.62
N ALA A 110 0.53 -7.79 -0.08
CA ALA A 110 -0.67 -8.35 0.52
C ALA A 110 -1.08 -9.61 -0.24
N MET A 111 -0.90 -9.55 -1.55
CA MET A 111 -1.25 -10.67 -2.42
C MET A 111 -0.36 -11.88 -2.13
N ILE A 112 0.85 -11.58 -1.66
CA ILE A 112 1.81 -12.64 -1.35
C ILE A 112 1.36 -13.36 -0.08
N ALA A 113 0.38 -12.77 0.58
CA ALA A 113 -0.15 -13.33 1.81
C ALA A 113 -1.37 -14.19 1.48
N LEU A 114 -2.29 -13.59 0.75
CA LEU A 114 -3.51 -14.29 0.36
C LEU A 114 -3.19 -15.27 -0.77
N PRO A 115 -4.18 -16.18 -1.04
CA PRO A 115 -4.02 -17.17 -2.09
C PRO A 115 -4.16 -16.53 -3.48
N ALA A 116 -3.65 -17.23 -4.47
CA ALA A 116 -3.72 -16.76 -5.84
C ALA A 116 -5.15 -16.28 -6.14
N ASP A 117 -6.07 -17.24 -6.11
CA ASP A 117 -7.47 -16.93 -6.38
C ASP A 117 -7.82 -15.59 -5.71
N MET A 118 -7.52 -15.50 -4.43
CA MET A 118 -7.80 -14.29 -3.68
C MET A 118 -7.06 -13.10 -4.27
N ARG A 119 -5.80 -13.32 -4.62
CA ARG A 119 -4.98 -12.28 -5.19
C ARG A 119 -5.65 -11.70 -6.45
N GLU A 120 -6.07 -12.61 -7.31
CA GLU A 120 -6.72 -12.21 -8.55
C GLU A 120 -7.98 -11.39 -8.25
N ARG A 121 -8.74 -11.87 -7.27
CA ARG A 121 -9.97 -11.19 -6.88
C ARG A 121 -9.64 -9.87 -6.19
N TYR A 122 -8.42 -9.78 -5.68
CA TYR A 122 -7.97 -8.58 -4.99
C TYR A 122 -7.55 -7.51 -5.99
N VAL A 123 -6.70 -7.92 -6.93
CA VAL A 123 -6.22 -7.00 -7.95
C VAL A 123 -7.40 -6.53 -8.81
N GLN A 124 -8.31 -7.45 -9.08
CA GLN A 124 -9.47 -7.14 -9.87
C GLN A 124 -10.41 -6.20 -9.10
N HIS A 125 -10.70 -6.60 -7.87
CA HIS A 125 -11.58 -5.81 -7.02
C HIS A 125 -11.01 -4.40 -6.85
N LEU A 126 -9.70 -4.36 -6.64
CA LEU A 126 -9.02 -3.08 -6.46
C LEU A 126 -9.22 -2.22 -7.71
N GLU A 127 -8.67 -2.69 -8.82
CA GLU A 127 -8.79 -1.99 -10.08
C GLU A 127 -10.26 -1.69 -10.40
N ALA A 128 -11.13 -2.47 -9.76
CA ALA A 128 -12.56 -2.31 -9.97
C ALA A 128 -13.01 -0.99 -9.36
N LEU A 129 -12.73 -0.84 -8.08
CA LEU A 129 -13.11 0.38 -7.37
C LEU A 129 -12.03 1.44 -7.59
N MET A 130 -11.17 1.18 -8.55
CA MET A 130 -10.10 2.10 -8.88
C MET A 130 -10.57 3.17 -9.85
N PRO A 131 -9.82 4.30 -9.88
CA PRO A 131 -10.15 5.41 -10.77
C PRO A 131 -9.78 5.08 -12.21
N GLN A 132 -8.60 5.54 -12.61
CA GLN A 132 -8.12 5.30 -13.95
C GLN A 132 -6.72 5.89 -14.13
N ALA A 133 -6.48 6.99 -13.42
CA ALA A 133 -5.19 7.66 -13.48
C ALA A 133 -4.55 7.67 -12.10
N CYS A 134 -3.57 6.80 -11.93
CA CYS A 134 -2.87 6.70 -10.65
C CYS A 134 -1.69 5.75 -10.82
N SER A 135 -0.53 6.20 -10.39
CA SER A 135 0.68 5.40 -10.49
C SER A 135 0.77 4.45 -9.30
N GLY A 136 0.54 3.18 -9.59
CA GLY A 136 0.59 2.15 -8.55
C GLY A 136 2.01 1.63 -8.36
N LEU A 137 2.41 1.52 -7.10
CA LEU A 137 3.74 1.04 -6.77
C LEU A 137 3.63 -0.06 -5.73
N LEU A 138 3.69 -1.30 -6.20
CA LEU A 138 3.61 -2.45 -5.33
C LEU A 138 4.98 -2.74 -4.72
N ILE A 139 4.98 -3.16 -3.47
CA ILE A 139 6.22 -3.47 -2.78
C ILE A 139 6.08 -4.83 -2.09
N THR A 140 6.50 -5.87 -2.80
CA THR A 140 6.44 -7.22 -2.27
C THR A 140 7.78 -7.63 -1.70
N LEU A 141 7.83 -8.86 -1.21
CA LEU A 141 9.06 -9.39 -0.63
C LEU A 141 9.15 -10.89 -0.92
N GLU A 142 10.34 -11.42 -0.72
CA GLU A 142 10.57 -12.84 -0.96
C GLU A 142 11.23 -13.48 0.26
N TYR A 143 12.53 -13.28 0.39
CA TYR A 143 13.27 -13.83 1.50
C TYR A 143 12.36 -14.06 2.71
N ASP A 144 11.88 -12.95 3.26
CA ASP A 144 11.00 -13.02 4.42
C ASP A 144 10.19 -14.32 4.36
N GLN A 145 9.98 -14.89 5.55
CA GLN A 145 9.23 -16.13 5.64
C GLN A 145 9.27 -16.66 7.08
N ALA A 146 10.38 -16.38 7.75
CA ALA A 146 10.55 -16.82 9.12
C ALA A 146 10.94 -15.62 9.99
N LEU A 147 10.14 -14.57 9.89
CA LEU A 147 10.40 -13.36 10.66
C LEU A 147 9.40 -12.28 10.24
N LEU A 148 8.98 -12.36 8.99
CA LEU A 148 8.02 -11.40 8.46
C LEU A 148 6.60 -11.90 8.72
N GLU A 149 5.88 -11.14 9.53
CA GLU A 149 4.52 -11.48 9.88
C GLU A 149 3.79 -12.04 8.65
N GLY A 150 3.66 -13.36 8.64
CA GLY A 150 2.99 -14.03 7.53
C GLY A 150 3.99 -14.44 6.45
N PRO A 151 3.86 -15.72 5.99
CA PRO A 151 4.73 -16.24 4.96
C PRO A 151 4.37 -15.67 3.58
N PRO A 152 5.29 -14.83 3.05
CA PRO A 152 5.08 -14.21 1.74
C PRO A 152 5.30 -15.23 0.62
N PHE A 153 4.32 -15.28 -0.27
CA PHE A 153 4.40 -16.20 -1.40
C PHE A 153 5.22 -15.61 -2.54
N SER A 154 6.01 -14.60 -2.20
CA SER A 154 6.85 -13.93 -3.18
C SER A 154 6.13 -13.87 -4.53
N VAL A 155 4.91 -13.35 -4.49
CA VAL A 155 4.11 -13.22 -5.70
C VAL A 155 5.03 -12.92 -6.88
N PRO A 156 4.96 -13.82 -7.91
CA PRO A 156 5.78 -13.66 -9.10
C PRO A 156 5.23 -12.55 -9.99
N GLN A 157 6.05 -11.52 -10.17
CA GLN A 157 5.66 -10.39 -11.01
C GLN A 157 4.90 -10.88 -12.25
N THR A 158 5.43 -11.95 -12.83
CA THR A 158 4.82 -12.53 -14.02
C THR A 158 3.33 -12.79 -13.78
N TRP A 159 3.03 -13.18 -12.55
CA TRP A 159 1.65 -13.47 -12.18
C TRP A 159 0.83 -12.18 -12.34
N LEU A 160 1.25 -11.16 -11.63
CA LEU A 160 0.58 -9.87 -11.69
C LEU A 160 0.38 -9.47 -13.15
N HIS A 161 1.41 -9.73 -13.94
CA HIS A 161 1.36 -9.40 -15.36
C HIS A 161 0.42 -10.36 -16.08
N ARG A 162 0.23 -11.52 -15.47
CA ARG A 162 -0.66 -12.53 -16.03
C ARG A 162 -2.11 -12.22 -15.70
N VAL A 163 -2.30 -11.65 -14.51
CA VAL A 163 -3.64 -11.31 -14.06
C VAL A 163 -3.75 -9.78 -13.94
N MET A 164 -3.09 -9.25 -12.93
CA MET A 164 -3.10 -7.82 -12.69
C MET A 164 -3.05 -7.05 -14.01
N SER A 165 -2.39 -7.65 -14.99
CA SER A 165 -2.26 -7.03 -16.29
C SER A 165 -3.64 -6.66 -16.84
N GLY A 166 -4.08 -5.46 -16.49
CA GLY A 166 -5.37 -4.98 -16.93
C GLY A 166 -5.84 -3.80 -16.09
N ASN A 167 -5.75 -2.61 -16.69
CA ASN A 167 -6.15 -1.39 -16.01
C ASN A 167 -4.93 -0.74 -15.38
N TRP A 168 -3.88 -1.53 -15.22
CA TRP A 168 -2.63 -1.03 -14.65
C TRP A 168 -1.48 -1.77 -15.32
N GLU A 169 -0.49 -0.99 -15.76
CA GLU A 169 0.67 -1.56 -16.41
C GLU A 169 1.78 -1.82 -15.39
N VAL A 170 1.77 -3.04 -14.86
CA VAL A 170 2.76 -3.43 -13.87
C VAL A 170 4.13 -3.51 -14.55
N THR A 171 5.11 -2.92 -13.88
CA THR A 171 6.47 -2.92 -14.40
C THR A 171 7.44 -3.48 -13.35
N LYS A 172 8.00 -4.63 -13.68
CA LYS A 172 8.95 -5.28 -12.78
C LYS A 172 9.89 -4.23 -12.19
N VAL A 173 10.20 -4.41 -10.91
CA VAL A 173 11.07 -3.49 -10.22
C VAL A 173 11.40 -4.04 -8.83
N GLY A 174 12.33 -3.36 -8.16
CA GLY A 174 12.73 -3.78 -6.82
C GLY A 174 14.18 -4.26 -6.82
N GLY A 175 14.56 -4.88 -5.71
CA GLY A 175 15.91 -5.38 -5.57
C GLY A 175 16.02 -6.33 -4.36
N GLN A 176 17.24 -6.74 -4.07
CA GLN A 176 17.49 -7.63 -2.95
C GLN A 176 18.30 -6.91 -1.87
N ASP A 177 18.13 -7.40 -0.64
CA ASP A 177 18.83 -6.81 0.49
C ASP A 177 18.24 -5.44 0.80
N THR A 178 17.05 -5.21 0.27
CA THR A 178 16.36 -3.95 0.48
C THR A 178 15.06 -4.18 1.24
N LEU A 179 15.20 -4.44 2.53
CA LEU A 179 14.04 -4.67 3.39
C LEU A 179 13.45 -3.32 3.82
N HIS A 180 14.34 -2.37 4.03
CA HIS A 180 13.92 -1.04 4.45
C HIS A 180 12.81 -0.54 3.52
N SER A 181 13.03 -0.71 2.22
CA SER A 181 12.07 -0.29 1.23
C SER A 181 10.64 -0.41 1.80
N SER A 182 10.31 -1.62 2.22
CA SER A 182 9.00 -1.87 2.79
C SER A 182 8.99 -1.52 4.28
N ALA A 183 7.81 -1.15 4.76
CA ALA A 183 7.66 -0.79 6.16
C ALA A 183 7.42 -2.05 6.98
N ARG A 184 6.34 -2.74 6.66
CA ARG A 184 6.00 -3.98 7.36
C ARG A 184 7.26 -4.79 7.66
N GLY A 185 8.18 -4.75 6.72
CA GLY A 185 9.44 -5.47 6.86
C GLY A 185 10.18 -5.03 8.13
N LEU A 186 10.44 -3.73 8.19
CA LEU A 186 11.13 -3.16 9.33
C LEU A 186 10.36 -3.49 10.62
N LYS A 187 9.05 -3.56 10.48
CA LYS A 187 8.19 -3.87 11.60
C LYS A 187 8.38 -5.33 12.01
N ALA A 188 8.68 -6.15 11.01
CA ALA A 188 8.89 -7.57 11.25
C ALA A 188 10.35 -7.81 11.63
N GLY A 189 11.23 -7.08 10.96
CA GLY A 189 12.66 -7.21 11.23
C GLY A 189 13.34 -8.06 10.15
N LEU A 190 13.35 -7.53 8.94
CA LEU A 190 13.97 -8.23 7.83
C LEU A 190 15.43 -7.80 7.69
N GLU A 191 15.74 -6.68 8.35
CA GLU A 191 17.09 -6.14 8.31
C GLU A 191 17.77 -6.51 6.99
N ARG A 192 17.30 -5.87 5.92
CA ARG A 192 17.86 -6.12 4.60
C ARG A 192 17.45 -7.52 4.11
N MET A 193 16.43 -7.54 3.27
CA MET A 193 15.95 -8.78 2.71
C MET A 193 15.40 -8.58 1.30
N ASP A 194 15.41 -9.68 0.54
CA ASP A 194 14.92 -9.63 -0.83
C ASP A 194 13.56 -8.94 -0.86
N GLU A 195 13.52 -7.78 -1.50
CA GLU A 195 12.29 -7.02 -1.61
C GLU A 195 11.94 -6.80 -3.08
N HIS A 196 10.75 -7.26 -3.45
CA HIS A 196 10.29 -7.12 -4.82
C HIS A 196 9.45 -5.84 -4.94
N VAL A 197 9.47 -5.27 -6.14
CA VAL A 197 8.72 -4.05 -6.39
C VAL A 197 8.13 -4.12 -7.80
N TYR A 198 7.01 -3.43 -7.97
CA TYR A 198 6.33 -3.40 -9.24
C TYR A 198 5.65 -2.05 -9.48
N VAL A 199 5.99 -1.45 -10.61
CA VAL A 199 5.43 -0.16 -10.97
C VAL A 199 4.26 -0.35 -11.92
N LEU A 200 3.06 -0.43 -11.34
CA LEU A 200 1.87 -0.62 -12.12
C LEU A 200 1.21 0.74 -12.38
N GLU A 201 1.27 1.16 -13.64
CA GLU A 201 0.69 2.43 -14.03
C GLU A 201 -0.82 2.30 -14.20
N ARG A 202 -1.54 2.70 -13.17
CA ARG A 202 -3.00 2.64 -13.18
C ARG A 202 -3.55 3.53 -14.29
N VAL A 203 -3.87 2.90 -15.42
CA VAL A 203 -4.42 3.61 -16.56
C VAL A 203 -5.94 3.59 -16.48
N HIS A 3 9.07 9.60 4.40
CA HIS A 3 9.52 10.96 4.54
C HIS A 3 10.58 11.27 3.48
N GLN A 4 11.76 10.68 3.66
CA GLN A 4 12.84 10.88 2.72
C GLN A 4 14.03 10.00 3.09
N SER A 5 14.25 9.88 4.39
CA SER A 5 15.35 9.07 4.89
C SER A 5 15.25 7.65 4.33
N GLU A 6 14.14 7.00 4.64
CA GLU A 6 13.91 5.65 4.17
C GLU A 6 12.46 5.49 3.70
N VAL A 7 12.24 5.86 2.45
CA VAL A 7 10.91 5.76 1.86
C VAL A 7 11.01 5.08 0.50
N ASN A 8 11.13 3.76 0.54
CA ASN A 8 11.23 2.98 -0.67
C ASN A 8 11.94 3.79 -1.74
N LYS A 9 13.23 3.55 -1.88
CA LYS A 9 14.04 4.25 -2.86
C LYS A 9 13.29 4.30 -4.19
N ASP A 10 12.55 3.24 -4.46
CA ASP A 10 11.77 3.16 -5.69
C ASP A 10 10.65 4.20 -5.65
N LEU A 11 9.90 4.17 -4.55
CA LEU A 11 8.80 5.09 -4.39
C LEU A 11 9.28 6.52 -4.66
N GLN A 12 10.19 6.97 -3.82
CA GLN A 12 10.75 8.31 -3.96
C GLN A 12 11.38 8.48 -5.33
N GLN A 13 11.95 7.38 -5.83
CA GLN A 13 12.60 7.40 -7.12
C GLN A 13 11.56 7.55 -8.24
N TYR A 14 10.91 6.43 -8.56
CA TYR A 14 9.89 6.43 -9.59
C TYR A 14 8.97 7.65 -9.45
N TRP A 15 8.40 7.79 -8.26
CA TRP A 15 7.50 8.89 -7.99
C TRP A 15 8.18 10.18 -8.41
N SER A 16 9.37 10.38 -7.85
CA SER A 16 10.15 11.58 -8.17
C SER A 16 10.16 11.82 -9.68
N SER A 17 10.27 10.73 -10.41
CA SER A 17 10.29 10.81 -11.87
C SER A 17 8.86 10.97 -12.40
N LEU A 18 7.98 10.10 -11.92
CA LEU A 18 6.60 10.14 -12.34
C LEU A 18 6.15 11.60 -12.47
N ASN A 19 6.38 12.35 -11.41
CA ASN A 19 6.01 13.76 -11.39
C ASN A 19 4.49 13.87 -11.39
N VAL A 20 3.86 12.97 -10.64
CA VAL A 20 2.41 12.96 -10.55
C VAL A 20 1.91 14.37 -10.20
N VAL A 21 0.78 14.73 -10.79
CA VAL A 21 0.19 16.03 -10.56
C VAL A 21 0.39 16.42 -9.10
N PRO A 22 0.49 17.76 -8.88
CA PRO A 22 0.68 18.28 -7.53
C PRO A 22 -0.62 18.21 -6.72
N GLY A 23 -0.66 17.24 -5.82
CA GLY A 23 -1.83 17.05 -4.98
C GLY A 23 -2.60 15.80 -5.39
N ALA A 24 -2.16 15.19 -6.49
CA ALA A 24 -2.80 13.99 -7.00
C ALA A 24 -3.25 13.13 -5.83
N ARG A 25 -4.25 12.30 -6.09
CA ARG A 25 -4.79 11.42 -5.07
C ARG A 25 -3.92 10.17 -4.94
N VAL A 26 -3.29 10.04 -3.78
CA VAL A 26 -2.43 8.90 -3.52
C VAL A 26 -3.14 7.94 -2.56
N LEU A 27 -3.55 6.81 -3.12
CA LEU A 27 -4.24 5.80 -2.32
C LEU A 27 -3.25 4.71 -1.92
N VAL A 28 -3.55 4.04 -0.81
CA VAL A 28 -2.70 2.98 -0.31
C VAL A 28 -3.55 1.98 0.47
N PRO A 29 -3.83 0.83 -0.17
CA PRO A 29 -4.63 -0.21 0.45
C PRO A 29 -3.81 -0.97 1.50
N LEU A 30 -4.38 -1.05 2.70
CA LEU A 30 -3.73 -1.75 3.78
C LEU A 30 -2.22 -1.51 3.70
N CYS A 31 -1.87 -0.31 3.27
CA CYS A 31 -0.47 0.06 3.14
C CYS A 31 -0.23 1.36 3.91
N GLY A 32 -0.97 1.50 4.99
CA GLY A 32 -0.86 2.70 5.81
C GLY A 32 0.57 3.24 5.80
N LYS A 33 1.52 2.31 5.89
CA LYS A 33 2.93 2.68 5.88
C LYS A 33 3.12 3.92 6.76
N SER A 34 4.27 4.56 6.58
CA SER A 34 4.60 5.75 7.34
C SER A 34 5.54 6.64 6.54
N GLN A 35 6.54 6.01 5.94
CA GLN A 35 7.52 6.73 5.15
C GLN A 35 6.90 7.18 3.82
N ASP A 36 6.08 6.30 3.26
CA ASP A 36 5.41 6.59 2.00
C ASP A 36 4.50 7.80 2.18
N MET A 37 3.57 7.68 3.11
CA MET A 37 2.63 8.75 3.38
C MET A 37 3.36 10.01 3.84
N SER A 38 4.43 9.79 4.60
CA SER A 38 5.21 10.90 5.11
C SER A 38 5.93 11.61 3.96
N TRP A 39 6.35 10.82 2.99
CA TRP A 39 7.04 11.36 1.82
C TRP A 39 6.03 12.19 1.02
N LEU A 40 4.88 11.59 0.79
CA LEU A 40 3.83 12.26 0.03
C LEU A 40 3.44 13.56 0.76
N SER A 41 2.91 13.39 1.95
CA SER A 41 2.49 14.52 2.75
C SER A 41 3.56 15.62 2.71
N GLY A 42 4.80 15.19 2.84
CA GLY A 42 5.93 16.12 2.82
C GLY A 42 6.13 16.69 1.42
N GLN A 43 5.75 15.90 0.43
CA GLN A 43 5.88 16.32 -0.96
C GLN A 43 4.70 17.20 -1.36
N GLY A 44 3.56 16.92 -0.74
CA GLY A 44 2.35 17.67 -1.03
C GLY A 44 1.41 16.87 -1.93
N TYR A 45 0.82 15.84 -1.35
CA TYR A 45 -0.10 15.00 -2.09
C TYR A 45 -1.27 14.55 -1.20
N HIS A 46 -2.25 13.94 -1.83
CA HIS A 46 -3.42 13.46 -1.12
C HIS A 46 -3.16 12.06 -0.57
N VAL A 47 -2.78 12.02 0.71
CA VAL A 47 -2.50 10.75 1.36
C VAL A 47 -3.79 10.19 1.95
N VAL A 48 -4.37 9.25 1.23
CA VAL A 48 -5.60 8.62 1.67
C VAL A 48 -5.51 7.11 1.44
N GLY A 49 -5.35 6.40 2.54
CA GLY A 49 -5.24 4.94 2.48
C GLY A 49 -6.08 4.28 3.58
N ALA A 50 -6.00 2.96 3.63
CA ALA A 50 -6.74 2.21 4.62
C ALA A 50 -5.83 1.14 5.24
N GLU A 51 -6.18 0.72 6.43
CA GLU A 51 -5.41 -0.30 7.14
C GLU A 51 -6.28 -1.52 7.43
N LEU A 52 -5.75 -2.68 7.10
CA LEU A 52 -6.47 -3.92 7.32
C LEU A 52 -5.88 -4.62 8.55
N SER A 53 -6.10 -4.00 9.70
CA SER A 53 -5.60 -4.55 10.95
C SER A 53 -6.48 -4.09 12.11
N GLU A 54 -7.44 -4.93 12.48
CA GLU A 54 -8.35 -4.62 13.56
C GLU A 54 -7.56 -4.38 14.85
N ALA A 55 -6.83 -5.41 15.26
CA ALA A 55 -6.03 -5.32 16.47
C ALA A 55 -5.17 -4.05 16.42
N ALA A 56 -4.67 -3.76 15.23
CA ALA A 56 -3.83 -2.59 15.04
C ALA A 56 -4.62 -1.34 15.42
N VAL A 57 -5.81 -1.23 14.86
CA VAL A 57 -6.67 -0.09 15.13
C VAL A 57 -6.92 0.00 16.64
N GLU A 58 -6.99 -1.17 17.26
CA GLU A 58 -7.23 -1.23 18.70
C GLU A 58 -6.06 -0.60 19.46
N ARG A 59 -4.86 -0.96 19.04
CA ARG A 59 -3.66 -0.44 19.67
C ARG A 59 -3.54 1.05 19.42
N TYR A 60 -4.08 1.48 18.28
CA TYR A 60 -4.03 2.89 17.91
C TYR A 60 -5.01 3.70 18.76
N PHE A 61 -6.14 3.10 19.04
CA PHE A 61 -7.17 3.76 19.84
C PHE A 61 -6.79 3.76 21.32
N THR A 62 -6.05 2.73 21.70
CA THR A 62 -5.61 2.60 23.09
C THR A 62 -4.40 3.50 23.35
N GLU A 63 -3.55 3.60 22.33
CA GLU A 63 -2.34 4.41 22.44
C GLU A 63 -2.71 5.90 22.39
N ARG A 64 -3.62 6.22 21.50
CA ARG A 64 -4.07 7.60 21.33
C ARG A 64 -5.12 7.94 22.39
N GLY A 65 -5.94 6.95 22.69
CA GLY A 65 -7.00 7.13 23.67
C GLY A 65 -8.20 7.86 23.06
N GLU A 66 -8.46 7.53 21.81
CA GLU A 66 -9.57 8.15 21.10
C GLU A 66 -9.23 9.59 20.73
N GLN A 67 -9.82 10.05 19.63
CA GLN A 67 -9.59 11.41 19.16
C GLN A 67 -9.99 11.53 17.68
N PRO A 68 -9.50 10.56 16.87
CA PRO A 68 -9.81 10.56 15.45
C PRO A 68 -11.25 10.10 15.19
N HIS A 69 -11.59 10.01 13.92
CA HIS A 69 -12.93 9.58 13.53
C HIS A 69 -12.95 8.05 13.37
N ILE A 70 -13.68 7.41 14.28
CA ILE A 70 -13.79 5.96 14.24
C ILE A 70 -15.18 5.57 13.76
N THR A 71 -15.21 4.83 12.66
CA THR A 71 -16.47 4.38 12.08
C THR A 71 -16.49 2.86 11.97
N SER A 72 -17.68 2.31 12.11
CA SER A 72 -17.86 0.87 12.03
C SER A 72 -18.50 0.50 10.69
N GLN A 73 -17.68 -0.03 9.80
CA GLN A 73 -18.14 -0.43 8.48
C GLN A 73 -18.55 -1.90 8.49
N GLY A 74 -19.80 -2.14 8.88
CA GLY A 74 -20.32 -3.48 8.94
C GLY A 74 -19.60 -4.31 10.01
N ASP A 75 -18.55 -4.98 9.60
CA ASP A 75 -17.77 -5.80 10.51
C ASP A 75 -16.35 -5.24 10.62
N PHE A 76 -16.08 -4.25 9.79
CA PHE A 76 -14.77 -3.62 9.77
C PHE A 76 -14.82 -2.25 10.47
N LYS A 77 -13.63 -1.66 10.62
CA LYS A 77 -13.53 -0.36 11.26
C LYS A 77 -12.72 0.57 10.36
N VAL A 78 -12.89 1.86 10.62
CA VAL A 78 -12.18 2.88 9.84
C VAL A 78 -11.79 4.03 10.76
N TYR A 79 -10.49 4.12 11.01
CA TYR A 79 -9.96 5.17 11.87
C TYR A 79 -9.21 6.22 11.05
N ALA A 80 -9.89 7.34 10.81
CA ALA A 80 -9.30 8.42 10.05
C ALA A 80 -8.79 9.50 11.00
N ALA A 81 -7.67 10.10 10.63
CA ALA A 81 -7.08 11.15 11.45
C ALA A 81 -7.18 12.48 10.71
N PRO A 82 -7.17 13.58 11.51
CA PRO A 82 -7.26 14.92 10.94
C PRO A 82 -5.94 15.33 10.29
N GLY A 83 -5.01 14.38 10.27
CA GLY A 83 -3.70 14.64 9.68
C GLY A 83 -3.60 14.01 8.29
N ILE A 84 -4.02 12.75 8.21
CA ILE A 84 -3.98 12.03 6.96
C ILE A 84 -5.32 11.33 6.74
N GLU A 85 -5.46 10.77 5.54
CA GLU A 85 -6.68 10.07 5.19
C GLU A 85 -6.49 8.56 5.32
N ILE A 86 -5.98 8.15 6.47
CA ILE A 86 -5.74 6.74 6.73
C ILE A 86 -6.80 6.21 7.71
N TRP A 87 -7.63 5.32 7.19
CA TRP A 87 -8.68 4.73 8.00
C TRP A 87 -8.22 3.34 8.44
N CYS A 88 -7.79 3.26 9.70
CA CYS A 88 -7.32 2.01 10.26
C CYS A 88 -8.53 1.08 10.44
N GLY A 89 -8.31 -0.19 10.13
CA GLY A 89 -9.37 -1.17 10.25
C GLY A 89 -9.38 -2.12 9.04
N ASP A 90 -10.28 -1.83 8.12
CA ASP A 90 -10.40 -2.64 6.92
C ASP A 90 -10.60 -1.72 5.71
N PHE A 91 -10.39 -2.29 4.54
CA PHE A 91 -10.54 -1.54 3.30
C PHE A 91 -11.77 -2.01 2.52
N PHE A 92 -12.80 -1.17 2.54
CA PHE A 92 -14.03 -1.49 1.85
C PHE A 92 -15.08 -0.39 2.07
N ALA A 93 -14.63 0.85 1.93
CA ALA A 93 -15.52 1.98 2.11
C ALA A 93 -14.71 3.28 1.97
N LEU A 94 -14.10 3.43 0.81
CA LEU A 94 -13.29 4.61 0.54
C LEU A 94 -13.46 5.01 -0.93
N THR A 95 -13.67 4.01 -1.76
CA THR A 95 -13.84 4.24 -3.19
C THR A 95 -12.55 4.80 -3.80
N ALA A 96 -11.58 3.91 -3.96
CA ALA A 96 -10.30 4.32 -4.53
C ALA A 96 -10.54 4.96 -5.91
N ARG A 97 -11.76 4.79 -6.40
CA ARG A 97 -12.12 5.35 -7.69
C ARG A 97 -12.44 6.84 -7.55
N ASP A 98 -13.28 7.15 -6.58
CA ASP A 98 -13.67 8.53 -6.33
C ASP A 98 -12.48 9.29 -5.77
N ILE A 99 -11.88 8.73 -4.74
CA ILE A 99 -10.73 9.35 -4.11
C ILE A 99 -9.51 9.25 -5.04
N GLY A 100 -9.46 8.13 -5.76
CA GLY A 100 -8.37 7.90 -6.69
C GLY A 100 -8.40 8.90 -7.84
N HIS A 101 -9.32 8.67 -8.77
CA HIS A 101 -9.47 9.55 -9.92
C HIS A 101 -8.16 9.56 -10.72
N CYS A 102 -7.25 10.43 -10.29
CA CYS A 102 -5.97 10.55 -10.95
C CYS A 102 -4.90 10.80 -9.89
N ALA A 103 -3.75 10.19 -10.09
CA ALA A 103 -2.64 10.35 -9.16
C ALA A 103 -1.81 9.06 -9.14
N ALA A 104 -1.95 8.32 -8.04
CA ALA A 104 -1.24 7.07 -7.89
C ALA A 104 -1.75 6.35 -6.64
N PHE A 105 -1.28 5.12 -6.48
CA PHE A 105 -1.68 4.31 -5.34
C PHE A 105 -0.64 3.24 -5.02
N TYR A 106 -0.07 3.35 -3.82
CA TYR A 106 0.94 2.40 -3.39
C TYR A 106 0.31 1.23 -2.64
N ASP A 107 0.90 0.06 -2.85
CA ASP A 107 0.40 -1.15 -2.20
C ASP A 107 1.55 -1.86 -1.50
N ARG A 108 1.25 -2.37 -0.32
CA ARG A 108 2.26 -3.07 0.47
C ARG A 108 2.02 -4.58 0.40
N ALA A 109 2.97 -5.33 0.96
CA ALA A 109 2.89 -6.77 0.97
C ALA A 109 1.51 -7.20 1.48
N ALA A 110 0.63 -7.48 0.55
CA ALA A 110 -0.72 -7.89 0.89
C ALA A 110 -1.08 -9.15 0.10
N MET A 111 -0.82 -9.10 -1.19
CA MET A 111 -1.11 -10.22 -2.07
C MET A 111 -0.21 -11.41 -1.74
N ILE A 112 0.91 -11.11 -1.10
CA ILE A 112 1.86 -12.14 -0.74
C ILE A 112 1.29 -12.96 0.43
N ALA A 113 0.14 -12.52 0.91
CA ALA A 113 -0.53 -13.20 2.01
C ALA A 113 -1.96 -13.55 1.60
N LEU A 114 -2.18 -13.58 0.30
CA LEU A 114 -3.49 -13.91 -0.23
C LEU A 114 -3.36 -15.01 -1.29
N PRO A 115 -4.42 -15.86 -1.38
CA PRO A 115 -4.43 -16.94 -2.33
C PRO A 115 -4.68 -16.43 -3.76
N ALA A 116 -4.20 -17.20 -4.72
CA ALA A 116 -4.37 -16.83 -6.12
C ALA A 116 -5.77 -16.26 -6.33
N ASP A 117 -6.75 -17.14 -6.16
CA ASP A 117 -8.14 -16.75 -6.34
C ASP A 117 -8.35 -15.35 -5.75
N MET A 118 -7.85 -15.17 -4.54
CA MET A 118 -7.97 -13.89 -3.86
C MET A 118 -7.11 -12.83 -4.54
N ARG A 119 -5.96 -13.28 -5.06
CA ARG A 119 -5.05 -12.38 -5.73
C ARG A 119 -5.74 -11.68 -6.89
N GLU A 120 -6.35 -12.48 -7.75
CA GLU A 120 -7.05 -11.96 -8.91
C GLU A 120 -8.25 -11.12 -8.46
N ARG A 121 -9.03 -11.69 -7.56
CA ARG A 121 -10.21 -11.02 -7.06
C ARG A 121 -9.82 -9.70 -6.38
N TYR A 122 -8.56 -9.65 -5.93
CA TYR A 122 -8.05 -8.47 -5.26
C TYR A 122 -7.61 -7.42 -6.29
N VAL A 123 -6.65 -7.81 -7.12
CA VAL A 123 -6.14 -6.91 -8.13
C VAL A 123 -7.29 -6.43 -9.02
N GLN A 124 -8.27 -7.32 -9.21
CA GLN A 124 -9.42 -7.00 -10.02
C GLN A 124 -10.36 -6.05 -9.26
N HIS A 125 -10.66 -6.44 -8.02
CA HIS A 125 -11.54 -5.63 -7.19
C HIS A 125 -10.97 -4.23 -7.03
N LEU A 126 -9.64 -4.17 -6.99
CA LEU A 126 -8.95 -2.90 -6.84
C LEU A 126 -9.11 -2.08 -8.11
N GLU A 127 -8.55 -2.61 -9.20
CA GLU A 127 -8.63 -1.94 -10.48
C GLU A 127 -10.07 -1.60 -10.82
N ALA A 128 -10.98 -2.30 -10.15
CA ALA A 128 -12.40 -2.08 -10.37
C ALA A 128 -12.82 -0.78 -9.67
N LEU A 129 -12.64 -0.76 -8.36
CA LEU A 129 -13.01 0.40 -7.57
C LEU A 129 -11.86 1.43 -7.65
N MET A 130 -10.85 1.08 -8.42
CA MET A 130 -9.70 1.96 -8.58
C MET A 130 -10.10 3.25 -9.28
N PRO A 131 -9.09 4.15 -9.45
CA PRO A 131 -9.33 5.43 -10.10
C PRO A 131 -9.48 5.25 -11.62
N GLN A 132 -8.39 5.53 -12.32
CA GLN A 132 -8.40 5.41 -13.78
C GLN A 132 -7.08 5.91 -14.35
N ALA A 133 -6.66 7.08 -13.87
CA ALA A 133 -5.43 7.68 -14.33
C ALA A 133 -4.51 7.95 -13.13
N CYS A 134 -3.81 6.91 -12.72
CA CYS A 134 -2.90 7.03 -11.58
C CYS A 134 -1.77 6.02 -11.78
N SER A 135 -0.76 6.13 -10.91
CA SER A 135 0.39 5.24 -10.98
C SER A 135 0.46 4.39 -9.71
N GLY A 136 0.19 3.10 -9.88
CA GLY A 136 0.23 2.19 -8.76
C GLY A 136 1.64 1.63 -8.55
N LEU A 137 2.02 1.54 -7.28
CA LEU A 137 3.33 1.03 -6.93
C LEU A 137 3.17 -0.09 -5.89
N LEU A 138 3.26 -1.31 -6.37
CA LEU A 138 3.14 -2.47 -5.50
C LEU A 138 4.51 -2.83 -4.93
N ILE A 139 4.51 -3.21 -3.67
CA ILE A 139 5.75 -3.58 -3.00
C ILE A 139 5.52 -4.86 -2.19
N THR A 140 6.21 -5.91 -2.61
CA THR A 140 6.10 -7.20 -1.94
C THR A 140 7.47 -7.64 -1.41
N LEU A 141 7.48 -8.85 -0.89
CA LEU A 141 8.71 -9.41 -0.33
C LEU A 141 8.76 -10.91 -0.61
N GLU A 142 9.88 -11.52 -0.24
CA GLU A 142 10.05 -12.95 -0.44
C GLU A 142 10.63 -13.59 0.82
N TYR A 143 11.96 -13.57 0.90
CA TYR A 143 12.65 -14.15 2.05
C TYR A 143 11.71 -14.25 3.25
N ASP A 144 11.47 -13.10 3.87
CA ASP A 144 10.60 -13.05 5.03
C ASP A 144 9.56 -14.16 4.93
N GLN A 145 9.23 -14.72 6.09
CA GLN A 145 8.24 -15.79 6.15
C GLN A 145 8.26 -16.45 7.53
N ALA A 146 9.43 -16.40 8.16
CA ALA A 146 9.59 -16.98 9.48
C ALA A 146 10.06 -15.90 10.46
N LEU A 147 9.37 -14.78 10.40
CA LEU A 147 9.70 -13.66 11.28
C LEU A 147 8.82 -12.46 10.92
N LEU A 148 8.46 -12.39 9.65
CA LEU A 148 7.62 -11.30 9.18
C LEU A 148 6.14 -11.70 9.32
N GLU A 149 5.42 -10.90 10.09
CA GLU A 149 4.01 -11.16 10.31
C GLU A 149 3.33 -11.56 8.99
N GLY A 150 3.10 -12.85 8.85
CA GLY A 150 2.47 -13.38 7.66
C GLY A 150 3.51 -13.87 6.65
N PRO A 151 3.39 -15.17 6.28
CA PRO A 151 4.32 -15.77 5.33
C PRO A 151 4.00 -15.30 3.90
N PRO A 152 4.96 -14.52 3.33
CA PRO A 152 4.80 -14.01 1.98
C PRO A 152 5.02 -15.11 0.95
N PHE A 153 4.04 -15.28 0.08
CA PHE A 153 4.11 -16.29 -0.96
C PHE A 153 4.83 -15.76 -2.19
N SER A 154 5.76 -14.84 -1.94
CA SER A 154 6.53 -14.24 -3.02
C SER A 154 5.72 -14.29 -4.33
N VAL A 155 4.90 -13.27 -4.49
CA VAL A 155 4.07 -13.17 -5.68
C VAL A 155 4.96 -13.05 -6.92
N PRO A 156 4.71 -13.95 -7.90
CA PRO A 156 5.48 -13.95 -9.13
C PRO A 156 5.08 -12.78 -10.04
N GLN A 157 5.99 -11.85 -10.20
CA GLN A 157 5.74 -10.68 -11.03
C GLN A 157 4.97 -11.09 -12.29
N THR A 158 5.22 -12.31 -12.73
CA THR A 158 4.57 -12.83 -13.91
C THR A 158 3.06 -12.97 -13.67
N TRP A 159 2.72 -13.37 -12.46
CA TRP A 159 1.32 -13.54 -12.09
C TRP A 159 0.64 -12.18 -12.17
N LEU A 160 1.34 -11.17 -11.66
CA LEU A 160 0.82 -9.82 -11.66
C LEU A 160 0.59 -9.38 -13.11
N HIS A 161 1.67 -9.42 -13.88
CA HIS A 161 1.60 -9.02 -15.27
C HIS A 161 0.63 -9.94 -16.03
N ARG A 162 0.35 -11.07 -15.41
CA ARG A 162 -0.56 -12.04 -16.00
C ARG A 162 -2.00 -11.60 -15.81
N VAL A 163 -2.40 -11.48 -14.55
CA VAL A 163 -3.74 -11.08 -14.20
C VAL A 163 -3.76 -9.57 -13.94
N MET A 164 -2.84 -9.14 -13.10
CA MET A 164 -2.74 -7.73 -12.76
C MET A 164 -2.52 -6.88 -14.01
N SER A 165 -2.58 -7.53 -15.15
CA SER A 165 -2.37 -6.86 -16.42
C SER A 165 -3.70 -6.77 -17.19
N GLY A 166 -4.35 -5.62 -17.04
CA GLY A 166 -5.63 -5.40 -17.71
C GLY A 166 -6.27 -4.10 -17.24
N ASN A 167 -5.47 -3.05 -17.20
CA ASN A 167 -5.94 -1.75 -16.77
C ASN A 167 -4.80 -0.98 -16.12
N TRP A 168 -3.74 -1.72 -15.80
CA TRP A 168 -2.57 -1.11 -15.18
C TRP A 168 -1.33 -1.84 -15.69
N GLU A 169 -0.45 -1.07 -16.31
CA GLU A 169 0.78 -1.64 -16.85
C GLU A 169 1.76 -1.95 -15.72
N VAL A 170 1.65 -3.16 -15.19
CA VAL A 170 2.53 -3.59 -14.12
C VAL A 170 3.92 -3.87 -14.68
N THR A 171 4.91 -3.23 -14.07
CA THR A 171 6.29 -3.39 -14.49
C THR A 171 7.14 -3.92 -13.33
N LYS A 172 8.11 -4.75 -13.69
CA LYS A 172 9.00 -5.34 -12.70
C LYS A 172 9.90 -4.25 -12.13
N VAL A 173 10.14 -4.34 -10.83
CA VAL A 173 10.98 -3.38 -10.14
C VAL A 173 11.27 -3.86 -8.73
N GLY A 174 12.24 -3.21 -8.08
CA GLY A 174 12.61 -3.56 -6.73
C GLY A 174 13.93 -4.34 -6.71
N GLY A 175 14.14 -5.07 -5.63
CA GLY A 175 15.35 -5.86 -5.48
C GLY A 175 15.37 -6.57 -4.12
N GLN A 176 16.43 -7.33 -3.91
CA GLN A 176 16.60 -8.06 -2.66
C GLN A 176 17.71 -7.44 -1.82
N ASP A 177 17.84 -7.95 -0.60
CA ASP A 177 18.86 -7.46 0.31
C ASP A 177 18.55 -6.00 0.67
N THR A 178 17.36 -5.57 0.28
CA THR A 178 16.94 -4.21 0.56
C THR A 178 15.72 -4.20 1.49
N LEU A 179 15.98 -4.50 2.76
CA LEU A 179 14.93 -4.53 3.76
C LEU A 179 14.43 -3.10 4.02
N HIS A 180 15.38 -2.18 4.04
CA HIS A 180 15.05 -0.78 4.29
C HIS A 180 13.97 -0.33 3.29
N SER A 181 13.85 -1.08 2.21
CA SER A 181 12.88 -0.77 1.18
C SER A 181 11.48 -0.74 1.80
N SER A 182 11.31 -1.49 2.87
CA SER A 182 10.03 -1.56 3.57
C SER A 182 10.23 -1.35 5.07
N ALA A 183 9.14 -1.00 5.74
CA ALA A 183 9.19 -0.78 7.18
C ALA A 183 8.97 -2.10 7.90
N ARG A 184 8.22 -2.98 7.25
CA ARG A 184 7.93 -4.28 7.82
C ARG A 184 9.23 -4.98 8.23
N GLY A 185 10.33 -4.52 7.66
CA GLY A 185 11.63 -5.09 7.96
C GLY A 185 11.97 -4.91 9.43
N LEU A 186 11.90 -3.67 9.88
CA LEU A 186 12.21 -3.35 11.27
C LEU A 186 10.97 -3.61 12.13
N LYS A 187 9.83 -3.73 11.45
CA LYS A 187 8.58 -3.97 12.14
C LYS A 187 8.57 -5.41 12.66
N ALA A 188 9.11 -6.31 11.87
CA ALA A 188 9.17 -7.71 12.24
C ALA A 188 10.61 -8.07 12.63
N GLY A 189 11.55 -7.41 11.97
CA GLY A 189 12.96 -7.64 12.24
C GLY A 189 13.53 -8.67 11.26
N LEU A 190 13.72 -8.24 10.03
CA LEU A 190 14.26 -9.10 9.00
C LEU A 190 15.78 -9.06 9.05
N GLU A 191 16.31 -7.85 9.04
CA GLU A 191 17.75 -7.67 9.09
C GLU A 191 18.37 -7.95 7.72
N ARG A 192 17.52 -8.38 6.80
CA ARG A 192 17.97 -8.68 5.45
C ARG A 192 16.96 -9.62 4.77
N MET A 193 16.15 -9.02 3.89
CA MET A 193 15.16 -9.77 3.16
C MET A 193 14.96 -9.20 1.75
N ASP A 194 14.49 -10.07 0.86
CA ASP A 194 14.26 -9.67 -0.51
C ASP A 194 12.92 -8.95 -0.61
N GLU A 195 12.96 -7.78 -1.22
CA GLU A 195 11.76 -6.98 -1.39
C GLU A 195 11.49 -6.73 -2.88
N HIS A 196 10.35 -7.24 -3.34
CA HIS A 196 9.97 -7.09 -4.73
C HIS A 196 9.10 -5.84 -4.88
N VAL A 197 9.10 -5.30 -6.09
CA VAL A 197 8.32 -4.11 -6.38
C VAL A 197 7.81 -4.19 -7.83
N TYR A 198 6.64 -3.59 -8.03
CA TYR A 198 6.03 -3.58 -9.36
C TYR A 198 5.36 -2.23 -9.64
N VAL A 199 5.91 -1.53 -10.62
CA VAL A 199 5.38 -0.24 -11.00
C VAL A 199 4.28 -0.43 -12.05
N LEU A 200 3.05 -0.41 -11.57
CA LEU A 200 1.90 -0.58 -12.46
C LEU A 200 1.29 0.79 -12.76
N GLU A 201 1.16 1.07 -14.06
CA GLU A 201 0.60 2.34 -14.48
C GLU A 201 -0.91 2.19 -14.70
N ARG A 202 -1.67 2.74 -13.76
CA ARG A 202 -3.11 2.68 -13.83
C ARG A 202 -3.63 3.56 -14.97
N VAL A 203 -3.90 2.91 -16.10
CA VAL A 203 -4.40 3.61 -17.27
C VAL A 203 -5.92 3.79 -17.16
N HIS A 3 9.62 12.46 3.63
CA HIS A 3 10.74 11.65 4.11
C HIS A 3 11.78 11.52 3.01
N GLN A 4 12.76 10.66 3.25
CA GLN A 4 13.83 10.44 2.30
C GLN A 4 14.80 9.37 2.82
N SER A 5 15.04 9.43 4.12
CA SER A 5 15.94 8.48 4.75
C SER A 5 15.70 7.08 4.20
N GLU A 6 14.50 6.56 4.49
CA GLU A 6 14.14 5.24 4.03
C GLU A 6 12.67 5.23 3.58
N VAL A 7 12.47 5.61 2.32
CA VAL A 7 11.13 5.65 1.75
C VAL A 7 11.15 4.95 0.39
N ASN A 8 11.14 3.63 0.44
CA ASN A 8 11.16 2.84 -0.78
C ASN A 8 11.86 3.63 -1.89
N LYS A 9 13.15 3.37 -2.02
CA LYS A 9 13.96 4.04 -3.02
C LYS A 9 13.16 4.12 -4.33
N ASP A 10 12.41 3.06 -4.60
CA ASP A 10 11.61 3.00 -5.80
C ASP A 10 10.53 4.09 -5.74
N LEU A 11 9.78 4.08 -4.65
CA LEU A 11 8.72 5.06 -4.46
C LEU A 11 9.28 6.46 -4.70
N GLN A 12 10.20 6.85 -3.84
CA GLN A 12 10.82 8.16 -3.95
C GLN A 12 11.39 8.36 -5.35
N GLN A 13 11.88 7.27 -5.92
CA GLN A 13 12.46 7.32 -7.25
C GLN A 13 11.37 7.53 -8.30
N TYR A 14 10.64 6.46 -8.58
CA TYR A 14 9.56 6.52 -9.55
C TYR A 14 8.73 7.78 -9.37
N TRP A 15 8.27 7.98 -8.14
CA TRP A 15 7.46 9.14 -7.82
C TRP A 15 8.23 10.39 -8.24
N SER A 16 9.48 10.46 -7.79
CA SER A 16 10.33 11.59 -8.12
C SER A 16 10.33 11.83 -9.63
N SER A 17 10.19 10.74 -10.37
CA SER A 17 10.17 10.82 -11.82
C SER A 17 8.74 11.07 -12.31
N LEU A 18 7.84 10.19 -11.90
CA LEU A 18 6.45 10.30 -12.28
C LEU A 18 6.03 11.77 -12.24
N ASN A 19 6.46 12.45 -11.20
CA ASN A 19 6.15 13.86 -11.02
C ASN A 19 4.65 14.08 -11.31
N VAL A 20 3.87 13.06 -10.98
CA VAL A 20 2.43 13.13 -11.18
C VAL A 20 1.92 14.49 -10.72
N VAL A 21 0.80 14.88 -11.30
CA VAL A 21 0.18 16.16 -10.96
C VAL A 21 0.46 16.47 -9.48
N PRO A 22 0.67 17.78 -9.20
CA PRO A 22 0.95 18.23 -7.84
C PRO A 22 -0.33 18.21 -7.00
N GLY A 23 -0.39 17.26 -6.09
CA GLY A 23 -1.55 17.13 -5.22
C GLY A 23 -2.45 15.98 -5.66
N ALA A 24 -2.02 15.30 -6.72
CA ALA A 24 -2.77 14.18 -7.24
C ALA A 24 -3.31 13.35 -6.08
N ARG A 25 -4.32 12.53 -6.40
CA ARG A 25 -4.94 11.68 -5.39
C ARG A 25 -4.11 10.41 -5.22
N VAL A 26 -3.52 10.28 -4.04
CA VAL A 26 -2.72 9.12 -3.73
C VAL A 26 -3.50 8.19 -2.80
N LEU A 27 -3.83 7.02 -3.33
CA LEU A 27 -4.58 6.04 -2.56
C LEU A 27 -3.60 5.07 -1.89
N VAL A 28 -4.06 4.51 -0.78
CA VAL A 28 -3.24 3.58 -0.02
C VAL A 28 -4.11 2.42 0.48
N PRO A 29 -4.19 1.35 -0.36
CA PRO A 29 -4.99 0.19 -0.01
C PRO A 29 -4.28 -0.65 1.05
N LEU A 30 -4.96 -0.80 2.18
CA LEU A 30 -4.42 -1.58 3.28
C LEU A 30 -2.89 -1.46 3.29
N CYS A 31 -2.43 -0.25 3.61
CA CYS A 31 -1.00 0.01 3.65
C CYS A 31 -0.63 0.39 5.09
N GLY A 32 -1.56 1.07 5.75
CA GLY A 32 -1.34 1.50 7.12
C GLY A 32 -0.81 2.94 7.16
N LYS A 33 0.50 3.05 7.35
CA LYS A 33 1.13 4.35 7.43
C LYS A 33 2.64 4.17 7.64
N SER A 34 3.41 4.85 6.81
CA SER A 34 4.86 4.78 6.90
C SER A 34 5.49 5.98 6.19
N GLN A 35 6.71 5.77 5.71
CA GLN A 35 7.44 6.82 5.01
C GLN A 35 6.81 7.06 3.63
N ASP A 36 6.08 6.06 3.16
CA ASP A 36 5.44 6.15 1.86
C ASP A 36 4.37 7.25 1.92
N MET A 37 3.43 7.07 2.83
CA MET A 37 2.36 8.04 2.99
C MET A 37 2.88 9.36 3.54
N SER A 38 3.86 9.26 4.43
CA SER A 38 4.46 10.43 5.04
C SER A 38 5.23 11.24 3.99
N TRP A 39 5.72 10.52 2.99
CA TRP A 39 6.47 11.15 1.92
C TRP A 39 5.47 11.83 0.97
N LEU A 40 4.39 11.12 0.70
CA LEU A 40 3.35 11.63 -0.18
C LEU A 40 2.85 12.97 0.36
N SER A 41 2.25 12.91 1.54
CA SER A 41 1.72 14.11 2.18
C SER A 41 2.84 15.12 2.39
N GLY A 42 3.92 14.66 3.00
CA GLY A 42 5.06 15.51 3.27
C GLY A 42 5.53 16.20 1.99
N GLN A 43 5.10 15.65 0.86
CA GLN A 43 5.47 16.21 -0.42
C GLN A 43 4.40 17.18 -0.92
N GLY A 44 3.16 16.82 -0.64
CA GLY A 44 2.02 17.64 -1.05
C GLY A 44 1.09 16.87 -1.97
N TYR A 45 0.55 15.78 -1.44
CA TYR A 45 -0.37 14.94 -2.19
C TYR A 45 -1.52 14.47 -1.32
N HIS A 46 -2.55 13.96 -1.98
CA HIS A 46 -3.74 13.47 -1.29
C HIS A 46 -3.48 12.06 -0.77
N VAL A 47 -3.16 11.99 0.52
CA VAL A 47 -2.88 10.71 1.15
C VAL A 47 -4.17 10.17 1.78
N VAL A 48 -4.84 9.30 1.05
CA VAL A 48 -6.08 8.71 1.51
C VAL A 48 -6.03 7.20 1.30
N GLY A 49 -6.09 6.47 2.40
CA GLY A 49 -6.06 5.01 2.35
C GLY A 49 -6.76 4.40 3.57
N ALA A 50 -6.65 3.09 3.68
CA ALA A 50 -7.26 2.37 4.78
C ALA A 50 -6.38 1.19 5.17
N GLU A 51 -6.69 0.62 6.33
CA GLU A 51 -5.93 -0.51 6.83
C GLU A 51 -6.85 -1.72 7.06
N LEU A 52 -6.40 -2.87 6.59
CA LEU A 52 -7.17 -4.09 6.75
C LEU A 52 -6.70 -4.84 8.00
N SER A 53 -6.89 -4.20 9.14
CA SER A 53 -6.48 -4.80 10.40
C SER A 53 -7.36 -4.27 11.53
N GLU A 54 -7.66 -5.15 12.47
CA GLU A 54 -8.49 -4.79 13.61
C GLU A 54 -7.62 -4.47 14.83
N ALA A 55 -6.88 -5.47 15.26
CA ALA A 55 -6.01 -5.31 16.41
C ALA A 55 -5.05 -4.14 16.15
N ALA A 56 -4.84 -3.85 14.87
CA ALA A 56 -3.95 -2.78 14.48
C ALA A 56 -4.60 -1.44 14.83
N VAL A 57 -5.88 -1.32 14.48
CA VAL A 57 -6.62 -0.10 14.75
C VAL A 57 -6.66 0.14 16.26
N GLU A 58 -7.03 -0.92 16.98
CA GLU A 58 -7.11 -0.84 18.43
C GLU A 58 -5.75 -0.48 19.02
N ARG A 59 -4.73 -1.16 18.54
CA ARG A 59 -3.37 -0.92 19.01
C ARG A 59 -2.93 0.49 18.66
N TYR A 60 -3.53 1.03 17.60
CA TYR A 60 -3.21 2.37 17.16
C TYR A 60 -3.79 3.42 18.11
N PHE A 61 -5.05 3.20 18.49
CA PHE A 61 -5.73 4.10 19.40
C PHE A 61 -5.13 4.04 20.81
N THR A 62 -4.66 2.85 21.15
CA THR A 62 -4.06 2.64 22.46
C THR A 62 -2.60 3.12 22.47
N GLU A 63 -1.92 2.84 21.36
CA GLU A 63 -0.54 3.24 21.22
C GLU A 63 -0.40 4.76 21.30
N ARG A 64 -1.27 5.43 20.58
CA ARG A 64 -1.26 6.89 20.56
C ARG A 64 -2.05 7.44 21.76
N GLY A 65 -3.15 6.77 22.06
CA GLY A 65 -3.99 7.17 23.17
C GLY A 65 -4.77 8.44 22.83
N GLU A 66 -5.28 8.48 21.61
CA GLU A 66 -6.05 9.63 21.14
C GLU A 66 -7.15 9.17 20.18
N GLN A 67 -8.05 8.35 20.71
CA GLN A 67 -9.16 7.85 19.91
C GLN A 67 -9.57 8.88 18.86
N PRO A 68 -8.98 8.75 17.64
CA PRO A 68 -9.29 9.65 16.55
C PRO A 68 -10.67 9.36 15.96
N HIS A 69 -10.83 9.74 14.70
CA HIS A 69 -12.08 9.52 14.01
C HIS A 69 -12.32 8.02 13.84
N ILE A 70 -12.77 7.40 14.92
CA ILE A 70 -13.05 5.97 14.90
C ILE A 70 -14.51 5.74 14.53
N THR A 71 -14.71 5.07 13.42
CA THR A 71 -16.05 4.78 12.94
C THR A 71 -16.21 3.29 12.68
N SER A 72 -17.40 2.78 12.98
CA SER A 72 -17.68 1.37 12.79
C SER A 72 -18.48 1.18 11.50
N GLN A 73 -17.87 0.46 10.57
CA GLN A 73 -18.50 0.19 9.28
C GLN A 73 -18.97 -1.27 9.21
N GLY A 74 -20.17 -1.49 9.74
CA GLY A 74 -20.74 -2.83 9.73
C GLY A 74 -19.87 -3.80 10.53
N ASP A 75 -19.04 -4.54 9.80
CA ASP A 75 -18.15 -5.50 10.43
C ASP A 75 -16.70 -5.04 10.25
N PHE A 76 -16.54 -3.73 10.14
CA PHE A 76 -15.22 -3.14 9.96
C PHE A 76 -15.07 -1.86 10.77
N LYS A 77 -13.85 -1.35 10.79
CA LYS A 77 -13.56 -0.11 11.51
C LYS A 77 -12.83 0.85 10.59
N VAL A 78 -12.85 2.12 10.98
CA VAL A 78 -12.20 3.16 10.20
C VAL A 78 -11.56 4.17 11.15
N TYR A 79 -10.24 4.11 11.24
CA TYR A 79 -9.50 5.01 12.10
C TYR A 79 -8.85 6.13 11.29
N ALA A 80 -9.48 7.29 11.33
CA ALA A 80 -8.98 8.45 10.61
C ALA A 80 -8.30 9.41 11.60
N ALA A 81 -7.05 9.71 11.31
CA ALA A 81 -6.29 10.62 12.16
C ALA A 81 -6.41 12.04 11.63
N PRO A 82 -6.20 13.02 12.54
CA PRO A 82 -6.29 14.42 12.18
C PRO A 82 -5.06 14.86 11.37
N GLY A 83 -5.16 14.70 10.06
CA GLY A 83 -4.07 15.06 9.18
C GLY A 83 -4.17 14.32 7.85
N ILE A 84 -4.04 13.00 7.92
CA ILE A 84 -4.11 12.17 6.74
C ILE A 84 -5.51 11.57 6.63
N GLU A 85 -5.76 10.91 5.50
CA GLU A 85 -7.04 10.28 5.27
C GLU A 85 -6.91 8.76 5.31
N ILE A 86 -6.28 8.29 6.37
CA ILE A 86 -6.08 6.86 6.54
C ILE A 86 -7.02 6.33 7.64
N TRP A 87 -7.88 5.41 7.24
CA TRP A 87 -8.83 4.83 8.17
C TRP A 87 -8.41 3.39 8.44
N CYS A 88 -7.93 3.15 9.65
CA CYS A 88 -7.49 1.83 10.04
C CYS A 88 -8.73 0.96 10.29
N GLY A 89 -8.62 -0.30 9.89
CA GLY A 89 -9.73 -1.23 10.06
C GLY A 89 -9.94 -2.07 8.79
N ASP A 90 -10.84 -1.60 7.95
CA ASP A 90 -11.13 -2.31 6.71
C ASP A 90 -11.21 -1.30 5.56
N PHE A 91 -11.09 -1.81 4.35
CA PHE A 91 -11.15 -0.97 3.17
C PHE A 91 -12.00 -1.62 2.08
N PHE A 92 -12.94 -0.84 1.56
CA PHE A 92 -13.83 -1.32 0.52
C PHE A 92 -14.99 -0.36 0.29
N ALA A 93 -15.26 0.43 1.32
CA ALA A 93 -16.34 1.41 1.24
C ALA A 93 -15.76 2.82 1.18
N LEU A 94 -14.96 3.05 0.13
CA LEU A 94 -14.33 4.34 -0.06
C LEU A 94 -14.23 4.63 -1.56
N THR A 95 -14.12 3.56 -2.33
CA THR A 95 -14.01 3.69 -3.77
C THR A 95 -12.65 4.27 -4.16
N ALA A 96 -11.70 3.38 -4.37
CA ALA A 96 -10.36 3.80 -4.75
C ALA A 96 -10.42 4.61 -6.03
N ARG A 97 -11.56 4.52 -6.70
CA ARG A 97 -11.76 5.25 -7.94
C ARG A 97 -12.18 6.69 -7.66
N ASP A 98 -13.08 6.84 -6.69
CA ASP A 98 -13.57 8.15 -6.31
C ASP A 98 -12.40 8.98 -5.79
N ILE A 99 -11.60 8.37 -4.93
CA ILE A 99 -10.46 9.04 -4.35
C ILE A 99 -9.32 9.06 -5.36
N GLY A 100 -9.02 7.88 -5.89
CA GLY A 100 -7.96 7.74 -6.87
C GLY A 100 -8.15 8.72 -8.04
N HIS A 101 -9.13 8.42 -8.87
CA HIS A 101 -9.43 9.25 -10.02
C HIS A 101 -8.17 9.42 -10.87
N CYS A 102 -7.32 10.34 -10.44
CA CYS A 102 -6.08 10.60 -11.15
C CYS A 102 -5.00 10.91 -10.13
N ALA A 103 -3.85 10.27 -10.30
CA ALA A 103 -2.73 10.47 -9.39
C ALA A 103 -1.91 9.18 -9.30
N ALA A 104 -2.01 8.54 -8.15
CA ALA A 104 -1.29 7.30 -7.93
C ALA A 104 -1.83 6.62 -6.68
N PHE A 105 -1.23 5.48 -6.34
CA PHE A 105 -1.65 4.73 -5.16
C PHE A 105 -0.56 3.73 -4.75
N TYR A 106 -0.19 3.79 -3.49
CA TYR A 106 0.82 2.91 -2.96
C TYR A 106 0.19 1.67 -2.32
N ASP A 107 0.44 0.53 -2.95
CA ASP A 107 -0.09 -0.73 -2.47
C ASP A 107 0.98 -1.47 -1.67
N ARG A 108 0.57 -1.98 -0.51
CA ARG A 108 1.49 -2.70 0.35
C ARG A 108 1.36 -4.21 0.10
N ALA A 109 2.27 -4.95 0.72
CA ALA A 109 2.27 -6.40 0.59
C ALA A 109 1.02 -6.97 1.26
N ALA A 110 -0.01 -7.17 0.46
CA ALA A 110 -1.26 -7.71 0.97
C ALA A 110 -1.65 -8.93 0.15
N MET A 111 -1.40 -8.84 -1.15
CA MET A 111 -1.73 -9.93 -2.05
C MET A 111 -0.91 -11.18 -1.72
N ILE A 112 0.35 -10.95 -1.35
CA ILE A 112 1.23 -12.03 -1.01
C ILE A 112 0.72 -12.73 0.25
N ALA A 113 -0.24 -12.09 0.90
CA ALA A 113 -0.83 -12.63 2.11
C ALA A 113 -2.01 -13.53 1.75
N LEU A 114 -2.16 -13.75 0.44
CA LEU A 114 -3.24 -14.59 -0.05
C LEU A 114 -2.74 -15.44 -1.20
N PRO A 115 -3.56 -16.46 -1.57
CA PRO A 115 -3.20 -17.36 -2.66
C PRO A 115 -3.37 -16.68 -4.01
N ALA A 116 -3.53 -17.50 -5.04
CA ALA A 116 -3.71 -17.00 -6.39
C ALA A 116 -5.14 -16.51 -6.57
N ASP A 117 -6.07 -17.45 -6.44
CA ASP A 117 -7.49 -17.14 -6.59
C ASP A 117 -7.77 -15.80 -5.90
N MET A 118 -7.53 -15.77 -4.60
CA MET A 118 -7.77 -14.56 -3.82
C MET A 118 -7.00 -13.37 -4.42
N ARG A 119 -5.79 -13.66 -4.86
CA ARG A 119 -4.94 -12.63 -5.44
C ARG A 119 -5.67 -11.95 -6.62
N GLU A 120 -6.08 -12.78 -7.56
CA GLU A 120 -6.80 -12.28 -8.73
C GLU A 120 -8.15 -11.69 -8.33
N ARG A 121 -8.63 -12.15 -7.19
CA ARG A 121 -9.92 -11.68 -6.67
C ARG A 121 -9.79 -10.22 -6.22
N TYR A 122 -8.84 -9.98 -5.33
CA TYR A 122 -8.62 -8.65 -4.80
C TYR A 122 -7.97 -7.75 -5.87
N VAL A 123 -7.12 -8.36 -6.68
CA VAL A 123 -6.43 -7.64 -7.72
C VAL A 123 -7.46 -7.03 -8.69
N GLN A 124 -8.26 -7.92 -9.27
CA GLN A 124 -9.29 -7.50 -10.21
C GLN A 124 -10.25 -6.52 -9.54
N HIS A 125 -10.72 -6.91 -8.37
CA HIS A 125 -11.64 -6.07 -7.61
C HIS A 125 -11.02 -4.69 -7.40
N LEU A 126 -9.72 -4.68 -7.19
CA LEU A 126 -9.00 -3.44 -6.97
C LEU A 126 -9.02 -2.61 -8.27
N GLU A 127 -8.37 -3.16 -9.28
CA GLU A 127 -8.30 -2.49 -10.57
C GLU A 127 -9.69 -2.08 -11.03
N ALA A 128 -10.70 -2.74 -10.45
CA ALA A 128 -12.07 -2.46 -10.79
C ALA A 128 -12.51 -1.17 -10.10
N LEU A 129 -12.30 -1.13 -8.79
CA LEU A 129 -12.67 0.03 -8.00
C LEU A 129 -11.54 1.07 -8.08
N MET A 130 -10.45 0.68 -8.74
CA MET A 130 -9.32 1.56 -8.88
C MET A 130 -9.69 2.83 -9.64
N PRO A 131 -8.71 3.77 -9.72
CA PRO A 131 -8.94 5.03 -10.40
C PRO A 131 -8.91 4.84 -11.92
N GLN A 132 -8.81 5.95 -12.62
CA GLN A 132 -8.78 5.93 -14.07
C GLN A 132 -7.33 6.07 -14.58
N ALA A 133 -6.66 7.07 -14.05
CA ALA A 133 -5.28 7.33 -14.43
C ALA A 133 -4.46 7.68 -13.19
N CYS A 134 -3.78 6.67 -12.67
CA CYS A 134 -2.96 6.86 -11.49
C CYS A 134 -1.79 5.86 -11.55
N SER A 135 -0.70 6.24 -10.88
CA SER A 135 0.48 5.39 -10.84
C SER A 135 0.50 4.55 -9.58
N GLY A 136 0.24 3.26 -9.74
CA GLY A 136 0.23 2.35 -8.61
C GLY A 136 1.62 1.76 -8.37
N LEU A 137 1.92 1.52 -7.10
CA LEU A 137 3.19 0.96 -6.72
C LEU A 137 2.98 -0.11 -5.64
N LEU A 138 3.17 -1.36 -6.05
CA LEU A 138 3.00 -2.47 -5.14
C LEU A 138 4.33 -2.77 -4.45
N ILE A 139 4.26 -3.01 -3.15
CA ILE A 139 5.44 -3.30 -2.37
C ILE A 139 5.32 -4.70 -1.76
N THR A 140 5.86 -5.67 -2.47
CA THR A 140 5.81 -7.05 -2.02
C THR A 140 7.18 -7.49 -1.49
N LEU A 141 7.21 -8.69 -0.93
CA LEU A 141 8.44 -9.23 -0.39
C LEU A 141 8.51 -10.73 -0.69
N GLU A 142 9.61 -11.34 -0.25
CA GLU A 142 9.82 -12.76 -0.48
C GLU A 142 10.35 -13.42 0.80
N TYR A 143 11.61 -13.15 1.08
CA TYR A 143 12.25 -13.71 2.25
C TYR A 143 11.25 -13.88 3.40
N ASP A 144 10.90 -12.75 4.01
CA ASP A 144 9.95 -12.77 5.11
C ASP A 144 8.94 -13.90 4.90
N GLN A 145 8.51 -14.48 6.01
CA GLN A 145 7.55 -15.57 5.97
C GLN A 145 7.51 -16.30 7.31
N ALA A 146 8.59 -16.14 8.07
CA ALA A 146 8.68 -16.77 9.37
C ALA A 146 9.16 -15.75 10.40
N LEU A 147 8.53 -14.59 10.38
CA LEU A 147 8.88 -13.52 11.30
C LEU A 147 8.01 -12.30 11.01
N LEU A 148 7.70 -12.12 9.73
CA LEU A 148 6.87 -11.00 9.32
C LEU A 148 5.40 -11.38 9.45
N GLU A 149 4.54 -10.37 9.37
CA GLU A 149 3.11 -10.59 9.48
C GLU A 149 2.61 -11.42 8.29
N GLY A 150 2.23 -12.65 8.59
CA GLY A 150 1.73 -13.55 7.55
C GLY A 150 2.83 -13.85 6.53
N PRO A 151 2.85 -15.13 6.06
CA PRO A 151 3.82 -15.56 5.08
C PRO A 151 3.48 -15.03 3.70
N PRO A 152 4.42 -14.23 3.14
CA PRO A 152 4.23 -13.64 1.82
C PRO A 152 4.43 -14.70 0.72
N PHE A 153 3.49 -14.72 -0.21
CA PHE A 153 3.55 -15.66 -1.31
C PHE A 153 4.53 -15.20 -2.38
N SER A 154 5.35 -14.22 -2.01
CA SER A 154 6.32 -13.67 -2.93
C SER A 154 5.77 -13.66 -4.35
N VAL A 155 4.62 -13.04 -4.49
CA VAL A 155 3.97 -12.95 -5.79
C VAL A 155 5.00 -12.53 -6.85
N PRO A 156 5.15 -13.40 -7.88
CA PRO A 156 6.09 -13.13 -8.96
C PRO A 156 5.57 -12.05 -9.89
N GLN A 157 6.40 -11.05 -10.13
CA GLN A 157 6.04 -9.94 -11.00
C GLN A 157 5.33 -10.47 -12.25
N THR A 158 5.84 -11.59 -12.76
CA THR A 158 5.27 -12.20 -13.95
C THR A 158 3.78 -12.49 -13.73
N TRP A 159 3.44 -12.78 -12.49
CA TRP A 159 2.06 -13.08 -12.14
C TRP A 159 1.24 -11.81 -12.34
N LEU A 160 1.67 -10.76 -11.67
CA LEU A 160 0.99 -9.48 -11.76
C LEU A 160 0.90 -9.05 -13.23
N HIS A 161 1.87 -9.52 -14.00
CA HIS A 161 1.91 -9.19 -15.42
C HIS A 161 1.04 -10.18 -16.20
N ARG A 162 0.78 -11.32 -15.57
CA ARG A 162 -0.04 -12.34 -16.18
C ARG A 162 -1.53 -12.05 -15.94
N VAL A 163 -1.80 -11.50 -14.77
CA VAL A 163 -3.17 -11.17 -14.40
C VAL A 163 -3.31 -9.65 -14.28
N MET A 164 -2.57 -9.09 -13.33
CA MET A 164 -2.60 -7.66 -13.11
C MET A 164 -2.25 -6.89 -14.39
N SER A 165 -2.10 -7.65 -15.48
CA SER A 165 -1.78 -7.06 -16.76
C SER A 165 -3.04 -6.89 -17.60
N GLY A 166 -3.61 -5.70 -17.53
CA GLY A 166 -4.81 -5.39 -18.28
C GLY A 166 -5.62 -4.28 -17.60
N ASN A 167 -4.92 -3.18 -17.32
CA ASN A 167 -5.55 -2.04 -16.68
C ASN A 167 -4.48 -1.23 -15.94
N TRP A 168 -3.41 -1.92 -15.58
CA TRP A 168 -2.32 -1.28 -14.86
C TRP A 168 -1.01 -1.93 -15.31
N GLU A 169 -0.17 -1.12 -15.94
CA GLU A 169 1.11 -1.61 -16.42
C GLU A 169 2.08 -1.81 -15.25
N VAL A 170 2.19 -3.06 -14.83
CA VAL A 170 3.07 -3.40 -13.73
C VAL A 170 4.48 -3.68 -14.27
N THR A 171 5.45 -3.07 -13.63
CA THR A 171 6.83 -3.24 -14.03
C THR A 171 7.68 -3.74 -12.85
N LYS A 172 8.66 -4.58 -13.19
CA LYS A 172 9.53 -5.14 -12.17
C LYS A 172 10.42 -4.03 -11.60
N VAL A 173 10.51 -4.00 -10.28
CA VAL A 173 11.32 -3.01 -9.60
C VAL A 173 11.64 -3.48 -8.19
N GLY A 174 12.61 -2.83 -7.58
CA GLY A 174 13.02 -3.18 -6.23
C GLY A 174 14.22 -4.12 -6.25
N GLY A 175 14.22 -5.04 -5.30
CA GLY A 175 15.30 -6.01 -5.19
C GLY A 175 15.38 -6.60 -3.78
N GLN A 176 16.50 -7.26 -3.52
CA GLN A 176 16.71 -7.87 -2.21
C GLN A 176 17.80 -7.12 -1.45
N ASP A 177 17.99 -7.51 -0.20
CA ASP A 177 19.00 -6.90 0.64
C ASP A 177 18.51 -5.52 1.09
N THR A 178 17.26 -5.23 0.75
CA THR A 178 16.66 -3.96 1.11
C THR A 178 15.49 -4.17 2.07
N LEU A 179 15.84 -4.47 3.31
CA LEU A 179 14.83 -4.70 4.33
C LEU A 179 14.38 -3.36 4.91
N HIS A 180 15.33 -2.43 4.98
CA HIS A 180 15.04 -1.11 5.51
C HIS A 180 13.94 -0.45 4.68
N SER A 181 14.04 -0.62 3.37
CA SER A 181 13.06 -0.06 2.47
C SER A 181 11.65 -0.26 3.02
N SER A 182 11.27 -1.54 3.10
CA SER A 182 9.95 -1.88 3.60
C SER A 182 9.90 -1.69 5.12
N ALA A 183 8.98 -0.84 5.54
CA ALA A 183 8.81 -0.56 6.96
C ALA A 183 8.36 -1.82 7.68
N ARG A 184 7.42 -2.51 7.07
CA ARG A 184 6.89 -3.74 7.63
C ARG A 184 8.03 -4.64 8.11
N GLY A 185 9.08 -4.69 7.29
CA GLY A 185 10.25 -5.50 7.62
C GLY A 185 10.86 -5.08 8.95
N LEU A 186 11.33 -3.83 8.98
CA LEU A 186 11.94 -3.29 10.18
C LEU A 186 11.03 -3.57 11.38
N LYS A 187 9.73 -3.50 11.13
CA LYS A 187 8.75 -3.74 12.17
C LYS A 187 8.95 -5.15 12.73
N ALA A 188 8.93 -6.12 11.82
CA ALA A 188 9.11 -7.51 12.22
C ALA A 188 10.54 -7.73 12.71
N GLY A 189 11.47 -7.10 12.02
CA GLY A 189 12.88 -7.20 12.37
C GLY A 189 13.56 -8.32 11.59
N LEU A 190 13.84 -8.03 10.33
CA LEU A 190 14.49 -9.00 9.48
C LEU A 190 15.91 -8.53 9.15
N GLU A 191 16.12 -7.23 9.29
CA GLU A 191 17.42 -6.64 9.04
C GLU A 191 18.07 -7.33 7.83
N ARG A 192 17.23 -7.80 6.92
CA ARG A 192 17.73 -8.47 5.73
C ARG A 192 16.62 -9.33 5.12
N MET A 193 15.94 -8.76 4.13
CA MET A 193 14.86 -9.46 3.46
C MET A 193 14.73 -8.99 2.01
N ASP A 194 14.20 -9.88 1.18
CA ASP A 194 14.01 -9.58 -0.22
C ASP A 194 12.69 -8.82 -0.41
N GLU A 195 12.81 -7.62 -0.98
CA GLU A 195 11.65 -6.79 -1.22
C GLU A 195 11.42 -6.62 -2.72
N HIS A 196 10.30 -7.17 -3.18
CA HIS A 196 9.94 -7.07 -4.59
C HIS A 196 8.94 -5.96 -4.80
N VAL A 197 9.29 -5.02 -5.66
CA VAL A 197 8.42 -3.89 -5.95
C VAL A 197 7.93 -3.99 -7.40
N TYR A 198 6.74 -3.47 -7.62
CA TYR A 198 6.15 -3.49 -8.95
C TYR A 198 5.37 -2.21 -9.23
N VAL A 199 5.83 -1.49 -10.25
CA VAL A 199 5.19 -0.24 -10.63
C VAL A 199 4.03 -0.53 -11.57
N LEU A 200 2.84 -0.51 -11.00
CA LEU A 200 1.63 -0.78 -11.78
C LEU A 200 0.97 0.56 -12.15
N GLU A 201 1.27 1.01 -13.35
CA GLU A 201 0.71 2.26 -13.85
C GLU A 201 -0.74 2.06 -14.27
N ARG A 202 -1.64 2.48 -13.39
CA ARG A 202 -3.06 2.36 -13.66
C ARG A 202 -3.46 3.26 -14.82
N VAL A 203 -3.69 2.64 -15.97
CA VAL A 203 -4.08 3.38 -17.16
C VAL A 203 -5.56 3.75 -17.06
N HIS A 3 12.47 14.22 4.94
CA HIS A 3 13.71 13.55 4.60
C HIS A 3 13.40 12.11 4.15
N GLN A 4 13.76 11.82 2.93
CA GLN A 4 13.54 10.49 2.37
C GLN A 4 14.17 9.42 3.26
N SER A 5 15.49 9.38 3.22
CA SER A 5 16.24 8.41 4.02
C SER A 5 16.03 7.00 3.45
N GLU A 6 14.91 6.41 3.84
CA GLU A 6 14.58 5.07 3.39
C GLU A 6 13.09 4.96 3.08
N VAL A 7 12.74 5.36 1.86
CA VAL A 7 11.35 5.32 1.42
C VAL A 7 11.27 4.63 0.06
N ASN A 8 11.35 3.31 0.08
CA ASN A 8 11.29 2.54 -1.14
C ASN A 8 11.93 3.34 -2.28
N LYS A 9 13.21 3.08 -2.49
CA LYS A 9 13.96 3.76 -3.54
C LYS A 9 13.11 3.79 -4.82
N ASP A 10 12.35 2.72 -5.01
CA ASP A 10 11.50 2.62 -6.19
C ASP A 10 10.40 3.68 -6.11
N LEU A 11 9.74 3.72 -4.96
CA LEU A 11 8.67 4.68 -4.74
C LEU A 11 9.19 6.09 -5.04
N GLN A 12 10.16 6.51 -4.25
CA GLN A 12 10.74 7.83 -4.42
C GLN A 12 11.28 7.99 -5.84
N GLN A 13 11.72 6.88 -6.41
CA GLN A 13 12.26 6.88 -7.75
C GLN A 13 11.14 7.05 -8.77
N TYR A 14 10.42 5.95 -9.01
CA TYR A 14 9.33 5.96 -9.96
C TYR A 14 8.46 7.22 -9.77
N TRP A 15 8.12 7.49 -8.52
CA TRP A 15 7.31 8.65 -8.20
C TRP A 15 8.07 9.90 -8.65
N SER A 16 9.33 9.96 -8.26
CA SER A 16 10.17 11.09 -8.61
C SER A 16 10.10 11.35 -10.11
N SER A 17 10.15 10.26 -10.87
CA SER A 17 10.09 10.35 -12.32
C SER A 17 8.65 10.55 -12.77
N LEU A 18 7.76 9.73 -12.23
CA LEU A 18 6.36 9.81 -12.57
C LEU A 18 5.94 11.28 -12.68
N ASN A 19 6.43 12.08 -11.74
CA ASN A 19 6.13 13.50 -11.72
C ASN A 19 4.62 13.69 -11.55
N VAL A 20 4.09 13.12 -10.48
CA VAL A 20 2.67 13.22 -10.19
C VAL A 20 2.34 14.66 -9.79
N VAL A 21 1.20 15.13 -10.28
CA VAL A 21 0.76 16.48 -9.98
C VAL A 21 0.98 16.78 -8.50
N PRO A 22 1.33 18.06 -8.21
CA PRO A 22 1.58 18.49 -6.85
C PRO A 22 0.27 18.62 -6.06
N GLY A 23 -0.58 17.62 -6.22
CA GLY A 23 -1.86 17.61 -5.53
C GLY A 23 -2.71 16.42 -5.97
N ALA A 24 -2.03 15.32 -6.26
CA ALA A 24 -2.71 14.12 -6.69
C ALA A 24 -3.05 13.26 -5.46
N ARG A 25 -4.04 12.40 -5.64
CA ARG A 25 -4.47 11.51 -4.56
C ARG A 25 -3.69 10.19 -4.62
N VAL A 26 -3.10 9.85 -3.48
CA VAL A 26 -2.33 8.62 -3.39
C VAL A 26 -3.12 7.60 -2.56
N LEU A 27 -3.66 6.61 -3.26
CA LEU A 27 -4.43 5.57 -2.61
C LEU A 27 -3.50 4.46 -2.15
N VAL A 28 -3.70 4.03 -0.90
CA VAL A 28 -2.88 2.99 -0.32
C VAL A 28 -3.78 1.98 0.41
N PRO A 29 -3.95 0.80 -0.22
CA PRO A 29 -4.78 -0.24 0.37
C PRO A 29 -4.06 -0.92 1.53
N LEU A 30 -4.80 -1.10 2.62
CA LEU A 30 -4.24 -1.73 3.80
C LEU A 30 -2.76 -1.37 3.93
N CYS A 31 -2.45 -0.13 3.56
CA CYS A 31 -1.08 0.36 3.64
C CYS A 31 -0.87 0.98 5.01
N GLY A 32 -1.92 1.60 5.52
CA GLY A 32 -1.85 2.24 6.83
C GLY A 32 -0.84 3.40 6.82
N LYS A 33 0.33 3.13 7.37
CA LYS A 33 1.37 4.13 7.43
C LYS A 33 2.70 3.51 6.99
N SER A 34 3.59 4.37 6.51
CA SER A 34 4.89 3.91 6.05
C SER A 34 5.69 5.10 5.50
N GLN A 35 6.96 4.83 5.21
CA GLN A 35 7.84 5.87 4.68
C GLN A 35 7.22 6.47 3.41
N ASP A 36 6.50 5.64 2.68
CA ASP A 36 5.86 6.08 1.45
C ASP A 36 4.88 7.21 1.77
N MET A 37 3.94 6.90 2.65
CA MET A 37 2.93 7.87 3.06
C MET A 37 3.59 9.16 3.55
N SER A 38 4.51 9.00 4.48
CA SER A 38 5.22 10.14 5.04
C SER A 38 5.94 10.91 3.92
N TRP A 39 6.45 10.16 2.96
CA TRP A 39 7.15 10.75 1.84
C TRP A 39 6.18 11.67 1.11
N LEU A 40 5.00 11.14 0.83
CA LEU A 40 3.97 11.90 0.14
C LEU A 40 3.61 13.13 0.97
N SER A 41 3.08 12.88 2.15
CA SER A 41 2.68 13.95 3.04
C SER A 41 3.76 15.04 3.06
N GLY A 42 5.00 14.59 2.96
CA GLY A 42 6.13 15.50 2.97
C GLY A 42 6.20 16.29 1.65
N GLN A 43 5.91 15.60 0.56
CA GLN A 43 5.93 16.21 -0.75
C GLN A 43 4.72 17.13 -0.94
N GLY A 44 3.65 16.79 -0.23
CA GLY A 44 2.44 17.58 -0.30
C GLY A 44 1.42 16.93 -1.27
N TYR A 45 0.91 15.78 -0.84
CA TYR A 45 -0.06 15.06 -1.65
C TYR A 45 -1.26 14.64 -0.80
N HIS A 46 -2.26 14.10 -1.48
CA HIS A 46 -3.47 13.65 -0.81
C HIS A 46 -3.34 12.17 -0.45
N VAL A 47 -2.74 11.93 0.71
CA VAL A 47 -2.55 10.57 1.18
C VAL A 47 -3.87 10.04 1.74
N VAL A 48 -4.41 9.03 1.07
CA VAL A 48 -5.66 8.43 1.48
C VAL A 48 -5.60 6.91 1.26
N GLY A 49 -5.74 6.18 2.35
CA GLY A 49 -5.70 4.73 2.28
C GLY A 49 -6.44 4.10 3.47
N ALA A 50 -6.32 2.78 3.58
CA ALA A 50 -6.96 2.06 4.65
C ALA A 50 -5.96 1.08 5.27
N GLU A 51 -6.31 0.60 6.46
CA GLU A 51 -5.45 -0.34 7.16
C GLU A 51 -6.22 -1.62 7.48
N LEU A 52 -5.59 -2.74 7.17
CA LEU A 52 -6.21 -4.04 7.41
C LEU A 52 -5.64 -4.64 8.70
N SER A 53 -6.07 -4.07 9.81
CA SER A 53 -5.62 -4.53 11.11
C SER A 53 -6.69 -4.23 12.17
N GLU A 54 -6.92 -5.23 13.01
CA GLU A 54 -7.90 -5.09 14.07
C GLU A 54 -7.21 -4.73 15.40
N ALA A 55 -6.15 -5.46 15.69
CA ALA A 55 -5.40 -5.22 16.92
C ALA A 55 -4.72 -3.86 16.84
N ALA A 56 -4.20 -3.56 15.67
CA ALA A 56 -3.52 -2.29 15.45
C ALA A 56 -4.53 -1.14 15.57
N VAL A 57 -5.75 -1.43 15.15
CA VAL A 57 -6.82 -0.45 15.22
C VAL A 57 -7.11 -0.12 16.67
N GLU A 58 -7.34 -1.16 17.45
CA GLU A 58 -7.64 -0.99 18.87
C GLU A 58 -6.46 -0.31 19.58
N ARG A 59 -5.26 -0.75 19.23
CA ARG A 59 -4.06 -0.19 19.82
C ARG A 59 -3.95 1.31 19.48
N TYR A 60 -4.33 1.63 18.27
CA TYR A 60 -4.28 3.01 17.81
C TYR A 60 -5.26 3.89 18.59
N PHE A 61 -6.44 3.34 18.83
CA PHE A 61 -7.46 4.06 19.57
C PHE A 61 -7.11 4.13 21.06
N THR A 62 -6.34 3.15 21.50
CA THR A 62 -5.93 3.10 22.90
C THR A 62 -4.74 4.03 23.14
N GLU A 63 -3.85 4.07 22.15
CA GLU A 63 -2.68 4.90 22.24
C GLU A 63 -3.06 6.38 22.16
N ARG A 64 -3.97 6.67 21.24
CA ARG A 64 -4.44 8.04 21.04
C ARG A 64 -5.52 8.38 22.07
N GLY A 65 -6.33 7.37 22.39
CA GLY A 65 -7.41 7.55 23.35
C GLY A 65 -8.60 8.24 22.70
N GLU A 66 -8.84 7.90 21.45
CA GLU A 66 -9.95 8.48 20.71
C GLU A 66 -9.60 9.91 20.26
N GLN A 67 -10.17 10.29 19.14
CA GLN A 67 -9.93 11.63 18.60
C GLN A 67 -10.38 11.71 17.14
N PRO A 68 -9.89 10.73 16.34
CA PRO A 68 -10.23 10.68 14.93
C PRO A 68 -11.66 10.16 14.73
N HIS A 69 -12.00 9.93 13.47
CA HIS A 69 -13.33 9.44 13.13
C HIS A 69 -13.32 7.91 13.10
N ILE A 70 -13.92 7.33 14.12
CA ILE A 70 -13.99 5.88 14.22
C ILE A 70 -15.37 5.40 13.77
N THR A 71 -15.35 4.44 12.85
CA THR A 71 -16.59 3.90 12.33
C THR A 71 -16.58 2.36 12.42
N SER A 72 -17.78 1.80 12.51
CA SER A 72 -17.92 0.36 12.61
C SER A 72 -18.57 -0.19 11.34
N GLN A 73 -17.73 -0.71 10.45
CA GLN A 73 -18.21 -1.27 9.20
C GLN A 73 -18.53 -2.76 9.37
N GLY A 74 -19.75 -3.02 9.83
CA GLY A 74 -20.19 -4.39 10.05
C GLY A 74 -19.38 -5.05 11.17
N ASP A 75 -18.30 -5.70 10.77
CA ASP A 75 -17.45 -6.38 11.73
C ASP A 75 -16.08 -5.72 11.74
N PHE A 76 -15.88 -4.81 10.79
CA PHE A 76 -14.62 -4.09 10.68
C PHE A 76 -14.74 -2.68 11.24
N LYS A 77 -13.61 -1.99 11.32
CA LYS A 77 -13.59 -0.63 11.82
C LYS A 77 -12.85 0.26 10.82
N VAL A 78 -13.07 1.56 10.97
CA VAL A 78 -12.44 2.54 10.09
C VAL A 78 -12.08 3.78 10.90
N TYR A 79 -10.78 3.96 11.07
CA TYR A 79 -10.28 5.11 11.82
C TYR A 79 -9.58 6.10 10.89
N ALA A 80 -10.28 7.18 10.58
CA ALA A 80 -9.74 8.21 9.71
C ALA A 80 -9.31 9.41 10.55
N ALA A 81 -8.16 9.97 10.18
CA ALA A 81 -7.63 11.11 10.89
C ALA A 81 -7.74 12.36 10.01
N PRO A 82 -7.58 13.54 10.65
CA PRO A 82 -7.65 14.81 9.93
C PRO A 82 -6.39 15.03 9.10
N GLY A 83 -5.25 14.76 9.72
CA GLY A 83 -3.97 14.93 9.06
C GLY A 83 -3.91 14.13 7.76
N ILE A 84 -4.13 12.82 7.91
CA ILE A 84 -4.10 11.93 6.76
C ILE A 84 -5.47 11.29 6.59
N GLU A 85 -5.70 10.75 5.40
CA GLU A 85 -6.96 10.11 5.09
C GLU A 85 -6.80 8.59 5.13
N ILE A 86 -6.36 8.10 6.28
CA ILE A 86 -6.16 6.68 6.45
C ILE A 86 -7.18 6.15 7.47
N TRP A 87 -7.93 5.15 7.04
CA TRP A 87 -8.94 4.54 7.90
C TRP A 87 -8.42 3.18 8.35
N CYS A 88 -7.90 3.16 9.58
CA CYS A 88 -7.37 1.92 10.14
C CYS A 88 -8.54 0.98 10.42
N GLY A 89 -8.31 -0.29 10.13
CA GLY A 89 -9.34 -1.30 10.35
C GLY A 89 -9.45 -2.24 9.15
N ASP A 90 -10.45 -1.97 8.32
CA ASP A 90 -10.68 -2.78 7.13
C ASP A 90 -10.79 -1.85 5.91
N PHE A 91 -10.67 -2.46 4.74
CA PHE A 91 -10.75 -1.71 3.50
C PHE A 91 -11.87 -2.27 2.60
N PHE A 92 -13.00 -1.58 2.63
CA PHE A 92 -14.15 -1.99 1.84
C PHE A 92 -15.37 -1.14 2.15
N ALA A 93 -15.28 0.14 1.76
CA ALA A 93 -16.36 1.07 1.99
C ALA A 93 -16.10 2.35 1.22
N LEU A 94 -14.84 2.78 1.24
CA LEU A 94 -14.44 3.99 0.54
C LEU A 94 -14.31 3.69 -0.96
N THR A 95 -14.20 4.75 -1.73
CA THR A 95 -14.07 4.62 -3.17
C THR A 95 -12.70 5.12 -3.63
N ALA A 96 -11.73 4.21 -3.59
CA ALA A 96 -10.38 4.52 -3.99
C ALA A 96 -10.41 5.20 -5.36
N ARG A 97 -11.55 5.08 -6.02
CA ARG A 97 -11.72 5.68 -7.34
C ARG A 97 -12.10 7.16 -7.20
N ASP A 98 -13.00 7.42 -6.27
CA ASP A 98 -13.46 8.78 -6.04
C ASP A 98 -12.37 9.56 -5.30
N ILE A 99 -11.50 8.81 -4.63
CA ILE A 99 -10.42 9.41 -3.87
C ILE A 99 -9.17 9.47 -4.76
N GLY A 100 -9.00 8.43 -5.57
CA GLY A 100 -7.86 8.36 -6.46
C GLY A 100 -8.05 9.27 -7.67
N HIS A 101 -9.01 8.90 -8.51
CA HIS A 101 -9.30 9.68 -9.70
C HIS A 101 -8.02 9.88 -10.51
N CYS A 102 -7.16 10.73 -9.98
CA CYS A 102 -5.90 11.03 -10.63
C CYS A 102 -4.82 11.16 -9.56
N ALA A 103 -3.66 10.57 -9.86
CA ALA A 103 -2.55 10.61 -8.93
C ALA A 103 -1.77 9.28 -9.00
N ALA A 104 -1.86 8.53 -7.91
CA ALA A 104 -1.19 7.24 -7.84
C ALA A 104 -1.75 6.44 -6.67
N PHE A 105 -1.15 5.28 -6.45
CA PHE A 105 -1.58 4.41 -5.37
C PHE A 105 -0.48 3.43 -4.98
N TYR A 106 -0.14 3.44 -3.70
CA TYR A 106 0.89 2.56 -3.18
C TYR A 106 0.28 1.37 -2.43
N ASP A 107 0.69 0.18 -2.83
CA ASP A 107 0.19 -1.03 -2.19
C ASP A 107 1.34 -1.72 -1.45
N ARG A 108 0.99 -2.34 -0.34
CA ARG A 108 1.98 -3.05 0.47
C ARG A 108 1.84 -4.56 0.28
N ALA A 109 2.80 -5.28 0.83
CA ALA A 109 2.81 -6.73 0.73
C ALA A 109 1.46 -7.27 1.21
N ALA A 110 0.61 -7.59 0.25
CA ALA A 110 -0.71 -8.13 0.56
C ALA A 110 -0.95 -9.39 -0.26
N MET A 111 -0.70 -9.28 -1.55
CA MET A 111 -0.88 -10.41 -2.45
C MET A 111 -0.01 -11.59 -2.04
N ILE A 112 1.18 -11.26 -1.54
CA ILE A 112 2.12 -12.28 -1.10
C ILE A 112 1.50 -13.07 0.05
N ALA A 113 0.44 -12.51 0.61
CA ALA A 113 -0.24 -13.16 1.72
C ALA A 113 -1.40 -13.99 1.18
N LEU A 114 -2.08 -13.44 0.19
CA LEU A 114 -3.22 -14.12 -0.42
C LEU A 114 -2.72 -14.98 -1.57
N PRO A 115 -3.58 -15.96 -1.98
CA PRO A 115 -3.24 -16.86 -3.06
C PRO A 115 -3.35 -16.14 -4.42
N ALA A 116 -3.59 -16.94 -5.44
CA ALA A 116 -3.71 -16.41 -6.79
C ALA A 116 -5.15 -15.93 -7.02
N ASP A 117 -6.05 -16.90 -7.08
CA ASP A 117 -7.46 -16.60 -7.29
C ASP A 117 -7.84 -15.35 -6.48
N MET A 118 -7.57 -15.44 -5.18
CA MET A 118 -7.87 -14.33 -4.29
C MET A 118 -7.30 -13.02 -4.82
N ARG A 119 -5.99 -13.02 -4.98
CA ARG A 119 -5.31 -11.83 -5.49
C ARG A 119 -5.94 -11.37 -6.80
N GLU A 120 -6.42 -12.34 -7.56
CA GLU A 120 -7.05 -12.04 -8.83
C GLU A 120 -8.29 -11.16 -8.63
N ARG A 121 -9.17 -11.64 -7.75
CA ARG A 121 -10.40 -10.91 -7.45
C ARG A 121 -10.07 -9.62 -6.68
N TYR A 122 -8.90 -9.62 -6.07
CA TYR A 122 -8.46 -8.47 -5.30
C TYR A 122 -7.98 -7.35 -6.22
N VAL A 123 -7.13 -7.72 -7.17
CA VAL A 123 -6.58 -6.76 -8.11
C VAL A 123 -7.72 -6.21 -8.97
N GLN A 124 -8.59 -7.11 -9.41
CA GLN A 124 -9.72 -6.73 -10.24
C GLN A 124 -10.63 -5.76 -9.48
N HIS A 125 -10.98 -6.17 -8.27
CA HIS A 125 -11.86 -5.36 -7.43
C HIS A 125 -11.19 -3.99 -7.18
N LEU A 126 -9.87 -4.03 -7.04
CA LEU A 126 -9.12 -2.82 -6.78
C LEU A 126 -9.20 -1.91 -8.02
N GLU A 127 -8.63 -2.40 -9.12
CA GLU A 127 -8.63 -1.65 -10.36
C GLU A 127 -10.06 -1.17 -10.68
N ALA A 128 -11.03 -1.89 -10.16
CA ALA A 128 -12.42 -1.55 -10.38
C ALA A 128 -12.76 -0.26 -9.63
N LEU A 129 -12.61 -0.33 -8.31
CA LEU A 129 -12.89 0.83 -7.46
C LEU A 129 -11.68 1.77 -7.48
N MET A 130 -10.73 1.44 -8.34
CA MET A 130 -9.53 2.25 -8.46
C MET A 130 -9.80 3.53 -9.23
N PRO A 131 -8.74 4.39 -9.33
CA PRO A 131 -8.86 5.64 -10.05
C PRO A 131 -8.86 5.42 -11.55
N GLN A 132 -8.73 6.52 -12.29
CA GLN A 132 -8.72 6.46 -13.74
C GLN A 132 -7.28 6.58 -14.26
N ALA A 133 -6.56 7.54 -13.69
CA ALA A 133 -5.18 7.76 -14.10
C ALA A 133 -4.32 7.99 -12.85
N CYS A 134 -3.67 6.92 -12.41
CA CYS A 134 -2.81 6.99 -11.24
C CYS A 134 -1.68 5.97 -11.41
N SER A 135 -0.56 6.28 -10.78
CA SER A 135 0.60 5.40 -10.86
C SER A 135 0.65 4.49 -9.62
N GLY A 136 0.37 3.23 -9.85
CA GLY A 136 0.38 2.25 -8.78
C GLY A 136 1.78 1.67 -8.56
N LEU A 137 2.05 1.27 -7.33
CA LEU A 137 3.35 0.72 -6.98
C LEU A 137 3.21 -0.13 -5.71
N LEU A 138 3.34 -1.44 -5.89
CA LEU A 138 3.24 -2.36 -4.78
C LEU A 138 4.64 -2.77 -4.32
N ILE A 139 4.77 -3.00 -3.03
CA ILE A 139 6.05 -3.39 -2.46
C ILE A 139 5.88 -4.73 -1.71
N THR A 140 6.40 -5.78 -2.32
CA THR A 140 6.30 -7.10 -1.74
C THR A 140 7.69 -7.57 -1.27
N LEU A 141 7.69 -8.70 -0.58
CA LEU A 141 8.93 -9.27 -0.09
C LEU A 141 8.90 -10.79 -0.25
N GLU A 142 10.03 -11.41 0.04
CA GLU A 142 10.15 -12.85 -0.08
C GLU A 142 10.67 -13.45 1.23
N TYR A 143 11.97 -13.29 1.45
CA TYR A 143 12.60 -13.80 2.64
C TYR A 143 11.57 -13.99 3.77
N ASP A 144 11.22 -12.87 4.39
CA ASP A 144 10.25 -12.89 5.47
C ASP A 144 9.29 -14.07 5.28
N GLN A 145 8.86 -14.63 6.39
CA GLN A 145 7.95 -15.75 6.37
C GLN A 145 7.97 -16.49 7.71
N ALA A 146 9.06 -16.29 8.45
CA ALA A 146 9.22 -16.92 9.74
C ALA A 146 9.58 -15.86 10.78
N LEU A 147 8.86 -14.75 10.72
CA LEU A 147 9.10 -13.66 11.66
C LEU A 147 8.20 -12.48 11.29
N LEU A 148 7.95 -12.35 10.00
CA LEU A 148 7.10 -11.27 9.51
C LEU A 148 5.63 -11.72 9.56
N GLU A 149 4.75 -10.74 9.68
CA GLU A 149 3.33 -11.02 9.72
C GLU A 149 2.89 -11.79 8.48
N GLY A 150 2.54 -13.06 8.69
CA GLY A 150 2.12 -13.91 7.60
C GLY A 150 3.26 -14.20 6.64
N PRO A 151 3.22 -15.42 6.04
CA PRO A 151 4.24 -15.84 5.10
C PRO A 151 4.08 -15.12 3.76
N PRO A 152 5.04 -14.21 3.48
CA PRO A 152 5.02 -13.45 2.23
C PRO A 152 5.46 -14.32 1.05
N PHE A 153 4.52 -14.57 0.16
CA PHE A 153 4.80 -15.39 -1.00
C PHE A 153 5.21 -14.52 -2.19
N SER A 154 6.49 -14.14 -2.19
CA SER A 154 7.02 -13.31 -3.26
C SER A 154 6.19 -13.51 -4.54
N VAL A 155 5.27 -12.58 -4.76
CA VAL A 155 4.41 -12.64 -5.92
C VAL A 155 5.24 -12.31 -7.17
N PRO A 156 5.17 -13.23 -8.16
CA PRO A 156 5.91 -13.05 -9.40
C PRO A 156 5.23 -12.02 -10.29
N GLN A 157 5.95 -10.92 -10.51
CA GLN A 157 5.44 -9.84 -11.34
C GLN A 157 4.70 -10.41 -12.56
N THR A 158 5.18 -11.55 -13.02
CA THR A 158 4.57 -12.20 -14.17
C THR A 158 3.09 -12.46 -13.92
N TRP A 159 2.77 -12.76 -12.67
CA TRP A 159 1.40 -13.02 -12.29
C TRP A 159 0.59 -11.74 -12.49
N LEU A 160 1.02 -10.69 -11.81
CA LEU A 160 0.35 -9.40 -11.91
C LEU A 160 0.23 -9.01 -13.39
N HIS A 161 1.16 -9.51 -14.18
CA HIS A 161 1.17 -9.22 -15.60
C HIS A 161 0.23 -10.19 -16.32
N ARG A 162 -0.01 -11.32 -15.67
CA ARG A 162 -0.88 -12.34 -16.23
C ARG A 162 -2.35 -12.01 -15.93
N VAL A 163 -2.55 -11.43 -14.76
CA VAL A 163 -3.89 -11.06 -14.34
C VAL A 163 -4.00 -9.54 -14.26
N MET A 164 -3.21 -8.97 -13.37
CA MET A 164 -3.20 -7.53 -13.17
C MET A 164 -2.89 -6.81 -14.48
N SER A 165 -2.81 -7.59 -15.55
CA SER A 165 -2.52 -7.04 -16.86
C SER A 165 -3.82 -6.83 -17.64
N GLY A 166 -4.37 -5.64 -17.51
CA GLY A 166 -5.61 -5.32 -18.20
C GLY A 166 -6.31 -4.13 -17.53
N ASN A 167 -5.57 -3.05 -17.38
CA ASN A 167 -6.11 -1.85 -16.76
C ASN A 167 -4.98 -1.05 -16.11
N TRP A 168 -3.88 -1.76 -15.84
CA TRP A 168 -2.73 -1.14 -15.23
C TRP A 168 -1.47 -1.81 -15.80
N GLU A 169 -0.54 -0.99 -16.24
CA GLU A 169 0.70 -1.49 -16.81
C GLU A 169 1.69 -1.82 -15.69
N VAL A 170 1.62 -3.07 -15.24
CA VAL A 170 2.51 -3.53 -14.18
C VAL A 170 3.94 -3.62 -14.72
N THR A 171 4.88 -3.58 -13.80
CA THR A 171 6.30 -3.66 -14.17
C THR A 171 7.12 -4.14 -12.97
N LYS A 172 8.08 -5.01 -13.27
CA LYS A 172 8.95 -5.55 -12.24
C LYS A 172 9.92 -4.46 -11.77
N VAL A 173 10.30 -4.56 -10.51
CA VAL A 173 11.22 -3.59 -9.93
C VAL A 173 11.65 -4.08 -8.54
N GLY A 174 12.66 -3.39 -8.00
CA GLY A 174 13.16 -3.74 -6.69
C GLY A 174 14.24 -4.84 -6.80
N GLY A 175 14.35 -5.61 -5.73
CA GLY A 175 15.33 -6.69 -5.69
C GLY A 175 15.51 -7.22 -4.26
N GLN A 176 16.46 -8.11 -4.12
CA GLN A 176 16.76 -8.70 -2.82
C GLN A 176 17.99 -8.04 -2.20
N ASP A 177 18.14 -8.25 -0.89
CA ASP A 177 19.27 -7.69 -0.18
C ASP A 177 18.95 -6.25 0.22
N THR A 178 17.85 -5.74 -0.32
CA THR A 178 17.42 -4.39 -0.03
C THR A 178 16.20 -4.40 0.89
N LEU A 179 16.44 -4.71 2.15
CA LEU A 179 15.36 -4.76 3.13
C LEU A 179 15.23 -3.39 3.80
N HIS A 180 16.28 -2.60 3.69
CA HIS A 180 16.29 -1.27 4.27
C HIS A 180 15.49 -0.31 3.38
N SER A 181 14.72 -0.91 2.47
CA SER A 181 13.89 -0.13 1.57
C SER A 181 12.44 -0.10 2.07
N SER A 182 12.12 -1.05 2.93
CA SER A 182 10.79 -1.14 3.48
C SER A 182 10.85 -0.99 5.00
N ALA A 183 9.70 -0.66 5.58
CA ALA A 183 9.61 -0.47 7.02
C ALA A 183 9.18 -1.80 7.66
N ARG A 184 8.37 -2.54 6.92
CA ARG A 184 7.87 -3.82 7.40
C ARG A 184 9.02 -4.62 8.01
N GLY A 185 10.23 -4.32 7.57
CA GLY A 185 11.41 -5.01 8.05
C GLY A 185 11.73 -4.60 9.49
N LEU A 186 11.77 -3.29 9.70
CA LEU A 186 12.06 -2.76 11.02
C LEU A 186 10.86 -2.99 11.94
N LYS A 187 9.73 -3.31 11.32
CA LYS A 187 8.51 -3.56 12.08
C LYS A 187 8.58 -4.97 12.67
N ALA A 188 8.75 -5.95 11.81
CA ALA A 188 8.82 -7.33 12.24
C ALA A 188 10.19 -7.59 12.88
N GLY A 189 11.21 -7.01 12.27
CA GLY A 189 12.56 -7.17 12.77
C GLY A 189 13.33 -8.20 11.95
N LEU A 190 13.61 -7.84 10.71
CA LEU A 190 14.34 -8.73 9.82
C LEU A 190 15.74 -8.16 9.56
N GLU A 191 15.78 -6.85 9.37
CA GLU A 191 17.03 -6.17 9.12
C GLU A 191 17.81 -6.88 8.00
N ARG A 192 17.06 -7.59 7.16
CA ARG A 192 17.65 -8.31 6.05
C ARG A 192 16.63 -9.26 5.43
N MET A 193 16.18 -8.89 4.24
CA MET A 193 15.20 -9.71 3.53
C MET A 193 15.00 -9.19 2.10
N ASP A 194 14.78 -10.12 1.19
CA ASP A 194 14.55 -9.77 -0.21
C ASP A 194 13.24 -9.01 -0.34
N GLU A 195 13.29 -7.93 -1.10
CA GLU A 195 12.11 -7.10 -1.32
C GLU A 195 11.84 -6.95 -2.81
N HIS A 196 10.71 -7.49 -3.22
CA HIS A 196 10.32 -7.42 -4.63
C HIS A 196 9.24 -6.36 -4.80
N VAL A 197 9.54 -5.40 -5.67
CA VAL A 197 8.60 -4.32 -5.94
C VAL A 197 8.13 -4.41 -7.39
N TYR A 198 6.90 -3.95 -7.61
CA TYR A 198 6.32 -3.99 -8.94
C TYR A 198 5.37 -2.80 -9.14
N VAL A 199 5.71 -1.97 -10.11
CA VAL A 199 4.90 -0.80 -10.42
C VAL A 199 3.74 -1.22 -11.34
N LEU A 200 2.80 -0.30 -11.48
CA LEU A 200 1.64 -0.56 -12.33
C LEU A 200 0.95 0.77 -12.65
N GLU A 201 1.04 1.15 -13.92
CA GLU A 201 0.44 2.39 -14.36
C GLU A 201 -1.07 2.21 -14.52
N ARG A 202 -1.80 2.70 -13.52
CA ARG A 202 -3.25 2.60 -13.53
C ARG A 202 -3.83 3.50 -14.61
N VAL A 203 -4.20 2.88 -15.73
CA VAL A 203 -4.77 3.61 -16.84
C VAL A 203 -6.29 3.72 -16.65
N HIS A 3 13.57 14.10 5.28
CA HIS A 3 12.21 13.61 5.24
C HIS A 3 12.20 12.12 4.91
N GLN A 4 12.57 11.83 3.66
CA GLN A 4 12.61 10.45 3.20
C GLN A 4 13.13 9.53 4.31
N SER A 5 14.43 9.63 4.57
CA SER A 5 15.05 8.82 5.60
C SER A 5 15.06 7.35 5.17
N GLU A 6 13.91 6.72 5.29
CA GLU A 6 13.78 5.32 4.92
C GLU A 6 12.45 5.07 4.22
N VAL A 7 12.43 5.32 2.93
CA VAL A 7 11.22 5.14 2.14
C VAL A 7 11.57 4.34 0.87
N ASN A 8 10.63 3.49 0.48
CA ASN A 8 10.82 2.66 -0.70
C ASN A 8 11.63 3.45 -1.73
N LYS A 9 12.90 3.09 -1.84
CA LYS A 9 13.79 3.75 -2.79
C LYS A 9 13.07 3.90 -4.14
N ASP A 10 12.39 2.83 -4.52
CA ASP A 10 11.65 2.84 -5.77
C ASP A 10 10.54 3.89 -5.72
N LEU A 11 9.88 3.94 -4.57
CA LEU A 11 8.79 4.88 -4.36
C LEU A 11 9.31 6.30 -4.62
N GLN A 12 10.23 6.73 -3.77
CA GLN A 12 10.81 8.06 -3.88
C GLN A 12 11.46 8.23 -5.25
N GLN A 13 11.91 7.11 -5.80
CA GLN A 13 12.56 7.12 -7.10
C GLN A 13 11.53 7.36 -8.20
N TYR A 14 10.84 6.29 -8.57
CA TYR A 14 9.83 6.37 -9.61
C TYR A 14 8.95 7.61 -9.42
N TRP A 15 8.51 7.82 -8.19
CA TRP A 15 7.67 8.95 -7.87
C TRP A 15 8.43 10.23 -8.24
N SER A 16 9.63 10.34 -7.67
CA SER A 16 10.47 11.49 -7.94
C SER A 16 10.51 11.79 -9.44
N SER A 17 10.47 10.71 -10.22
CA SER A 17 10.51 10.84 -11.67
C SER A 17 9.09 11.08 -12.20
N LEU A 18 8.17 10.24 -11.75
CA LEU A 18 6.78 10.34 -12.17
C LEU A 18 6.36 11.82 -12.17
N ASN A 19 6.59 12.46 -11.03
CA ASN A 19 6.25 13.86 -10.87
C ASN A 19 4.73 14.03 -11.05
N VAL A 20 4.01 13.06 -10.53
CA VAL A 20 2.55 13.09 -10.62
C VAL A 20 2.04 14.44 -10.11
N VAL A 21 0.91 14.85 -10.67
CA VAL A 21 0.30 16.12 -10.28
C VAL A 21 0.55 16.35 -8.79
N PRO A 22 0.80 17.65 -8.44
CA PRO A 22 1.05 18.01 -7.06
C PRO A 22 -0.25 18.01 -6.24
N GLY A 23 -0.42 16.95 -5.47
CA GLY A 23 -1.61 16.81 -4.64
C GLY A 23 -2.42 15.59 -5.06
N ALA A 24 -1.96 14.93 -6.10
CA ALA A 24 -2.63 13.75 -6.61
C ALA A 24 -3.04 12.86 -5.43
N ARG A 25 -4.06 12.04 -5.67
CA ARG A 25 -4.54 11.14 -4.65
C ARG A 25 -3.66 9.89 -4.55
N VAL A 26 -3.08 9.71 -3.38
CA VAL A 26 -2.20 8.57 -3.15
C VAL A 26 -2.97 7.51 -2.35
N LEU A 27 -3.55 6.57 -3.08
CA LEU A 27 -4.31 5.50 -2.46
C LEU A 27 -3.34 4.43 -1.93
N VAL A 28 -3.66 3.93 -0.75
CA VAL A 28 -2.83 2.92 -0.12
C VAL A 28 -3.71 1.97 0.71
N PRO A 29 -3.99 0.78 0.13
CA PRO A 29 -4.82 -0.20 0.80
C PRO A 29 -4.04 -0.89 1.93
N LEU A 30 -4.73 -1.07 3.05
CA LEU A 30 -4.12 -1.72 4.20
C LEU A 30 -2.60 -1.55 4.13
N CYS A 31 -2.18 -0.29 4.02
CA CYS A 31 -0.77 0.01 3.94
C CYS A 31 -0.19 0.00 5.36
N GLY A 32 -1.01 0.44 6.30
CA GLY A 32 -0.59 0.47 7.70
C GLY A 32 0.49 1.53 7.92
N LYS A 33 0.14 2.77 7.58
CA LYS A 33 1.05 3.88 7.74
C LYS A 33 2.48 3.39 7.45
N SER A 34 2.88 3.59 6.21
CA SER A 34 4.22 3.17 5.80
C SER A 34 5.02 4.40 5.33
N GLN A 35 6.32 4.19 5.14
CA GLN A 35 7.20 5.25 4.70
C GLN A 35 6.67 5.87 3.40
N ASP A 36 6.01 5.02 2.62
CA ASP A 36 5.47 5.47 1.34
C ASP A 36 4.53 6.66 1.58
N MET A 37 3.55 6.44 2.45
CA MET A 37 2.59 7.48 2.78
C MET A 37 3.29 8.68 3.42
N SER A 38 4.11 8.38 4.41
CA SER A 38 4.84 9.43 5.12
C SER A 38 5.62 10.29 4.12
N TRP A 39 6.16 9.63 3.12
CA TRP A 39 6.94 10.31 2.10
C TRP A 39 5.98 11.21 1.31
N LEU A 40 4.82 10.65 0.99
CA LEU A 40 3.81 11.38 0.24
C LEU A 40 3.44 12.65 1.00
N SER A 41 3.22 12.49 2.30
CA SER A 41 2.86 13.61 3.14
C SER A 41 3.99 14.65 3.14
N GLY A 42 5.21 14.15 3.17
CA GLY A 42 6.38 15.01 3.17
C GLY A 42 6.51 15.77 1.84
N GLN A 43 6.03 15.12 0.79
CA GLN A 43 6.08 15.72 -0.54
C GLN A 43 4.93 16.72 -0.72
N GLY A 44 3.78 16.35 -0.16
CA GLY A 44 2.60 17.20 -0.26
C GLY A 44 1.58 16.61 -1.24
N TYR A 45 1.04 15.46 -0.85
CA TYR A 45 0.06 14.79 -1.68
C TYR A 45 -1.16 14.36 -0.85
N HIS A 46 -2.19 13.91 -1.56
CA HIS A 46 -3.41 13.47 -0.90
C HIS A 46 -3.24 12.02 -0.45
N VAL A 47 -2.54 11.86 0.67
CA VAL A 47 -2.31 10.53 1.22
C VAL A 47 -3.63 9.95 1.73
N VAL A 48 -4.08 8.90 1.06
CA VAL A 48 -5.33 8.25 1.43
C VAL A 48 -5.14 6.73 1.37
N GLY A 49 -5.61 6.06 2.42
CA GLY A 49 -5.50 4.62 2.50
C GLY A 49 -6.26 4.09 3.72
N ALA A 50 -6.09 2.80 3.95
CA ALA A 50 -6.74 2.14 5.07
C ALA A 50 -5.81 1.09 5.66
N GLU A 51 -6.18 0.61 6.84
CA GLU A 51 -5.38 -0.40 7.52
C GLU A 51 -6.25 -1.61 7.89
N LEU A 52 -5.81 -2.77 7.45
CA LEU A 52 -6.54 -3.99 7.72
C LEU A 52 -6.07 -4.58 9.07
N SER A 53 -6.37 -3.84 10.12
CA SER A 53 -6.00 -4.27 11.46
C SER A 53 -6.97 -3.70 12.49
N GLU A 54 -7.39 -4.57 13.40
CA GLU A 54 -8.32 -4.17 14.44
C GLU A 54 -7.56 -3.64 15.66
N ALA A 55 -6.78 -4.52 16.26
CA ALA A 55 -6.01 -4.16 17.43
C ALA A 55 -5.20 -2.90 17.13
N ALA A 56 -4.89 -2.72 15.85
CA ALA A 56 -4.13 -1.57 15.41
C ALA A 56 -4.95 -0.30 15.65
N VAL A 57 -6.19 -0.35 15.21
CA VAL A 57 -7.09 0.79 15.36
C VAL A 57 -7.27 1.10 16.86
N GLU A 58 -7.38 0.04 17.64
CA GLU A 58 -7.55 0.18 19.07
C GLU A 58 -6.31 0.84 19.69
N ARG A 59 -5.15 0.37 19.24
CA ARG A 59 -3.89 0.91 19.74
C ARG A 59 -3.79 2.39 19.42
N TYR A 60 -4.31 2.76 18.26
CA TYR A 60 -4.28 4.15 17.83
C TYR A 60 -5.22 5.00 18.68
N PHE A 61 -6.37 4.44 18.98
CA PHE A 61 -7.36 5.14 19.79
C PHE A 61 -6.90 5.25 21.23
N THR A 62 -6.07 4.31 21.64
CA THR A 62 -5.56 4.29 23.00
C THR A 62 -4.35 5.23 23.12
N GLU A 63 -3.56 5.27 22.06
CA GLU A 63 -2.38 6.10 22.04
C GLU A 63 -2.78 7.58 21.85
N ARG A 64 -3.72 7.78 20.95
CA ARG A 64 -4.21 9.13 20.67
C ARG A 64 -5.27 9.54 21.68
N GLY A 65 -6.08 8.56 22.07
CA GLY A 65 -7.14 8.80 23.03
C GLY A 65 -8.36 9.43 22.36
N GLU A 66 -8.63 8.95 21.15
CA GLU A 66 -9.77 9.46 20.38
C GLU A 66 -9.44 10.85 19.82
N GLN A 67 -10.10 11.17 18.72
CA GLN A 67 -9.90 12.46 18.07
C GLN A 67 -10.39 12.41 16.62
N PRO A 68 -9.93 11.36 15.89
CA PRO A 68 -10.32 11.19 14.51
C PRO A 68 -11.76 10.69 14.40
N HIS A 69 -12.13 10.32 13.18
CA HIS A 69 -13.47 9.83 12.91
C HIS A 69 -13.47 8.30 12.96
N ILE A 70 -14.09 7.76 13.99
CA ILE A 70 -14.17 6.33 14.17
C ILE A 70 -15.48 5.81 13.57
N THR A 71 -15.36 4.76 12.77
CA THR A 71 -16.51 4.16 12.13
C THR A 71 -16.52 2.64 12.33
N SER A 72 -17.71 2.07 12.22
CA SER A 72 -17.86 0.63 12.38
C SER A 72 -18.05 -0.03 11.02
N GLN A 73 -17.38 -1.16 10.86
CA GLN A 73 -17.48 -1.90 9.61
C GLN A 73 -17.37 -3.41 9.88
N GLY A 74 -18.51 -4.01 10.15
CA GLY A 74 -18.56 -5.44 10.43
C GLY A 74 -17.66 -5.79 11.60
N ASP A 75 -16.67 -6.63 11.31
CA ASP A 75 -15.72 -7.06 12.33
C ASP A 75 -14.48 -6.18 12.28
N PHE A 76 -14.67 -4.98 11.73
CA PHE A 76 -13.57 -4.04 11.61
C PHE A 76 -14.04 -2.61 11.93
N LYS A 77 -13.08 -1.71 11.98
CA LYS A 77 -13.37 -0.31 12.27
C LYS A 77 -12.81 0.56 11.16
N VAL A 78 -13.10 1.86 11.26
CA VAL A 78 -12.62 2.81 10.27
C VAL A 78 -12.24 4.11 10.97
N TYR A 79 -10.95 4.26 11.23
CA TYR A 79 -10.44 5.45 11.89
C TYR A 79 -9.74 6.37 10.90
N ALA A 80 -10.45 7.41 10.49
CA ALA A 80 -9.89 8.36 9.54
C ALA A 80 -9.51 9.64 10.29
N ALA A 81 -8.38 10.21 9.87
CA ALA A 81 -7.89 11.43 10.48
C ALA A 81 -8.06 12.60 9.50
N PRO A 82 -8.00 13.83 10.06
CA PRO A 82 -8.14 15.03 9.24
C PRO A 82 -6.87 15.30 8.45
N GLY A 83 -5.74 15.05 9.09
CA GLY A 83 -4.45 15.26 8.45
C GLY A 83 -4.28 14.33 7.24
N ILE A 84 -4.45 13.04 7.49
CA ILE A 84 -4.32 12.05 6.45
C ILE A 84 -5.65 11.32 6.26
N GLU A 85 -5.82 10.74 5.09
CA GLU A 85 -7.04 10.00 4.78
C GLU A 85 -6.84 8.51 5.01
N ILE A 86 -6.29 8.19 6.17
CA ILE A 86 -6.04 6.80 6.53
C ILE A 86 -7.09 6.34 7.54
N TRP A 87 -7.82 5.29 7.16
CA TRP A 87 -8.85 4.75 8.02
C TRP A 87 -8.36 3.39 8.54
N CYS A 88 -8.03 3.37 9.82
CA CYS A 88 -7.56 2.15 10.44
C CYS A 88 -8.75 1.22 10.64
N GLY A 89 -8.48 -0.08 10.48
CA GLY A 89 -9.53 -1.08 10.64
C GLY A 89 -9.60 -2.00 9.42
N ASP A 90 -10.56 -1.70 8.55
CA ASP A 90 -10.74 -2.49 7.34
C ASP A 90 -10.72 -1.55 6.13
N PHE A 91 -10.53 -2.16 4.97
CA PHE A 91 -10.49 -1.40 3.73
C PHE A 91 -11.56 -1.88 2.76
N PHE A 92 -11.64 -1.19 1.62
CA PHE A 92 -12.62 -1.54 0.60
C PHE A 92 -13.99 -0.99 0.96
N ALA A 93 -14.04 0.31 1.20
CA ALA A 93 -15.28 0.97 1.55
C ALA A 93 -15.07 2.49 1.59
N LEU A 94 -14.18 2.95 0.72
CA LEU A 94 -13.87 4.36 0.64
C LEU A 94 -13.72 4.77 -0.82
N THR A 95 -14.23 3.92 -1.70
CA THR A 95 -14.16 4.18 -3.13
C THR A 95 -12.86 4.88 -3.48
N ALA A 96 -11.80 4.10 -3.53
CA ALA A 96 -10.48 4.63 -3.86
C ALA A 96 -10.51 5.23 -5.26
N ARG A 97 -11.61 4.95 -5.97
CA ARG A 97 -11.77 5.45 -7.32
C ARG A 97 -12.28 6.89 -7.29
N ASP A 98 -13.21 7.14 -6.38
CA ASP A 98 -13.79 8.47 -6.24
C ASP A 98 -12.80 9.37 -5.50
N ILE A 99 -12.15 8.80 -4.50
CA ILE A 99 -11.17 9.54 -3.71
C ILE A 99 -9.86 9.62 -4.48
N GLY A 100 -9.54 8.53 -5.17
CA GLY A 100 -8.32 8.46 -5.95
C GLY A 100 -8.43 9.32 -7.21
N HIS A 101 -9.29 8.89 -8.12
CA HIS A 101 -9.49 9.61 -9.36
C HIS A 101 -8.22 9.53 -10.21
N CYS A 102 -7.18 10.21 -9.74
CA CYS A 102 -5.91 10.22 -10.46
C CYS A 102 -4.81 10.52 -9.44
N ALA A 103 -3.63 9.96 -9.71
CA ALA A 103 -2.49 10.16 -8.84
C ALA A 103 -1.63 8.89 -8.84
N ALA A 104 -1.71 8.16 -7.74
CA ALA A 104 -0.94 6.93 -7.61
C ALA A 104 -1.52 6.11 -6.45
N PHE A 105 -1.14 4.84 -6.42
CA PHE A 105 -1.60 3.93 -5.39
C PHE A 105 -0.50 2.95 -4.99
N TYR A 106 -0.09 3.05 -3.74
CA TYR A 106 0.95 2.17 -3.23
C TYR A 106 0.34 0.95 -2.53
N ASP A 107 0.85 -0.22 -2.88
CA ASP A 107 0.38 -1.45 -2.30
C ASP A 107 1.53 -2.16 -1.60
N ARG A 108 1.30 -2.52 -0.35
CA ARG A 108 2.30 -3.22 0.44
C ARG A 108 2.00 -4.71 0.50
N ALA A 109 2.96 -5.46 1.02
CA ALA A 109 2.81 -6.90 1.14
C ALA A 109 1.39 -7.22 1.61
N ALA A 110 0.57 -7.63 0.66
CA ALA A 110 -0.81 -7.97 0.95
C ALA A 110 -1.26 -9.10 0.03
N MET A 111 -1.05 -8.90 -1.26
CA MET A 111 -1.43 -9.89 -2.25
C MET A 111 -0.62 -11.18 -2.07
N ILE A 112 0.64 -11.01 -1.67
CA ILE A 112 1.51 -12.14 -1.47
C ILE A 112 0.98 -12.99 -0.31
N ALA A 113 0.02 -12.42 0.41
CA ALA A 113 -0.59 -13.12 1.54
C ALA A 113 -1.58 -14.14 1.02
N LEU A 114 -2.49 -13.67 0.17
CA LEU A 114 -3.50 -14.54 -0.40
C LEU A 114 -2.89 -15.35 -1.54
N PRO A 115 -3.64 -16.40 -1.98
CA PRO A 115 -3.18 -17.26 -3.06
C PRO A 115 -3.32 -16.55 -4.41
N ALA A 116 -3.48 -17.36 -5.45
CA ALA A 116 -3.62 -16.84 -6.79
C ALA A 116 -5.03 -16.28 -6.97
N ASP A 117 -6.00 -17.20 -6.94
CA ASP A 117 -7.40 -16.82 -7.10
C ASP A 117 -7.65 -15.51 -6.35
N MET A 118 -7.48 -15.58 -5.03
CA MET A 118 -7.69 -14.41 -4.19
C MET A 118 -6.90 -13.21 -4.71
N ARG A 119 -5.64 -13.46 -5.04
CA ARG A 119 -4.78 -12.40 -5.55
C ARG A 119 -5.45 -11.70 -6.73
N GLU A 120 -5.99 -12.52 -7.63
CA GLU A 120 -6.66 -11.99 -8.81
C GLU A 120 -7.85 -11.13 -8.41
N ARG A 121 -8.75 -11.74 -7.65
CA ARG A 121 -9.94 -11.06 -7.19
C ARG A 121 -9.56 -9.78 -6.44
N TYR A 122 -8.33 -9.77 -5.93
CA TYR A 122 -7.84 -8.63 -5.19
C TYR A 122 -7.36 -7.52 -6.14
N VAL A 123 -6.49 -7.91 -7.06
CA VAL A 123 -5.95 -6.97 -8.03
C VAL A 123 -7.09 -6.39 -8.85
N GLN A 124 -8.06 -7.24 -9.16
CA GLN A 124 -9.21 -6.82 -9.94
C GLN A 124 -10.10 -5.89 -9.12
N HIS A 125 -10.43 -6.34 -7.92
CA HIS A 125 -11.27 -5.55 -7.04
C HIS A 125 -10.64 -4.18 -6.83
N LEU A 126 -9.34 -4.18 -6.65
CA LEU A 126 -8.61 -2.94 -6.44
C LEU A 126 -8.80 -2.03 -7.65
N GLU A 127 -8.31 -2.49 -8.78
CA GLU A 127 -8.42 -1.74 -10.02
C GLU A 127 -9.88 -1.36 -10.28
N ALA A 128 -10.78 -2.09 -9.62
CA ALA A 128 -12.20 -1.84 -9.78
C ALA A 128 -12.57 -0.55 -9.05
N LEU A 129 -12.16 -0.48 -7.79
CA LEU A 129 -12.44 0.68 -6.97
C LEU A 129 -11.29 1.69 -7.11
N MET A 130 -10.36 1.35 -7.99
CA MET A 130 -9.21 2.20 -8.22
C MET A 130 -9.61 3.48 -8.97
N PRO A 131 -8.62 4.40 -9.12
CA PRO A 131 -8.86 5.65 -9.81
C PRO A 131 -8.93 5.43 -11.32
N GLN A 132 -8.87 6.54 -12.05
CA GLN A 132 -8.92 6.49 -13.50
C GLN A 132 -7.51 6.58 -14.09
N ALA A 133 -6.75 7.53 -13.56
CA ALA A 133 -5.39 7.74 -14.02
C ALA A 133 -4.48 7.97 -12.81
N CYS A 134 -3.74 6.92 -12.48
CA CYS A 134 -2.82 6.99 -11.35
C CYS A 134 -1.70 5.97 -11.59
N SER A 135 -0.66 6.08 -10.76
CA SER A 135 0.48 5.18 -10.86
C SER A 135 0.56 4.29 -9.62
N GLY A 136 0.28 3.02 -9.84
CA GLY A 136 0.32 2.05 -8.75
C GLY A 136 1.75 1.55 -8.52
N LEU A 137 1.99 1.14 -7.28
CA LEU A 137 3.31 0.63 -6.90
C LEU A 137 3.15 -0.47 -5.86
N LEU A 138 3.21 -1.70 -6.33
CA LEU A 138 3.08 -2.85 -5.45
C LEU A 138 4.45 -3.22 -4.89
N ILE A 139 4.43 -3.72 -3.67
CA ILE A 139 5.67 -4.11 -3.00
C ILE A 139 5.49 -5.50 -2.39
N THR A 140 6.16 -6.47 -2.99
CA THR A 140 6.09 -7.85 -2.51
C THR A 140 7.46 -8.31 -2.00
N LEU A 141 7.49 -9.54 -1.51
CA LEU A 141 8.72 -10.11 -1.00
C LEU A 141 8.69 -11.62 -1.19
N GLU A 142 9.81 -12.25 -0.88
CA GLU A 142 9.93 -13.69 -1.00
C GLU A 142 10.60 -14.29 0.24
N TYR A 143 11.92 -14.19 0.25
CA TYR A 143 12.69 -14.71 1.38
C TYR A 143 11.83 -14.81 2.64
N ASP A 144 11.47 -13.65 3.16
CA ASP A 144 10.66 -13.59 4.36
C ASP A 144 9.69 -14.78 4.37
N GLN A 145 9.40 -15.24 5.58
CA GLN A 145 8.50 -16.37 5.75
C GLN A 145 8.39 -16.76 7.22
N ALA A 146 9.51 -16.57 7.93
CA ALA A 146 9.55 -16.90 9.34
C ALA A 146 10.11 -15.70 10.11
N LEU A 147 9.39 -14.59 10.02
CA LEU A 147 9.79 -13.37 10.70
C LEU A 147 8.93 -12.21 10.22
N LEU A 148 8.34 -12.40 9.04
CA LEU A 148 7.48 -11.38 8.47
C LEU A 148 6.02 -11.73 8.73
N GLU A 149 5.30 -10.79 9.32
CA GLU A 149 3.90 -10.99 9.63
C GLU A 149 3.17 -11.61 8.44
N GLY A 150 2.96 -12.91 8.54
CA GLY A 150 2.27 -13.64 7.48
C GLY A 150 3.28 -14.14 6.43
N PRO A 151 3.02 -15.38 5.94
CA PRO A 151 3.88 -15.98 4.94
C PRO A 151 3.64 -15.35 3.57
N PRO A 152 4.66 -14.58 3.10
CA PRO A 152 4.58 -13.93 1.80
C PRO A 152 4.77 -14.93 0.67
N PHE A 153 3.92 -14.80 -0.34
CA PHE A 153 3.98 -15.68 -1.49
C PHE A 153 4.57 -14.97 -2.71
N SER A 154 5.89 -15.01 -2.80
CA SER A 154 6.59 -14.38 -3.90
C SER A 154 5.71 -14.37 -5.15
N VAL A 155 5.38 -13.17 -5.60
CA VAL A 155 4.55 -13.00 -6.77
C VAL A 155 5.42 -12.59 -7.96
N PRO A 156 5.43 -13.48 -8.99
CA PRO A 156 6.22 -13.23 -10.19
C PRO A 156 5.56 -12.16 -11.06
N GLN A 157 6.31 -11.09 -11.32
CA GLN A 157 5.81 -10.01 -12.13
C GLN A 157 5.02 -10.55 -13.33
N THR A 158 5.37 -11.77 -13.73
CA THR A 158 4.71 -12.41 -14.84
C THR A 158 3.23 -12.62 -14.54
N TRP A 159 2.97 -13.10 -13.33
CA TRP A 159 1.60 -13.35 -12.90
C TRP A 159 0.87 -12.01 -12.86
N LEU A 160 1.48 -11.06 -12.17
CA LEU A 160 0.89 -9.73 -12.04
C LEU A 160 0.62 -9.17 -13.44
N HIS A 161 1.47 -9.56 -14.38
CA HIS A 161 1.32 -9.10 -15.75
C HIS A 161 0.32 -10.00 -16.48
N ARG A 162 0.10 -11.17 -15.92
CA ARG A 162 -0.83 -12.13 -16.51
C ARG A 162 -2.27 -11.78 -16.12
N VAL A 163 -2.42 -11.33 -14.89
CA VAL A 163 -3.74 -10.97 -14.38
C VAL A 163 -3.78 -9.46 -14.12
N MET A 164 -2.89 -9.02 -13.25
CA MET A 164 -2.81 -7.61 -12.90
C MET A 164 -2.58 -6.75 -14.14
N SER A 165 -2.63 -7.41 -15.29
CA SER A 165 -2.44 -6.72 -16.56
C SER A 165 -3.78 -6.55 -17.28
N GLY A 166 -4.33 -5.36 -17.17
CA GLY A 166 -5.60 -5.06 -17.80
C GLY A 166 -6.22 -3.79 -17.21
N ASN A 167 -5.44 -2.72 -17.22
CA ASN A 167 -5.89 -1.44 -16.68
C ASN A 167 -4.72 -0.73 -16.02
N TRP A 168 -3.70 -1.51 -15.70
CA TRP A 168 -2.51 -0.96 -15.04
C TRP A 168 -1.29 -1.74 -15.55
N GLU A 169 -0.32 -0.99 -16.03
CA GLU A 169 0.90 -1.60 -16.55
C GLU A 169 1.92 -1.76 -15.42
N VAL A 170 1.98 -2.97 -14.88
CA VAL A 170 2.91 -3.27 -13.81
C VAL A 170 4.31 -3.43 -14.37
N THR A 171 5.28 -2.88 -13.66
CA THR A 171 6.66 -2.96 -14.08
C THR A 171 7.53 -3.57 -12.97
N LYS A 172 8.50 -4.37 -13.39
CA LYS A 172 9.40 -5.01 -12.45
C LYS A 172 10.25 -3.95 -11.75
N VAL A 173 10.47 -4.18 -10.46
CA VAL A 173 11.26 -3.24 -9.67
C VAL A 173 11.54 -3.86 -8.30
N GLY A 174 12.42 -3.20 -7.55
CA GLY A 174 12.78 -3.67 -6.23
C GLY A 174 14.14 -4.37 -6.24
N GLY A 175 14.38 -5.15 -5.20
CA GLY A 175 15.63 -5.89 -5.09
C GLY A 175 15.59 -6.84 -3.90
N GLN A 176 16.77 -7.34 -3.54
CA GLN A 176 16.88 -8.26 -2.43
C GLN A 176 17.77 -7.67 -1.33
N ASP A 177 17.46 -8.04 -0.10
CA ASP A 177 18.21 -7.55 1.04
C ASP A 177 17.91 -6.06 1.25
N THR A 178 16.95 -5.57 0.48
CA THR A 178 16.56 -4.18 0.57
C THR A 178 15.11 -4.05 1.03
N LEU A 179 14.91 -4.30 2.32
CA LEU A 179 13.58 -4.22 2.90
C LEU A 179 13.35 -2.81 3.43
N HIS A 180 14.44 -2.12 3.70
CA HIS A 180 14.37 -0.76 4.21
C HIS A 180 13.28 0.01 3.47
N SER A 181 13.03 -0.42 2.25
CA SER A 181 12.02 0.22 1.41
C SER A 181 10.65 0.14 2.11
N SER A 182 10.26 -1.09 2.44
CA SER A 182 8.99 -1.30 3.10
C SER A 182 9.16 -1.16 4.62
N ALA A 183 8.03 -0.92 5.29
CA ALA A 183 8.05 -0.76 6.73
C ALA A 183 7.94 -2.13 7.39
N ARG A 184 6.97 -2.91 6.94
CA ARG A 184 6.75 -4.24 7.47
C ARG A 184 8.09 -4.91 7.76
N GLY A 185 9.08 -4.56 6.96
CA GLY A 185 10.41 -5.12 7.12
C GLY A 185 10.98 -4.80 8.50
N LEU A 186 11.02 -3.51 8.81
CA LEU A 186 11.53 -3.05 10.09
C LEU A 186 10.54 -3.42 11.19
N LYS A 187 9.32 -3.70 10.77
CA LYS A 187 8.27 -4.07 11.71
C LYS A 187 8.48 -5.51 12.16
N ALA A 188 9.01 -6.31 11.25
CA ALA A 188 9.27 -7.71 11.54
C ALA A 188 10.73 -7.89 11.97
N GLY A 189 11.60 -7.16 11.28
CA GLY A 189 13.02 -7.22 11.57
C GLY A 189 13.69 -8.38 10.82
N LEU A 190 13.90 -8.15 9.53
CA LEU A 190 14.53 -9.15 8.69
C LEU A 190 15.92 -8.66 8.26
N GLU A 191 16.28 -7.49 8.76
CA GLU A 191 17.57 -6.90 8.45
C GLU A 191 17.99 -7.28 7.03
N ARG A 192 17.24 -6.76 6.07
CA ARG A 192 17.52 -7.04 4.67
C ARG A 192 16.96 -8.39 4.27
N MET A 193 16.11 -8.37 3.25
CA MET A 193 15.49 -9.59 2.76
C MET A 193 14.95 -9.40 1.35
N ASP A 194 14.86 -10.52 0.63
CA ASP A 194 14.35 -10.50 -0.73
C ASP A 194 13.03 -9.73 -0.77
N GLU A 195 13.11 -8.50 -1.28
CA GLU A 195 11.94 -7.66 -1.38
C GLU A 195 11.72 -7.23 -2.84
N HIS A 196 10.67 -7.78 -3.43
CA HIS A 196 10.34 -7.46 -4.81
C HIS A 196 9.35 -6.28 -4.85
N VAL A 197 9.33 -5.61 -5.99
CA VAL A 197 8.44 -4.48 -6.17
C VAL A 197 8.00 -4.41 -7.63
N TYR A 198 6.84 -3.79 -7.84
CA TYR A 198 6.30 -3.64 -9.18
C TYR A 198 5.52 -2.33 -9.32
N VAL A 199 6.03 -1.47 -10.18
CA VAL A 199 5.39 -0.18 -10.41
C VAL A 199 4.45 -0.29 -11.62
N LEU A 200 3.16 -0.28 -11.32
CA LEU A 200 2.15 -0.39 -12.36
C LEU A 200 1.61 1.01 -12.67
N GLU A 201 1.14 1.17 -13.90
CA GLU A 201 0.59 2.44 -14.33
C GLU A 201 -0.92 2.31 -14.59
N ARG A 202 -1.68 2.76 -13.62
CA ARG A 202 -3.13 2.71 -13.72
C ARG A 202 -3.63 3.62 -14.84
N VAL A 203 -3.78 3.04 -16.02
CA VAL A 203 -4.24 3.79 -17.18
C VAL A 203 -5.73 4.10 -17.01
N HIS A 3 11.27 11.93 8.44
CA HIS A 3 10.35 10.89 8.00
C HIS A 3 10.45 10.71 6.49
N GLN A 4 11.51 10.05 6.07
CA GLN A 4 11.73 9.80 4.66
C GLN A 4 13.02 9.00 4.46
N SER A 5 13.95 9.20 5.37
CA SER A 5 15.23 8.51 5.29
C SER A 5 15.02 7.07 4.80
N GLU A 6 13.84 6.54 5.13
CA GLU A 6 13.51 5.19 4.73
C GLU A 6 12.03 5.11 4.30
N VAL A 7 11.81 5.43 3.04
CA VAL A 7 10.46 5.41 2.49
C VAL A 7 10.47 4.66 1.16
N ASN A 8 10.50 3.34 1.25
CA ASN A 8 10.52 2.50 0.07
C ASN A 8 11.28 3.21 -1.04
N LYS A 9 12.56 2.88 -1.16
CA LYS A 9 13.40 3.48 -2.18
C LYS A 9 12.67 3.46 -3.52
N ASP A 10 11.97 2.36 -3.76
CA ASP A 10 11.23 2.20 -4.99
C ASP A 10 10.10 3.24 -5.04
N LEU A 11 9.56 3.53 -3.87
CA LEU A 11 8.48 4.50 -3.76
C LEU A 11 9.02 5.89 -4.09
N GLN A 12 9.91 6.37 -3.25
CA GLN A 12 10.51 7.68 -3.44
C GLN A 12 11.15 7.76 -4.83
N GLN A 13 11.58 6.61 -5.32
CA GLN A 13 12.22 6.54 -6.62
C GLN A 13 11.23 6.91 -7.72
N TYR A 14 10.40 5.94 -8.08
CA TYR A 14 9.40 6.16 -9.11
C TYR A 14 8.66 7.47 -8.90
N TRP A 15 8.10 7.61 -7.71
CA TRP A 15 7.37 8.82 -7.35
C TRP A 15 8.21 10.03 -7.76
N SER A 16 9.47 10.00 -7.32
CA SER A 16 10.39 11.08 -7.63
C SER A 16 10.57 11.20 -9.15
N SER A 17 10.46 10.06 -9.81
CA SER A 17 10.61 10.01 -11.26
C SER A 17 9.24 10.06 -11.93
N LEU A 18 8.23 10.35 -11.13
CA LEU A 18 6.87 10.43 -11.62
C LEU A 18 6.43 11.89 -11.68
N ASN A 19 6.47 12.54 -10.52
CA ASN A 19 6.08 13.93 -10.43
C ASN A 19 4.57 14.05 -10.63
N VAL A 20 3.86 13.05 -10.12
CA VAL A 20 2.41 13.04 -10.23
C VAL A 20 1.85 14.41 -9.87
N VAL A 21 0.75 14.77 -10.50
CA VAL A 21 0.11 16.05 -10.26
C VAL A 21 0.24 16.40 -8.77
N PRO A 22 0.39 17.72 -8.51
CA PRO A 22 0.52 18.19 -7.14
C PRO A 22 -0.83 18.16 -6.40
N GLY A 23 -1.00 17.13 -5.59
CA GLY A 23 -2.22 16.97 -4.83
C GLY A 23 -3.01 15.75 -5.31
N ALA A 24 -2.46 15.09 -6.33
CA ALA A 24 -3.09 13.91 -6.88
C ALA A 24 -3.58 13.01 -5.74
N ARG A 25 -4.58 12.20 -6.06
CA ARG A 25 -5.15 11.30 -5.07
C ARG A 25 -4.27 10.05 -4.92
N VAL A 26 -3.69 9.92 -3.73
CA VAL A 26 -2.83 8.79 -3.45
C VAL A 26 -3.54 7.83 -2.50
N LEU A 27 -3.82 6.63 -3.01
CA LEU A 27 -4.50 5.62 -2.22
C LEU A 27 -3.47 4.83 -1.42
N VAL A 28 -3.92 4.29 -0.29
CA VAL A 28 -3.05 3.52 0.57
C VAL A 28 -3.81 2.29 1.07
N PRO A 29 -3.79 1.23 0.21
CA PRO A 29 -4.47 -0.01 0.55
C PRO A 29 -3.68 -0.80 1.60
N LEU A 30 -4.29 -0.95 2.77
CA LEU A 30 -3.65 -1.67 3.85
C LEU A 30 -2.15 -1.38 3.85
N CYS A 31 -1.82 -0.19 3.38
CA CYS A 31 -0.43 0.23 3.32
C CYS A 31 -0.17 1.22 4.46
N GLY A 32 -1.24 1.88 4.88
CA GLY A 32 -1.14 2.85 5.95
C GLY A 32 0.06 2.56 6.85
N LYS A 33 1.19 3.17 6.50
CA LYS A 33 2.41 2.98 7.26
C LYS A 33 2.72 4.27 8.03
N SER A 34 3.58 5.08 7.44
CA SER A 34 3.98 6.33 8.05
C SER A 34 4.85 7.14 7.08
N GLN A 35 5.92 6.51 6.63
CA GLN A 35 6.83 7.15 5.71
C GLN A 35 6.20 7.26 4.32
N ASP A 36 5.41 6.25 3.98
CA ASP A 36 4.74 6.22 2.70
C ASP A 36 3.85 7.45 2.56
N MET A 37 2.94 7.59 3.51
CA MET A 37 2.02 8.72 3.50
C MET A 37 2.76 10.02 3.84
N SER A 38 3.53 9.97 4.92
CA SER A 38 4.28 11.13 5.35
C SER A 38 5.07 11.71 4.18
N TRP A 39 5.47 10.82 3.28
CA TRP A 39 6.24 11.23 2.11
C TRP A 39 5.27 11.86 1.12
N LEU A 40 4.21 11.12 0.81
CA LEU A 40 3.21 11.60 -0.13
C LEU A 40 2.72 12.99 0.31
N SER A 41 2.06 13.02 1.44
CA SER A 41 1.55 14.27 1.98
C SER A 41 2.69 15.26 2.17
N GLY A 42 3.77 14.77 2.76
CA GLY A 42 4.94 15.60 3.00
C GLY A 42 5.35 16.36 1.73
N GLN A 43 4.95 15.80 0.60
CA GLN A 43 5.28 16.41 -0.68
C GLN A 43 4.14 17.34 -1.13
N GLY A 44 2.96 17.09 -0.57
CA GLY A 44 1.80 17.89 -0.91
C GLY A 44 0.82 17.10 -1.79
N TYR A 45 0.50 15.91 -1.34
CA TYR A 45 -0.41 15.05 -2.08
C TYR A 45 -1.66 14.73 -1.25
N HIS A 46 -2.68 14.24 -1.93
CA HIS A 46 -3.93 13.89 -1.27
C HIS A 46 -3.89 12.43 -0.84
N VAL A 47 -3.31 12.21 0.33
CA VAL A 47 -3.20 10.86 0.87
C VAL A 47 -4.57 10.42 1.39
N VAL A 48 -5.17 9.47 0.68
CA VAL A 48 -6.47 8.95 1.05
C VAL A 48 -6.48 7.44 0.86
N GLY A 49 -6.27 6.73 1.96
CA GLY A 49 -6.25 5.28 1.93
C GLY A 49 -6.82 4.70 3.24
N ALA A 50 -6.70 3.39 3.36
CA ALA A 50 -7.18 2.71 4.54
C ALA A 50 -6.12 1.72 5.04
N GLU A 51 -6.34 1.20 6.23
CA GLU A 51 -5.41 0.25 6.82
C GLU A 51 -6.15 -1.03 7.21
N LEU A 52 -6.16 -1.98 6.27
CA LEU A 52 -6.82 -3.25 6.51
C LEU A 52 -6.15 -3.96 7.69
N SER A 53 -6.28 -3.36 8.85
CA SER A 53 -5.70 -3.92 10.06
C SER A 53 -6.50 -3.50 11.29
N GLU A 54 -6.79 -4.48 12.13
CA GLU A 54 -7.55 -4.23 13.34
C GLU A 54 -6.61 -4.07 14.54
N ALA A 55 -5.63 -4.95 14.60
CA ALA A 55 -4.67 -4.92 15.69
C ALA A 55 -3.92 -3.58 15.67
N ALA A 56 -3.58 -3.14 14.45
CA ALA A 56 -2.88 -1.89 14.28
C ALA A 56 -3.83 -0.72 14.60
N VAL A 57 -5.10 -0.95 14.29
CA VAL A 57 -6.12 0.07 14.54
C VAL A 57 -6.15 0.40 16.03
N GLU A 58 -6.33 -0.64 16.84
CA GLU A 58 -6.38 -0.47 18.28
C GLU A 58 -5.05 0.06 18.80
N ARG A 59 -3.97 -0.54 18.30
CA ARG A 59 -2.64 -0.14 18.71
C ARG A 59 -2.40 1.33 18.38
N TYR A 60 -3.06 1.79 17.31
CA TYR A 60 -2.92 3.17 16.89
C TYR A 60 -3.64 4.11 17.85
N PHE A 61 -4.90 3.77 18.15
CA PHE A 61 -5.70 4.58 19.05
C PHE A 61 -5.06 4.62 20.45
N THR A 62 -4.38 3.54 20.80
CA THR A 62 -3.74 3.44 22.09
C THR A 62 -2.35 4.07 22.03
N GLU A 63 -1.77 4.07 20.84
CA GLU A 63 -0.45 4.63 20.64
C GLU A 63 -0.52 6.16 20.59
N ARG A 64 -1.63 6.64 20.04
CA ARG A 64 -1.83 8.08 19.92
C ARG A 64 -2.69 8.59 21.08
N GLY A 65 -3.58 7.72 21.55
CA GLY A 65 -4.47 8.07 22.65
C GLY A 65 -5.22 9.36 22.35
N GLU A 66 -5.77 9.43 21.15
CA GLU A 66 -6.53 10.60 20.73
C GLU A 66 -7.96 10.20 20.34
N GLN A 67 -8.04 9.10 19.62
CA GLN A 67 -9.33 8.60 19.17
C GLN A 67 -9.97 9.58 18.17
N PRO A 68 -9.44 9.54 16.92
CA PRO A 68 -9.93 10.41 15.87
C PRO A 68 -11.28 9.92 15.35
N HIS A 69 -11.58 10.29 14.11
CA HIS A 69 -12.82 9.90 13.48
C HIS A 69 -12.89 8.37 13.37
N ILE A 70 -13.32 7.75 14.46
CA ILE A 70 -13.42 6.30 14.49
C ILE A 70 -14.80 5.87 13.97
N THR A 71 -14.78 4.89 13.08
CA THR A 71 -16.01 4.39 12.50
C THR A 71 -16.02 2.86 12.50
N SER A 72 -17.18 2.30 12.16
CA SER A 72 -17.33 0.86 12.11
C SER A 72 -17.77 0.43 10.72
N GLN A 73 -16.94 -0.40 10.10
CA GLN A 73 -17.23 -0.90 8.77
C GLN A 73 -17.30 -2.43 8.78
N GLY A 74 -18.53 -2.93 8.69
CA GLY A 74 -18.76 -4.36 8.69
C GLY A 74 -17.86 -5.06 9.72
N ASP A 75 -18.01 -4.65 10.96
CA ASP A 75 -17.22 -5.22 12.05
C ASP A 75 -15.92 -4.43 12.19
N PHE A 76 -15.27 -4.21 11.06
CA PHE A 76 -14.01 -3.47 11.05
C PHE A 76 -14.21 -2.05 11.58
N LYS A 77 -13.10 -1.34 11.71
CA LYS A 77 -13.13 0.03 12.20
C LYS A 77 -12.58 0.96 11.13
N VAL A 78 -12.70 2.25 11.39
CA VAL A 78 -12.22 3.25 10.46
C VAL A 78 -11.63 4.43 11.24
N TYR A 79 -10.30 4.49 11.21
CA TYR A 79 -9.59 5.56 11.91
C TYR A 79 -9.17 6.66 10.94
N ALA A 80 -9.93 7.74 10.95
CA ALA A 80 -9.66 8.87 10.09
C ALA A 80 -9.23 10.07 10.94
N ALA A 81 -8.01 10.53 10.68
CA ALA A 81 -7.47 11.66 11.41
C ALA A 81 -7.73 12.94 10.62
N PRO A 82 -7.76 14.08 11.36
CA PRO A 82 -7.98 15.38 10.74
C PRO A 82 -6.75 15.85 9.99
N GLY A 83 -6.81 15.75 8.67
CA GLY A 83 -5.71 16.16 7.82
C GLY A 83 -5.45 15.15 6.70
N ILE A 84 -5.30 13.90 7.11
CA ILE A 84 -5.05 12.83 6.16
C ILE A 84 -6.31 11.98 6.01
N GLU A 85 -6.46 11.37 4.84
CA GLU A 85 -7.60 10.53 4.57
C GLU A 85 -7.24 9.05 4.74
N ILE A 86 -6.66 8.75 5.90
CA ILE A 86 -6.26 7.39 6.20
C ILE A 86 -7.19 6.81 7.27
N TRP A 87 -7.98 5.83 6.84
CA TRP A 87 -8.91 5.19 7.74
C TRP A 87 -8.33 3.84 8.17
N CYS A 88 -7.72 3.85 9.35
CA CYS A 88 -7.11 2.64 9.88
C CYS A 88 -8.22 1.68 10.30
N GLY A 89 -8.22 0.51 9.68
CA GLY A 89 -9.23 -0.49 9.98
C GLY A 89 -9.52 -1.36 8.75
N ASP A 90 -10.64 -1.05 8.11
CA ASP A 90 -11.05 -1.80 6.93
C ASP A 90 -10.75 -0.96 5.68
N PHE A 91 -10.76 -1.63 4.54
CA PHE A 91 -10.50 -0.96 3.28
C PHE A 91 -11.35 -1.56 2.16
N PHE A 92 -12.56 -1.01 2.01
CA PHE A 92 -13.47 -1.48 0.99
C PHE A 92 -14.89 -0.98 1.25
N ALA A 93 -14.98 0.27 1.67
CA ALA A 93 -16.27 0.88 1.95
C ALA A 93 -16.46 2.10 1.05
N LEU A 94 -15.36 2.77 0.77
CA LEU A 94 -15.40 3.95 -0.09
C LEU A 94 -15.16 3.53 -1.54
N THR A 95 -14.80 4.52 -2.35
CA THR A 95 -14.54 4.27 -3.76
C THR A 95 -13.20 4.89 -4.17
N ALA A 96 -12.16 4.05 -4.12
CA ALA A 96 -10.83 4.50 -4.47
C ALA A 96 -10.85 5.08 -5.89
N ARG A 97 -11.96 4.84 -6.58
CA ARG A 97 -12.13 5.32 -7.94
C ARG A 97 -12.51 6.80 -7.93
N ASP A 98 -13.42 7.14 -7.04
CA ASP A 98 -13.88 8.52 -6.91
C ASP A 98 -12.80 9.34 -6.21
N ILE A 99 -12.25 8.77 -5.15
CA ILE A 99 -11.22 9.44 -4.39
C ILE A 99 -9.91 9.40 -5.16
N GLY A 100 -9.75 8.34 -5.95
CA GLY A 100 -8.55 8.19 -6.76
C GLY A 100 -8.59 9.09 -7.99
N HIS A 101 -9.41 8.68 -8.95
CA HIS A 101 -9.55 9.44 -10.18
C HIS A 101 -8.20 9.47 -10.92
N CYS A 102 -7.27 10.24 -10.37
CA CYS A 102 -5.95 10.36 -10.97
C CYS A 102 -4.96 10.69 -9.86
N ALA A 103 -3.77 10.11 -9.99
CA ALA A 103 -2.72 10.34 -9.01
C ALA A 103 -1.83 9.09 -8.92
N ALA A 104 -1.99 8.37 -7.83
CA ALA A 104 -1.21 7.16 -7.62
C ALA A 104 -1.88 6.32 -6.53
N PHE A 105 -1.43 5.07 -6.44
CA PHE A 105 -1.98 4.15 -5.46
C PHE A 105 -0.93 3.11 -5.03
N TYR A 106 -0.62 3.13 -3.74
CA TYR A 106 0.36 2.20 -3.21
C TYR A 106 -0.29 0.86 -2.85
N ASP A 107 0.56 -0.11 -2.56
CA ASP A 107 0.08 -1.44 -2.21
C ASP A 107 1.20 -2.20 -1.49
N ARG A 108 0.82 -2.90 -0.44
CA ARG A 108 1.76 -3.68 0.34
C ARG A 108 1.54 -5.17 0.10
N ALA A 109 2.49 -5.97 0.61
CA ALA A 109 2.41 -7.41 0.46
C ALA A 109 1.12 -7.92 1.11
N ALA A 110 0.10 -8.07 0.29
CA ALA A 110 -1.19 -8.55 0.77
C ALA A 110 -1.66 -9.71 -0.11
N MET A 111 -1.54 -9.52 -1.42
CA MET A 111 -1.95 -10.54 -2.37
C MET A 111 -1.04 -11.76 -2.27
N ILE A 112 0.15 -11.54 -1.75
CA ILE A 112 1.12 -12.62 -1.59
C ILE A 112 0.65 -13.56 -0.48
N ALA A 113 -0.34 -13.10 0.27
CA ALA A 113 -0.89 -13.88 1.36
C ALA A 113 -2.04 -14.75 0.85
N LEU A 114 -3.01 -14.08 0.24
CA LEU A 114 -4.16 -14.77 -0.32
C LEU A 114 -3.72 -15.67 -1.46
N PRO A 115 -4.64 -16.58 -1.87
CA PRO A 115 -4.35 -17.50 -2.97
C PRO A 115 -4.41 -16.78 -4.32
N ALA A 116 -4.23 -17.56 -5.38
CA ALA A 116 -4.25 -17.01 -6.73
C ALA A 116 -5.66 -16.45 -7.00
N ASP A 117 -6.62 -17.35 -7.04
CA ASP A 117 -8.00 -16.95 -7.30
C ASP A 117 -8.29 -15.63 -6.58
N MET A 118 -8.06 -15.65 -5.28
CA MET A 118 -8.30 -14.46 -4.47
C MET A 118 -7.44 -13.30 -4.94
N ARG A 119 -6.18 -13.60 -5.21
CA ARG A 119 -5.25 -12.58 -5.68
C ARG A 119 -5.82 -11.87 -6.91
N GLU A 120 -6.36 -12.66 -7.82
CA GLU A 120 -6.94 -12.12 -9.03
C GLU A 120 -8.15 -11.25 -8.70
N ARG A 121 -8.98 -11.74 -7.79
CA ARG A 121 -10.17 -11.02 -7.38
C ARG A 121 -9.79 -9.76 -6.63
N TYR A 122 -8.61 -9.79 -6.03
CA TYR A 122 -8.11 -8.64 -5.28
C TYR A 122 -7.62 -7.54 -6.22
N VAL A 123 -6.64 -7.90 -7.04
CA VAL A 123 -6.07 -6.95 -7.98
C VAL A 123 -7.19 -6.39 -8.86
N GLN A 124 -8.04 -7.29 -9.32
CA GLN A 124 -9.15 -6.90 -10.17
C GLN A 124 -10.10 -5.97 -9.42
N HIS A 125 -10.43 -6.37 -8.20
CA HIS A 125 -11.31 -5.58 -7.36
C HIS A 125 -10.73 -4.19 -7.16
N LEU A 126 -9.41 -4.14 -7.01
CA LEU A 126 -8.71 -2.89 -6.81
C LEU A 126 -8.79 -2.05 -8.09
N GLU A 127 -8.17 -2.58 -9.13
CA GLU A 127 -8.15 -1.90 -10.42
C GLU A 127 -9.58 -1.50 -10.82
N ALA A 128 -10.55 -2.21 -10.24
CA ALA A 128 -11.94 -1.94 -10.53
C ALA A 128 -12.36 -0.65 -9.84
N LEU A 129 -12.20 -0.64 -8.53
CA LEU A 129 -12.56 0.53 -7.74
C LEU A 129 -11.43 1.55 -7.80
N MET A 130 -10.41 1.21 -8.60
CA MET A 130 -9.28 2.10 -8.76
C MET A 130 -9.64 3.33 -9.60
N PRO A 131 -8.66 4.27 -9.70
CA PRO A 131 -8.87 5.48 -10.47
C PRO A 131 -8.81 5.21 -11.97
N GLN A 132 -8.61 6.27 -12.73
CA GLN A 132 -8.52 6.16 -14.17
C GLN A 132 -7.08 6.33 -14.63
N ALA A 133 -6.40 7.29 -14.02
CA ALA A 133 -5.01 7.56 -14.36
C ALA A 133 -4.23 7.87 -13.08
N CYS A 134 -3.54 6.84 -12.59
CA CYS A 134 -2.75 7.00 -11.38
C CYS A 134 -1.58 6.02 -11.45
N SER A 135 -0.54 6.33 -10.69
CA SER A 135 0.64 5.48 -10.65
C SER A 135 0.63 4.61 -9.40
N GLY A 136 0.37 3.33 -9.61
CA GLY A 136 0.33 2.38 -8.52
C GLY A 136 1.73 1.85 -8.19
N LEU A 137 1.87 1.38 -6.96
CA LEU A 137 3.15 0.85 -6.50
C LEU A 137 2.91 -0.23 -5.45
N LEU A 138 3.06 -1.48 -5.88
CA LEU A 138 2.86 -2.61 -4.99
C LEU A 138 4.21 -3.13 -4.52
N ILE A 139 4.29 -3.41 -3.24
CA ILE A 139 5.52 -3.93 -2.65
C ILE A 139 5.29 -5.36 -2.16
N THR A 140 6.24 -6.22 -2.48
CA THR A 140 6.16 -7.62 -2.08
C THR A 140 7.52 -8.11 -1.59
N LEU A 141 7.49 -9.26 -0.93
CA LEU A 141 8.70 -9.85 -0.41
C LEU A 141 8.78 -11.32 -0.83
N GLU A 142 9.95 -11.91 -0.63
CA GLU A 142 10.16 -13.31 -0.98
C GLU A 142 10.82 -14.05 0.18
N TYR A 143 12.15 -14.06 0.15
CA TYR A 143 12.91 -14.74 1.19
C TYR A 143 12.11 -14.81 2.49
N ASP A 144 12.05 -13.68 3.17
CA ASP A 144 11.33 -13.61 4.44
C ASP A 144 10.16 -14.60 4.41
N GLN A 145 9.88 -15.16 5.57
CA GLN A 145 8.79 -16.12 5.69
C GLN A 145 8.70 -16.65 7.12
N ALA A 146 9.87 -16.71 7.77
CA ALA A 146 9.94 -17.20 9.14
C ALA A 146 10.46 -16.08 10.04
N LEU A 147 9.80 -14.93 9.94
CA LEU A 147 10.19 -13.78 10.74
C LEU A 147 9.36 -12.56 10.31
N LEU A 148 8.94 -12.59 9.06
CA LEU A 148 8.14 -11.50 8.51
C LEU A 148 6.66 -11.77 8.80
N GLU A 149 6.02 -10.78 9.41
CA GLU A 149 4.61 -10.89 9.74
C GLU A 149 3.84 -11.49 8.57
N GLY A 150 3.52 -12.77 8.69
CA GLY A 150 2.79 -13.47 7.65
C GLY A 150 3.73 -13.97 6.55
N PRO A 151 3.63 -15.29 6.27
CA PRO A 151 4.46 -15.90 5.24
C PRO A 151 3.98 -15.53 3.84
N PRO A 152 4.82 -14.73 3.13
CA PRO A 152 4.48 -14.30 1.79
C PRO A 152 4.66 -15.43 0.78
N PHE A 153 3.88 -15.36 -0.29
CA PHE A 153 3.94 -16.37 -1.32
C PHE A 153 4.78 -15.90 -2.51
N SER A 154 5.60 -14.90 -2.24
CA SER A 154 6.48 -14.34 -3.27
C SER A 154 5.72 -14.26 -4.59
N VAL A 155 4.83 -13.28 -4.68
CA VAL A 155 4.05 -13.08 -5.88
C VAL A 155 4.98 -12.73 -7.05
N PRO A 156 4.97 -13.63 -8.07
CA PRO A 156 5.81 -13.43 -9.25
C PRO A 156 5.23 -12.34 -10.15
N GLN A 157 6.06 -11.34 -10.43
CA GLN A 157 5.65 -10.24 -11.28
C GLN A 157 4.91 -10.77 -12.51
N THR A 158 5.40 -11.89 -13.02
CA THR A 158 4.79 -12.50 -14.19
C THR A 158 3.30 -12.72 -13.97
N TRP A 159 2.96 -13.08 -12.74
CA TRP A 159 1.58 -13.33 -12.38
C TRP A 159 0.81 -12.03 -12.55
N LEU A 160 1.24 -11.02 -11.81
CA LEU A 160 0.60 -9.71 -11.87
C LEU A 160 0.51 -9.26 -13.34
N HIS A 161 1.44 -9.78 -14.13
CA HIS A 161 1.47 -9.44 -15.55
C HIS A 161 0.50 -10.33 -16.31
N ARG A 162 0.22 -11.49 -15.72
CA ARG A 162 -0.69 -12.44 -16.34
C ARG A 162 -2.14 -12.08 -16.01
N VAL A 163 -2.32 -11.54 -14.81
CA VAL A 163 -3.64 -11.15 -14.36
C VAL A 163 -3.71 -9.62 -14.22
N MET A 164 -2.91 -9.12 -13.29
CA MET A 164 -2.87 -7.69 -13.04
C MET A 164 -2.53 -6.92 -14.32
N SER A 165 -2.48 -7.66 -15.42
CA SER A 165 -2.17 -7.07 -16.71
C SER A 165 -3.46 -6.84 -17.51
N GLY A 166 -3.92 -5.60 -17.48
CA GLY A 166 -5.14 -5.24 -18.19
C GLY A 166 -5.84 -4.07 -17.51
N ASN A 167 -5.09 -3.00 -17.32
CA ASN A 167 -5.62 -1.81 -16.69
C ASN A 167 -4.49 -1.04 -16.01
N TRP A 168 -3.43 -1.76 -15.71
CA TRP A 168 -2.27 -1.17 -15.06
C TRP A 168 -1.02 -1.88 -15.57
N GLU A 169 -0.09 -1.08 -16.08
CA GLU A 169 1.15 -1.61 -16.61
C GLU A 169 2.12 -1.94 -15.47
N VAL A 170 2.18 -3.22 -15.14
CA VAL A 170 3.07 -3.67 -14.08
C VAL A 170 4.51 -3.60 -14.56
N THR A 171 5.40 -3.28 -13.62
CA THR A 171 6.81 -3.17 -13.92
C THR A 171 7.66 -3.68 -12.75
N LYS A 172 8.71 -4.40 -13.09
CA LYS A 172 9.61 -4.94 -12.08
C LYS A 172 10.34 -3.79 -11.38
N VAL A 173 10.52 -3.95 -10.08
CA VAL A 173 11.20 -2.94 -9.29
C VAL A 173 11.50 -3.50 -7.90
N GLY A 174 12.28 -2.73 -7.14
CA GLY A 174 12.63 -3.14 -5.79
C GLY A 174 14.07 -3.69 -5.75
N GLY A 175 14.34 -4.45 -4.70
CA GLY A 175 15.66 -5.04 -4.54
C GLY A 175 15.64 -6.14 -3.48
N GLN A 176 16.74 -6.89 -3.42
CA GLN A 176 16.85 -7.97 -2.45
C GLN A 176 17.76 -7.56 -1.30
N ASP A 177 17.51 -8.17 -0.15
CA ASP A 177 18.30 -7.88 1.03
C ASP A 177 18.04 -6.44 1.49
N THR A 178 17.08 -5.82 0.81
CA THR A 178 16.72 -4.45 1.13
C THR A 178 15.27 -4.38 1.62
N LEU A 179 15.08 -4.79 2.86
CA LEU A 179 13.75 -4.77 3.46
C LEU A 179 13.44 -3.37 3.98
N HIS A 180 14.48 -2.53 3.97
CA HIS A 180 14.33 -1.16 4.44
C HIS A 180 13.25 -0.46 3.61
N SER A 181 13.07 -0.95 2.39
CA SER A 181 12.09 -0.37 1.50
C SER A 181 10.71 -0.38 2.15
N SER A 182 10.57 -1.22 3.17
CA SER A 182 9.32 -1.33 3.89
C SER A 182 9.58 -1.28 5.41
N ALA A 183 8.52 -1.00 6.14
CA ALA A 183 8.61 -0.92 7.59
C ALA A 183 8.55 -2.34 8.18
N ARG A 184 7.80 -3.18 7.50
CA ARG A 184 7.65 -4.56 7.95
C ARG A 184 9.01 -5.17 8.27
N GLY A 185 10.01 -4.73 7.52
CA GLY A 185 11.37 -5.22 7.72
C GLY A 185 11.81 -5.02 9.17
N LEU A 186 11.60 -3.81 9.66
CA LEU A 186 11.98 -3.48 11.03
C LEU A 186 10.83 -3.87 11.97
N LYS A 187 9.68 -4.11 11.39
CA LYS A 187 8.51 -4.49 12.16
C LYS A 187 8.61 -5.97 12.53
N ALA A 188 9.40 -6.70 11.76
CA ALA A 188 9.59 -8.11 12.00
C ALA A 188 11.00 -8.35 12.58
N GLY A 189 11.95 -7.61 12.03
CA GLY A 189 13.33 -7.72 12.47
C GLY A 189 14.09 -8.78 11.67
N LEU A 190 14.33 -8.46 10.41
CA LEU A 190 15.04 -9.37 9.53
C LEU A 190 16.39 -8.77 9.14
N GLU A 191 16.39 -7.44 9.03
CA GLU A 191 17.61 -6.73 8.66
C GLU A 191 18.31 -7.43 7.50
N ARG A 192 17.61 -7.49 6.38
CA ARG A 192 18.16 -8.13 5.19
C ARG A 192 17.18 -9.18 4.66
N MET A 193 16.40 -8.77 3.67
CA MET A 193 15.43 -9.67 3.07
C MET A 193 15.17 -9.29 1.60
N ASP A 194 14.73 -10.28 0.85
CA ASP A 194 14.44 -10.08 -0.56
C ASP A 194 13.11 -9.33 -0.71
N GLU A 195 13.22 -8.06 -1.06
CA GLU A 195 12.03 -7.24 -1.24
C GLU A 195 11.80 -6.95 -2.72
N HIS A 196 10.77 -7.61 -3.25
CA HIS A 196 10.42 -7.44 -4.65
C HIS A 196 9.29 -6.42 -4.78
N VAL A 197 9.57 -5.37 -5.54
CA VAL A 197 8.57 -4.32 -5.76
C VAL A 197 8.07 -4.39 -7.20
N TYR A 198 6.85 -3.90 -7.38
CA TYR A 198 6.24 -3.91 -8.70
C TYR A 198 5.34 -2.69 -8.89
N VAL A 199 5.74 -1.82 -9.81
CA VAL A 199 4.99 -0.61 -10.09
C VAL A 199 3.85 -0.95 -11.07
N LEU A 200 2.67 -0.47 -10.74
CA LEU A 200 1.50 -0.70 -11.57
C LEU A 200 0.94 0.64 -12.05
N GLU A 201 1.28 0.98 -13.29
CA GLU A 201 0.83 2.22 -13.88
C GLU A 201 -0.65 2.11 -14.27
N ARG A 202 -1.50 2.62 -13.40
CA ARG A 202 -2.94 2.59 -13.65
C ARG A 202 -3.29 3.50 -14.82
N VAL A 203 -3.57 2.88 -15.95
CA VAL A 203 -3.93 3.62 -17.15
C VAL A 203 -5.43 3.95 -17.11
#